data_2EVZ
#
_entry.id   2EVZ
#
_entity_poly.entity_id   1
_entity_poly.type   'polypeptide(L)'
_entity_poly.pdbx_seq_one_letter_code
;MGSSHHHHHHSSGLVPRGSHMGRIAIPGLAGAGNSVLLVSNLNPERVTPQSLFILFGVYGDVQRVKILFNKKENALVQMA
DGNQAQLAMSHLNGHKLHGKPIRITLSKHQNVQLPREGQEDQGLTKDYGNSPLHRFKKPGSKNFQNIFPPSATLHLSNIP
PSVSEEDLKVLFSSNGGVVKGFKFFQKDRKMALIQMGSVEEAVQALIDLHNHDLGENHHLRVSFSKSTI
;
_entity_poly.pdbx_strand_id   A
#
# COMPACT_ATOMS: atom_id res chain seq x y z
N GLY A 22 -19.92 8.96 31.70
CA GLY A 22 -20.79 7.85 32.08
C GLY A 22 -20.25 6.55 31.54
N ARG A 23 -21.11 5.73 30.93
CA ARG A 23 -20.87 4.32 30.41
C ARG A 23 -19.81 3.95 29.37
N ILE A 24 -18.54 3.91 29.73
CA ILE A 24 -17.35 3.38 28.99
C ILE A 24 -16.71 2.20 29.71
N ALA A 25 -15.43 1.90 29.93
CA ALA A 25 -14.62 0.64 30.31
C ALA A 25 -14.97 -0.59 29.61
N ILE A 26 -15.67 -0.55 28.42
CA ILE A 26 -15.96 -1.63 27.38
C ILE A 26 -16.61 -0.95 26.04
N PRO A 27 -16.27 0.25 25.47
CA PRO A 27 -16.78 0.75 24.19
C PRO A 27 -16.27 -0.15 22.90
N GLY A 28 -17.05 -0.55 21.89
CA GLY A 28 -16.70 -1.37 20.74
C GLY A 28 -17.49 -2.60 20.19
N LEU A 29 -16.84 -3.83 19.92
CA LEU A 29 -17.32 -5.10 19.18
C LEU A 29 -18.33 -4.98 18.00
N ALA A 30 -19.47 -4.60 18.42
CA ALA A 30 -20.71 -4.39 17.73
C ALA A 30 -20.68 -3.31 16.74
N GLY A 31 -20.68 -2.03 17.20
CA GLY A 31 -20.36 -0.87 16.48
C GLY A 31 -18.89 -0.74 16.15
N ALA A 32 -17.90 -1.74 16.10
CA ALA A 32 -16.46 -1.42 16.09
C ALA A 32 -15.76 -1.52 14.76
N GLY A 33 -14.83 -0.76 14.42
CA GLY A 33 -14.49 -0.58 12.94
C GLY A 33 -15.37 0.48 12.26
N ASN A 34 -14.47 1.21 11.53
CA ASN A 34 -14.84 2.41 10.94
C ASN A 34 -14.32 2.92 9.66
N SER A 35 -13.31 2.16 9.17
CA SER A 35 -12.74 2.42 7.81
C SER A 35 -11.96 3.78 7.57
N VAL A 36 -12.29 5.12 7.65
CA VAL A 36 -11.68 6.28 7.56
C VAL A 36 -10.38 6.48 8.36
N LEU A 37 -9.12 6.17 7.93
CA LEU A 37 -7.95 6.68 8.77
C LEU A 37 -7.32 8.16 8.67
N LEU A 38 -6.27 8.28 9.48
CA LEU A 38 -5.31 9.35 9.43
C LEU A 38 -3.98 8.73 9.52
N VAL A 39 -3.07 9.49 9.09
CA VAL A 39 -1.53 9.41 8.71
C VAL A 39 -0.84 10.73 9.34
N SER A 40 -0.30 10.59 10.58
CA SER A 40 0.44 11.81 10.88
C SER A 40 1.86 11.67 11.28
N ASN A 41 2.55 12.84 11.38
CA ASN A 41 3.99 12.90 11.61
C ASN A 41 4.57 12.84 10.06
N LEU A 42 3.80 13.46 9.14
CA LEU A 42 4.41 13.71 7.85
C LEU A 42 5.79 14.51 7.86
N ASN A 43 6.97 14.03 7.34
CA ASN A 43 7.81 15.08 6.94
C ASN A 43 7.05 15.74 5.77
N PRO A 44 6.92 17.09 5.37
CA PRO A 44 6.42 17.70 4.09
C PRO A 44 6.71 16.93 2.80
N GLU A 45 7.97 16.99 2.48
CA GLU A 45 8.54 16.66 1.28
C GLU A 45 8.45 15.21 0.66
N ARG A 46 8.63 14.33 1.71
CA ARG A 46 8.96 12.93 1.64
C ARG A 46 7.64 12.21 1.60
N VAL A 47 6.69 12.71 2.30
CA VAL A 47 5.35 12.01 2.08
C VAL A 47 4.57 12.63 0.73
N THR A 48 4.07 11.74 -0.08
CA THR A 48 3.28 11.81 -1.31
C THR A 48 1.99 11.19 -1.19
N PRO A 49 1.12 11.64 -2.07
CA PRO A 49 -0.13 10.82 -2.18
C PRO A 49 0.03 9.31 -2.57
N GLN A 50 0.93 8.77 -3.33
CA GLN A 50 0.86 7.31 -3.87
C GLN A 50 1.63 6.41 -3.02
N SER A 51 2.77 7.05 -2.33
CA SER A 51 3.47 6.32 -1.28
C SER A 51 2.28 5.85 -0.33
N LEU A 52 1.42 6.85 0.04
CA LEU A 52 0.39 6.45 1.04
C LEU A 52 -0.52 5.45 0.50
N PHE A 53 -1.18 5.47 -0.70
CA PHE A 53 -2.15 4.62 -1.26
C PHE A 53 -1.64 3.08 -1.13
N ILE A 54 -0.44 2.91 -1.63
CA ILE A 54 0.21 1.68 -1.72
C ILE A 54 0.00 1.07 -0.35
N LEU A 55 0.47 1.63 0.75
CA LEU A 55 0.61 0.60 1.82
C LEU A 55 -0.88 0.28 2.27
N PHE A 56 -1.82 1.15 2.34
CA PHE A 56 -3.15 0.96 2.79
C PHE A 56 -3.90 -0.01 1.86
N GLY A 57 -3.59 0.08 0.59
CA GLY A 57 -4.13 -0.62 -0.43
C GLY A 57 -3.31 -1.97 -0.42
N VAL A 58 -2.52 -2.40 0.48
CA VAL A 58 -1.88 -3.82 0.45
C VAL A 58 -2.26 -4.60 1.63
N TYR A 59 -2.30 -3.77 2.78
CA TYR A 59 -2.65 -4.18 4.02
C TYR A 59 -4.20 -4.40 3.81
N GLY A 60 -4.84 -3.51 3.08
CA GLY A 60 -6.30 -3.72 2.89
C GLY A 60 -6.56 -3.57 1.41
N ASP A 61 -7.55 -2.73 1.13
CA ASP A 61 -8.04 -2.45 -0.15
C ASP A 61 -8.39 -0.80 -0.03
N VAL A 62 -7.37 0.00 0.09
CA VAL A 62 -7.82 1.43 0.15
C VAL A 62 -9.15 2.05 -0.66
N GLN A 63 -10.05 2.67 0.07
CA GLN A 63 -11.26 3.02 -0.64
C GLN A 63 -10.97 4.41 -1.39
N ARG A 64 -10.60 5.46 -0.66
CA ARG A 64 -10.40 6.90 -1.19
C ARG A 64 -9.32 7.57 -0.35
N VAL A 65 -8.51 8.45 -0.92
CA VAL A 65 -7.26 9.12 -0.52
C VAL A 65 -7.14 10.67 -0.65
N LYS A 66 -6.95 11.33 0.40
CA LYS A 66 -6.84 12.74 0.76
C LYS A 66 -5.60 12.97 1.38
N ILE A 67 -5.21 14.10 1.24
CA ILE A 67 -3.95 14.78 1.81
C ILE A 67 -4.15 16.03 2.67
N LEU A 68 -3.51 16.43 3.79
CA LEU A 68 -3.72 17.95 4.25
C LEU A 68 -2.21 18.45 3.88
N PHE A 69 -2.00 18.69 2.69
CA PHE A 69 -1.06 19.32 1.70
C PHE A 69 0.15 20.16 2.40
N ASN A 70 -0.26 21.22 3.10
CA ASN A 70 0.35 22.31 3.79
C ASN A 70 -0.73 22.76 4.96
N LYS A 71 -1.78 21.99 5.40
CA LYS A 71 -2.78 22.33 6.40
C LYS A 71 -2.24 21.86 7.73
N LYS A 72 -2.14 20.53 8.08
CA LYS A 72 -1.96 19.91 9.41
C LYS A 72 -0.55 19.13 9.60
N GLU A 73 0.21 18.67 8.58
CA GLU A 73 1.23 17.54 8.49
C GLU A 73 0.50 16.19 8.83
N ASN A 74 -0.64 16.01 8.09
CA ASN A 74 -1.57 14.85 8.14
C ASN A 74 -1.90 14.39 6.64
N ALA A 75 -2.41 13.16 6.53
CA ALA A 75 -3.09 12.50 5.45
C ALA A 75 -4.45 11.85 5.71
N LEU A 76 -5.50 12.13 5.07
CA LEU A 76 -6.61 11.25 5.23
C LEU A 76 -6.83 10.23 4.19
N VAL A 77 -6.61 9.06 4.69
CA VAL A 77 -6.46 7.79 4.09
C VAL A 77 -7.82 6.99 4.60
N GLN A 78 -8.86 6.73 3.77
CA GLN A 78 -10.15 6.10 3.96
C GLN A 78 -9.87 4.70 3.33
N MET A 79 -9.81 3.87 4.34
CA MET A 79 -9.63 2.46 4.31
C MET A 79 -10.79 1.52 4.11
N ALA A 80 -10.48 0.18 3.90
CA ALA A 80 -11.41 -0.83 3.74
C ALA A 80 -12.43 -1.09 4.90
N ASP A 81 -11.94 -0.90 6.14
CA ASP A 81 -12.76 -1.12 7.52
C ASP A 81 -11.92 -0.93 8.80
N GLY A 82 -12.34 -1.32 10.10
CA GLY A 82 -11.52 -1.18 11.27
C GLY A 82 -10.44 -2.17 11.06
N ASN A 83 -10.42 -3.47 11.18
CA ASN A 83 -9.35 -4.31 11.31
C ASN A 83 -8.04 -4.25 10.21
N GLN A 84 -8.53 -3.62 9.07
CA GLN A 84 -7.74 -3.13 7.88
C GLN A 84 -6.92 -1.94 8.24
N ALA A 85 -7.73 -0.93 8.59
CA ALA A 85 -7.17 0.39 9.00
C ALA A 85 -6.04 0.16 10.10
N GLN A 86 -6.48 -0.75 11.03
CA GLN A 86 -5.74 -1.13 12.18
C GLN A 86 -4.42 -1.77 11.80
N LEU A 87 -4.50 -2.96 11.04
CA LEU A 87 -3.37 -3.37 10.47
C LEU A 87 -2.49 -2.38 9.73
N ALA A 88 -2.92 -1.54 8.84
CA ALA A 88 -2.07 -0.58 8.32
C ALA A 88 -1.43 0.29 9.36
N MET A 89 -2.21 0.68 10.44
CA MET A 89 -1.60 1.40 11.62
C MET A 89 -0.73 0.58 12.45
N SER A 90 -0.97 -0.66 12.58
CA SER A 90 -0.07 -1.67 13.19
C SER A 90 1.28 -2.02 12.47
N HIS A 91 1.25 -1.89 11.22
CA HIS A 91 2.39 -2.28 10.28
C HIS A 91 3.18 -1.04 9.93
N LEU A 92 2.60 -0.03 9.34
CA LEU A 92 3.10 1.35 9.29
C LEU A 92 3.68 1.76 10.58
N ASN A 93 3.01 1.70 11.72
CA ASN A 93 3.57 2.22 13.11
C ASN A 93 4.99 1.81 13.49
N GLY A 94 5.83 2.64 13.07
CA GLY A 94 7.29 2.40 13.04
C GLY A 94 7.86 1.41 12.10
N HIS A 95 7.37 1.70 10.82
CA HIS A 95 7.87 1.04 9.60
C HIS A 95 8.87 1.90 8.85
N LYS A 96 8.98 3.24 9.29
CA LYS A 96 9.81 4.35 8.89
C LYS A 96 10.16 4.34 7.44
N LEU A 97 9.05 4.44 6.56
CA LEU A 97 8.87 4.29 5.22
C LEU A 97 10.00 4.92 4.25
N HIS A 98 10.07 6.11 4.74
CA HIS A 98 10.79 7.21 4.17
C HIS A 98 11.89 7.73 5.17
N GLY A 99 11.40 7.81 6.48
CA GLY A 99 12.31 7.76 7.53
C GLY A 99 11.88 9.01 8.43
N LYS A 100 10.69 8.85 9.07
CA LYS A 100 10.27 9.58 10.21
C LYS A 100 9.48 8.58 11.09
N PRO A 101 9.72 8.49 12.50
CA PRO A 101 8.83 7.79 13.39
C PRO A 101 7.28 8.14 13.25
N ILE A 102 6.62 7.58 12.27
CA ILE A 102 5.18 7.57 12.06
C ILE A 102 4.17 7.45 13.33
N ARG A 103 3.24 8.20 13.03
CA ARG A 103 2.14 8.15 14.03
C ARG A 103 0.78 8.15 13.20
N ILE A 104 0.67 7.13 12.31
CA ILE A 104 -0.64 6.99 11.51
C ILE A 104 -1.55 6.63 12.72
N THR A 105 -2.79 7.20 12.81
CA THR A 105 -3.81 6.99 13.89
C THR A 105 -5.13 6.83 13.16
N LEU A 106 -6.25 7.14 13.80
CA LEU A 106 -7.72 7.24 13.38
C LEU A 106 -8.58 8.64 13.20
N SER A 107 -9.75 8.55 12.70
CA SER A 107 -10.80 9.60 12.39
C SER A 107 -12.28 9.14 12.71
N LYS A 108 -12.61 7.87 12.45
CA LYS A 108 -14.03 7.42 12.20
C LYS A 108 -14.72 8.21 10.91
N HIS A 109 -14.50 9.50 10.54
CA HIS A 109 -15.20 10.36 9.61
C HIS A 109 -15.92 9.80 8.45
N GLN A 110 -17.14 9.25 8.66
CA GLN A 110 -18.17 8.74 7.60
C GLN A 110 -17.75 8.16 6.32
N ASN A 111 -17.78 9.00 5.27
CA ASN A 111 -16.88 8.73 4.04
C ASN A 111 -16.28 10.25 3.73
N VAL A 112 -15.43 10.31 2.71
CA VAL A 112 -15.15 11.52 1.91
C VAL A 112 -15.74 11.47 0.42
N GLN A 113 -16.47 12.61 0.29
CA GLN A 113 -17.15 13.34 -0.74
C GLN A 113 -16.37 14.71 -0.83
N LEU A 114 -15.91 14.67 -2.10
CA LEU A 114 -15.21 15.77 -2.71
C LEU A 114 -15.42 17.30 -2.30
N PRO A 115 -14.46 18.05 -1.92
CA PRO A 115 -14.59 19.26 -0.94
C PRO A 115 -14.54 20.63 -1.77
N ARG A 116 -13.33 21.05 -1.93
CA ARG A 116 -12.86 22.43 -1.87
C ARG A 116 -11.88 22.82 -3.05
N GLU A 117 -12.04 23.95 -3.53
CA GLU A 117 -11.31 24.62 -4.44
C GLU A 117 -9.79 24.30 -4.27
N GLY A 118 -9.39 24.98 -3.13
CA GLY A 118 -8.33 24.96 -2.14
C GLY A 118 -7.73 23.57 -2.30
N GLN A 119 -8.72 22.76 -2.04
CA GLN A 119 -8.51 21.29 -1.68
C GLN A 119 -8.23 20.31 -2.90
N GLU A 120 -8.90 20.36 -3.99
CA GLU A 120 -8.94 19.36 -5.11
C GLU A 120 -8.02 19.53 -6.46
N ASP A 121 -7.95 20.74 -6.93
CA ASP A 121 -7.09 21.54 -7.90
C ASP A 121 -5.77 20.91 -8.46
N GLN A 122 -5.33 19.74 -8.01
CA GLN A 122 -3.99 19.37 -8.28
C GLN A 122 -4.26 17.89 -7.90
N GLY A 123 -4.75 17.49 -6.57
CA GLY A 123 -5.11 16.06 -6.36
C GLY A 123 -4.55 15.75 -4.94
N LEU A 124 -4.80 16.87 -4.08
CA LEU A 124 -4.74 16.85 -2.63
C LEU A 124 -5.68 15.73 -2.38
N THR A 125 -6.95 15.93 -2.91
CA THR A 125 -8.00 14.84 -3.07
C THR A 125 -7.57 13.90 -4.19
N LYS A 126 -8.33 12.77 -4.09
CA LYS A 126 -8.47 11.73 -5.09
C LYS A 126 -9.52 10.57 -4.73
N ASP A 127 -9.99 10.01 -5.73
CA ASP A 127 -11.05 9.21 -5.61
C ASP A 127 -10.71 7.87 -6.14
N TYR A 128 -10.29 7.01 -5.20
CA TYR A 128 -9.76 5.72 -5.67
C TYR A 128 -10.76 4.68 -5.61
N GLY A 129 -11.94 4.78 -4.93
CA GLY A 129 -12.87 3.75 -4.80
C GLY A 129 -12.39 2.31 -4.71
N ASN A 130 -12.86 1.42 -5.79
CA ASN A 130 -12.68 -0.05 -5.93
C ASN A 130 -11.59 -0.15 -6.96
N SER A 131 -10.34 0.44 -6.66
CA SER A 131 -9.10 0.04 -7.51
C SER A 131 -9.01 -1.53 -7.75
N PRO A 132 -8.94 -1.92 -8.95
CA PRO A 132 -9.00 -3.28 -9.51
C PRO A 132 -7.68 -3.99 -9.32
N LEU A 133 -6.56 -3.47 -8.84
CA LEU A 133 -5.28 -4.22 -8.60
C LEU A 133 -5.52 -5.46 -7.66
N HIS A 134 -6.16 -5.11 -6.51
CA HIS A 134 -6.52 -5.80 -5.36
C HIS A 134 -5.24 -6.67 -4.93
N ARG A 135 -5.37 -7.97 -5.12
CA ARG A 135 -4.53 -9.20 -4.76
C ARG A 135 -5.48 -9.89 -3.82
N PHE A 136 -6.43 -9.24 -3.14
CA PHE A 136 -7.34 -9.82 -2.33
C PHE A 136 -8.32 -10.40 -3.44
N LYS A 137 -9.24 -9.77 -3.99
CA LYS A 137 -10.43 -10.31 -4.78
C LYS A 137 -11.33 -11.40 -4.21
N LYS A 138 -11.35 -11.44 -2.83
CA LYS A 138 -12.34 -11.99 -2.04
C LYS A 138 -13.75 -11.44 -2.20
N PRO A 139 -14.76 -12.24 -2.63
CA PRO A 139 -16.13 -11.78 -2.94
C PRO A 139 -16.99 -11.22 -1.78
N GLY A 140 -16.50 -11.47 -0.58
CA GLY A 140 -16.97 -11.05 0.89
C GLY A 140 -16.49 -12.19 1.86
N SER A 141 -15.08 -12.12 1.75
CA SER A 141 -14.11 -12.74 2.63
C SER A 141 -13.18 -11.70 3.25
N LYS A 142 -12.49 -12.16 4.27
CA LYS A 142 -11.42 -11.48 4.96
C LYS A 142 -10.66 -12.51 5.60
N ASN A 143 -9.74 -13.06 4.85
CA ASN A 143 -8.83 -14.24 4.85
C ASN A 143 -7.44 -13.97 5.29
N PHE A 144 -6.79 -12.86 4.75
CA PHE A 144 -5.62 -12.33 5.56
C PHE A 144 -4.21 -13.11 5.66
N GLN A 145 -3.97 -14.02 4.69
CA GLN A 145 -2.85 -14.85 4.74
C GLN A 145 -1.53 -14.22 4.41
N ASN A 146 -1.72 -13.26 3.40
CA ASN A 146 -0.53 -12.71 2.61
C ASN A 146 0.60 -11.78 3.26
N ILE A 147 0.05 -10.58 3.68
CA ILE A 147 0.20 -9.08 4.27
C ILE A 147 1.54 -8.76 4.69
N PHE A 148 2.19 -9.57 5.58
CA PHE A 148 3.56 -9.70 6.10
C PHE A 148 4.23 -8.40 6.43
N PRO A 149 4.36 -8.22 7.75
CA PRO A 149 4.97 -7.08 8.42
C PRO A 149 6.29 -6.83 7.91
N PRO A 150 6.77 -5.62 7.61
CA PRO A 150 8.09 -5.08 7.15
C PRO A 150 9.26 -6.25 6.95
N SER A 151 9.19 -6.71 5.68
CA SER A 151 10.48 -7.46 5.37
C SER A 151 10.89 -6.97 3.88
N ALA A 152 12.12 -7.09 3.60
CA ALA A 152 13.02 -6.87 2.44
C ALA A 152 12.59 -7.69 1.00
N THR A 153 11.75 -8.82 1.12
CA THR A 153 11.24 -9.81 0.19
C THR A 153 9.83 -9.46 -0.45
N LEU A 154 9.98 -8.87 -1.68
CA LEU A 154 8.70 -8.31 -2.43
C LEU A 154 8.14 -9.45 -3.40
N HIS A 155 6.92 -9.77 -3.30
CA HIS A 155 6.00 -10.75 -4.17
C HIS A 155 5.68 -10.01 -5.45
N LEU A 156 6.09 -10.50 -6.56
CA LEU A 156 5.74 -9.96 -7.84
C LEU A 156 4.84 -10.81 -8.67
N SER A 157 3.89 -10.23 -9.42
CA SER A 157 2.87 -10.83 -10.26
C SER A 157 2.48 -10.01 -11.37
N ASN A 158 1.71 -10.82 -12.19
CA ASN A 158 1.27 -10.53 -13.57
C ASN A 158 2.54 -10.29 -14.71
N ILE A 159 2.80 -11.24 -15.44
CA ILE A 159 3.86 -11.35 -16.43
C ILE A 159 3.13 -12.01 -17.55
N PRO A 160 3.10 -11.18 -18.58
CA PRO A 160 2.73 -11.87 -19.87
C PRO A 160 4.07 -12.66 -20.32
N PRO A 161 3.98 -13.42 -21.47
CA PRO A 161 5.02 -14.38 -22.19
C PRO A 161 6.00 -13.52 -23.00
N SER A 162 6.24 -12.36 -22.59
CA SER A 162 7.16 -11.37 -23.27
C SER A 162 8.43 -11.21 -22.43
N VAL A 163 8.50 -10.73 -21.13
CA VAL A 163 9.52 -10.26 -20.34
C VAL A 163 10.20 -11.40 -19.66
N SER A 164 10.98 -11.30 -18.64
CA SER A 164 11.37 -12.48 -17.92
C SER A 164 11.78 -12.03 -16.54
N GLU A 165 12.34 -12.94 -15.77
CA GLU A 165 13.20 -12.63 -14.55
C GLU A 165 14.23 -11.60 -14.93
N GLU A 166 15.12 -11.75 -15.92
CA GLU A 166 15.95 -10.66 -16.35
C GLU A 166 15.27 -9.36 -16.31
N ASP A 167 14.28 -9.11 -17.04
CA ASP A 167 13.63 -7.76 -17.09
C ASP A 167 12.87 -7.39 -15.77
N LEU A 168 12.40 -8.33 -14.95
CA LEU A 168 11.61 -7.95 -13.80
C LEU A 168 12.53 -7.33 -12.69
N LYS A 169 13.76 -8.13 -12.51
CA LYS A 169 14.91 -7.95 -11.76
C LYS A 169 15.76 -6.72 -12.31
N VAL A 170 16.00 -6.58 -13.66
CA VAL A 170 16.48 -5.35 -14.29
C VAL A 170 15.47 -4.27 -13.68
N LEU A 171 14.17 -4.38 -13.46
CA LEU A 171 13.41 -3.28 -12.88
C LEU A 171 13.66 -2.87 -11.37
N PHE A 172 13.56 -3.78 -10.39
CA PHE A 172 14.16 -3.55 -9.09
C PHE A 172 15.68 -3.30 -9.18
N SER A 173 16.39 -3.28 -10.44
CA SER A 173 17.88 -2.95 -10.47
C SER A 173 18.30 -1.59 -11.04
N SER A 174 17.29 -1.12 -11.88
CA SER A 174 17.26 0.28 -12.24
C SER A 174 16.55 1.41 -11.53
N ASN A 175 15.89 0.91 -10.47
CA ASN A 175 15.38 1.90 -9.65
C ASN A 175 16.33 2.56 -8.55
N GLY A 176 17.44 1.98 -8.45
CA GLY A 176 18.35 2.38 -7.42
C GLY A 176 18.85 1.25 -6.66
N GLY A 177 18.15 0.02 -6.71
CA GLY A 177 18.14 -1.23 -5.71
C GLY A 177 19.13 -2.15 -5.14
N VAL A 178 18.99 -2.85 -4.04
CA VAL A 178 19.97 -3.70 -3.31
C VAL A 178 19.66 -5.19 -3.77
N VAL A 179 18.52 -5.51 -4.43
CA VAL A 179 18.26 -6.86 -5.02
C VAL A 179 19.20 -8.10 -4.78
N LYS A 180 18.97 -8.38 -3.49
CA LYS A 180 19.45 -9.56 -2.64
C LYS A 180 19.44 -10.93 -3.28
N GLY A 181 18.28 -11.16 -3.94
CA GLY A 181 17.88 -12.41 -4.50
C GLY A 181 16.89 -12.34 -5.59
N PHE A 182 16.58 -13.38 -6.35
CA PHE A 182 15.48 -13.19 -7.35
C PHE A 182 14.95 -14.66 -7.65
N LYS A 183 13.69 -14.85 -7.56
CA LYS A 183 12.81 -16.13 -7.67
C LYS A 183 11.34 -16.15 -8.53
N PHE A 184 10.87 -17.41 -8.60
CA PHE A 184 9.44 -17.78 -8.99
C PHE A 184 8.49 -18.42 -7.95
N PHE A 185 7.30 -17.95 -7.64
CA PHE A 185 6.37 -18.40 -6.57
C PHE A 185 6.09 -19.79 -6.10
N GLN A 186 4.93 -19.96 -5.37
CA GLN A 186 4.46 -21.32 -5.08
C GLN A 186 4.26 -22.03 -6.41
N LYS A 187 4.74 -23.34 -6.33
CA LYS A 187 4.60 -24.27 -7.32
C LYS A 187 4.38 -23.75 -8.75
N ASP A 188 2.99 -23.70 -9.09
CA ASP A 188 2.46 -23.10 -10.28
C ASP A 188 3.44 -22.39 -11.23
N ARG A 189 4.12 -21.24 -11.05
CA ARG A 189 5.21 -20.58 -11.77
C ARG A 189 4.57 -19.89 -13.02
N LYS A 190 3.96 -18.63 -12.71
CA LYS A 190 3.68 -17.45 -13.66
C LYS A 190 4.35 -16.35 -12.87
N MET A 191 3.78 -15.93 -11.68
CA MET A 191 4.26 -15.11 -10.61
C MET A 191 5.74 -15.36 -10.29
N ALA A 192 6.38 -14.39 -9.61
CA ALA A 192 7.74 -14.14 -9.48
C ALA A 192 7.87 -13.61 -8.10
N LEU A 193 9.03 -13.81 -7.42
CA LEU A 193 9.33 -13.23 -6.09
C LEU A 193 10.71 -12.54 -6.09
N ILE A 194 11.02 -11.39 -5.37
CA ILE A 194 12.47 -10.79 -5.37
C ILE A 194 12.87 -10.47 -3.99
N GLN A 195 14.08 -10.36 -3.62
CA GLN A 195 14.34 -9.61 -2.32
C GLN A 195 15.44 -8.55 -2.48
N MET A 196 15.05 -7.31 -2.28
CA MET A 196 15.97 -6.27 -1.94
C MET A 196 16.84 -6.69 -0.66
N GLY A 197 17.60 -5.69 -0.17
CA GLY A 197 18.41 -5.61 1.08
C GLY A 197 17.75 -5.09 2.32
N SER A 198 16.72 -4.14 2.24
CA SER A 198 15.94 -3.45 3.24
C SER A 198 14.40 -3.37 2.96
N VAL A 199 13.53 -3.26 4.04
CA VAL A 199 12.37 -2.63 3.52
C VAL A 199 12.56 -1.18 3.01
N GLU A 200 13.22 -0.31 3.78
CA GLU A 200 13.43 0.95 3.29
C GLU A 200 13.53 1.16 1.85
N GLU A 201 14.16 0.15 1.20
CA GLU A 201 14.32 -0.10 -0.25
C GLU A 201 13.06 -0.89 -0.79
N ALA A 202 12.92 -2.26 -0.42
CA ALA A 202 11.80 -3.27 -0.94
C ALA A 202 10.48 -2.58 -0.86
N VAL A 203 10.27 -1.74 0.14
CA VAL A 203 9.16 -0.79 0.25
C VAL A 203 9.30 0.20 -0.94
N GLN A 204 10.44 1.01 -0.92
CA GLN A 204 10.60 2.08 -2.06
C GLN A 204 10.38 1.63 -3.55
N ALA A 205 10.93 0.46 -3.93
CA ALA A 205 10.81 -0.45 -4.96
C ALA A 205 9.54 -0.98 -5.28
N LEU A 206 8.63 -1.13 -4.35
CA LEU A 206 7.23 -1.43 -4.44
C LEU A 206 6.85 -0.03 -4.97
N ILE A 207 6.86 0.97 -4.12
CA ILE A 207 6.08 2.13 -4.44
C ILE A 207 6.33 2.44 -6.03
N ASP A 208 7.58 2.33 -6.44
CA ASP A 208 7.92 2.01 -7.90
C ASP A 208 7.13 1.11 -8.73
N LEU A 209 7.17 -0.15 -8.51
CA LEU A 209 6.73 -1.10 -9.41
C LEU A 209 5.18 -1.36 -9.28
N HIS A 210 4.41 -0.93 -8.20
CA HIS A 210 2.94 -1.31 -8.18
C HIS A 210 2.05 -0.55 -9.10
N ASN A 211 1.47 -1.37 -9.98
CA ASN A 211 0.86 -0.94 -11.23
C ASN A 211 1.80 -0.33 -12.19
N HIS A 212 3.08 -0.72 -12.31
CA HIS A 212 4.13 -0.45 -13.30
C HIS A 212 3.59 -0.68 -14.58
N ASP A 213 3.07 0.34 -15.20
CA ASP A 213 2.55 0.52 -16.64
C ASP A 213 3.32 -0.13 -17.72
N LEU A 214 3.02 -1.49 -17.67
CA LEU A 214 3.47 -2.57 -18.51
C LEU A 214 3.02 -2.16 -19.87
N GLY A 215 1.72 -1.93 -20.17
CA GLY A 215 0.98 -1.69 -21.34
C GLY A 215 -0.25 -2.59 -21.47
N GLU A 216 -1.21 -1.98 -22.25
CA GLU A 216 -2.71 -2.28 -22.21
C GLU A 216 -3.31 -2.88 -21.03
N ASN A 217 -3.23 -2.19 -19.89
CA ASN A 217 -3.84 -2.44 -18.73
C ASN A 217 -3.40 -3.86 -18.04
N HIS A 218 -2.32 -4.51 -18.50
CA HIS A 218 -1.57 -5.59 -17.80
C HIS A 218 -0.41 -5.09 -16.92
N HIS A 219 -0.53 -3.99 -16.18
CA HIS A 219 0.28 -3.16 -15.28
C HIS A 219 0.62 -4.12 -14.17
N LEU A 220 1.72 -3.93 -13.45
CA LEU A 220 2.41 -4.75 -12.46
C LEU A 220 1.68 -4.66 -11.13
N ARG A 221 1.65 -5.81 -10.49
CA ARG A 221 1.16 -6.15 -9.09
C ARG A 221 2.31 -6.68 -8.28
N VAL A 222 2.38 -6.11 -7.03
CA VAL A 222 3.59 -6.18 -6.04
C VAL A 222 3.20 -5.94 -4.57
N SER A 223 3.72 -6.73 -3.69
CA SER A 223 3.60 -6.56 -2.31
C SER A 223 4.85 -7.09 -1.43
N PHE A 224 4.66 -7.36 -0.16
CA PHE A 224 5.68 -7.91 0.75
C PHE A 224 5.43 -9.39 1.14
N SER A 225 6.30 -10.37 0.57
CA SER A 225 6.15 -11.85 0.78
C SER A 225 6.70 -12.48 2.02
N LYS A 226 6.05 -13.56 2.40
CA LYS A 226 6.36 -14.55 3.40
C LYS A 226 7.47 -15.61 2.91
N SER A 227 7.54 -15.87 1.57
CA SER A 227 8.57 -16.86 0.96
C SER A 227 9.84 -16.08 0.99
N THR A 228 10.79 -16.73 0.56
CA THR A 228 12.20 -16.43 0.78
C THR A 228 13.24 -16.52 -0.34
N ILE A 229 14.44 -16.05 -0.06
CA ILE A 229 15.61 -16.34 -0.85
C ILE A 229 16.85 -16.69 -0.05
N GLY A 22 -19.34 2.72 36.79
CA GLY A 22 -19.28 1.33 37.32
C GLY A 22 -18.03 0.62 36.82
N ARG A 23 -17.26 -0.01 37.74
CA ARG A 23 -15.93 -0.60 37.50
C ARG A 23 -15.85 -1.66 36.38
N ILE A 24 -16.95 -2.35 36.08
CA ILE A 24 -17.07 -3.39 35.05
C ILE A 24 -17.89 -2.95 33.82
N ALA A 25 -18.58 -1.80 33.88
CA ALA A 25 -19.37 -1.24 32.78
C ALA A 25 -18.52 -0.58 31.66
N ILE A 26 -17.25 -0.27 31.95
CA ILE A 26 -16.28 0.27 30.99
C ILE A 26 -15.99 -0.71 29.83
N PRO A 27 -15.58 -0.21 28.63
CA PRO A 27 -15.28 -1.06 27.48
C PRO A 27 -13.94 -1.82 27.60
N GLY A 28 -13.04 -1.39 28.48
CA GLY A 28 -11.68 -1.93 28.63
C GLY A 28 -10.76 -1.59 27.45
N LEU A 29 -9.57 -2.20 27.42
CA LEU A 29 -8.61 -2.10 26.31
C LEU A 29 -9.19 -2.70 25.01
N ALA A 30 -9.53 -1.84 24.04
CA ALA A 30 -10.11 -2.21 22.74
C ALA A 30 -9.49 -1.39 21.59
N GLY A 31 -9.76 -1.80 20.34
CA GLY A 31 -9.18 -1.24 19.11
C GLY A 31 -10.09 -0.31 18.29
N ALA A 32 -11.28 0.04 18.79
CA ALA A 32 -12.35 0.78 18.11
C ALA A 32 -12.69 0.26 16.69
N GLY A 33 -12.05 0.80 15.65
CA GLY A 33 -12.21 0.42 14.26
C GLY A 33 -13.28 1.25 13.55
N ASN A 34 -12.86 2.21 12.69
CA ASN A 34 -13.73 3.25 12.13
C ASN A 34 -13.18 3.85 10.81
N SER A 35 -12.84 3.01 9.83
CA SER A 35 -12.38 3.40 8.47
C SER A 35 -11.31 4.49 8.37
N VAL A 36 -11.70 5.75 8.37
CA VAL A 36 -10.91 6.99 8.52
C VAL A 36 -9.65 6.84 9.40
N LEU A 37 -8.47 6.82 8.76
CA LEU A 37 -7.15 6.69 9.43
C LEU A 37 -6.30 7.95 9.27
N LEU A 38 -5.87 8.58 10.38
CA LEU A 38 -4.88 9.64 10.37
C LEU A 38 -3.48 9.06 10.06
N VAL A 39 -2.67 9.86 9.37
CA VAL A 39 -1.29 9.53 9.01
C VAL A 39 -0.37 10.66 9.42
N SER A 40 0.16 10.55 10.64
CA SER A 40 1.08 11.53 11.24
C SER A 40 2.54 11.08 11.15
N ASN A 41 3.44 12.03 11.46
CA ASN A 41 4.90 11.93 11.41
C ASN A 41 5.47 11.84 9.97
N LEU A 42 5.17 12.82 9.12
CA LEU A 42 5.56 12.90 7.72
C LEU A 42 6.57 14.05 7.50
N ASN A 43 7.46 13.89 6.50
CA ASN A 43 8.37 14.95 6.05
C ASN A 43 7.72 15.71 4.85
N PRO A 44 7.94 17.02 4.68
CA PRO A 44 7.20 17.82 3.68
C PRO A 44 7.57 17.54 2.21
N GLU A 45 8.63 16.78 1.93
CA GLU A 45 9.23 16.62 0.60
C GLU A 45 9.34 15.15 0.13
N ARG A 46 8.83 14.17 0.90
CA ARG A 46 9.04 12.74 0.70
C ARG A 46 7.73 12.01 0.50
N VAL A 47 6.74 12.31 1.34
CA VAL A 47 5.42 11.68 1.23
C VAL A 47 4.60 12.16 0.02
N THR A 48 3.76 11.27 -0.50
CA THR A 48 2.83 11.49 -1.62
C THR A 48 1.54 10.69 -1.45
N PRO A 49 0.43 11.07 -2.12
CA PRO A 49 -0.79 10.27 -2.12
C PRO A 49 -0.59 8.85 -2.64
N GLN A 50 0.27 8.64 -3.65
CA GLN A 50 0.52 7.31 -4.22
C GLN A 50 1.30 6.39 -3.27
N SER A 51 2.25 6.92 -2.50
CA SER A 51 3.01 6.15 -1.52
C SER A 51 2.12 5.57 -0.42
N LEU A 52 1.30 6.41 0.23
CA LEU A 52 0.37 5.97 1.28
C LEU A 52 -0.89 5.28 0.71
N PHE A 53 -1.23 5.48 -0.58
CA PHE A 53 -2.26 4.72 -1.30
C PHE A 53 -1.89 3.26 -1.31
N ILE A 54 -0.68 2.99 -1.78
CA ILE A 54 -0.13 1.65 -1.88
C ILE A 54 -0.14 0.97 -0.52
N LEU A 55 0.46 1.54 0.54
CA LEU A 55 0.55 0.73 1.77
C LEU A 55 -0.84 0.39 2.30
N PHE A 56 -1.67 1.41 2.51
CA PHE A 56 -3.04 1.21 2.96
C PHE A 56 -3.80 0.30 2.00
N GLY A 57 -3.49 0.32 0.70
CA GLY A 57 -4.16 -0.43 -0.35
C GLY A 57 -3.71 -1.88 -0.46
N VAL A 58 -2.68 -2.26 0.31
CA VAL A 58 -2.23 -3.66 0.49
C VAL A 58 -2.52 -4.18 1.89
N TYR A 59 -2.79 -3.25 2.83
CA TYR A 59 -3.23 -3.48 4.20
C TYR A 59 -4.77 -3.38 4.39
N GLY A 60 -5.51 -3.01 3.35
CA GLY A 60 -6.96 -3.02 3.24
C GLY A 60 -7.44 -2.42 1.90
N ASP A 61 -8.75 -2.31 1.71
CA ASP A 61 -9.34 -1.64 0.55
C ASP A 61 -9.41 -0.10 0.77
N VAL A 62 -8.44 0.67 0.26
CA VAL A 62 -8.38 2.14 0.47
C VAL A 62 -9.52 2.86 -0.29
N GLN A 63 -10.44 3.49 0.46
CA GLN A 63 -11.58 4.25 -0.05
C GLN A 63 -11.12 5.54 -0.73
N ARG A 64 -10.60 6.45 0.10
CA ARG A 64 -10.10 7.78 -0.23
C ARG A 64 -8.84 8.07 0.58
N VAL A 65 -8.21 9.19 0.27
CA VAL A 65 -6.93 9.64 0.78
C VAL A 65 -6.92 11.18 0.77
N LYS A 66 -6.44 11.85 1.81
CA LYS A 66 -6.16 13.30 1.84
C LYS A 66 -4.76 13.54 2.33
N ILE A 67 -4.27 14.71 1.96
CA ILE A 67 -2.99 15.30 2.33
C ILE A 67 -3.24 16.68 2.93
N LEU A 68 -2.48 17.12 3.93
CA LEU A 68 -2.59 18.51 4.39
C LEU A 68 -2.04 19.49 3.35
N PHE A 69 -2.94 20.25 2.72
CA PHE A 69 -2.71 21.15 1.58
C PHE A 69 -1.38 21.92 1.69
N ASN A 70 -0.42 21.54 0.85
CA ASN A 70 0.96 22.03 0.69
C ASN A 70 1.87 22.00 1.95
N LYS A 71 1.34 21.73 3.14
CA LYS A 71 2.08 21.46 4.40
C LYS A 71 2.72 20.07 4.38
N LYS A 72 1.93 19.04 4.04
CA LYS A 72 2.30 17.63 3.81
C LYS A 72 3.05 16.89 4.94
N GLU A 73 3.14 17.46 6.15
CA GLU A 73 3.74 16.82 7.34
C GLU A 73 2.72 15.99 8.15
N ASN A 74 1.51 15.87 7.63
CA ASN A 74 0.46 14.95 8.04
C ASN A 74 -0.38 14.64 6.78
N ALA A 75 -1.16 13.57 6.86
CA ALA A 75 -2.17 13.18 5.90
C ALA A 75 -3.39 12.60 6.65
N LEU A 76 -4.53 12.53 5.97
CA LEU A 76 -5.80 12.03 6.49
C LEU A 76 -6.35 11.01 5.50
N VAL A 77 -6.05 9.75 5.73
CA VAL A 77 -6.41 8.65 4.84
C VAL A 77 -7.76 8.05 5.24
N GLN A 78 -8.36 7.29 4.33
CA GLN A 78 -9.68 6.69 4.50
C GLN A 78 -9.64 5.21 4.07
N MET A 79 -9.45 4.32 5.05
CA MET A 79 -9.41 2.87 4.87
C MET A 79 -10.85 2.32 4.84
N ALA A 80 -11.09 1.11 4.38
CA ALA A 80 -12.45 0.54 4.26
C ALA A 80 -13.24 0.49 5.59
N ASP A 81 -12.69 -0.08 6.67
CA ASP A 81 -13.39 -0.28 7.95
C ASP A 81 -12.47 -0.78 9.07
N GLY A 82 -13.00 -1.09 10.26
CA GLY A 82 -12.36 -1.70 11.42
C GLY A 82 -11.14 -2.60 11.16
N ASN A 83 -11.33 -3.83 10.69
CA ASN A 83 -10.22 -4.78 10.52
C ASN A 83 -9.16 -4.34 9.49
N GLN A 84 -9.58 -3.56 8.48
CA GLN A 84 -8.77 -2.88 7.48
C GLN A 84 -7.86 -1.84 8.17
N ALA A 85 -8.50 -0.92 8.89
CA ALA A 85 -7.95 0.20 9.65
C ALA A 85 -6.98 -0.26 10.76
N GLN A 86 -7.31 -1.37 11.42
CA GLN A 86 -6.49 -2.06 12.39
C GLN A 86 -5.18 -2.58 11.79
N LEU A 87 -5.25 -3.36 10.70
CA LEU A 87 -4.07 -3.82 9.98
C LEU A 87 -3.17 -2.67 9.58
N ALA A 88 -3.76 -1.72 8.87
CA ALA A 88 -2.98 -0.69 8.24
C ALA A 88 -2.16 0.03 9.32
N MET A 89 -2.72 0.43 10.47
CA MET A 89 -1.88 0.89 11.59
C MET A 89 -0.92 -0.18 12.14
N SER A 90 -1.39 -1.41 12.32
CA SER A 90 -0.59 -2.57 12.79
C SER A 90 0.74 -2.72 12.05
N HIS A 91 0.76 -2.44 10.74
CA HIS A 91 1.91 -2.68 9.87
C HIS A 91 2.59 -1.40 9.38
N LEU A 92 1.89 -0.27 9.19
CA LEU A 92 2.49 1.01 8.89
C LEU A 92 3.32 1.57 10.05
N ASN A 93 2.98 1.21 11.29
CA ASN A 93 3.52 1.85 12.49
C ASN A 93 4.96 1.39 12.80
N GLY A 94 5.86 1.86 11.93
CA GLY A 94 7.30 1.69 11.88
C GLY A 94 7.85 1.09 10.56
N HIS A 95 7.09 1.18 9.45
CA HIS A 95 7.49 0.78 8.09
C HIS A 95 8.58 1.67 7.44
N LYS A 96 9.11 2.66 8.16
CA LYS A 96 10.05 3.71 7.70
C LYS A 96 9.74 4.18 6.26
N LEU A 97 8.46 4.54 6.09
CA LEU A 97 7.80 5.06 4.88
C LEU A 97 8.44 6.37 4.42
N HIS A 98 9.61 6.24 3.80
CA HIS A 98 10.61 7.27 3.42
C HIS A 98 11.60 7.60 4.56
N GLY A 99 11.30 7.20 5.80
CA GLY A 99 12.25 7.13 6.91
C GLY A 99 12.26 8.31 7.88
N LYS A 100 11.31 8.25 8.82
CA LYS A 100 11.15 9.05 10.04
C LYS A 100 10.24 8.24 11.01
N PRO A 101 10.26 8.44 12.34
CA PRO A 101 9.47 7.67 13.32
C PRO A 101 7.93 7.76 13.17
N ILE A 102 7.33 7.05 12.20
CA ILE A 102 5.93 7.07 11.76
C ILE A 102 4.89 6.93 12.90
N ARG A 103 3.72 7.55 12.74
CA ARG A 103 2.64 7.66 13.74
C ARG A 103 1.25 7.66 13.08
N ILE A 104 0.89 6.54 12.47
CA ILE A 104 -0.42 6.26 11.89
C ILE A 104 -1.38 5.86 13.03
N THR A 105 -2.59 6.43 13.08
CA THR A 105 -3.60 6.12 14.10
C THR A 105 -5.02 6.24 13.54
N LEU A 106 -6.03 5.77 14.28
CA LEU A 106 -7.45 6.00 13.96
C LEU A 106 -7.85 7.47 14.12
N SER A 107 -8.48 8.05 13.09
CA SER A 107 -8.92 9.47 13.11
C SER A 107 -10.27 9.68 13.82
N LYS A 108 -11.19 8.71 13.69
CA LYS A 108 -12.60 8.67 14.16
C LYS A 108 -13.54 9.83 13.77
N HIS A 109 -13.08 10.78 12.95
CA HIS A 109 -13.91 11.82 12.32
C HIS A 109 -14.88 11.23 11.26
N GLN A 110 -15.80 12.06 10.75
CA GLN A 110 -16.71 11.71 9.64
C GLN A 110 -16.01 11.58 8.26
N ASN A 111 -16.73 11.07 7.27
CA ASN A 111 -16.24 10.85 5.90
C ASN A 111 -16.11 12.17 5.11
N VAL A 112 -15.25 12.16 4.08
CA VAL A 112 -15.12 13.23 3.10
C VAL A 112 -16.08 13.06 1.92
N GLN A 113 -16.32 14.12 1.14
CA GLN A 113 -17.10 14.09 -0.10
C GLN A 113 -16.38 14.82 -1.25
N LEU A 114 -15.82 14.05 -2.18
CA LEU A 114 -15.14 14.48 -3.41
C LEU A 114 -15.83 15.59 -4.25
N PRO A 115 -17.17 15.54 -4.54
CA PRO A 115 -17.82 16.41 -5.53
C PRO A 115 -17.79 17.95 -5.34
N ARG A 116 -17.11 18.50 -4.32
CA ARG A 116 -17.15 19.93 -3.98
C ARG A 116 -16.01 20.74 -4.58
N GLU A 117 -16.17 22.05 -4.48
CA GLU A 117 -15.30 23.10 -5.06
C GLU A 117 -13.95 23.23 -4.33
N GLY A 118 -13.87 22.67 -3.13
CA GLY A 118 -12.70 22.61 -2.26
C GLY A 118 -12.21 21.18 -2.00
N GLN A 119 -12.76 20.18 -2.70
CA GLN A 119 -12.56 18.76 -2.40
C GLN A 119 -12.11 17.93 -3.61
N GLU A 120 -12.55 18.27 -4.81
CA GLU A 120 -12.34 17.49 -6.02
C GLU A 120 -10.91 17.49 -6.59
N ASP A 121 -10.12 18.52 -6.24
CA ASP A 121 -8.79 18.84 -6.78
C ASP A 121 -7.73 19.25 -5.72
N GLN A 122 -6.81 20.16 -6.06
CA GLN A 122 -5.70 20.73 -5.26
C GLN A 122 -4.54 19.76 -4.94
N GLY A 123 -4.71 18.44 -5.06
CA GLY A 123 -3.70 17.44 -4.70
C GLY A 123 -3.70 17.11 -3.21
N LEU A 124 -4.70 17.60 -2.48
CA LEU A 124 -5.09 17.35 -1.11
C LEU A 124 -5.70 15.93 -1.09
N THR A 125 -7.02 15.85 -1.23
CA THR A 125 -7.85 14.68 -1.50
C THR A 125 -7.51 13.91 -2.79
N LYS A 126 -7.84 12.61 -2.77
CA LYS A 126 -7.91 11.61 -3.83
C LYS A 126 -9.13 10.72 -3.61
N ASP A 127 -9.65 10.15 -4.70
CA ASP A 127 -10.66 9.09 -4.71
C ASP A 127 -10.12 7.88 -5.48
N TYR A 128 -9.62 6.90 -4.72
CA TYR A 128 -9.16 5.62 -5.27
C TYR A 128 -10.32 4.64 -5.54
N GLY A 129 -11.46 4.80 -4.87
CA GLY A 129 -12.67 3.97 -5.04
C GLY A 129 -12.40 2.47 -5.02
N ASN A 130 -12.79 1.77 -6.09
CA ASN A 130 -12.45 0.35 -6.33
C ASN A 130 -11.03 0.13 -6.91
N SER A 131 -10.41 1.18 -7.47
CA SER A 131 -9.18 1.25 -8.29
C SER A 131 -9.24 0.43 -9.60
N PRO A 132 -8.38 0.74 -10.60
CA PRO A 132 -8.20 -0.11 -11.79
C PRO A 132 -7.29 -1.33 -11.52
N LEU A 133 -6.59 -1.33 -10.38
CA LEU A 133 -5.59 -2.32 -9.96
C LEU A 133 -6.19 -3.49 -9.17
N HIS A 134 -7.32 -3.24 -8.51
CA HIS A 134 -8.09 -4.11 -7.61
C HIS A 134 -7.35 -4.47 -6.32
N ARG A 135 -6.23 -5.19 -6.41
CA ARG A 135 -5.43 -5.77 -5.31
C ARG A 135 -6.20 -6.76 -4.43
N PHE A 136 -7.22 -6.31 -3.69
CA PHE A 136 -8.15 -7.15 -2.92
C PHE A 136 -9.28 -7.69 -3.81
N LYS A 137 -10.52 -7.20 -3.63
CA LYS A 137 -11.78 -7.74 -4.18
C LYS A 137 -11.82 -9.28 -4.11
N LYS A 138 -11.35 -9.82 -2.97
CA LYS A 138 -11.02 -11.20 -2.59
C LYS A 138 -11.47 -12.30 -3.57
N PRO A 139 -10.64 -12.67 -4.59
CA PRO A 139 -10.96 -13.74 -5.54
C PRO A 139 -10.91 -15.15 -4.89
N GLY A 140 -10.29 -15.27 -3.71
CA GLY A 140 -10.32 -16.44 -2.82
C GLY A 140 -10.34 -16.01 -1.35
N SER A 141 -10.78 -16.89 -0.46
CA SER A 141 -11.07 -16.59 0.95
C SER A 141 -9.84 -16.39 1.85
N LYS A 142 -8.61 -16.49 1.32
CA LYS A 142 -7.32 -16.34 2.03
C LYS A 142 -7.11 -14.98 2.72
N ASN A 143 -7.88 -13.96 2.34
CA ASN A 143 -7.93 -12.60 2.86
C ASN A 143 -6.56 -12.03 3.31
N PHE A 144 -6.25 -11.97 4.61
CA PHE A 144 -5.08 -11.29 5.16
C PHE A 144 -3.76 -12.10 5.11
N GLN A 145 -3.77 -13.35 4.65
CA GLN A 145 -2.55 -14.11 4.35
C GLN A 145 -1.71 -13.50 3.20
N ASN A 146 -2.36 -12.71 2.33
CA ASN A 146 -1.78 -11.98 1.20
C ASN A 146 -0.92 -10.75 1.54
N ILE A 147 -0.80 -10.44 2.82
CA ILE A 147 -0.31 -9.17 3.36
C ILE A 147 1.07 -9.31 3.99
N PHE A 148 1.12 -9.84 5.22
CA PHE A 148 2.30 -9.97 6.09
C PHE A 148 2.84 -8.62 6.60
N PRO A 149 3.33 -8.53 7.87
CA PRO A 149 3.99 -7.32 8.38
C PRO A 149 5.28 -6.94 7.62
N PRO A 150 5.82 -5.72 7.85
CA PRO A 150 6.90 -5.13 7.05
C PRO A 150 8.08 -6.08 6.77
N SER A 151 8.43 -6.28 5.50
CA SER A 151 9.54 -7.13 5.07
C SER A 151 10.25 -6.61 3.82
N ALA A 152 11.48 -7.09 3.68
CA ALA A 152 12.30 -6.95 2.50
C ALA A 152 11.83 -7.85 1.35
N THR A 153 11.12 -8.97 1.61
CA THR A 153 10.57 -9.83 0.55
C THR A 153 9.35 -9.18 -0.10
N LEU A 154 9.42 -8.93 -1.40
CA LEU A 154 8.30 -8.47 -2.24
C LEU A 154 7.90 -9.44 -3.35
N HIS A 155 6.62 -9.79 -3.30
CA HIS A 155 5.82 -10.57 -4.21
C HIS A 155 5.64 -9.73 -5.47
N LEU A 156 5.95 -10.27 -6.64
CA LEU A 156 5.61 -9.66 -7.92
C LEU A 156 4.55 -10.55 -8.62
N SER A 157 3.75 -10.00 -9.52
CA SER A 157 2.66 -10.73 -10.19
C SER A 157 2.17 -10.02 -11.45
N ASN A 158 1.32 -10.73 -12.22
CA ASN A 158 0.68 -10.31 -13.48
C ASN A 158 1.65 -10.16 -14.67
N ILE A 159 2.86 -10.68 -14.51
CA ILE A 159 3.95 -10.70 -15.51
C ILE A 159 3.53 -11.46 -16.79
N PRO A 160 3.71 -10.88 -17.99
CA PRO A 160 3.50 -11.59 -19.25
C PRO A 160 4.64 -12.58 -19.54
N PRO A 161 4.47 -13.54 -20.48
CA PRO A 161 5.54 -14.40 -21.01
C PRO A 161 6.48 -13.60 -21.93
N SER A 162 7.17 -12.63 -21.35
CA SER A 162 8.06 -11.65 -21.96
C SER A 162 9.00 -11.08 -20.89
N VAL A 163 8.50 -10.85 -19.66
CA VAL A 163 9.36 -10.53 -18.50
C VAL A 163 10.11 -11.79 -18.07
N SER A 164 11.40 -11.66 -17.80
CA SER A 164 12.24 -12.71 -17.21
C SER A 164 12.71 -12.29 -15.81
N GLU A 165 13.29 -13.21 -15.05
CA GLU A 165 13.95 -12.95 -13.76
C GLU A 165 14.88 -11.73 -13.81
N GLU A 166 15.67 -11.63 -14.88
CA GLU A 166 16.50 -10.47 -15.15
C GLU A 166 15.65 -9.22 -15.29
N ASP A 167 14.78 -9.09 -16.30
CA ASP A 167 14.05 -7.85 -16.56
C ASP A 167 13.23 -7.37 -15.36
N LEU A 168 12.77 -8.32 -14.56
CA LEU A 168 12.08 -8.07 -13.29
C LEU A 168 13.00 -7.44 -12.24
N LYS A 169 14.01 -8.20 -11.78
CA LYS A 169 15.05 -7.79 -10.84
C LYS A 169 15.81 -6.55 -11.32
N VAL A 170 16.02 -6.39 -12.62
CA VAL A 170 16.54 -5.19 -13.26
C VAL A 170 15.69 -3.98 -12.89
N LEU A 171 14.34 -4.03 -12.94
CA LEU A 171 13.54 -2.93 -12.40
C LEU A 171 13.88 -2.62 -10.93
N PHE A 172 13.91 -3.67 -10.09
CA PHE A 172 14.21 -3.56 -8.66
C PHE A 172 15.67 -3.18 -8.37
N SER A 173 16.55 -3.12 -9.37
CA SER A 173 17.98 -2.86 -9.25
C SER A 173 18.39 -1.54 -9.95
N SER A 174 17.52 -1.03 -10.82
CA SER A 174 17.69 0.25 -11.51
C SER A 174 17.24 1.42 -10.62
N ASN A 175 16.33 1.09 -9.70
CA ASN A 175 15.89 1.89 -8.56
C ASN A 175 17.00 2.31 -7.58
N GLY A 176 18.13 1.60 -7.66
CA GLY A 176 19.33 1.78 -6.86
C GLY A 176 19.80 0.42 -6.34
N GLY A 177 18.83 -0.40 -5.95
CA GLY A 177 18.89 -1.82 -5.60
C GLY A 177 19.70 -2.24 -4.38
N VAL A 178 19.41 -3.50 -4.02
CA VAL A 178 20.12 -4.37 -3.08
C VAL A 178 19.86 -5.84 -3.43
N VAL A 179 18.65 -6.17 -3.94
CA VAL A 179 18.21 -7.43 -4.56
C VAL A 179 18.99 -8.65 -4.06
N LYS A 180 18.70 -8.99 -2.80
CA LYS A 180 19.39 -9.94 -1.94
C LYS A 180 19.25 -11.36 -2.47
N GLY A 181 18.01 -11.69 -2.86
CA GLY A 181 17.67 -12.88 -3.60
C GLY A 181 16.58 -12.61 -4.65
N PHE A 182 16.32 -13.62 -5.47
CA PHE A 182 15.24 -13.69 -6.46
C PHE A 182 14.82 -15.14 -6.73
N LYS A 183 13.50 -15.36 -6.88
CA LYS A 183 12.82 -16.63 -7.16
C LYS A 183 11.53 -16.38 -7.97
N PHE A 184 10.86 -17.45 -8.41
CA PHE A 184 9.49 -17.39 -8.92
C PHE A 184 8.58 -18.08 -7.91
N PHE A 185 7.36 -17.57 -7.78
CA PHE A 185 6.30 -18.18 -6.98
C PHE A 185 5.89 -19.58 -7.47
N GLN A 186 5.21 -20.30 -6.57
CA GLN A 186 4.81 -21.70 -6.69
C GLN A 186 3.92 -22.03 -7.91
N LYS A 187 3.89 -23.32 -8.28
CA LYS A 187 3.03 -24.05 -9.24
C LYS A 187 2.45 -23.26 -10.43
N ASP A 188 1.53 -22.34 -10.17
CA ASP A 188 0.89 -21.43 -11.14
C ASP A 188 1.88 -20.57 -11.94
N ARG A 189 3.06 -20.23 -11.39
CA ARG A 189 4.22 -19.64 -12.08
C ARG A 189 3.92 -18.41 -12.98
N LYS A 190 2.94 -17.56 -12.62
CA LYS A 190 2.69 -16.24 -13.23
C LYS A 190 2.83 -15.09 -12.21
N MET A 191 3.44 -15.43 -11.10
CA MET A 191 3.91 -14.56 -10.04
C MET A 191 5.38 -14.87 -9.78
N ALA A 192 6.05 -13.92 -9.15
CA ALA A 192 7.48 -13.92 -8.95
C ALA A 192 7.79 -13.36 -7.58
N LEU A 193 9.05 -13.44 -7.18
CA LEU A 193 9.42 -13.16 -5.80
C LEU A 193 10.85 -12.65 -5.70
N ILE A 194 11.00 -11.49 -5.06
CA ILE A 194 12.28 -10.82 -4.88
C ILE A 194 12.46 -10.50 -3.40
N GLN A 195 13.71 -10.46 -2.94
CA GLN A 195 14.02 -9.99 -1.60
C GLN A 195 14.97 -8.82 -1.70
N MET A 196 14.49 -7.66 -1.31
CA MET A 196 15.27 -6.47 -1.03
C MET A 196 16.25 -6.70 0.14
N GLY A 197 17.09 -5.71 0.43
CA GLY A 197 18.03 -5.73 1.56
C GLY A 197 17.42 -5.22 2.88
N SER A 198 16.35 -4.42 2.80
CA SER A 198 15.51 -3.98 3.91
C SER A 198 14.14 -3.57 3.40
N VAL A 199 13.12 -3.40 4.27
CA VAL A 199 11.83 -2.89 3.80
C VAL A 199 11.95 -1.54 3.14
N GLU A 200 12.85 -0.70 3.64
CA GLU A 200 13.05 0.69 3.22
C GLU A 200 13.15 0.77 1.70
N GLU A 201 14.01 -0.07 1.13
CA GLU A 201 14.11 -0.25 -0.31
C GLU A 201 12.92 -1.05 -0.87
N ALA A 202 12.50 -2.12 -0.20
CA ALA A 202 11.43 -3.01 -0.69
C ALA A 202 10.13 -2.24 -0.99
N VAL A 203 9.64 -1.49 -0.01
CA VAL A 203 8.49 -0.59 -0.13
C VAL A 203 8.74 0.50 -1.14
N GLN A 204 9.88 1.18 -1.11
CA GLN A 204 10.20 2.18 -2.14
C GLN A 204 10.12 1.64 -3.59
N ALA A 205 10.64 0.44 -3.82
CA ALA A 205 10.66 -0.31 -5.08
C ALA A 205 9.27 -0.88 -5.44
N LEU A 206 8.44 -1.22 -4.47
CA LEU A 206 7.02 -1.52 -4.62
C LEU A 206 6.29 -0.27 -5.11
N ILE A 207 6.42 0.84 -4.38
CA ILE A 207 5.74 2.08 -4.74
C ILE A 207 6.28 2.64 -6.07
N ASP A 208 7.45 2.18 -6.50
CA ASP A 208 8.00 2.38 -7.82
C ASP A 208 7.31 1.53 -8.90
N LEU A 209 7.26 0.20 -8.72
CA LEU A 209 6.88 -0.76 -9.74
C LEU A 209 5.44 -1.24 -9.72
N HIS A 210 4.66 -0.97 -8.67
CA HIS A 210 3.22 -1.20 -8.74
C HIS A 210 2.61 -0.28 -9.80
N ASN A 211 1.93 -0.91 -10.76
CA ASN A 211 1.30 -0.24 -11.90
C ASN A 211 2.33 0.47 -12.82
N HIS A 212 3.49 -0.16 -13.03
CA HIS A 212 4.54 0.28 -13.97
C HIS A 212 4.08 0.44 -15.44
N ASP A 213 2.83 0.06 -15.76
CA ASP A 213 2.16 0.24 -17.05
C ASP A 213 2.92 -0.46 -18.20
N LEU A 214 2.99 -1.79 -18.10
CA LEU A 214 3.50 -2.64 -19.19
C LEU A 214 2.57 -2.54 -20.41
N GLY A 215 1.26 -2.57 -20.18
CA GLY A 215 0.22 -2.39 -21.18
C GLY A 215 -0.77 -3.54 -21.22
N GLU A 216 -1.84 -3.38 -22.01
CA GLU A 216 -2.87 -4.37 -22.35
C GLU A 216 -3.51 -5.13 -21.20
N ASN A 217 -3.33 -4.64 -19.97
CA ASN A 217 -3.72 -5.13 -18.64
C ASN A 217 -2.64 -5.98 -17.95
N HIS A 218 -1.51 -6.25 -18.60
CA HIS A 218 -0.30 -6.85 -18.00
C HIS A 218 0.41 -5.94 -16.97
N HIS A 219 -0.22 -4.86 -16.51
CA HIS A 219 0.34 -3.87 -15.59
C HIS A 219 0.74 -4.51 -14.25
N LEU A 220 1.95 -4.22 -13.80
CA LEU A 220 2.63 -4.91 -12.70
C LEU A 220 1.92 -4.81 -11.34
N ARG A 221 1.71 -5.97 -10.72
CA ARG A 221 1.18 -6.20 -9.37
C ARG A 221 2.35 -6.58 -8.47
N VAL A 222 2.26 -6.14 -7.22
CA VAL A 222 3.35 -6.18 -6.25
C VAL A 222 2.78 -6.06 -4.85
N SER A 223 3.47 -6.66 -3.90
CA SER A 223 3.16 -6.54 -2.48
C SER A 223 4.27 -7.12 -1.60
N PHE A 224 4.15 -7.01 -0.29
CA PHE A 224 5.01 -7.72 0.65
C PHE A 224 4.70 -9.23 0.66
N SER A 225 5.66 -10.03 1.12
CA SER A 225 5.46 -11.48 1.29
C SER A 225 5.99 -12.04 2.62
N LYS A 226 5.30 -13.08 3.12
CA LYS A 226 5.66 -13.96 4.23
C LYS A 226 6.80 -14.93 3.89
N SER A 227 7.04 -15.18 2.60
CA SER A 227 8.15 -15.99 2.09
C SER A 227 9.49 -15.28 2.23
N THR A 228 10.56 -16.00 1.88
CA THR A 228 11.96 -15.54 1.85
C THR A 228 12.76 -16.28 0.77
N ILE A 229 14.06 -15.96 0.67
CA ILE A 229 14.99 -16.43 -0.36
C ILE A 229 16.30 -16.94 0.26
N GLY A 22 -28.04 -3.32 6.72
CA GLY A 22 -28.03 -2.75 5.34
C GLY A 22 -26.62 -2.65 4.79
N ARG A 23 -26.48 -2.54 3.45
CA ARG A 23 -25.21 -2.61 2.70
C ARG A 23 -24.09 -1.69 3.21
N ILE A 24 -24.45 -0.46 3.60
CA ILE A 24 -23.57 0.57 4.18
C ILE A 24 -23.94 0.95 5.63
N ALA A 25 -24.87 0.21 6.24
CA ALA A 25 -25.40 0.39 7.58
C ALA A 25 -25.34 -0.94 8.36
N ILE A 26 -24.14 -1.30 8.78
CA ILE A 26 -23.77 -2.58 9.40
C ILE A 26 -22.75 -2.36 10.53
N PRO A 27 -23.02 -2.80 11.79
CA PRO A 27 -22.06 -2.77 12.89
C PRO A 27 -20.73 -3.50 12.58
N GLY A 28 -19.69 -2.72 12.23
CA GLY A 28 -18.36 -3.22 11.82
C GLY A 28 -17.33 -3.31 12.96
N LEU A 29 -17.73 -3.04 14.20
CA LEU A 29 -16.90 -3.02 15.41
C LEU A 29 -16.17 -4.36 15.63
N ALA A 30 -14.84 -4.35 15.51
CA ALA A 30 -13.94 -5.52 15.63
C ALA A 30 -12.73 -5.24 16.55
N GLY A 31 -12.93 -4.37 17.53
CA GLY A 31 -11.92 -3.74 18.41
C GLY A 31 -11.92 -2.22 18.23
N ALA A 32 -12.02 -1.79 16.97
CA ALA A 32 -12.31 -0.44 16.51
C ALA A 32 -13.30 -0.49 15.32
N GLY A 33 -13.68 0.66 14.78
CA GLY A 33 -14.49 0.74 13.55
C GLY A 33 -15.15 2.10 13.34
N ASN A 34 -14.44 2.94 12.58
CA ASN A 34 -14.93 4.21 12.03
C ASN A 34 -14.50 4.45 10.55
N SER A 35 -13.82 3.48 9.92
CA SER A 35 -13.18 3.51 8.59
C SER A 35 -12.03 4.51 8.40
N VAL A 36 -12.29 5.79 8.58
CA VAL A 36 -11.32 6.89 8.64
C VAL A 36 -10.09 6.58 9.51
N LEU A 37 -8.89 6.94 9.03
CA LEU A 37 -7.61 6.87 9.78
C LEU A 37 -6.79 8.18 9.74
N LEU A 38 -5.98 8.44 10.77
CA LEU A 38 -5.00 9.52 10.80
C LEU A 38 -3.59 9.00 10.47
N VAL A 39 -2.81 9.83 9.77
CA VAL A 39 -1.44 9.57 9.38
C VAL A 39 -0.56 10.75 9.74
N SER A 40 0.00 10.71 10.94
CA SER A 40 1.06 11.62 11.36
C SER A 40 2.42 11.00 11.01
N ASN A 41 3.45 11.86 11.01
CA ASN A 41 4.81 11.63 10.54
C ASN A 41 4.93 11.72 8.99
N LEU A 42 4.84 12.93 8.44
CA LEU A 42 5.05 13.20 7.02
C LEU A 42 6.24 14.17 6.81
N ASN A 43 7.25 13.76 6.03
CA ASN A 43 8.32 14.66 5.56
C ASN A 43 7.74 15.66 4.54
N PRO A 44 8.28 16.88 4.39
CA PRO A 44 7.72 17.88 3.46
C PRO A 44 7.97 17.60 1.96
N GLU A 45 8.77 16.59 1.59
CA GLU A 45 9.29 16.40 0.23
C GLU A 45 9.18 14.98 -0.37
N ARG A 46 8.62 13.99 0.34
CA ARG A 46 8.76 12.57 0.01
C ARG A 46 7.43 11.86 -0.05
N VAL A 47 6.62 12.06 1.00
CA VAL A 47 5.27 11.51 1.17
C VAL A 47 4.26 12.11 0.18
N THR A 48 3.21 11.36 -0.16
CA THR A 48 2.27 11.68 -1.23
C THR A 48 0.99 10.86 -1.06
N PRO A 49 -0.17 11.31 -1.58
CA PRO A 49 -1.40 10.51 -1.51
C PRO A 49 -1.26 9.14 -2.20
N GLN A 50 -0.33 8.95 -3.16
CA GLN A 50 -0.11 7.64 -3.77
C GLN A 50 0.70 6.67 -2.90
N SER A 51 1.70 7.15 -2.16
CA SER A 51 2.52 6.31 -1.28
C SER A 51 1.68 5.72 -0.14
N LEU A 52 0.82 6.56 0.42
CA LEU A 52 -0.27 6.24 1.35
C LEU A 52 -1.21 5.20 0.75
N PHE A 53 -1.83 5.55 -0.36
CA PHE A 53 -2.77 4.72 -1.12
C PHE A 53 -2.26 3.31 -1.30
N ILE A 54 -0.99 3.18 -1.70
CA ILE A 54 -0.33 1.89 -1.79
C ILE A 54 -0.22 1.20 -0.43
N LEU A 55 0.37 1.81 0.62
CA LEU A 55 0.50 1.02 1.87
C LEU A 55 -0.86 0.68 2.44
N PHE A 56 -1.63 1.73 2.76
CA PHE A 56 -2.99 1.57 3.24
C PHE A 56 -3.81 0.64 2.33
N GLY A 57 -3.56 0.61 1.03
CA GLY A 57 -4.34 -0.18 0.06
C GLY A 57 -3.97 -1.66 0.02
N VAL A 58 -2.79 -2.03 0.52
CA VAL A 58 -2.38 -3.44 0.64
C VAL A 58 -2.66 -3.94 2.05
N TYR A 59 -2.70 -3.03 3.01
CA TYR A 59 -3.15 -3.23 4.38
C TYR A 59 -4.68 -3.19 4.55
N GLY A 60 -5.43 -2.84 3.50
CA GLY A 60 -6.88 -2.98 3.46
C GLY A 60 -7.51 -2.31 2.25
N ASP A 61 -8.82 -2.47 2.06
CA ASP A 61 -9.54 -1.82 0.97
C ASP A 61 -9.67 -0.29 1.18
N VAL A 62 -8.67 0.49 0.76
CA VAL A 62 -8.62 1.95 0.92
C VAL A 62 -9.77 2.62 0.16
N GLN A 63 -10.66 3.34 0.87
CA GLN A 63 -11.72 4.18 0.29
C GLN A 63 -11.09 5.32 -0.52
N ARG A 64 -10.46 6.25 0.21
CA ARG A 64 -9.94 7.56 -0.20
C ARG A 64 -8.73 7.90 0.69
N VAL A 65 -8.01 8.94 0.32
CA VAL A 65 -6.84 9.47 1.04
C VAL A 65 -6.94 11.00 1.04
N LYS A 66 -6.55 11.66 2.13
CA LYS A 66 -6.38 13.12 2.21
C LYS A 66 -4.99 13.44 2.74
N ILE A 67 -4.58 14.64 2.40
CA ILE A 67 -3.27 15.25 2.66
C ILE A 67 -3.49 16.70 3.12
N LEU A 68 -2.74 17.22 4.09
CA LEU A 68 -2.89 18.63 4.51
C LEU A 68 -2.34 19.62 3.46
N PHE A 69 -3.15 19.92 2.45
CA PHE A 69 -2.97 20.76 1.26
C PHE A 69 -1.56 21.38 1.08
N ASN A 70 -1.30 22.52 1.74
CA ASN A 70 -0.05 23.29 1.64
C ASN A 70 1.02 22.91 2.69
N LYS A 71 0.60 22.28 3.81
CA LYS A 71 1.46 21.88 4.94
C LYS A 71 2.25 20.60 4.63
N LYS A 72 1.54 19.52 4.31
CA LYS A 72 2.08 18.17 3.99
C LYS A 72 3.03 17.60 5.06
N GLU A 73 2.73 17.85 6.34
CA GLU A 73 3.40 17.19 7.50
C GLU A 73 2.43 16.35 8.36
N ASN A 74 1.18 16.23 7.92
CA ASN A 74 0.18 15.29 8.39
C ASN A 74 -0.77 14.92 7.24
N ALA A 75 -1.50 13.82 7.41
CA ALA A 75 -2.45 13.30 6.43
C ALA A 75 -3.60 12.56 7.12
N LEU A 76 -4.66 12.30 6.35
CA LEU A 76 -5.93 11.77 6.81
C LEU A 76 -6.47 10.73 5.81
N VAL A 77 -6.16 9.46 6.03
CA VAL A 77 -6.57 8.35 5.15
C VAL A 77 -7.99 7.87 5.48
N GLN A 78 -8.58 7.06 4.61
CA GLN A 78 -9.91 6.49 4.79
C GLN A 78 -9.94 5.04 4.29
N MET A 79 -10.09 4.09 5.21
CA MET A 79 -10.16 2.65 4.92
C MET A 79 -11.61 2.22 4.71
N ALA A 80 -11.88 0.94 4.45
CA ALA A 80 -13.23 0.39 4.41
C ALA A 80 -13.91 0.42 5.79
N ASP A 81 -13.33 -0.22 6.81
CA ASP A 81 -13.79 -0.15 8.22
C ASP A 81 -12.80 -0.84 9.19
N GLY A 82 -13.16 -0.95 10.47
CA GLY A 82 -12.55 -1.72 11.56
C GLY A 82 -11.36 -2.58 11.17
N ASN A 83 -11.55 -3.81 10.69
CA ASN A 83 -10.45 -4.74 10.40
C ASN A 83 -9.41 -4.19 9.42
N GLN A 84 -9.87 -3.44 8.41
CA GLN A 84 -9.06 -2.74 7.42
C GLN A 84 -8.23 -1.62 8.08
N ALA A 85 -8.94 -0.66 8.70
CA ALA A 85 -8.43 0.44 9.52
C ALA A 85 -7.39 -0.03 10.59
N GLN A 86 -7.68 -1.10 11.32
CA GLN A 86 -6.86 -1.70 12.36
C GLN A 86 -5.53 -2.24 11.84
N LEU A 87 -5.54 -2.97 10.73
CA LEU A 87 -4.32 -3.47 10.09
C LEU A 87 -3.40 -2.33 9.72
N ALA A 88 -3.93 -1.39 8.95
CA ALA A 88 -3.09 -0.40 8.35
C ALA A 88 -2.31 0.37 9.44
N MET A 89 -2.96 0.77 10.55
CA MET A 89 -2.19 1.28 11.69
C MET A 89 -1.23 0.24 12.30
N SER A 90 -1.69 -1.00 12.52
CA SER A 90 -0.89 -2.15 13.01
C SER A 90 0.46 -2.28 12.31
N HIS A 91 0.49 -2.19 10.98
CA HIS A 91 1.66 -2.50 10.18
C HIS A 91 2.43 -1.26 9.70
N LEU A 92 1.78 -0.10 9.45
CA LEU A 92 2.47 1.15 9.22
C LEU A 92 3.25 1.61 10.47
N ASN A 93 2.89 1.15 11.67
CA ASN A 93 3.54 1.54 12.93
C ASN A 93 4.97 0.95 13.02
N GLY A 94 5.87 1.62 12.31
CA GLY A 94 7.32 1.43 12.18
C GLY A 94 7.82 0.98 10.80
N HIS A 95 7.01 1.16 9.74
CA HIS A 95 7.40 0.90 8.34
C HIS A 95 8.40 1.90 7.73
N LYS A 96 8.69 3.03 8.39
CA LYS A 96 9.67 4.09 8.00
C LYS A 96 9.88 4.19 6.48
N LEU A 97 8.75 4.42 5.82
CA LEU A 97 8.49 4.34 4.36
C LEU A 97 9.56 5.06 3.54
N HIS A 98 9.73 6.33 3.88
CA HIS A 98 10.69 7.28 3.31
C HIS A 98 11.75 7.67 4.36
N GLY A 99 11.71 7.00 5.52
CA GLY A 99 12.71 6.99 6.56
C GLY A 99 12.66 8.17 7.52
N LYS A 100 11.58 8.18 8.32
CA LYS A 100 11.28 9.06 9.45
C LYS A 100 10.38 8.29 10.46
N PRO A 101 10.28 8.67 11.75
CA PRO A 101 9.57 7.88 12.79
C PRO A 101 8.03 7.95 12.71
N ILE A 102 7.42 7.02 11.98
CA ILE A 102 5.99 6.85 11.68
C ILE A 102 5.05 6.84 12.88
N ARG A 103 3.89 7.51 12.72
CA ARG A 103 2.86 7.65 13.77
C ARG A 103 1.45 7.66 13.17
N ILE A 104 0.97 6.50 12.79
CA ILE A 104 -0.38 6.27 12.25
C ILE A 104 -1.27 5.84 13.43
N THR A 105 -2.49 6.35 13.49
CA THR A 105 -3.42 6.10 14.60
C THR A 105 -4.87 6.23 14.12
N LEU A 106 -5.80 5.88 15.01
CA LEU A 106 -7.23 6.19 14.83
C LEU A 106 -7.44 7.72 14.70
N SER A 107 -8.34 8.13 13.80
CA SER A 107 -8.82 9.53 13.70
C SER A 107 -10.11 9.78 14.48
N LYS A 108 -10.98 8.77 14.60
CA LYS A 108 -12.38 8.82 15.12
C LYS A 108 -13.17 10.07 14.72
N HIS A 109 -13.37 10.24 13.41
CA HIS A 109 -14.06 11.37 12.77
C HIS A 109 -15.04 10.89 11.69
N GLN A 110 -15.91 11.79 11.20
CA GLN A 110 -16.74 11.54 10.01
C GLN A 110 -15.88 11.49 8.74
N ASN A 111 -16.33 10.75 7.72
CA ASN A 111 -15.62 10.66 6.43
C ASN A 111 -15.82 11.88 5.55
N VAL A 112 -15.09 11.87 4.43
CA VAL A 112 -15.20 12.90 3.38
C VAL A 112 -16.24 12.53 2.31
N GLN A 113 -16.82 13.55 1.69
CA GLN A 113 -17.67 13.49 0.50
C GLN A 113 -17.01 14.32 -0.61
N LEU A 114 -16.41 13.62 -1.58
CA LEU A 114 -15.54 14.09 -2.68
C LEU A 114 -15.69 15.58 -3.10
N PRO A 115 -14.77 16.47 -2.69
CA PRO A 115 -14.70 17.86 -3.17
C PRO A 115 -14.18 17.92 -4.63
N ARG A 116 -14.04 19.14 -5.19
CA ARG A 116 -13.81 19.35 -6.64
C ARG A 116 -12.34 19.40 -7.07
N GLU A 117 -12.17 19.27 -8.38
CA GLU A 117 -10.91 19.10 -9.14
C GLU A 117 -10.05 20.37 -9.15
N GLY A 118 -10.70 21.53 -9.00
CA GLY A 118 -10.12 22.87 -9.02
C GLY A 118 -9.95 23.46 -7.63
N GLN A 119 -10.22 22.66 -6.60
CA GLN A 119 -10.35 23.09 -5.22
C GLN A 119 -9.48 22.27 -4.26
N GLU A 120 -9.68 20.96 -4.22
CA GLU A 120 -9.15 20.06 -3.19
C GLU A 120 -8.59 18.75 -3.76
N ASP A 121 -9.26 18.09 -4.71
CA ASP A 121 -8.75 16.84 -5.32
C ASP A 121 -7.43 17.05 -6.13
N GLN A 122 -7.11 18.32 -6.37
CA GLN A 122 -5.87 18.85 -6.94
C GLN A 122 -4.60 18.50 -6.12
N GLY A 123 -4.73 18.17 -4.82
CA GLY A 123 -3.58 17.80 -3.97
C GLY A 123 -3.84 17.49 -2.49
N LEU A 124 -5.10 17.54 -2.03
CA LEU A 124 -5.55 17.26 -0.67
C LEU A 124 -6.13 15.83 -0.69
N THR A 125 -7.45 15.69 -0.77
CA THR A 125 -8.22 14.48 -1.08
C THR A 125 -7.82 13.80 -2.39
N LYS A 126 -8.07 12.47 -2.46
CA LYS A 126 -8.03 11.59 -3.61
C LYS A 126 -9.08 10.49 -3.48
N ASP A 127 -9.87 10.29 -4.53
CA ASP A 127 -10.78 9.15 -4.67
C ASP A 127 -10.08 7.93 -5.32
N TYR A 128 -9.80 6.92 -4.51
CA TYR A 128 -9.26 5.62 -4.92
C TYR A 128 -10.33 4.50 -4.97
N GLY A 129 -11.61 4.84 -4.87
CA GLY A 129 -12.81 3.98 -4.94
C GLY A 129 -12.65 2.68 -5.72
N ASN A 130 -12.45 1.57 -4.99
CA ASN A 130 -12.26 0.19 -5.46
C ASN A 130 -11.19 -0.04 -6.55
N SER A 131 -10.27 0.92 -6.76
CA SER A 131 -9.09 0.95 -7.66
C SER A 131 -8.91 -0.23 -8.67
N PRO A 132 -9.04 0.00 -9.99
CA PRO A 132 -8.83 -1.00 -11.05
C PRO A 132 -7.51 -1.80 -11.01
N LEU A 133 -6.54 -1.43 -10.17
CA LEU A 133 -5.33 -2.22 -9.89
C LEU A 133 -5.66 -3.57 -9.23
N HIS A 134 -6.75 -3.64 -8.44
CA HIS A 134 -7.16 -4.78 -7.62
C HIS A 134 -6.05 -5.23 -6.66
N ARG A 135 -5.81 -4.38 -5.66
CA ARG A 135 -4.79 -4.44 -4.59
C ARG A 135 -4.62 -5.77 -3.85
N PHE A 136 -5.70 -6.55 -3.68
CA PHE A 136 -5.68 -7.87 -3.03
C PHE A 136 -5.73 -9.01 -4.07
N LYS A 137 -6.86 -9.10 -4.80
CA LYS A 137 -7.21 -10.16 -5.76
C LYS A 137 -6.86 -11.58 -5.25
N LYS A 138 -7.37 -11.94 -4.06
CA LYS A 138 -7.08 -13.15 -3.29
C LYS A 138 -7.26 -14.44 -4.14
N PRO A 139 -6.19 -15.19 -4.46
CA PRO A 139 -6.29 -16.43 -5.26
C PRO A 139 -6.90 -17.60 -4.46
N GLY A 140 -6.89 -17.52 -3.14
CA GLY A 140 -7.58 -18.39 -2.18
C GLY A 140 -7.93 -17.62 -0.91
N SER A 141 -8.74 -18.22 -0.03
CA SER A 141 -9.36 -17.56 1.13
C SER A 141 -8.42 -17.13 2.27
N LYS A 142 -7.10 -17.37 2.17
CA LYS A 142 -6.04 -16.93 3.10
C LYS A 142 -5.77 -15.42 3.01
N ASN A 143 -6.81 -14.63 3.22
CA ASN A 143 -6.90 -13.18 2.99
C ASN A 143 -5.75 -12.33 3.52
N PHE A 144 -5.31 -12.51 4.77
CA PHE A 144 -4.31 -11.65 5.41
C PHE A 144 -2.86 -12.15 5.28
N GLN A 145 -2.64 -13.39 4.79
CA GLN A 145 -1.31 -13.86 4.38
C GLN A 145 -0.81 -13.15 3.11
N ASN A 146 -1.71 -12.52 2.36
CA ASN A 146 -1.50 -11.59 1.24
C ASN A 146 -0.79 -10.28 1.61
N ILE A 147 -0.64 -10.04 2.90
CA ILE A 147 -0.27 -8.77 3.54
C ILE A 147 1.05 -8.94 4.29
N PHE A 148 0.99 -9.46 5.52
CA PHE A 148 2.08 -9.52 6.51
C PHE A 148 2.67 -8.13 6.89
N PRO A 149 3.25 -8.01 8.10
CA PRO A 149 3.88 -6.75 8.56
C PRO A 149 5.14 -6.39 7.75
N PRO A 150 5.71 -5.17 7.94
CA PRO A 150 6.76 -4.59 7.09
C PRO A 150 7.90 -5.58 6.76
N SER A 151 8.13 -5.87 5.48
CA SER A 151 9.16 -6.84 5.06
C SER A 151 9.94 -6.42 3.82
N ALA A 152 11.15 -6.95 3.76
CA ALA A 152 12.05 -6.92 2.61
C ALA A 152 11.54 -7.80 1.45
N THR A 153 10.84 -8.91 1.73
CA THR A 153 10.28 -9.78 0.69
C THR A 153 9.02 -9.17 0.08
N LEU A 154 9.04 -8.93 -1.22
CA LEU A 154 7.91 -8.46 -2.01
C LEU A 154 7.47 -9.45 -3.09
N HIS A 155 6.16 -9.70 -3.08
CA HIS A 155 5.37 -10.44 -4.05
C HIS A 155 5.28 -9.60 -5.31
N LEU A 156 5.52 -10.18 -6.46
CA LEU A 156 5.35 -9.60 -7.79
C LEU A 156 4.34 -10.46 -8.55
N SER A 157 3.58 -9.89 -9.48
CA SER A 157 2.57 -10.63 -10.26
C SER A 157 2.17 -9.90 -11.54
N ASN A 158 1.49 -10.63 -12.41
CA ASN A 158 1.00 -10.25 -13.74
C ASN A 158 2.15 -9.95 -14.71
N ILE A 159 2.71 -11.02 -15.30
CA ILE A 159 3.87 -10.99 -16.19
C ILE A 159 3.54 -11.61 -17.57
N PRO A 160 3.63 -10.85 -18.68
CA PRO A 160 3.44 -11.40 -20.02
C PRO A 160 4.65 -12.27 -20.45
N PRO A 161 4.53 -13.05 -21.55
CA PRO A 161 5.62 -13.79 -22.21
C PRO A 161 6.87 -12.99 -22.69
N SER A 162 7.07 -11.77 -22.19
CA SER A 162 8.12 -10.82 -22.56
C SER A 162 8.93 -10.37 -21.34
N VAL A 163 8.45 -10.63 -20.12
CA VAL A 163 9.15 -10.32 -18.88
C VAL A 163 9.84 -11.58 -18.32
N SER A 164 11.06 -11.41 -17.83
CA SER A 164 11.88 -12.46 -17.19
C SER A 164 12.21 -12.09 -15.75
N GLU A 165 12.73 -13.05 -14.96
CA GLU A 165 13.32 -12.82 -13.65
C GLU A 165 14.33 -11.66 -13.65
N GLU A 166 15.13 -11.54 -14.70
CA GLU A 166 16.01 -10.42 -14.96
C GLU A 166 15.21 -9.14 -15.14
N ASP A 167 14.39 -8.96 -16.19
CA ASP A 167 13.73 -7.69 -16.48
C ASP A 167 12.89 -7.18 -15.30
N LEU A 168 12.34 -8.11 -14.53
CA LEU A 168 11.65 -7.88 -13.29
C LEU A 168 12.57 -7.34 -12.18
N LYS A 169 13.54 -8.14 -11.71
CA LYS A 169 14.58 -7.79 -10.73
C LYS A 169 15.33 -6.53 -11.13
N VAL A 170 15.64 -6.35 -12.41
CA VAL A 170 16.20 -5.16 -13.00
C VAL A 170 15.37 -3.94 -12.64
N LEU A 171 14.03 -3.96 -12.77
CA LEU A 171 13.22 -2.84 -12.26
C LEU A 171 13.50 -2.54 -10.78
N PHE A 172 13.43 -3.58 -9.94
CA PHE A 172 13.65 -3.49 -8.50
C PHE A 172 15.12 -3.19 -8.11
N SER A 173 16.04 -3.16 -9.08
CA SER A 173 17.49 -2.93 -8.94
C SER A 173 17.94 -1.68 -9.71
N SER A 174 17.00 -1.02 -10.39
CA SER A 174 17.19 0.21 -11.16
C SER A 174 16.64 1.41 -10.39
N ASN A 175 15.76 1.13 -9.42
CA ASN A 175 15.29 2.04 -8.37
C ASN A 175 16.39 2.45 -7.40
N GLY A 176 17.37 1.58 -7.25
CA GLY A 176 18.55 1.72 -6.42
C GLY A 176 18.99 0.35 -5.91
N GLY A 177 18.01 -0.42 -5.43
CA GLY A 177 18.04 -1.83 -5.05
C GLY A 177 19.02 -2.29 -3.99
N VAL A 178 18.76 -3.54 -3.64
CA VAL A 178 19.61 -4.44 -2.86
C VAL A 178 19.39 -5.91 -3.25
N VAL A 179 18.22 -6.25 -3.84
CA VAL A 179 17.84 -7.50 -4.52
C VAL A 179 18.64 -8.72 -4.08
N LYS A 180 18.34 -9.14 -2.85
CA LYS A 180 19.06 -10.11 -2.03
C LYS A 180 18.93 -11.52 -2.61
N GLY A 181 17.70 -11.89 -2.94
CA GLY A 181 17.35 -13.07 -3.71
C GLY A 181 16.18 -12.81 -4.66
N PHE A 182 15.90 -13.80 -5.51
CA PHE A 182 14.78 -13.82 -6.45
C PHE A 182 14.34 -15.26 -6.77
N LYS A 183 13.03 -15.49 -6.79
CA LYS A 183 12.31 -16.74 -7.08
C LYS A 183 11.03 -16.49 -7.89
N PHE A 184 10.35 -17.56 -8.30
CA PHE A 184 9.00 -17.50 -8.84
C PHE A 184 8.06 -18.29 -7.91
N PHE A 185 6.88 -17.72 -7.73
CA PHE A 185 5.88 -18.10 -6.74
C PHE A 185 5.36 -19.54 -6.79
N GLN A 186 4.79 -19.96 -7.92
CA GLN A 186 4.03 -21.21 -8.04
C GLN A 186 4.23 -21.92 -9.37
N LYS A 187 3.65 -23.12 -9.44
CA LYS A 187 3.47 -23.97 -10.62
C LYS A 187 2.66 -23.25 -11.72
N ASP A 188 1.75 -22.38 -11.32
CA ASP A 188 0.95 -21.49 -12.19
C ASP A 188 1.81 -20.46 -12.94
N ARG A 189 2.94 -20.02 -12.34
CA ARG A 189 3.97 -19.14 -12.92
C ARG A 189 3.42 -17.83 -13.54
N LYS A 190 2.49 -17.15 -12.86
CA LYS A 190 1.99 -15.79 -13.24
C LYS A 190 2.48 -14.73 -12.25
N MET A 191 3.16 -15.22 -11.21
CA MET A 191 3.65 -14.47 -10.06
C MET A 191 5.09 -14.83 -9.76
N ALA A 192 5.77 -13.89 -9.13
CA ALA A 192 7.18 -13.88 -8.89
C ALA A 192 7.45 -13.32 -7.50
N LEU A 193 8.70 -13.42 -7.06
CA LEU A 193 9.02 -13.16 -5.68
C LEU A 193 10.46 -12.68 -5.55
N ILE A 194 10.63 -11.52 -4.92
CA ILE A 194 11.92 -10.85 -4.75
C ILE A 194 12.13 -10.55 -3.28
N GLN A 195 13.34 -10.79 -2.78
CA GLN A 195 13.72 -10.34 -1.44
C GLN A 195 14.62 -9.13 -1.60
N MET A 196 14.13 -7.97 -1.20
CA MET A 196 14.94 -6.78 -1.05
C MET A 196 15.93 -6.94 0.13
N GLY A 197 16.80 -5.95 0.35
CA GLY A 197 17.75 -5.94 1.47
C GLY A 197 17.13 -5.46 2.79
N SER A 198 16.18 -4.53 2.71
CA SER A 198 15.32 -4.09 3.81
C SER A 198 13.98 -3.58 3.30
N VAL A 199 13.01 -3.30 4.17
CA VAL A 199 11.72 -2.78 3.68
C VAL A 199 11.86 -1.47 2.96
N GLU A 200 12.73 -0.58 3.43
CA GLU A 200 12.82 0.82 2.96
C GLU A 200 12.91 0.85 1.43
N GLU A 201 13.80 0.01 0.90
CA GLU A 201 13.94 -0.20 -0.54
C GLU A 201 12.81 -1.06 -1.12
N ALA A 202 12.36 -2.12 -0.43
CA ALA A 202 11.22 -2.96 -0.84
C ALA A 202 9.98 -2.10 -1.14
N VAL A 203 9.44 -1.43 -0.12
CA VAL A 203 8.26 -0.57 -0.20
C VAL A 203 8.42 0.51 -1.25
N GLN A 204 9.54 1.24 -1.28
CA GLN A 204 9.78 2.21 -2.34
C GLN A 204 9.70 1.61 -3.77
N ALA A 205 10.28 0.44 -4.00
CA ALA A 205 10.25 -0.32 -5.25
C ALA A 205 8.84 -0.84 -5.57
N LEU A 206 8.03 -1.16 -4.57
CA LEU A 206 6.60 -1.42 -4.69
C LEU A 206 5.88 -0.14 -5.15
N ILE A 207 6.07 0.98 -4.45
CA ILE A 207 5.38 2.23 -4.77
C ILE A 207 5.81 2.73 -6.17
N ASP A 208 6.98 2.29 -6.63
CA ASP A 208 7.47 2.45 -7.98
C ASP A 208 6.76 1.56 -9.00
N LEU A 209 6.81 0.23 -8.81
CA LEU A 209 6.42 -0.76 -9.81
C LEU A 209 4.97 -1.23 -9.76
N HIS A 210 4.22 -0.96 -8.69
CA HIS A 210 2.77 -1.20 -8.74
C HIS A 210 2.15 -0.29 -9.80
N ASN A 211 1.57 -0.94 -10.82
CA ASN A 211 1.00 -0.31 -12.00
C ASN A 211 2.02 0.54 -12.78
N HIS A 212 3.19 -0.04 -13.04
CA HIS A 212 4.25 0.48 -13.93
C HIS A 212 3.84 0.71 -15.40
N ASP A 213 2.58 0.40 -15.78
CA ASP A 213 1.98 0.58 -17.10
C ASP A 213 2.76 -0.15 -18.21
N LEU A 214 2.76 -1.49 -18.15
CA LEU A 214 3.26 -2.38 -19.20
C LEU A 214 2.39 -2.26 -20.46
N GLY A 215 1.07 -2.21 -20.28
CA GLY A 215 0.11 -1.99 -21.34
C GLY A 215 -0.95 -3.05 -21.48
N GLU A 216 -1.82 -2.86 -22.49
CA GLU A 216 -2.94 -3.69 -22.91
C GLU A 216 -3.90 -4.14 -21.83
N ASN A 217 -3.81 -3.54 -20.63
CA ASN A 217 -4.45 -3.82 -19.36
C ASN A 217 -3.75 -4.90 -18.49
N HIS A 218 -2.64 -5.46 -18.98
CA HIS A 218 -1.78 -6.37 -18.20
C HIS A 218 -1.21 -5.66 -16.97
N HIS A 219 -0.24 -4.77 -17.17
CA HIS A 219 0.38 -3.96 -16.12
C HIS A 219 1.01 -4.82 -15.00
N LEU A 220 1.54 -4.19 -13.94
CA LEU A 220 2.30 -4.85 -12.88
C LEU A 220 1.62 -4.77 -11.50
N ARG A 221 1.55 -5.90 -10.80
CA ARG A 221 0.97 -6.13 -9.49
C ARG A 221 2.10 -6.52 -8.54
N VAL A 222 1.93 -6.16 -7.27
CA VAL A 222 2.99 -6.20 -6.24
C VAL A 222 2.35 -6.10 -4.85
N SER A 223 3.02 -6.66 -3.84
CA SER A 223 2.71 -6.45 -2.43
C SER A 223 3.88 -6.92 -1.54
N PHE A 224 3.74 -6.83 -0.22
CA PHE A 224 4.62 -7.52 0.72
C PHE A 224 4.26 -9.02 0.74
N SER A 225 5.18 -9.86 1.20
CA SER A 225 4.95 -11.32 1.23
C SER A 225 5.46 -11.99 2.52
N LYS A 226 4.68 -12.97 3.03
CA LYS A 226 5.03 -13.85 4.16
C LYS A 226 6.23 -14.77 3.89
N SER A 227 6.50 -15.07 2.61
CA SER A 227 7.55 -15.97 2.13
C SER A 227 8.95 -15.36 2.22
N THR A 228 9.95 -16.16 1.87
CA THR A 228 11.39 -15.82 1.80
C THR A 228 12.10 -16.60 0.68
N ILE A 229 13.44 -16.44 0.60
CA ILE A 229 14.30 -16.94 -0.48
C ILE A 229 15.45 -17.79 0.06
N GLY A 22 -28.73 3.57 13.23
CA GLY A 22 -29.97 2.78 13.41
C GLY A 22 -30.65 3.08 14.74
N ARG A 23 -31.72 2.35 15.07
CA ARG A 23 -32.53 2.52 16.30
C ARG A 23 -31.73 2.28 17.60
N ILE A 24 -30.73 1.39 17.55
CA ILE A 24 -29.77 1.11 18.62
C ILE A 24 -28.32 1.15 18.10
N ALA A 25 -27.35 1.25 19.02
CA ALA A 25 -25.92 1.26 18.70
C ALA A 25 -25.37 -0.13 18.35
N ILE A 26 -24.21 -0.16 17.67
CA ILE A 26 -23.40 -1.35 17.37
C ILE A 26 -21.92 -1.00 17.66
N PRO A 27 -21.35 -1.43 18.80
CA PRO A 27 -20.01 -1.01 19.24
C PRO A 27 -18.88 -1.66 18.42
N GLY A 28 -17.67 -1.09 18.52
CA GLY A 28 -16.43 -1.61 17.92
C GLY A 28 -15.73 -2.66 18.78
N LEU A 29 -14.65 -3.25 18.25
CA LEU A 29 -13.88 -4.34 18.87
C LEU A 29 -13.28 -3.94 20.25
N ALA A 30 -12.73 -2.72 20.34
CA ALA A 30 -12.06 -2.17 21.52
C ALA A 30 -12.51 -0.73 21.84
N GLY A 31 -13.70 -0.33 21.35
CA GLY A 31 -14.20 1.06 21.37
C GLY A 31 -13.77 1.89 20.15
N ALA A 32 -12.93 1.32 19.27
CA ALA A 32 -12.50 1.87 17.99
C ALA A 32 -12.47 0.77 16.89
N GLY A 33 -12.11 1.16 15.66
CA GLY A 33 -12.25 0.35 14.44
C GLY A 33 -13.29 1.04 13.56
N ASN A 34 -12.82 1.97 12.71
CA ASN A 34 -13.66 2.99 12.08
C ASN A 34 -13.11 3.50 10.72
N SER A 35 -12.76 2.62 9.77
CA SER A 35 -12.29 2.96 8.41
C SER A 35 -11.19 4.04 8.29
N VAL A 36 -11.56 5.32 8.27
CA VAL A 36 -10.72 6.52 8.37
C VAL A 36 -9.47 6.36 9.27
N LEU A 37 -8.28 6.57 8.70
CA LEU A 37 -6.98 6.55 9.40
C LEU A 37 -6.18 7.84 9.24
N LEU A 38 -5.72 8.43 10.34
CA LEU A 38 -4.75 9.51 10.33
C LEU A 38 -3.36 8.97 9.95
N VAL A 39 -2.57 9.82 9.29
CA VAL A 39 -1.16 9.58 8.97
C VAL A 39 -0.34 10.77 9.44
N SER A 40 0.21 10.66 10.64
CA SER A 40 1.19 11.61 11.15
C SER A 40 2.62 11.15 10.80
N ASN A 41 3.58 12.01 11.10
CA ASN A 41 5.03 11.79 10.96
C ASN A 41 5.50 11.85 9.48
N LEU A 42 5.22 12.96 8.79
CA LEU A 42 5.65 13.24 7.42
C LEU A 42 6.92 14.11 7.36
N ASN A 43 7.63 13.98 6.24
CA ASN A 43 8.67 14.89 5.75
C ASN A 43 7.96 15.69 4.63
N PRO A 44 7.90 17.03 4.67
CA PRO A 44 7.06 17.83 3.77
C PRO A 44 7.46 17.82 2.29
N GLU A 45 8.51 17.08 1.91
CA GLU A 45 9.09 16.98 0.57
C GLU A 45 9.10 15.54 0.01
N ARG A 46 8.59 14.54 0.76
CA ARG A 46 8.82 13.12 0.48
C ARG A 46 7.52 12.32 0.48
N VAL A 47 6.59 12.62 1.40
CA VAL A 47 5.35 11.85 1.54
C VAL A 47 4.33 12.23 0.48
N THR A 48 3.50 11.27 0.06
CA THR A 48 2.62 11.49 -1.10
C THR A 48 1.28 10.73 -1.00
N PRO A 49 0.25 11.16 -1.75
CA PRO A 49 -0.99 10.39 -1.90
C PRO A 49 -0.77 8.96 -2.41
N GLN A 50 0.28 8.72 -3.20
CA GLN A 50 0.55 7.43 -3.84
C GLN A 50 1.38 6.47 -2.97
N SER A 51 2.37 6.96 -2.23
CA SER A 51 3.13 6.17 -1.26
C SER A 51 2.22 5.58 -0.17
N LEU A 52 1.30 6.39 0.35
CA LEU A 52 0.20 6.00 1.22
C LEU A 52 -0.72 4.97 0.58
N PHE A 53 -1.29 5.34 -0.55
CA PHE A 53 -2.24 4.54 -1.32
C PHE A 53 -1.75 3.12 -1.51
N ILE A 54 -0.47 2.98 -1.82
CA ILE A 54 0.22 1.72 -1.86
C ILE A 54 0.25 1.01 -0.50
N LEU A 55 0.81 1.59 0.57
CA LEU A 55 0.93 0.81 1.83
C LEU A 55 -0.45 0.45 2.35
N PHE A 56 -1.25 1.49 2.59
CA PHE A 56 -2.63 1.30 3.00
C PHE A 56 -3.40 0.39 2.04
N GLY A 57 -3.07 0.34 0.75
CA GLY A 57 -3.80 -0.43 -0.27
C GLY A 57 -3.36 -1.88 -0.39
N VAL A 58 -2.29 -2.26 0.31
CA VAL A 58 -1.85 -3.66 0.45
C VAL A 58 -2.16 -4.20 1.84
N TYR A 59 -2.16 -3.32 2.83
CA TYR A 59 -2.60 -3.56 4.20
C TYR A 59 -4.13 -3.52 4.39
N GLY A 60 -4.88 -3.10 3.37
CA GLY A 60 -6.33 -3.20 3.30
C GLY A 60 -6.88 -2.66 1.98
N ASP A 61 -8.19 -2.74 1.77
CA ASP A 61 -8.84 -2.09 0.63
C ASP A 61 -9.00 -0.58 0.88
N VAL A 62 -8.02 0.23 0.47
CA VAL A 62 -8.02 1.70 0.68
C VAL A 62 -9.17 2.36 -0.11
N GLN A 63 -10.08 3.04 0.59
CA GLN A 63 -11.16 3.84 -0.02
C GLN A 63 -10.56 5.03 -0.80
N ARG A 64 -9.97 5.96 -0.02
CA ARG A 64 -9.51 7.29 -0.40
C ARG A 64 -8.28 7.68 0.42
N VAL A 65 -7.60 8.73 0.01
CA VAL A 65 -6.42 9.30 0.67
C VAL A 65 -6.50 10.82 0.61
N LYS A 66 -6.12 11.52 1.69
CA LYS A 66 -5.91 12.98 1.75
C LYS A 66 -4.53 13.27 2.31
N ILE A 67 -4.05 14.43 1.93
CA ILE A 67 -2.70 14.95 2.14
C ILE A 67 -2.81 16.44 2.46
N LEU A 68 -2.51 16.88 3.71
CA LEU A 68 -2.84 18.25 4.14
C LEU A 68 -2.18 19.34 3.27
N PHE A 69 -3.02 20.02 2.49
CA PHE A 69 -2.65 20.97 1.43
C PHE A 69 -1.70 22.08 1.90
N ASN A 70 -2.04 22.76 3.00
CA ASN A 70 -1.24 23.85 3.57
C ASN A 70 -0.20 23.35 4.61
N LYS A 71 -0.61 22.49 5.56
CA LYS A 71 0.24 22.00 6.65
C LYS A 71 1.42 21.13 6.18
N LYS A 72 1.18 20.17 5.28
CA LYS A 72 2.16 19.26 4.65
C LYS A 72 3.00 18.38 5.61
N GLU A 73 2.61 18.24 6.88
CA GLU A 73 3.29 17.42 7.90
C GLU A 73 2.37 16.36 8.53
N ASN A 74 1.11 16.33 8.11
CA ASN A 74 0.13 15.29 8.40
C ASN A 74 -0.66 14.97 7.12
N ALA A 75 -1.34 13.83 7.14
CA ALA A 75 -2.20 13.31 6.10
C ALA A 75 -3.36 12.52 6.74
N LEU A 76 -4.38 12.22 5.95
CA LEU A 76 -5.62 11.59 6.39
C LEU A 76 -6.07 10.56 5.35
N VAL A 77 -5.72 9.30 5.55
CA VAL A 77 -6.10 8.17 4.70
C VAL A 77 -7.48 7.61 5.11
N GLN A 78 -8.11 6.82 4.26
CA GLN A 78 -9.40 6.23 4.51
C GLN A 78 -9.42 4.77 4.03
N MET A 79 -9.54 3.83 4.98
CA MET A 79 -9.64 2.39 4.68
C MET A 79 -11.09 1.97 4.47
N ALA A 80 -11.34 0.69 4.16
CA ALA A 80 -12.68 0.12 4.13
C ALA A 80 -13.36 0.13 5.51
N ASP A 81 -12.72 -0.44 6.54
CA ASP A 81 -13.32 -0.60 7.89
C ASP A 81 -12.26 -0.80 8.98
N GLY A 82 -12.70 -0.95 10.23
CA GLY A 82 -11.91 -1.35 11.39
C GLY A 82 -10.84 -2.41 11.12
N ASN A 83 -11.19 -3.60 10.63
CA ASN A 83 -10.23 -4.68 10.38
C ASN A 83 -9.09 -4.30 9.40
N GLN A 84 -9.45 -3.60 8.33
CA GLN A 84 -8.53 -3.03 7.32
C GLN A 84 -7.61 -1.97 7.95
N ALA A 85 -8.25 -0.98 8.57
CA ALA A 85 -7.65 0.12 9.30
C ALA A 85 -6.67 -0.32 10.40
N GLN A 86 -7.06 -1.31 11.21
CA GLN A 86 -6.25 -1.91 12.27
C GLN A 86 -4.96 -2.47 11.73
N LEU A 87 -5.01 -3.30 10.68
CA LEU A 87 -3.82 -3.83 10.04
C LEU A 87 -2.85 -2.75 9.64
N ALA A 88 -3.33 -1.79 8.86
CA ALA A 88 -2.46 -0.83 8.23
C ALA A 88 -1.64 -0.10 9.31
N MET A 89 -2.31 0.44 10.33
CA MET A 89 -1.64 0.93 11.53
C MET A 89 -0.71 -0.13 12.12
N SER A 90 -1.20 -1.33 12.44
CA SER A 90 -0.48 -2.47 13.04
C SER A 90 0.87 -2.79 12.39
N HIS A 91 0.92 -2.87 11.06
CA HIS A 91 2.09 -3.38 10.36
C HIS A 91 3.04 -2.21 10.10
N LEU A 92 2.51 -1.17 9.46
CA LEU A 92 3.29 -0.09 8.92
C LEU A 92 3.68 1.01 9.93
N ASN A 93 3.27 0.87 11.17
CA ASN A 93 3.77 1.70 12.29
C ASN A 93 5.31 1.64 12.41
N GLY A 94 5.97 2.64 11.82
CA GLY A 94 7.43 2.76 11.66
C GLY A 94 8.00 2.08 10.41
N HIS A 95 7.23 1.98 9.32
CA HIS A 95 7.68 1.45 8.03
C HIS A 95 8.70 2.34 7.28
N LYS A 96 9.14 3.48 7.86
CA LYS A 96 10.14 4.44 7.33
C LYS A 96 10.20 4.43 5.79
N LEU A 97 9.07 4.90 5.27
CA LEU A 97 8.54 4.89 3.91
C LEU A 97 9.55 5.44 2.89
N HIS A 98 10.20 6.52 3.36
CA HIS A 98 11.27 7.28 2.73
C HIS A 98 12.41 7.57 3.73
N GLY A 99 12.19 7.33 5.04
CA GLY A 99 13.21 7.51 6.06
C GLY A 99 12.73 7.69 7.51
N LYS A 100 11.72 8.55 7.68
CA LYS A 100 11.23 8.99 9.00
C LYS A 100 10.35 7.92 9.68
N PRO A 101 10.43 7.69 11.00
CA PRO A 101 9.74 6.59 11.70
C PRO A 101 8.22 6.87 11.84
N ILE A 102 7.46 6.55 10.80
CA ILE A 102 6.05 6.93 10.59
C ILE A 102 5.07 6.53 11.69
N ARG A 103 3.95 7.26 11.83
CA ARG A 103 3.01 7.12 12.93
C ARG A 103 1.56 7.37 12.52
N ILE A 104 0.88 6.28 12.30
CA ILE A 104 -0.47 6.12 11.74
C ILE A 104 -1.40 5.67 12.88
N THR A 105 -2.63 6.23 12.96
CA THR A 105 -3.61 5.91 14.02
C THR A 105 -5.05 6.03 13.52
N LEU A 106 -6.01 5.47 14.25
CA LEU A 106 -7.46 5.68 14.02
C LEU A 106 -7.89 7.11 14.39
N SER A 107 -8.50 7.83 13.45
CA SER A 107 -8.97 9.22 13.66
C SER A 107 -10.40 9.33 14.22
N LYS A 108 -11.22 8.29 14.04
CA LYS A 108 -12.68 8.20 14.27
C LYS A 108 -13.53 9.36 13.70
N HIS A 109 -12.97 10.13 12.77
CA HIS A 109 -13.66 11.15 11.97
C HIS A 109 -14.72 10.54 11.04
N GLN A 110 -15.62 11.37 10.49
CA GLN A 110 -16.58 10.94 9.45
C GLN A 110 -15.86 10.65 8.11
N ASN A 111 -16.53 9.90 7.22
CA ASN A 111 -16.03 9.64 5.86
C ASN A 111 -16.01 10.93 5.02
N VAL A 112 -15.06 11.02 4.10
CA VAL A 112 -15.02 12.05 3.07
C VAL A 112 -15.83 11.63 1.84
N GLN A 113 -16.17 12.62 1.01
CA GLN A 113 -16.73 12.51 -0.32
C GLN A 113 -16.05 13.52 -1.24
N LEU A 114 -15.72 13.08 -2.45
CA LEU A 114 -15.26 13.90 -3.56
C LEU A 114 -16.30 15.03 -3.79
N PRO A 115 -15.94 16.33 -3.61
CA PRO A 115 -16.91 17.43 -3.48
C PRO A 115 -17.62 17.92 -4.76
N ARG A 116 -17.22 19.07 -5.33
CA ARG A 116 -17.93 19.83 -6.38
C ARG A 116 -16.97 20.44 -7.41
N GLU A 117 -17.53 21.02 -8.47
CA GLU A 117 -16.83 21.49 -9.68
C GLU A 117 -15.79 22.59 -9.42
N GLY A 118 -15.95 23.29 -8.29
CA GLY A 118 -15.11 24.37 -7.80
C GLY A 118 -14.16 23.96 -6.67
N GLN A 119 -14.26 22.70 -6.23
CA GLN A 119 -13.65 22.17 -5.01
C GLN A 119 -12.80 20.91 -5.22
N GLU A 120 -13.11 20.10 -6.24
CA GLU A 120 -12.49 18.80 -6.52
C GLU A 120 -11.04 18.86 -7.01
N ASP A 121 -10.59 20.02 -7.47
CA ASP A 121 -9.21 20.36 -7.86
C ASP A 121 -8.18 20.32 -6.72
N GLN A 122 -8.63 20.06 -5.49
CA GLN A 122 -7.80 19.74 -4.33
C GLN A 122 -7.22 18.32 -4.50
N GLY A 123 -5.96 18.27 -4.96
CA GLY A 123 -5.09 17.09 -5.12
C GLY A 123 -4.61 16.49 -3.79
N LEU A 124 -5.01 17.17 -2.71
CA LEU A 124 -5.01 16.85 -1.30
C LEU A 124 -5.58 15.41 -1.22
N THR A 125 -6.87 15.31 -1.45
CA THR A 125 -7.73 14.15 -1.71
C THR A 125 -7.39 13.37 -3.00
N LYS A 126 -7.64 12.05 -2.96
CA LYS A 126 -7.64 11.04 -4.03
C LYS A 126 -8.77 10.03 -3.84
N ASP A 127 -9.19 9.41 -4.94
CA ASP A 127 -10.22 8.36 -4.99
C ASP A 127 -9.68 7.09 -5.66
N TYR A 128 -9.43 6.08 -4.83
CA TYR A 128 -8.92 4.75 -5.19
C TYR A 128 -9.96 3.61 -5.02
N GLY A 129 -11.23 3.95 -4.83
CA GLY A 129 -12.34 3.06 -4.43
C GLY A 129 -12.43 1.67 -5.07
N ASN A 130 -12.10 1.55 -6.36
CA ASN A 130 -12.24 0.35 -7.18
C ASN A 130 -11.02 0.06 -8.08
N SER A 131 -9.83 0.56 -7.72
CA SER A 131 -8.60 0.37 -8.49
C SER A 131 -8.21 -1.12 -8.67
N PRO A 132 -7.90 -1.58 -9.91
CA PRO A 132 -7.58 -2.99 -10.22
C PRO A 132 -6.18 -3.45 -9.77
N LEU A 133 -5.49 -2.63 -8.97
CA LEU A 133 -4.18 -2.90 -8.37
C LEU A 133 -4.26 -3.56 -6.98
N HIS A 134 -5.34 -3.34 -6.23
CA HIS A 134 -5.44 -3.73 -4.80
C HIS A 134 -5.35 -5.25 -4.52
N ARG A 135 -5.78 -6.09 -5.49
CA ARG A 135 -5.92 -7.56 -5.38
C ARG A 135 -6.80 -8.08 -4.21
N PHE A 136 -7.52 -7.21 -3.49
CA PHE A 136 -8.56 -7.58 -2.52
C PHE A 136 -9.87 -7.96 -3.23
N LYS A 137 -11.00 -7.30 -2.88
CA LYS A 137 -12.38 -7.63 -3.25
C LYS A 137 -12.76 -9.13 -3.06
N LYS A 138 -12.06 -9.84 -2.14
CA LYS A 138 -12.10 -11.29 -1.91
C LYS A 138 -13.51 -11.83 -1.57
N PRO A 139 -13.81 -13.11 -1.89
CA PRO A 139 -15.05 -13.78 -1.48
C PRO A 139 -15.30 -13.81 0.04
N GLY A 140 -14.25 -14.06 0.85
CA GLY A 140 -14.35 -14.29 2.29
C GLY A 140 -13.52 -13.36 3.19
N SER A 141 -12.76 -12.43 2.62
CA SER A 141 -11.93 -11.37 3.26
C SER A 141 -10.81 -11.81 4.21
N LYS A 142 -10.86 -12.99 4.83
CA LYS A 142 -9.88 -13.54 5.80
C LYS A 142 -8.51 -13.91 5.21
N ASN A 143 -8.32 -13.75 3.89
CA ASN A 143 -7.18 -14.13 3.06
C ASN A 143 -5.87 -13.34 3.32
N PHE A 144 -5.62 -12.87 4.55
CA PHE A 144 -4.55 -11.94 4.94
C PHE A 144 -3.10 -12.45 4.77
N GLN A 145 -2.89 -13.69 4.32
CA GLN A 145 -1.59 -14.20 3.88
C GLN A 145 -1.03 -13.40 2.67
N ASN A 146 -1.90 -12.65 1.96
CA ASN A 146 -1.61 -11.68 0.91
C ASN A 146 -0.77 -10.45 1.35
N ILE A 147 -0.58 -10.31 2.65
CA ILE A 147 -0.09 -9.10 3.32
C ILE A 147 1.25 -9.36 4.01
N PHE A 148 1.21 -9.96 5.21
CA PHE A 148 2.32 -10.10 6.17
C PHE A 148 2.93 -8.76 6.64
N PRO A 149 3.52 -8.71 7.85
CA PRO A 149 4.15 -7.50 8.40
C PRO A 149 5.41 -7.07 7.60
N PRO A 150 5.95 -5.86 7.85
CA PRO A 150 7.01 -5.24 7.05
C PRO A 150 8.16 -6.20 6.74
N SER A 151 8.43 -6.45 5.45
CA SER A 151 9.45 -7.42 5.03
C SER A 151 10.24 -6.97 3.82
N ALA A 152 11.43 -7.55 3.75
CA ALA A 152 12.34 -7.48 2.61
C ALA A 152 11.83 -8.32 1.42
N THR A 153 11.11 -9.43 1.62
CA THR A 153 10.49 -10.21 0.53
C THR A 153 9.29 -9.47 -0.07
N LEU A 154 9.34 -9.23 -1.38
CA LEU A 154 8.26 -8.68 -2.18
C LEU A 154 7.82 -9.61 -3.31
N HIS A 155 6.52 -9.87 -3.30
CA HIS A 155 5.72 -10.55 -4.31
C HIS A 155 5.64 -9.66 -5.52
N LEU A 156 5.85 -10.21 -6.71
CA LEU A 156 5.70 -9.56 -8.02
C LEU A 156 4.64 -10.35 -8.81
N SER A 157 3.90 -9.72 -9.70
CA SER A 157 2.82 -10.38 -10.48
C SER A 157 2.45 -9.58 -11.74
N ASN A 158 1.64 -10.20 -12.60
CA ASN A 158 1.08 -9.65 -13.82
C ASN A 158 2.18 -9.35 -14.86
N ILE A 159 2.98 -10.38 -15.16
CA ILE A 159 4.19 -10.35 -15.98
C ILE A 159 3.94 -10.91 -17.40
N PRO A 160 3.92 -10.07 -18.46
CA PRO A 160 3.77 -10.54 -19.84
C PRO A 160 5.04 -11.27 -20.33
N PRO A 161 4.98 -12.00 -21.47
CA PRO A 161 6.11 -12.73 -22.08
C PRO A 161 7.13 -11.79 -22.77
N SER A 162 7.49 -10.71 -22.08
CA SER A 162 8.48 -9.68 -22.40
C SER A 162 9.37 -9.38 -21.20
N VAL A 163 8.88 -9.66 -19.97
CA VAL A 163 9.68 -9.60 -18.74
C VAL A 163 10.27 -10.98 -18.44
N SER A 164 11.51 -11.00 -17.93
CA SER A 164 12.15 -12.21 -17.37
C SER A 164 12.75 -11.88 -16.00
N GLU A 165 13.30 -12.88 -15.30
CA GLU A 165 13.90 -12.75 -13.97
C GLU A 165 14.87 -11.57 -13.86
N GLU A 166 15.69 -11.37 -14.89
CA GLU A 166 16.59 -10.25 -15.03
C GLU A 166 15.82 -8.95 -15.15
N ASP A 167 15.04 -8.70 -16.22
CA ASP A 167 14.37 -7.41 -16.42
C ASP A 167 13.51 -6.98 -15.24
N LEU A 168 12.95 -7.97 -14.53
CA LEU A 168 12.25 -7.81 -13.28
C LEU A 168 13.16 -7.32 -12.14
N LYS A 169 14.11 -8.15 -11.70
CA LYS A 169 15.14 -7.88 -10.69
C LYS A 169 15.91 -6.60 -10.99
N VAL A 170 16.22 -6.33 -12.26
CA VAL A 170 16.80 -5.12 -12.78
C VAL A 170 15.97 -3.91 -12.38
N LEU A 171 14.63 -3.90 -12.52
CA LEU A 171 13.82 -2.81 -11.97
C LEU A 171 14.09 -2.60 -10.48
N PHE A 172 14.04 -3.68 -9.70
CA PHE A 172 14.27 -3.66 -8.25
C PHE A 172 15.74 -3.38 -7.86
N SER A 173 16.67 -3.32 -8.83
CA SER A 173 18.11 -3.12 -8.66
C SER A 173 18.60 -1.85 -9.37
N SER A 174 17.67 -1.11 -9.99
CA SER A 174 17.90 0.17 -10.66
C SER A 174 17.32 1.33 -9.84
N ASN A 175 16.40 1.00 -8.93
CA ASN A 175 15.91 1.85 -7.84
C ASN A 175 16.99 2.19 -6.79
N GLY A 176 17.98 1.32 -6.70
CA GLY A 176 19.14 1.40 -5.84
C GLY A 176 19.56 -0.01 -5.41
N GLY A 177 18.55 -0.78 -4.97
CA GLY A 177 18.55 -2.21 -4.70
C GLY A 177 19.50 -2.75 -3.65
N VAL A 178 19.20 -4.02 -3.36
CA VAL A 178 20.00 -4.98 -2.62
C VAL A 178 19.73 -6.42 -3.08
N VAL A 179 18.56 -6.70 -3.68
CA VAL A 179 18.14 -7.90 -4.43
C VAL A 179 18.90 -9.18 -4.04
N LYS A 180 18.59 -9.63 -2.82
CA LYS A 180 19.27 -10.65 -2.04
C LYS A 180 19.09 -12.04 -2.66
N GLY A 181 17.85 -12.35 -3.02
CA GLY A 181 17.48 -13.51 -3.82
C GLY A 181 16.37 -13.19 -4.81
N PHE A 182 16.07 -14.15 -5.69
CA PHE A 182 15.01 -14.10 -6.69
C PHE A 182 14.49 -15.52 -7.03
N LYS A 183 13.17 -15.64 -7.18
CA LYS A 183 12.38 -16.85 -7.48
C LYS A 183 11.16 -16.54 -8.36
N PHE A 184 10.44 -17.59 -8.78
CA PHE A 184 9.10 -17.48 -9.38
C PHE A 184 8.11 -18.25 -8.50
N PHE A 185 6.93 -17.67 -8.38
CA PHE A 185 5.87 -18.07 -7.45
C PHE A 185 5.20 -19.44 -7.67
N GLN A 186 4.74 -20.01 -6.56
CA GLN A 186 3.89 -21.19 -6.36
C GLN A 186 3.94 -22.29 -7.45
N LYS A 187 3.06 -22.20 -8.46
CA LYS A 187 2.78 -23.24 -9.47
C LYS A 187 2.30 -22.69 -10.81
N ASP A 188 1.40 -21.70 -10.78
CA ASP A 188 0.78 -21.12 -11.99
C ASP A 188 1.74 -20.21 -12.79
N ARG A 189 2.87 -19.81 -12.19
CA ARG A 189 4.01 -19.12 -12.84
C ARG A 189 3.68 -17.78 -13.54
N LYS A 190 2.58 -17.09 -13.17
CA LYS A 190 2.18 -15.76 -13.70
C LYS A 190 2.59 -14.63 -12.77
N MET A 191 3.31 -15.03 -11.72
CA MET A 191 3.81 -14.25 -10.59
C MET A 191 5.25 -14.64 -10.31
N ALA A 192 5.94 -13.75 -9.62
CA ALA A 192 7.36 -13.82 -9.36
C ALA A 192 7.64 -13.31 -7.96
N LEU A 193 8.89 -13.46 -7.53
CA LEU A 193 9.22 -13.26 -6.14
C LEU A 193 10.67 -12.82 -5.97
N ILE A 194 10.87 -11.73 -5.24
CA ILE A 194 12.18 -11.13 -4.98
C ILE A 194 12.34 -10.90 -3.48
N GLN A 195 13.55 -11.08 -2.97
CA GLN A 195 13.89 -10.67 -1.62
C GLN A 195 14.85 -9.51 -1.70
N MET A 196 14.41 -8.35 -1.24
CA MET A 196 15.27 -7.20 -1.02
C MET A 196 16.23 -7.46 0.17
N GLY A 197 17.12 -6.52 0.46
CA GLY A 197 18.03 -6.60 1.61
C GLY A 197 17.40 -6.10 2.92
N SER A 198 16.45 -5.17 2.82
CA SER A 198 15.62 -4.65 3.92
C SER A 198 14.25 -4.20 3.42
N VAL A 199 13.30 -3.89 4.34
CA VAL A 199 12.04 -3.30 3.88
C VAL A 199 12.25 -1.96 3.22
N GLU A 200 13.19 -1.14 3.74
CA GLU A 200 13.40 0.25 3.34
C GLU A 200 13.48 0.34 1.82
N GLU A 201 14.31 -0.53 1.25
CA GLU A 201 14.45 -0.66 -0.19
C GLU A 201 13.29 -1.47 -0.82
N ALA A 202 12.78 -2.52 -0.16
CA ALA A 202 11.64 -3.31 -0.64
C ALA A 202 10.43 -2.40 -0.92
N VAL A 203 9.91 -1.75 0.13
CA VAL A 203 8.79 -0.82 0.07
C VAL A 203 9.02 0.30 -0.93
N GLN A 204 10.18 0.93 -0.92
CA GLN A 204 10.50 1.95 -1.93
C GLN A 204 10.39 1.44 -3.39
N ALA A 205 10.91 0.25 -3.66
CA ALA A 205 10.86 -0.43 -4.95
C ALA A 205 9.46 -0.94 -5.31
N LEU A 206 8.64 -1.30 -4.32
CA LEU A 206 7.21 -1.54 -4.46
C LEU A 206 6.53 -0.25 -4.89
N ILE A 207 6.72 0.85 -4.13
CA ILE A 207 6.06 2.11 -4.41
C ILE A 207 6.49 2.67 -5.78
N ASP A 208 7.65 2.22 -6.26
CA ASP A 208 8.13 2.44 -7.60
C ASP A 208 7.42 1.58 -8.66
N LEU A 209 7.42 0.25 -8.50
CA LEU A 209 7.02 -0.70 -9.53
C LEU A 209 5.55 -1.14 -9.52
N HIS A 210 4.77 -0.87 -8.47
CA HIS A 210 3.34 -1.09 -8.54
C HIS A 210 2.69 -0.16 -9.57
N ASN A 211 2.10 -0.77 -10.59
CA ASN A 211 1.53 -0.10 -11.77
C ASN A 211 2.59 0.68 -12.57
N HIS A 212 3.74 0.05 -12.82
CA HIS A 212 4.83 0.52 -13.70
C HIS A 212 4.41 0.78 -15.18
N ASP A 213 3.14 0.57 -15.53
CA ASP A 213 2.51 0.95 -16.81
C ASP A 213 3.25 0.37 -18.04
N LEU A 214 3.39 -0.96 -18.05
CA LEU A 214 3.93 -1.72 -19.19
C LEU A 214 3.07 -1.47 -20.43
N GLY A 215 1.74 -1.51 -20.24
CA GLY A 215 0.75 -1.22 -21.26
C GLY A 215 -0.38 -2.23 -21.33
N GLU A 216 -1.40 -1.93 -22.12
CA GLU A 216 -2.54 -2.78 -22.50
C GLU A 216 -3.30 -3.48 -21.39
N ASN A 217 -3.05 -3.09 -20.13
CA ASN A 217 -3.50 -3.61 -18.84
C ASN A 217 -2.58 -4.68 -18.23
N HIS A 218 -1.52 -5.08 -18.95
CA HIS A 218 -0.43 -5.94 -18.47
C HIS A 218 0.48 -5.27 -17.40
N HIS A 219 -0.01 -4.23 -16.73
CA HIS A 219 0.76 -3.42 -15.79
C HIS A 219 1.13 -4.20 -14.52
N LEU A 220 2.29 -3.87 -13.97
CA LEU A 220 2.97 -4.61 -12.90
C LEU A 220 2.21 -4.56 -11.56
N ARG A 221 2.11 -5.70 -10.88
CA ARG A 221 1.53 -5.90 -9.54
C ARG A 221 2.63 -6.36 -8.60
N VAL A 222 2.47 -6.04 -7.32
CA VAL A 222 3.50 -6.15 -6.29
C VAL A 222 2.86 -6.10 -4.91
N SER A 223 3.50 -6.71 -3.92
CA SER A 223 3.19 -6.56 -2.50
C SER A 223 4.33 -7.09 -1.64
N PHE A 224 4.18 -7.05 -0.31
CA PHE A 224 5.04 -7.80 0.60
C PHE A 224 4.67 -9.30 0.54
N SER A 225 5.58 -10.19 0.95
CA SER A 225 5.28 -11.63 0.99
C SER A 225 5.76 -12.34 2.25
N LYS A 226 4.95 -13.31 2.72
CA LYS A 226 5.30 -14.31 3.75
C LYS A 226 6.41 -15.29 3.32
N SER A 227 6.67 -15.37 2.00
CA SER A 227 7.63 -16.27 1.37
C SER A 227 9.08 -15.84 1.65
N THR A 228 10.03 -16.70 1.28
CA THR A 228 11.48 -16.46 1.34
C THR A 228 12.25 -17.15 0.21
N ILE A 229 13.58 -16.92 0.19
CA ILE A 229 14.53 -17.29 -0.84
C ILE A 229 15.79 -17.92 -0.24
N GLY A 22 -23.78 -14.91 9.85
CA GLY A 22 -23.27 -15.34 11.17
C GLY A 22 -22.39 -14.28 11.81
N ARG A 23 -22.22 -14.34 13.14
CA ARG A 23 -21.38 -13.43 13.94
C ARG A 23 -19.88 -13.67 13.66
N ILE A 24 -19.31 -12.83 12.78
CA ILE A 24 -17.89 -12.85 12.37
C ILE A 24 -17.14 -11.58 12.83
N ALA A 25 -15.82 -11.57 12.66
CA ALA A 25 -14.89 -10.54 13.14
C ALA A 25 -15.00 -10.24 14.65
N ILE A 26 -14.37 -9.15 15.10
CA ILE A 26 -14.32 -8.68 16.50
C ILE A 26 -14.67 -7.17 16.53
N PRO A 27 -15.53 -6.68 17.44
CA PRO A 27 -15.95 -5.26 17.52
C PRO A 27 -14.83 -4.21 17.65
N GLY A 28 -13.63 -4.59 18.12
CA GLY A 28 -12.49 -3.69 18.29
C GLY A 28 -12.60 -2.71 19.48
N LEU A 29 -13.53 -2.95 20.40
CA LEU A 29 -13.91 -2.05 21.51
C LEU A 29 -12.76 -1.58 22.43
N ALA A 30 -11.65 -2.32 22.48
CA ALA A 30 -10.44 -1.95 23.23
C ALA A 30 -9.58 -0.84 22.57
N GLY A 31 -9.78 -0.55 21.28
CA GLY A 31 -8.95 0.38 20.49
C GLY A 31 -9.66 1.13 19.35
N ALA A 32 -10.98 1.01 19.22
CA ALA A 32 -11.82 1.48 18.12
C ALA A 32 -11.44 0.89 16.73
N GLY A 33 -12.09 1.40 15.68
CA GLY A 33 -12.03 0.90 14.30
C GLY A 33 -13.25 1.38 13.52
N ASN A 34 -13.05 2.43 12.71
CA ASN A 34 -14.12 3.23 12.09
C ASN A 34 -13.71 3.75 10.69
N SER A 35 -13.22 2.87 9.81
CA SER A 35 -12.72 3.14 8.45
C SER A 35 -11.57 4.17 8.36
N VAL A 36 -11.90 5.45 8.34
CA VAL A 36 -11.02 6.64 8.50
C VAL A 36 -9.74 6.37 9.34
N LEU A 37 -8.55 6.58 8.73
CA LEU A 37 -7.24 6.57 9.40
C LEU A 37 -6.45 7.87 9.20
N LEU A 38 -5.97 8.46 10.28
CA LEU A 38 -5.03 9.56 10.27
C LEU A 38 -3.60 9.06 10.01
N VAL A 39 -2.84 9.90 9.34
CA VAL A 39 -1.50 9.58 8.84
C VAL A 39 -0.55 10.73 9.17
N SER A 40 0.15 10.60 10.29
CA SER A 40 1.08 11.59 10.81
C SER A 40 2.54 11.11 10.74
N ASN A 41 3.45 12.04 10.99
CA ASN A 41 4.91 11.94 10.84
C ASN A 41 5.37 11.83 9.37
N LEU A 42 5.04 12.83 8.54
CA LEU A 42 5.18 12.80 7.09
C LEU A 42 6.29 13.73 6.56
N ASN A 43 7.26 13.17 5.84
CA ASN A 43 8.28 13.89 5.07
C ASN A 43 7.63 14.52 3.82
N PRO A 44 7.45 15.85 3.72
CA PRO A 44 6.62 16.47 2.68
C PRO A 44 7.20 16.34 1.26
N GLU A 45 8.48 15.99 1.11
CA GLU A 45 9.18 15.80 -0.17
C GLU A 45 9.13 14.34 -0.67
N ARG A 46 8.53 13.43 0.11
CA ARG A 46 8.65 11.98 -0.02
C ARG A 46 7.26 11.35 -0.03
N VAL A 47 6.42 11.73 0.94
CA VAL A 47 5.07 11.19 1.12
C VAL A 47 4.06 11.73 0.10
N THR A 48 3.06 10.91 -0.25
CA THR A 48 2.16 11.18 -1.39
C THR A 48 0.84 10.41 -1.26
N PRO A 49 -0.21 10.81 -2.01
CA PRO A 49 -1.42 9.99 -2.14
C PRO A 49 -1.14 8.54 -2.59
N GLN A 50 -0.13 8.32 -3.45
CA GLN A 50 0.17 7.01 -4.06
C GLN A 50 0.98 6.08 -3.16
N SER A 51 1.95 6.61 -2.41
CA SER A 51 2.72 5.87 -1.41
C SER A 51 1.82 5.28 -0.31
N LEU A 52 0.89 6.09 0.20
CA LEU A 52 -0.20 5.72 1.09
C LEU A 52 -1.12 4.67 0.47
N PHE A 53 -1.68 5.00 -0.69
CA PHE A 53 -2.62 4.18 -1.47
C PHE A 53 -2.12 2.77 -1.60
N ILE A 54 -0.85 2.62 -1.94
CA ILE A 54 -0.18 1.34 -1.97
C ILE A 54 -0.17 0.70 -0.58
N LEU A 55 0.42 1.31 0.46
CA LEU A 55 0.52 0.55 1.73
C LEU A 55 -0.86 0.22 2.28
N PHE A 56 -1.64 1.27 2.56
CA PHE A 56 -3.01 1.12 3.01
C PHE A 56 -3.84 0.21 2.08
N GLY A 57 -3.53 0.15 0.78
CA GLY A 57 -4.30 -0.61 -0.21
C GLY A 57 -3.89 -2.07 -0.34
N VAL A 58 -2.80 -2.47 0.31
CA VAL A 58 -2.40 -3.87 0.45
C VAL A 58 -2.72 -4.39 1.86
N TYR A 59 -2.77 -3.46 2.82
CA TYR A 59 -3.25 -3.64 4.19
C TYR A 59 -4.78 -3.57 4.36
N GLY A 60 -5.53 -3.22 3.31
CA GLY A 60 -6.99 -3.32 3.22
C GLY A 60 -7.55 -2.69 1.95
N ASP A 61 -8.87 -2.70 1.77
CA ASP A 61 -9.56 -1.95 0.73
C ASP A 61 -9.57 -0.44 1.08
N VAL A 62 -8.63 0.32 0.54
CA VAL A 62 -8.52 1.77 0.76
C VAL A 62 -9.61 2.53 -0.05
N GLN A 63 -10.62 3.08 0.64
CA GLN A 63 -11.69 3.91 0.08
C GLN A 63 -11.14 5.16 -0.61
N ARG A 64 -10.47 6.02 0.16
CA ARG A 64 -9.87 7.30 -0.28
C ARG A 64 -8.51 7.49 0.36
N VAL A 65 -7.76 8.43 -0.19
CA VAL A 65 -6.52 8.96 0.37
C VAL A 65 -6.49 10.45 0.13
N LYS A 66 -6.56 11.21 1.23
CA LYS A 66 -6.43 12.65 1.28
C LYS A 66 -5.14 13.00 2.03
N ILE A 67 -4.56 14.12 1.63
CA ILE A 67 -3.25 14.68 1.91
C ILE A 67 -3.42 16.17 2.18
N LEU A 68 -2.61 16.75 3.08
CA LEU A 68 -2.60 18.21 3.26
C LEU A 68 -1.91 18.91 2.08
N PHE A 69 -2.69 19.32 1.08
CA PHE A 69 -2.27 20.17 -0.04
C PHE A 69 -1.18 21.20 0.35
N ASN A 70 0.00 21.03 -0.25
CA ASN A 70 1.23 21.83 -0.15
C ASN A 70 1.98 21.75 1.20
N LYS A 71 1.24 21.65 2.33
CA LYS A 71 1.78 21.41 3.69
C LYS A 71 2.46 20.04 3.80
N LYS A 72 1.74 18.97 3.44
CA LYS A 72 2.16 17.57 3.28
C LYS A 72 2.86 16.90 4.48
N GLU A 73 2.76 17.45 5.69
CA GLU A 73 3.32 16.85 6.93
C GLU A 73 2.29 16.06 7.74
N ASN A 74 1.06 15.98 7.24
CA ASN A 74 -0.01 15.09 7.71
C ASN A 74 -0.91 14.69 6.53
N ALA A 75 -1.75 13.69 6.75
CA ALA A 75 -2.69 13.15 5.79
C ALA A 75 -3.86 12.46 6.50
N LEU A 76 -4.93 12.21 5.75
CA LEU A 76 -6.13 11.48 6.16
C LEU A 76 -6.44 10.42 5.10
N VAL A 77 -6.06 9.18 5.37
CA VAL A 77 -6.45 8.02 4.57
C VAL A 77 -7.80 7.49 5.03
N GLN A 78 -8.54 6.81 4.16
CA GLN A 78 -9.80 6.19 4.53
C GLN A 78 -9.82 4.72 4.11
N MET A 79 -9.84 3.81 5.07
CA MET A 79 -9.95 2.37 4.82
C MET A 79 -11.40 1.97 4.61
N ALA A 80 -11.69 0.70 4.35
CA ALA A 80 -13.05 0.18 4.30
C ALA A 80 -13.75 0.19 5.69
N ASP A 81 -13.16 -0.38 6.75
CA ASP A 81 -13.73 -0.42 8.11
C ASP A 81 -12.71 -0.88 9.17
N GLY A 82 -13.16 -1.05 10.43
CA GLY A 82 -12.48 -1.68 11.57
C GLY A 82 -11.28 -2.56 11.27
N ASN A 83 -11.46 -3.81 10.83
CA ASN A 83 -10.37 -4.76 10.61
C ASN A 83 -9.35 -4.31 9.53
N GLN A 84 -9.81 -3.58 8.52
CA GLN A 84 -9.05 -2.95 7.44
C GLN A 84 -8.12 -1.87 8.04
N ALA A 85 -8.76 -0.92 8.73
CA ALA A 85 -8.20 0.19 9.50
C ALA A 85 -7.18 -0.26 10.57
N GLN A 86 -7.50 -1.30 11.35
CA GLN A 86 -6.63 -1.86 12.39
C GLN A 86 -5.34 -2.45 11.82
N LEU A 87 -5.41 -3.19 10.71
CA LEU A 87 -4.23 -3.72 10.03
C LEU A 87 -3.31 -2.61 9.60
N ALA A 88 -3.85 -1.67 8.82
CA ALA A 88 -3.02 -0.70 8.18
C ALA A 88 -2.23 0.08 9.23
N MET A 89 -2.86 0.56 10.32
CA MET A 89 -2.08 1.09 11.45
C MET A 89 -1.10 0.07 12.04
N SER A 90 -1.52 -1.19 12.27
CA SER A 90 -0.71 -2.30 12.80
C SER A 90 0.64 -2.43 12.07
N HIS A 91 0.61 -2.38 10.73
CA HIS A 91 1.78 -2.70 9.90
C HIS A 91 2.51 -1.44 9.40
N LEU A 92 1.84 -0.29 9.18
CA LEU A 92 2.49 0.98 8.91
C LEU A 92 3.27 1.50 10.12
N ASN A 93 2.90 1.11 11.35
CA ASN A 93 3.50 1.63 12.59
C ASN A 93 4.96 1.12 12.75
N GLY A 94 5.84 1.80 12.03
CA GLY A 94 7.28 1.62 11.96
C GLY A 94 7.81 0.98 10.66
N HIS A 95 7.06 1.07 9.55
CA HIS A 95 7.48 0.63 8.20
C HIS A 95 8.61 1.50 7.57
N LYS A 96 9.01 2.62 8.20
CA LYS A 96 9.94 3.65 7.69
C LYS A 96 9.72 3.91 6.20
N LEU A 97 8.46 4.25 5.92
CA LEU A 97 7.84 4.67 4.64
C LEU A 97 8.61 5.86 4.06
N HIS A 98 9.72 5.57 3.38
CA HIS A 98 10.79 6.45 2.89
C HIS A 98 11.86 6.63 3.97
N GLY A 99 11.43 6.86 5.23
CA GLY A 99 12.28 6.76 6.42
C GLY A 99 12.30 7.99 7.34
N LYS A 100 11.30 8.04 8.22
CA LYS A 100 11.12 8.94 9.38
C LYS A 100 10.23 8.20 10.41
N PRO A 101 10.24 8.53 11.72
CA PRO A 101 9.53 7.74 12.75
C PRO A 101 8.00 7.88 12.69
N ILE A 102 7.36 7.11 11.81
CA ILE A 102 5.93 7.06 11.42
C ILE A 102 4.96 7.00 12.59
N ARG A 103 3.76 7.59 12.41
CA ARG A 103 2.72 7.76 13.44
C ARG A 103 1.32 7.76 12.82
N ILE A 104 0.94 6.62 12.26
CA ILE A 104 -0.41 6.34 11.73
C ILE A 104 -1.31 5.98 12.92
N THR A 105 -2.54 6.50 12.95
CA THR A 105 -3.53 6.24 14.00
C THR A 105 -4.97 6.33 13.45
N LEU A 106 -5.98 6.01 14.26
CA LEU A 106 -7.39 6.26 13.95
C LEU A 106 -7.78 7.75 14.13
N SER A 107 -8.82 8.17 13.41
CA SER A 107 -9.55 9.44 13.57
C SER A 107 -11.01 9.23 13.17
N LYS A 108 -11.90 10.18 13.48
CA LYS A 108 -13.36 10.11 13.26
C LYS A 108 -13.90 11.36 12.55
N HIS A 109 -13.33 11.67 11.39
CA HIS A 109 -13.57 12.83 10.50
C HIS A 109 -15.00 12.91 9.88
N GLN A 110 -16.00 12.19 10.41
CA GLN A 110 -17.38 12.03 9.91
C GLN A 110 -17.52 11.69 8.40
N ASN A 111 -16.46 11.08 7.84
CA ASN A 111 -16.22 10.76 6.42
C ASN A 111 -16.05 12.00 5.51
N VAL A 112 -15.16 11.85 4.54
CA VAL A 112 -14.96 12.79 3.42
C VAL A 112 -15.77 12.35 2.19
N GLN A 113 -16.17 13.31 1.36
CA GLN A 113 -16.92 13.14 0.11
C GLN A 113 -16.24 13.89 -1.05
N LEU A 114 -15.02 13.42 -1.37
CA LEU A 114 -14.12 13.85 -2.45
C LEU A 114 -14.24 15.34 -2.90
N PRO A 115 -13.81 16.31 -2.07
CA PRO A 115 -13.66 17.71 -2.46
C PRO A 115 -12.63 17.81 -3.60
N ARG A 116 -13.03 18.21 -4.80
CA ARG A 116 -12.18 18.06 -6.01
C ARG A 116 -11.14 19.17 -6.15
N GLU A 117 -10.12 18.84 -6.92
CA GLU A 117 -8.87 19.60 -7.13
C GLU A 117 -9.08 20.91 -7.90
N GLY A 118 -10.24 21.02 -8.56
CA GLY A 118 -10.69 22.12 -9.40
C GLY A 118 -11.88 22.88 -8.81
N GLN A 119 -12.29 22.53 -7.58
CA GLN A 119 -13.53 22.98 -6.97
C GLN A 119 -13.26 23.57 -5.56
N GLU A 120 -13.30 22.73 -4.53
CA GLU A 120 -12.99 23.07 -3.14
C GLU A 120 -11.49 23.26 -2.93
N ASP A 121 -10.70 22.25 -3.34
CA ASP A 121 -9.24 22.13 -3.20
C ASP A 121 -8.69 22.27 -1.76
N GLN A 122 -9.56 22.16 -0.75
CA GLN A 122 -9.24 22.29 0.70
C GLN A 122 -8.38 21.13 1.25
N GLY A 123 -8.20 20.05 0.50
CA GLY A 123 -7.33 18.92 0.80
C GLY A 123 -7.06 18.15 -0.48
N LEU A 124 -5.85 17.63 -0.64
CA LEU A 124 -5.42 16.91 -1.83
C LEU A 124 -5.84 15.45 -1.68
N THR A 125 -6.87 15.06 -2.39
CA THR A 125 -7.60 13.78 -2.23
C THR A 125 -7.88 13.00 -3.52
N LYS A 126 -8.16 11.71 -3.33
CA LYS A 126 -8.28 10.60 -4.30
C LYS A 126 -9.35 9.60 -3.86
N ASP A 127 -9.94 8.88 -4.82
CA ASP A 127 -10.90 7.81 -4.60
C ASP A 127 -10.40 6.49 -5.23
N TYR A 128 -9.92 5.61 -4.36
CA TYR A 128 -9.32 4.32 -4.69
C TYR A 128 -10.24 3.11 -4.38
N GLY A 129 -11.46 3.34 -3.89
CA GLY A 129 -12.46 2.34 -3.48
C GLY A 129 -12.52 1.09 -4.39
N ASN A 130 -12.10 -0.05 -3.86
CA ASN A 130 -11.83 -1.32 -4.56
C ASN A 130 -10.98 -1.12 -5.83
N SER A 131 -9.70 -0.83 -5.62
CA SER A 131 -8.72 -0.40 -6.62
C SER A 131 -8.72 -1.22 -7.92
N PRO A 132 -8.49 -0.60 -9.10
CA PRO A 132 -8.36 -1.26 -10.41
C PRO A 132 -7.34 -2.41 -10.51
N LEU A 133 -6.50 -2.61 -9.49
CA LEU A 133 -5.46 -3.64 -9.41
C LEU A 133 -5.87 -4.87 -8.56
N HIS A 134 -6.94 -4.75 -7.73
CA HIS A 134 -7.65 -5.81 -6.99
C HIS A 134 -6.73 -6.87 -6.33
N ARG A 135 -6.02 -6.50 -5.25
CA ARG A 135 -5.08 -7.39 -4.55
C ARG A 135 -5.78 -8.52 -3.77
N PHE A 136 -6.97 -8.23 -3.24
CA PHE A 136 -7.74 -9.15 -2.40
C PHE A 136 -8.57 -10.16 -3.20
N LYS A 137 -9.57 -9.67 -3.95
CA LYS A 137 -10.65 -10.42 -4.65
C LYS A 137 -11.43 -11.47 -3.83
N LYS A 138 -11.14 -11.64 -2.53
CA LYS A 138 -11.82 -12.44 -1.52
C LYS A 138 -13.34 -12.16 -1.44
N PRO A 139 -14.20 -13.17 -1.15
CA PRO A 139 -15.64 -12.97 -0.88
C PRO A 139 -15.97 -12.02 0.28
N GLY A 140 -15.03 -11.86 1.22
CA GLY A 140 -15.07 -11.01 2.41
C GLY A 140 -13.67 -10.84 2.98
N SER A 141 -13.54 -10.43 4.25
CA SER A 141 -12.22 -10.25 4.90
C SER A 141 -11.49 -11.55 5.31
N LYS A 142 -11.90 -12.71 4.78
CA LYS A 142 -11.24 -14.01 4.98
C LYS A 142 -9.84 -14.06 4.34
N ASN A 143 -8.98 -14.96 4.85
CA ASN A 143 -7.62 -15.24 4.38
C ASN A 143 -6.70 -14.00 4.20
N PHE A 144 -6.64 -13.15 5.23
CA PHE A 144 -5.69 -12.03 5.41
C PHE A 144 -4.21 -12.47 5.63
N GLN A 145 -3.89 -13.76 5.49
CA GLN A 145 -2.52 -14.29 5.54
C GLN A 145 -1.54 -13.67 4.51
N ASN A 146 -2.05 -13.20 3.36
CA ASN A 146 -1.24 -12.82 2.19
C ASN A 146 -0.48 -11.49 2.28
N ILE A 147 -0.93 -10.67 3.22
CA ILE A 147 -0.62 -9.26 3.47
C ILE A 147 0.81 -9.13 3.98
N PHE A 148 1.04 -9.75 5.14
CA PHE A 148 2.30 -9.89 5.87
C PHE A 148 2.86 -8.55 6.43
N PRO A 149 3.39 -8.53 7.67
CA PRO A 149 4.00 -7.31 8.24
C PRO A 149 5.30 -6.91 7.49
N PRO A 150 5.82 -5.68 7.75
CA PRO A 150 6.91 -5.07 6.97
C PRO A 150 8.09 -6.01 6.67
N SER A 151 8.40 -6.25 5.39
CA SER A 151 9.50 -7.13 4.98
C SER A 151 10.28 -6.64 3.76
N ALA A 152 11.53 -7.10 3.70
CA ALA A 152 12.44 -6.99 2.58
C ALA A 152 11.99 -7.81 1.35
N THR A 153 11.29 -8.94 1.55
CA THR A 153 10.76 -9.77 0.44
C THR A 153 9.52 -9.13 -0.20
N LEU A 154 9.59 -8.88 -1.51
CA LEU A 154 8.48 -8.42 -2.34
C LEU A 154 8.10 -9.42 -3.45
N HIS A 155 6.81 -9.74 -3.44
CA HIS A 155 6.05 -10.54 -4.40
C HIS A 155 5.85 -9.70 -5.66
N LEU A 156 5.99 -10.31 -6.83
CA LEU A 156 5.81 -9.71 -8.15
C LEU A 156 4.74 -10.54 -8.90
N SER A 157 4.03 -9.95 -9.87
CA SER A 157 3.08 -10.67 -10.74
C SER A 157 2.64 -9.87 -11.98
N ASN A 158 1.94 -10.55 -12.89
CA ASN A 158 1.42 -10.06 -14.17
C ASN A 158 2.55 -9.78 -15.19
N ILE A 159 3.60 -10.61 -15.15
CA ILE A 159 4.69 -10.68 -16.14
C ILE A 159 4.18 -11.18 -17.50
N PRO A 160 4.29 -10.41 -18.60
CA PRO A 160 4.05 -10.92 -19.94
C PRO A 160 5.27 -11.72 -20.46
N PRO A 161 5.16 -12.41 -21.62
CA PRO A 161 6.25 -13.05 -22.38
C PRO A 161 7.44 -12.15 -22.82
N SER A 162 7.64 -10.98 -22.20
CA SER A 162 8.63 -9.95 -22.53
C SER A 162 9.44 -9.53 -21.30
N VAL A 163 9.10 -10.04 -20.11
CA VAL A 163 9.81 -9.79 -18.85
C VAL A 163 10.51 -11.05 -18.36
N SER A 164 11.81 -10.95 -18.07
CA SER A 164 12.63 -12.00 -17.45
C SER A 164 12.90 -11.67 -15.99
N GLU A 165 13.46 -12.64 -15.23
CA GLU A 165 14.00 -12.39 -13.90
C GLU A 165 14.94 -11.19 -13.87
N GLU A 166 15.82 -11.07 -14.86
CA GLU A 166 16.72 -9.95 -15.04
C GLU A 166 15.93 -8.66 -15.23
N ASP A 167 15.10 -8.50 -16.27
CA ASP A 167 14.40 -7.23 -16.52
C ASP A 167 13.55 -6.78 -15.33
N LEU A 168 13.02 -7.73 -14.58
CA LEU A 168 12.27 -7.52 -13.36
C LEU A 168 13.14 -6.98 -12.20
N LYS A 169 14.12 -7.76 -11.77
CA LYS A 169 15.20 -7.44 -10.83
C LYS A 169 15.89 -6.13 -11.18
N VAL A 170 16.19 -5.91 -12.45
CA VAL A 170 16.73 -4.68 -13.02
C VAL A 170 15.85 -3.50 -12.67
N LEU A 171 14.51 -3.59 -12.77
CA LEU A 171 13.65 -2.50 -12.27
C LEU A 171 13.94 -2.21 -10.78
N PHE A 172 13.90 -3.25 -9.94
CA PHE A 172 14.08 -3.14 -8.49
C PHE A 172 15.50 -2.71 -8.07
N SER A 173 16.48 -2.75 -8.98
CA SER A 173 17.90 -2.50 -8.73
C SER A 173 18.30 -1.13 -9.28
N SER A 174 17.67 -0.73 -10.38
CA SER A 174 17.86 0.58 -11.03
C SER A 174 17.29 1.71 -10.17
N ASN A 175 16.31 1.34 -9.34
CA ASN A 175 15.66 2.09 -8.28
C ASN A 175 16.56 2.53 -7.13
N GLY A 176 17.71 1.90 -7.00
CA GLY A 176 18.67 2.12 -5.94
C GLY A 176 18.90 0.87 -5.07
N GLY A 177 18.36 -0.28 -5.51
CA GLY A 177 18.24 -1.53 -4.81
C GLY A 177 19.52 -2.18 -4.30
N VAL A 178 19.28 -3.27 -3.57
CA VAL A 178 20.21 -4.15 -2.88
C VAL A 178 19.94 -5.61 -3.27
N VAL A 179 18.72 -5.92 -3.78
CA VAL A 179 18.29 -7.13 -4.49
C VAL A 179 19.11 -8.38 -4.13
N LYS A 180 18.83 -8.87 -2.93
CA LYS A 180 19.58 -9.86 -2.16
C LYS A 180 19.48 -11.24 -2.80
N GLY A 181 18.26 -11.61 -3.16
CA GLY A 181 17.96 -12.79 -3.97
C GLY A 181 16.77 -12.55 -4.91
N PHE A 182 16.51 -13.54 -5.75
CA PHE A 182 15.39 -13.58 -6.71
C PHE A 182 15.00 -15.04 -7.02
N LYS A 183 13.67 -15.28 -7.11
CA LYS A 183 12.98 -16.55 -7.39
C LYS A 183 11.73 -16.32 -8.26
N PHE A 184 11.12 -17.39 -8.73
CA PHE A 184 9.77 -17.36 -9.32
C PHE A 184 8.83 -18.16 -8.43
N PHE A 185 7.65 -17.61 -8.20
CA PHE A 185 6.56 -18.23 -7.47
C PHE A 185 6.02 -19.52 -8.15
N GLN A 186 6.30 -20.66 -7.53
CA GLN A 186 5.72 -21.98 -7.79
C GLN A 186 5.77 -22.48 -9.26
N LYS A 187 5.13 -23.62 -9.50
CA LYS A 187 4.81 -24.21 -10.81
C LYS A 187 3.80 -23.40 -11.63
N ASP A 188 2.99 -22.57 -10.96
CA ASP A 188 1.94 -21.75 -11.58
C ASP A 188 2.50 -20.58 -12.41
N ARG A 189 3.78 -20.23 -12.17
CA ARG A 189 4.68 -19.35 -12.94
C ARG A 189 4.05 -18.15 -13.68
N LYS A 190 3.23 -17.32 -12.99
CA LYS A 190 2.78 -16.00 -13.48
C LYS A 190 3.12 -14.87 -12.49
N MET A 191 3.70 -15.29 -11.35
CA MET A 191 4.20 -14.48 -10.26
C MET A 191 5.68 -14.76 -10.09
N ALA A 192 6.35 -13.80 -9.49
CA ALA A 192 7.78 -13.81 -9.27
C ALA A 192 8.06 -13.26 -7.88
N LEU A 193 9.33 -13.30 -7.47
CA LEU A 193 9.67 -13.06 -6.09
C LEU A 193 11.10 -12.52 -5.96
N ILE A 194 11.24 -11.41 -5.23
CA ILE A 194 12.52 -10.73 -5.01
C ILE A 194 12.69 -10.45 -3.52
N GLN A 195 13.90 -10.60 -3.01
CA GLN A 195 14.22 -10.17 -1.66
C GLN A 195 15.12 -8.95 -1.76
N MET A 196 14.61 -7.81 -1.31
CA MET A 196 15.42 -6.62 -1.07
C MET A 196 16.34 -6.88 0.15
N GLY A 197 17.14 -5.89 0.50
CA GLY A 197 18.06 -5.94 1.65
C GLY A 197 17.33 -5.59 2.96
N SER A 198 16.46 -4.58 2.89
CA SER A 198 15.58 -4.11 3.99
C SER A 198 14.25 -3.60 3.45
N VAL A 199 13.23 -3.40 4.30
CA VAL A 199 11.93 -2.94 3.79
C VAL A 199 12.02 -1.58 3.12
N GLU A 200 12.83 -0.67 3.66
CA GLU A 200 12.85 0.74 3.26
C GLU A 200 12.98 0.87 1.74
N GLU A 201 13.89 0.06 1.20
CA GLU A 201 14.10 -0.07 -0.23
C GLU A 201 13.05 -0.98 -0.89
N ALA A 202 12.64 -2.10 -0.25
CA ALA A 202 11.57 -2.99 -0.74
C ALA A 202 10.29 -2.22 -1.06
N VAL A 203 9.71 -1.55 -0.06
CA VAL A 203 8.53 -0.71 -0.15
C VAL A 203 8.70 0.41 -1.16
N GLN A 204 9.79 1.16 -1.11
CA GLN A 204 10.05 2.20 -2.11
C GLN A 204 9.99 1.68 -3.57
N ALA A 205 10.63 0.54 -3.85
CA ALA A 205 10.70 -0.15 -5.12
C ALA A 205 9.34 -0.77 -5.51
N LEU A 206 8.53 -1.18 -4.55
CA LEU A 206 7.13 -1.55 -4.70
C LEU A 206 6.34 -0.32 -5.15
N ILE A 207 6.41 0.79 -4.42
CA ILE A 207 5.66 1.99 -4.74
C ILE A 207 6.11 2.60 -6.07
N ASP A 208 7.33 2.26 -6.49
CA ASP A 208 7.87 2.54 -7.80
C ASP A 208 7.24 1.68 -8.92
N LEU A 209 7.26 0.35 -8.78
CA LEU A 209 6.94 -0.59 -9.84
C LEU A 209 5.50 -1.13 -9.82
N HIS A 210 4.75 -0.96 -8.74
CA HIS A 210 3.32 -1.26 -8.76
C HIS A 210 2.59 -0.39 -9.78
N ASN A 211 2.00 -1.06 -10.76
CA ASN A 211 1.26 -0.42 -11.87
C ASN A 211 2.18 0.53 -12.69
N HIS A 212 3.40 0.07 -12.98
CA HIS A 212 4.39 0.71 -13.87
C HIS A 212 3.92 0.93 -15.33
N ASP A 213 2.68 0.53 -15.66
CA ASP A 213 1.98 0.79 -16.93
C ASP A 213 2.75 0.22 -18.15
N LEU A 214 2.93 -1.11 -18.15
CA LEU A 214 3.79 -1.85 -19.06
C LEU A 214 3.36 -1.70 -20.53
N GLY A 215 2.05 -1.81 -20.79
CA GLY A 215 1.58 -1.94 -22.16
C GLY A 215 0.09 -1.76 -22.43
N GLU A 216 -0.56 -2.91 -22.60
CA GLU A 216 -1.90 -3.09 -23.15
C GLU A 216 -2.93 -3.51 -22.13
N ASN A 217 -2.49 -3.57 -20.87
CA ASN A 217 -3.10 -4.08 -19.63
C ASN A 217 -2.19 -5.09 -18.90
N HIS A 218 -1.06 -5.45 -19.50
CA HIS A 218 0.04 -6.25 -18.89
C HIS A 218 0.73 -5.60 -17.66
N HIS A 219 0.10 -4.58 -17.07
CA HIS A 219 0.61 -3.66 -16.05
C HIS A 219 0.94 -4.38 -14.74
N LEU A 220 2.16 -4.15 -14.26
CA LEU A 220 2.83 -4.84 -13.14
C LEU A 220 2.05 -4.76 -11.81
N ARG A 221 2.08 -5.81 -11.01
CA ARG A 221 1.57 -5.90 -9.63
C ARG A 221 2.69 -6.44 -8.73
N VAL A 222 2.55 -6.13 -7.45
CA VAL A 222 3.60 -6.29 -6.44
C VAL A 222 2.95 -6.25 -5.05
N SER A 223 3.61 -6.86 -4.06
CA SER A 223 3.27 -6.70 -2.66
C SER A 223 4.41 -7.17 -1.75
N PHE A 224 4.21 -7.17 -0.44
CA PHE A 224 5.10 -7.86 0.50
C PHE A 224 4.82 -9.36 0.45
N SER A 225 5.83 -10.19 0.79
CA SER A 225 5.67 -11.66 0.76
C SER A 225 6.04 -12.37 2.08
N LYS A 226 5.24 -13.40 2.41
CA LYS A 226 5.51 -14.39 3.46
C LYS A 226 6.61 -15.40 3.10
N SER A 227 6.93 -15.54 1.81
CA SER A 227 7.99 -16.40 1.27
C SER A 227 9.37 -15.77 1.45
N THR A 228 10.41 -16.55 1.15
CA THR A 228 11.84 -16.16 1.26
C THR A 228 12.72 -16.78 0.17
N ILE A 229 14.02 -16.43 0.20
CA ILE A 229 15.06 -16.76 -0.77
C ILE A 229 16.31 -17.33 -0.07
N GLY A 22 4.95 -3.52 27.83
CA GLY A 22 5.27 -2.08 27.84
C GLY A 22 6.20 -1.71 28.99
N ARG A 23 6.98 -0.62 28.84
CA ARG A 23 7.94 -0.13 29.84
C ARG A 23 7.29 0.38 31.14
N ILE A 24 6.02 0.79 31.07
CA ILE A 24 5.17 1.22 32.20
C ILE A 24 3.87 0.38 32.23
N ALA A 25 3.22 0.28 33.40
CA ALA A 25 2.04 -0.54 33.63
C ALA A 25 0.79 -0.10 32.83
N ILE A 26 0.66 1.20 32.52
CA ILE A 26 -0.46 1.79 31.76
C ILE A 26 0.11 2.68 30.63
N PRO A 27 0.47 2.10 29.47
CA PRO A 27 0.94 2.85 28.29
C PRO A 27 -0.19 3.50 27.47
N GLY A 28 -1.45 3.12 27.73
CA GLY A 28 -2.64 3.48 26.94
C GLY A 28 -2.84 2.60 25.70
N LEU A 29 -4.05 2.65 25.12
CA LEU A 29 -4.44 1.90 23.91
C LEU A 29 -5.57 2.59 23.13
N ALA A 30 -5.84 2.13 21.90
CA ALA A 30 -6.96 2.57 21.06
C ALA A 30 -8.25 1.76 21.32
N GLY A 31 -8.17 0.43 21.20
CA GLY A 31 -9.30 -0.49 21.44
C GLY A 31 -10.45 -0.42 20.42
N ALA A 32 -10.20 0.15 19.23
CA ALA A 32 -11.19 0.49 18.20
C ALA A 32 -10.81 -0.01 16.79
N GLY A 33 -11.67 0.30 15.81
CA GLY A 33 -11.54 -0.05 14.40
C GLY A 33 -12.78 0.44 13.63
N ASN A 34 -12.61 1.44 12.75
CA ASN A 34 -13.72 2.20 12.17
C ASN A 34 -13.39 2.89 10.82
N SER A 35 -12.79 2.18 9.86
CA SER A 35 -12.34 2.69 8.54
C SER A 35 -11.34 3.86 8.57
N VAL A 36 -11.80 5.11 8.62
CA VAL A 36 -11.04 6.39 8.77
C VAL A 36 -9.73 6.27 9.58
N LEU A 37 -8.58 6.42 8.92
CA LEU A 37 -7.23 6.42 9.52
C LEU A 37 -6.47 7.74 9.31
N LEU A 38 -6.10 8.43 10.39
CA LEU A 38 -5.16 9.55 10.34
C LEU A 38 -3.74 9.06 10.02
N VAL A 39 -2.96 9.88 9.31
CA VAL A 39 -1.58 9.59 8.91
C VAL A 39 -0.68 10.77 9.27
N SER A 40 -0.22 10.79 10.53
CA SER A 40 0.75 11.77 11.00
C SER A 40 2.20 11.33 10.67
N ASN A 41 3.13 12.27 10.86
CA ASN A 41 4.59 12.08 10.77
C ASN A 41 5.11 11.97 9.32
N LEU A 42 4.72 12.94 8.46
CA LEU A 42 5.26 13.18 7.13
C LEU A 42 6.41 14.21 7.18
N ASN A 43 7.43 14.00 6.35
CA ASN A 43 8.43 15.04 6.06
C ASN A 43 7.79 15.98 5.00
N PRO A 44 7.82 17.33 5.15
CA PRO A 44 7.13 18.28 4.26
C PRO A 44 7.38 18.17 2.74
N GLU A 45 8.46 17.50 2.33
CA GLU A 45 8.99 17.46 0.97
C GLU A 45 9.12 16.06 0.35
N ARG A 46 8.83 14.97 1.09
CA ARG A 46 9.26 13.63 0.73
C ARG A 46 8.13 12.62 0.66
N VAL A 47 6.95 12.93 1.18
CA VAL A 47 5.81 11.99 1.22
C VAL A 47 4.78 12.37 0.17
N THR A 48 4.09 11.36 -0.38
CA THR A 48 3.12 11.58 -1.45
C THR A 48 1.82 10.78 -1.24
N PRO A 49 0.69 11.22 -1.84
CA PRO A 49 -0.58 10.49 -1.77
C PRO A 49 -0.50 9.09 -2.37
N GLN A 50 0.32 8.87 -3.42
CA GLN A 50 0.52 7.55 -4.02
C GLN A 50 1.32 6.58 -3.12
N SER A 51 2.28 7.09 -2.34
CA SER A 51 3.07 6.29 -1.41
C SER A 51 2.23 5.69 -0.28
N LEU A 52 1.45 6.53 0.42
CA LEU A 52 0.49 6.09 1.43
C LEU A 52 -0.70 5.34 0.82
N PHE A 53 -1.12 5.62 -0.43
CA PHE A 53 -2.17 4.88 -1.15
C PHE A 53 -1.78 3.41 -1.26
N ILE A 54 -0.56 3.15 -1.72
CA ILE A 54 -0.06 1.80 -1.84
C ILE A 54 -0.04 1.08 -0.50
N LEU A 55 0.52 1.65 0.57
CA LEU A 55 0.59 0.82 1.80
C LEU A 55 -0.80 0.47 2.32
N PHE A 56 -1.62 1.49 2.52
CA PHE A 56 -2.99 1.33 2.95
C PHE A 56 -3.74 0.39 1.98
N GLY A 57 -3.46 0.47 0.68
CA GLY A 57 -4.18 -0.28 -0.35
C GLY A 57 -3.82 -1.77 -0.39
N VAL A 58 -2.69 -2.15 0.23
CA VAL A 58 -2.25 -3.55 0.38
C VAL A 58 -2.57 -4.10 1.77
N TYR A 59 -2.98 -3.22 2.69
CA TYR A 59 -3.26 -3.49 4.10
C TYR A 59 -4.75 -3.38 4.52
N GLY A 60 -5.64 -2.81 3.69
CA GLY A 60 -7.07 -2.78 4.02
C GLY A 60 -8.01 -2.15 2.99
N ASP A 61 -7.77 -2.36 1.68
CA ASP A 61 -8.56 -1.84 0.54
C ASP A 61 -8.98 -0.35 0.66
N VAL A 62 -8.05 0.55 0.38
CA VAL A 62 -8.16 2.02 0.61
C VAL A 62 -9.39 2.64 -0.10
N GLN A 63 -10.37 3.10 0.68
CA GLN A 63 -11.58 3.79 0.20
C GLN A 63 -11.21 5.13 -0.46
N ARG A 64 -10.65 6.02 0.35
CA ARG A 64 -10.31 7.42 0.05
C ARG A 64 -9.01 7.78 0.76
N VAL A 65 -8.44 8.91 0.38
CA VAL A 65 -7.12 9.39 0.82
C VAL A 65 -7.14 10.92 0.79
N LYS A 66 -6.27 11.59 1.54
CA LYS A 66 -6.01 13.02 1.60
C LYS A 66 -4.56 13.27 2.01
N ILE A 67 -4.16 14.51 1.78
CA ILE A 67 -2.88 15.14 2.10
C ILE A 67 -3.15 16.58 2.54
N LEU A 68 -2.75 16.99 3.75
CA LEU A 68 -3.17 18.30 4.28
C LEU A 68 -2.52 19.47 3.54
N PHE A 69 -3.33 20.19 2.76
CA PHE A 69 -2.99 21.22 1.77
C PHE A 69 -1.77 22.09 2.15
N ASN A 70 -1.91 22.92 3.19
CA ASN A 70 -0.89 23.87 3.61
C ASN A 70 0.03 23.34 4.74
N LYS A 71 -0.44 22.38 5.55
CA LYS A 71 0.31 21.79 6.67
C LYS A 71 1.46 20.89 6.21
N LYS A 72 1.16 19.96 5.28
CA LYS A 72 2.09 19.01 4.62
C LYS A 72 2.86 18.04 5.55
N GLU A 73 2.55 18.01 6.85
CA GLU A 73 3.20 17.16 7.86
C GLU A 73 2.27 16.06 8.40
N ASN A 74 1.00 16.12 8.01
CA ASN A 74 -0.01 15.10 8.20
C ASN A 74 -0.71 14.81 6.86
N ALA A 75 -1.38 13.68 6.83
CA ALA A 75 -2.31 13.22 5.83
C ALA A 75 -3.51 12.59 6.55
N LEU A 76 -4.62 12.41 5.83
CA LEU A 76 -5.83 11.76 6.35
C LEU A 76 -6.22 10.70 5.33
N VAL A 77 -6.37 9.45 5.71
CA VAL A 77 -6.77 8.37 4.83
C VAL A 77 -8.06 7.73 5.33
N GLN A 78 -8.75 7.03 4.43
CA GLN A 78 -9.94 6.27 4.79
C GLN A 78 -9.79 4.81 4.35
N MET A 79 -9.62 3.91 5.33
CA MET A 79 -9.49 2.47 5.11
C MET A 79 -10.85 1.85 4.75
N ALA A 80 -10.94 0.57 4.41
CA ALA A 80 -12.23 -0.11 4.29
C ALA A 80 -13.02 -0.16 5.62
N ASP A 81 -12.45 -0.70 6.70
CA ASP A 81 -13.17 -0.94 7.97
C ASP A 81 -12.22 -1.24 9.15
N GLY A 82 -12.73 -1.74 10.29
CA GLY A 82 -11.98 -2.09 11.50
C GLY A 82 -10.71 -2.92 11.29
N ASN A 83 -10.79 -4.20 10.94
CA ASN A 83 -9.62 -5.10 10.90
C ASN A 83 -8.55 -4.62 9.89
N GLN A 84 -9.07 -4.02 8.82
CA GLN A 84 -8.41 -3.36 7.71
C GLN A 84 -7.57 -2.18 8.21
N ALA A 85 -8.24 -1.22 8.85
CA ALA A 85 -7.70 -0.05 9.55
C ALA A 85 -6.65 -0.43 10.61
N GLN A 86 -6.95 -1.46 11.41
CA GLN A 86 -6.08 -1.96 12.47
C GLN A 86 -4.77 -2.52 11.92
N LEU A 87 -4.83 -3.31 10.84
CA LEU A 87 -3.64 -3.81 10.14
C LEU A 87 -2.79 -2.67 9.64
N ALA A 88 -3.41 -1.80 8.86
CA ALA A 88 -2.68 -0.81 8.12
C ALA A 88 -1.86 0.02 9.12
N MET A 89 -2.49 0.55 10.17
CA MET A 89 -1.80 1.13 11.33
C MET A 89 -0.73 0.21 11.93
N SER A 90 -1.09 -1.05 12.25
CA SER A 90 -0.21 -2.09 12.83
C SER A 90 1.13 -2.18 12.09
N HIS A 91 1.07 -2.24 10.77
CA HIS A 91 2.20 -2.47 9.88
C HIS A 91 2.90 -1.18 9.45
N LEU A 92 2.17 -0.08 9.20
CA LEU A 92 2.72 1.24 8.97
C LEU A 92 3.55 1.71 10.15
N ASN A 93 3.19 1.40 11.38
CA ASN A 93 3.79 2.04 12.57
C ASN A 93 5.32 1.85 12.67
N GLY A 94 6.06 2.87 12.23
CA GLY A 94 7.52 2.91 12.06
C GLY A 94 8.04 2.23 10.79
N HIS A 95 7.27 2.25 9.68
CA HIS A 95 7.68 1.59 8.42
C HIS A 95 8.79 2.33 7.68
N LYS A 96 9.15 3.57 8.08
CA LYS A 96 10.18 4.45 7.48
C LYS A 96 10.31 4.23 5.95
N LEU A 97 9.14 4.32 5.32
CA LEU A 97 8.75 4.13 3.91
C LEU A 97 9.78 4.78 2.96
N HIS A 98 10.05 6.04 3.26
CA HIS A 98 11.07 6.89 2.63
C HIS A 98 12.15 7.21 3.67
N GLY A 99 11.73 7.43 4.93
CA GLY A 99 12.63 7.45 6.10
C GLY A 99 12.37 8.48 7.20
N LYS A 100 11.30 8.25 7.97
CA LYS A 100 10.97 8.90 9.25
C LYS A 100 10.10 7.94 10.09
N PRO A 101 10.13 7.96 11.44
CA PRO A 101 9.43 6.98 12.30
C PRO A 101 7.91 7.26 12.38
N ILE A 102 7.18 6.84 11.34
CA ILE A 102 5.78 7.23 11.06
C ILE A 102 4.73 6.87 12.09
N ARG A 103 3.63 7.64 12.12
CA ARG A 103 2.62 7.63 13.19
C ARG A 103 1.20 7.71 12.65
N ILE A 104 0.66 6.53 12.34
CA ILE A 104 -0.68 6.32 11.82
C ILE A 104 -1.56 5.85 12.98
N THR A 105 -2.78 6.39 13.07
CA THR A 105 -3.73 6.14 14.16
C THR A 105 -5.17 6.19 13.66
N LEU A 106 -6.10 5.63 14.43
CA LEU A 106 -7.54 5.70 14.12
C LEU A 106 -8.15 7.09 14.36
N SER A 107 -8.87 7.57 13.34
CA SER A 107 -9.83 8.70 13.48
C SER A 107 -11.18 8.09 13.89
N LYS A 108 -12.29 8.83 13.84
CA LYS A 108 -13.68 8.30 14.00
C LYS A 108 -14.79 9.16 13.41
N HIS A 109 -14.45 10.20 12.62
CA HIS A 109 -15.41 11.10 11.98
C HIS A 109 -16.40 10.37 11.04
N GLN A 110 -17.60 10.93 10.85
CA GLN A 110 -18.68 10.40 10.00
C GLN A 110 -18.38 10.53 8.49
N ASN A 111 -17.43 9.71 8.02
CA ASN A 111 -16.75 9.76 6.71
C ASN A 111 -15.96 11.07 6.50
N VAL A 112 -15.00 11.09 5.58
CA VAL A 112 -14.10 12.24 5.37
C VAL A 112 -14.61 13.26 4.34
N GLN A 113 -15.45 12.77 3.43
CA GLN A 113 -16.13 13.42 2.33
C GLN A 113 -15.18 13.99 1.25
N LEU A 114 -15.74 14.41 0.11
CA LEU A 114 -15.00 14.70 -1.12
C LEU A 114 -15.27 16.11 -1.73
N PRO A 115 -14.22 16.83 -2.18
CA PRO A 115 -14.32 18.04 -3.01
C PRO A 115 -14.94 17.78 -4.41
N ARG A 116 -14.78 18.73 -5.33
CA ARG A 116 -15.20 18.68 -6.74
C ARG A 116 -14.00 18.45 -7.66
N GLU A 117 -14.27 18.01 -8.86
CA GLU A 117 -13.31 17.51 -9.87
C GLU A 117 -12.38 18.61 -10.42
N GLY A 118 -12.73 19.86 -10.16
CA GLY A 118 -11.99 21.08 -10.49
C GLY A 118 -11.18 21.64 -9.33
N GLN A 119 -11.32 21.04 -8.15
CA GLN A 119 -10.84 21.54 -6.86
C GLN A 119 -9.93 20.52 -6.15
N GLU A 120 -10.35 19.26 -6.11
CA GLU A 120 -9.65 18.06 -5.63
C GLU A 120 -8.27 17.86 -6.28
N ASP A 121 -8.19 18.21 -7.56
CA ASP A 121 -7.04 18.10 -8.48
C ASP A 121 -5.75 18.81 -8.01
N GLN A 122 -5.86 19.65 -6.97
CA GLN A 122 -4.72 20.26 -6.26
C GLN A 122 -3.81 19.22 -5.55
N GLY A 123 -4.28 17.99 -5.30
CA GLY A 123 -3.45 16.86 -4.83
C GLY A 123 -3.57 16.58 -3.32
N LEU A 124 -4.59 17.17 -2.69
CA LEU A 124 -5.05 16.98 -1.32
C LEU A 124 -5.69 15.58 -1.24
N THR A 125 -7.03 15.53 -1.29
CA THR A 125 -7.93 14.39 -1.45
C THR A 125 -7.72 13.53 -2.72
N LYS A 126 -8.12 12.25 -2.62
CA LYS A 126 -8.30 11.23 -3.66
C LYS A 126 -9.47 10.29 -3.27
N ASP A 127 -10.09 9.67 -4.28
CA ASP A 127 -11.08 8.58 -4.15
C ASP A 127 -10.61 7.36 -4.97
N TYR A 128 -10.05 6.39 -4.26
CA TYR A 128 -9.48 5.14 -4.79
C TYR A 128 -10.48 3.95 -4.82
N GLY A 129 -11.76 4.17 -4.49
CA GLY A 129 -12.81 3.14 -4.37
C GLY A 129 -13.17 2.34 -5.63
N ASN A 130 -12.47 2.57 -6.75
CA ASN A 130 -12.61 1.92 -8.04
C ASN A 130 -11.25 1.48 -8.65
N SER A 131 -10.18 1.35 -7.84
CA SER A 131 -8.81 0.99 -8.24
C SER A 131 -8.72 -0.28 -9.12
N PRO A 132 -8.29 -0.18 -10.40
CA PRO A 132 -8.13 -1.35 -11.31
C PRO A 132 -7.10 -2.40 -10.86
N LEU A 133 -6.35 -2.17 -9.78
CA LEU A 133 -5.20 -3.00 -9.38
C LEU A 133 -5.62 -4.28 -8.64
N HIS A 134 -6.68 -4.21 -7.82
CA HIS A 134 -7.29 -5.30 -7.03
C HIS A 134 -6.30 -6.27 -6.35
N ARG A 135 -5.50 -5.78 -5.37
CA ARG A 135 -4.69 -6.66 -4.50
C ARG A 135 -5.60 -7.52 -3.61
N PHE A 136 -6.66 -6.93 -3.05
CA PHE A 136 -7.74 -7.65 -2.38
C PHE A 136 -8.84 -7.95 -3.39
N LYS A 137 -9.03 -9.22 -3.70
CA LYS A 137 -10.21 -9.73 -4.41
C LYS A 137 -10.68 -11.07 -3.82
N LYS A 138 -10.34 -11.30 -2.54
CA LYS A 138 -10.46 -12.55 -1.77
C LYS A 138 -11.91 -13.05 -1.65
N PRO A 139 -12.13 -14.37 -1.46
CA PRO A 139 -13.45 -14.96 -1.25
C PRO A 139 -14.02 -14.72 0.16
N GLY A 140 -13.17 -14.37 1.13
CA GLY A 140 -13.53 -13.95 2.49
C GLY A 140 -12.46 -13.09 3.14
N SER A 141 -12.84 -12.27 4.12
CA SER A 141 -11.98 -11.22 4.70
C SER A 141 -10.87 -11.76 5.64
N LYS A 142 -11.02 -12.98 6.16
CA LYS A 142 -10.08 -13.61 7.13
C LYS A 142 -8.73 -14.01 6.52
N ASN A 143 -8.63 -14.08 5.19
CA ASN A 143 -7.46 -14.52 4.42
C ASN A 143 -6.30 -13.48 4.36
N PHE A 144 -6.00 -12.79 5.47
CA PHE A 144 -4.92 -11.80 5.64
C PHE A 144 -3.49 -12.34 5.46
N GLN A 145 -3.30 -13.65 5.24
CA GLN A 145 -2.01 -14.23 4.83
C GLN A 145 -1.49 -13.67 3.48
N ASN A 146 -2.37 -13.06 2.67
CA ASN A 146 -2.07 -12.31 1.45
C ASN A 146 -1.24 -11.04 1.63
N ILE A 147 -1.00 -10.65 2.87
CA ILE A 147 -0.47 -9.35 3.28
C ILE A 147 0.95 -9.48 3.83
N PHE A 148 1.04 -10.07 5.03
CA PHE A 148 2.24 -10.25 5.85
C PHE A 148 2.75 -8.91 6.44
N PRO A 149 3.38 -8.91 7.64
CA PRO A 149 4.00 -7.70 8.21
C PRO A 149 5.12 -7.11 7.32
N PRO A 150 5.57 -5.86 7.60
CA PRO A 150 6.63 -5.17 6.85
C PRO A 150 7.85 -6.04 6.56
N SER A 151 8.19 -6.25 5.29
CA SER A 151 9.28 -7.15 4.88
C SER A 151 10.05 -6.70 3.66
N ALA A 152 11.26 -7.22 3.60
CA ALA A 152 12.18 -7.16 2.48
C ALA A 152 11.67 -7.97 1.26
N THR A 153 11.02 -9.12 1.48
CA THR A 153 10.42 -9.92 0.40
C THR A 153 9.17 -9.25 -0.17
N LEU A 154 9.15 -9.06 -1.49
CA LEU A 154 7.95 -8.65 -2.23
C LEU A 154 7.58 -9.65 -3.34
N HIS A 155 6.31 -9.96 -3.38
CA HIS A 155 5.58 -10.67 -4.41
C HIS A 155 5.46 -9.74 -5.61
N LEU A 156 5.75 -10.24 -6.79
CA LEU A 156 5.61 -9.57 -8.08
C LEU A 156 4.61 -10.38 -8.93
N SER A 157 3.89 -9.77 -9.87
CA SER A 157 2.85 -10.46 -10.67
C SER A 157 2.47 -9.70 -11.94
N ASN A 158 1.70 -10.36 -12.81
CA ASN A 158 1.13 -9.88 -14.06
C ASN A 158 2.20 -9.62 -15.14
N ILE A 159 3.30 -10.36 -15.09
CA ILE A 159 4.38 -10.37 -16.09
C ILE A 159 3.87 -10.81 -17.48
N PRO A 160 4.09 -10.02 -18.55
CA PRO A 160 3.85 -10.47 -19.93
C PRO A 160 4.97 -11.41 -20.42
N PRO A 161 4.81 -12.07 -21.59
CA PRO A 161 5.87 -12.83 -22.28
C PRO A 161 7.00 -11.94 -22.89
N SER A 162 7.27 -10.80 -22.25
CA SER A 162 8.26 -9.78 -22.63
C SER A 162 9.10 -9.35 -21.41
N VAL A 163 8.73 -9.78 -20.20
CA VAL A 163 9.51 -9.59 -18.96
C VAL A 163 10.08 -10.94 -18.49
N SER A 164 11.31 -10.90 -17.95
CA SER A 164 11.98 -12.06 -17.33
C SER A 164 12.49 -11.70 -15.93
N GLU A 165 12.99 -12.67 -15.17
CA GLU A 165 13.60 -12.48 -13.85
C GLU A 165 14.58 -11.31 -13.82
N GLU A 166 15.47 -11.23 -14.82
CA GLU A 166 16.40 -10.12 -14.94
C GLU A 166 15.67 -8.81 -15.12
N ASP A 167 14.86 -8.60 -16.15
CA ASP A 167 14.21 -7.31 -16.40
C ASP A 167 13.38 -6.84 -15.21
N LEU A 168 12.76 -7.79 -14.50
CA LEU A 168 12.02 -7.59 -13.28
C LEU A 168 12.89 -7.12 -12.10
N LYS A 169 13.86 -7.94 -11.69
CA LYS A 169 14.91 -7.67 -10.71
C LYS A 169 15.63 -6.35 -11.00
N VAL A 170 16.00 -6.12 -12.26
CA VAL A 170 16.59 -4.92 -12.79
C VAL A 170 15.72 -3.70 -12.47
N LEU A 171 14.38 -3.76 -12.63
CA LEU A 171 13.54 -2.65 -12.16
C LEU A 171 13.77 -2.37 -10.66
N PHE A 172 13.64 -3.41 -9.81
CA PHE A 172 13.76 -3.33 -8.37
C PHE A 172 15.20 -3.02 -7.89
N SER A 173 16.19 -3.02 -8.80
CA SER A 173 17.60 -2.73 -8.53
C SER A 173 18.04 -1.40 -9.16
N SER A 174 17.19 -0.82 -10.03
CA SER A 174 17.42 0.47 -10.68
C SER A 174 16.99 1.61 -9.77
N ASN A 175 16.09 1.28 -8.84
CA ASN A 175 15.63 2.05 -7.69
C ASN A 175 16.73 2.39 -6.67
N GLY A 176 17.83 1.63 -6.72
CA GLY A 176 19.03 1.76 -5.90
C GLY A 176 19.59 0.36 -5.61
N GLY A 177 18.67 -0.57 -5.31
CA GLY A 177 18.83 -2.01 -5.19
C GLY A 177 19.62 -2.54 -4.01
N VAL A 178 19.35 -3.82 -3.79
CA VAL A 178 20.05 -4.76 -2.92
C VAL A 178 19.74 -6.21 -3.35
N VAL A 179 18.53 -6.47 -3.90
CA VAL A 179 18.08 -7.70 -4.58
C VAL A 179 18.82 -8.95 -4.11
N LYS A 180 18.52 -9.32 -2.86
CA LYS A 180 19.21 -10.30 -2.03
C LYS A 180 19.05 -11.70 -2.59
N GLY A 181 17.82 -12.00 -2.99
CA GLY A 181 17.44 -13.17 -3.77
C GLY A 181 16.36 -12.82 -4.80
N PHE A 182 16.10 -13.77 -5.69
CA PHE A 182 15.01 -13.76 -6.66
C PHE A 182 14.60 -15.21 -6.99
N LYS A 183 13.29 -15.45 -7.08
CA LYS A 183 12.61 -16.70 -7.45
C LYS A 183 11.34 -16.43 -8.26
N PHE A 184 10.68 -17.47 -8.74
CA PHE A 184 9.31 -17.37 -9.25
C PHE A 184 8.38 -18.10 -8.28
N PHE A 185 7.14 -17.62 -8.22
CA PHE A 185 6.02 -18.21 -7.49
C PHE A 185 5.61 -19.61 -8.01
N GLN A 186 4.55 -20.16 -7.41
CA GLN A 186 3.98 -21.50 -7.66
C GLN A 186 3.68 -21.83 -9.14
N LYS A 187 3.31 -23.08 -9.42
CA LYS A 187 3.17 -23.70 -10.77
C LYS A 187 2.35 -22.94 -11.82
N ASP A 188 1.49 -22.01 -11.41
CA ASP A 188 0.79 -21.04 -12.26
C ASP A 188 1.75 -20.10 -13.03
N ARG A 189 2.98 -19.88 -12.53
CA ARG A 189 4.13 -19.22 -13.17
C ARG A 189 3.79 -17.92 -13.95
N LYS A 190 2.92 -17.05 -13.41
CA LYS A 190 2.69 -15.67 -13.89
C LYS A 190 2.88 -14.64 -12.79
N MET A 191 3.42 -15.11 -11.67
CA MET A 191 3.89 -14.34 -10.53
C MET A 191 5.33 -14.69 -10.23
N ALA A 192 6.00 -13.79 -9.56
CA ALA A 192 7.43 -13.81 -9.31
C ALA A 192 7.69 -13.28 -7.91
N LEU A 193 8.94 -13.37 -7.47
CA LEU A 193 9.26 -13.16 -6.08
C LEU A 193 10.69 -12.65 -5.90
N ILE A 194 10.83 -11.54 -5.19
CA ILE A 194 12.09 -10.85 -4.96
C ILE A 194 12.29 -10.61 -3.48
N GLN A 195 13.50 -10.83 -2.98
CA GLN A 195 13.86 -10.42 -1.63
C GLN A 195 14.77 -9.21 -1.74
N MET A 196 14.27 -8.07 -1.29
CA MET A 196 15.10 -6.88 -1.07
C MET A 196 16.09 -7.13 0.09
N GLY A 197 16.96 -6.17 0.39
CA GLY A 197 17.87 -6.23 1.55
C GLY A 197 17.16 -5.88 2.86
N SER A 198 16.28 -4.88 2.82
CA SER A 198 15.43 -4.40 3.93
C SER A 198 14.12 -3.83 3.39
N VAL A 199 13.12 -3.58 4.26
CA VAL A 199 11.83 -3.04 3.74
C VAL A 199 12.00 -1.70 3.07
N GLU A 200 12.87 -0.83 3.59
CA GLU A 200 12.99 0.58 3.16
C GLU A 200 13.11 0.64 1.64
N GLU A 201 14.02 -0.17 1.10
CA GLU A 201 14.23 -0.32 -0.34
C GLU A 201 13.12 -1.16 -0.96
N ALA A 202 12.64 -2.24 -0.30
CA ALA A 202 11.54 -3.08 -0.79
C ALA A 202 10.30 -2.23 -1.11
N VAL A 203 9.70 -1.62 -0.09
CA VAL A 203 8.50 -0.80 -0.16
C VAL A 203 8.66 0.32 -1.17
N GLN A 204 9.77 1.05 -1.15
CA GLN A 204 10.04 2.05 -2.18
C GLN A 204 9.99 1.49 -3.63
N ALA A 205 10.62 0.33 -3.88
CA ALA A 205 10.61 -0.38 -5.16
C ALA A 205 9.22 -0.91 -5.52
N LEU A 206 8.39 -1.29 -4.55
CA LEU A 206 6.98 -1.57 -4.69
C LEU A 206 6.25 -0.30 -5.13
N ILE A 207 6.37 0.81 -4.40
CA ILE A 207 5.65 2.03 -4.72
C ILE A 207 6.09 2.58 -6.09
N ASP A 208 7.31 2.23 -6.51
CA ASP A 208 7.83 2.45 -7.85
C ASP A 208 7.18 1.60 -8.95
N LEU A 209 7.13 0.27 -8.77
CA LEU A 209 6.77 -0.67 -9.80
C LEU A 209 5.33 -1.18 -9.76
N HIS A 210 4.59 -0.99 -8.68
CA HIS A 210 3.15 -1.26 -8.72
C HIS A 210 2.47 -0.33 -9.74
N ASN A 211 1.85 -0.96 -10.72
CA ASN A 211 1.13 -0.28 -11.81
C ASN A 211 2.07 0.58 -12.68
N HIS A 212 3.28 0.07 -12.97
CA HIS A 212 4.29 0.68 -13.85
C HIS A 212 3.84 0.89 -15.32
N ASP A 213 2.58 0.55 -15.66
CA ASP A 213 1.89 0.85 -16.92
C ASP A 213 2.64 0.32 -18.16
N LEU A 214 2.86 -1.00 -18.19
CA LEU A 214 3.67 -1.69 -19.20
C LEU A 214 3.08 -1.54 -20.61
N GLY A 215 1.77 -1.76 -20.76
CA GLY A 215 1.23 -1.88 -22.12
C GLY A 215 -0.26 -1.88 -22.38
N GLU A 216 -0.76 -3.09 -22.56
CA GLU A 216 -2.05 -3.48 -23.11
C GLU A 216 -3.02 -3.98 -22.05
N ASN A 217 -2.75 -3.60 -20.80
CA ASN A 217 -3.40 -3.94 -19.51
C ASN A 217 -2.57 -4.96 -18.70
N HIS A 218 -1.49 -5.49 -19.30
CA HIS A 218 -0.43 -6.32 -18.70
C HIS A 218 0.38 -5.65 -17.57
N HIS A 219 -0.16 -4.59 -16.96
CA HIS A 219 0.51 -3.70 -16.02
C HIS A 219 0.87 -4.42 -14.71
N LEU A 220 2.04 -4.06 -14.18
CA LEU A 220 2.73 -4.73 -13.07
C LEU A 220 1.95 -4.67 -11.74
N ARG A 221 1.90 -5.79 -11.02
CA ARG A 221 1.29 -6.01 -9.71
C ARG A 221 2.39 -6.46 -8.75
N VAL A 222 2.20 -6.17 -7.47
CA VAL A 222 3.23 -6.30 -6.42
C VAL A 222 2.58 -6.22 -5.04
N SER A 223 3.21 -6.83 -4.04
CA SER A 223 2.87 -6.66 -2.62
C SER A 223 3.95 -7.23 -1.73
N PHE A 224 3.87 -7.04 -0.41
CA PHE A 224 4.74 -7.76 0.54
C PHE A 224 4.46 -9.26 0.50
N SER A 225 5.48 -10.09 0.76
CA SER A 225 5.32 -11.55 0.81
C SER A 225 5.79 -12.19 2.13
N LYS A 226 5.01 -13.20 2.58
CA LYS A 226 5.33 -14.17 3.64
C LYS A 226 6.47 -15.12 3.30
N SER A 227 6.79 -15.25 2.01
CA SER A 227 7.84 -16.12 1.47
C SER A 227 9.24 -15.55 1.74
N THR A 228 10.25 -16.38 1.48
CA THR A 228 11.69 -16.02 1.51
C THR A 228 12.48 -16.76 0.44
N ILE A 229 13.79 -16.47 0.36
CA ILE A 229 14.74 -16.89 -0.67
C ILE A 229 16.03 -17.44 -0.06
N GLY A 22 -8.75 -13.90 25.95
CA GLY A 22 -10.03 -13.45 25.38
C GLY A 22 -10.80 -14.59 24.73
N ARG A 23 -11.65 -14.29 23.73
CA ARG A 23 -12.44 -15.25 22.94
C ARG A 23 -12.53 -14.85 21.45
N ILE A 24 -13.21 -15.67 20.64
CA ILE A 24 -13.33 -15.52 19.17
C ILE A 24 -14.00 -14.20 18.71
N ALA A 25 -14.88 -13.61 19.53
CA ALA A 25 -15.55 -12.33 19.27
C ALA A 25 -15.83 -11.57 20.59
N ILE A 26 -15.45 -10.30 20.66
CA ILE A 26 -15.69 -9.44 21.84
C ILE A 26 -17.19 -9.14 22.08
N PRO A 27 -17.59 -8.73 23.30
CA PRO A 27 -18.94 -8.20 23.59
C PRO A 27 -19.32 -6.98 22.73
N GLY A 28 -20.61 -6.66 22.68
CA GLY A 28 -21.16 -5.49 21.97
C GLY A 28 -20.92 -4.12 22.63
N LEU A 29 -20.18 -4.09 23.75
CA LEU A 29 -19.84 -2.89 24.54
C LEU A 29 -18.97 -1.87 23.77
N ALA A 30 -18.21 -2.30 22.76
CA ALA A 30 -17.29 -1.49 21.96
C ALA A 30 -17.50 -1.66 20.44
N GLY A 31 -16.91 -0.78 19.64
CA GLY A 31 -17.04 -0.76 18.18
C GLY A 31 -16.34 0.43 17.51
N ALA A 32 -15.00 0.46 17.56
CA ALA A 32 -14.15 1.49 16.94
C ALA A 32 -14.10 1.46 15.39
N GLY A 33 -14.76 0.49 14.76
CA GLY A 33 -14.90 0.35 13.30
C GLY A 33 -15.53 1.57 12.64
N ASN A 34 -14.70 2.40 12.01
CA ASN A 34 -15.06 3.71 11.46
C ASN A 34 -14.50 3.95 10.03
N SER A 35 -13.72 3.02 9.49
CA SER A 35 -12.88 3.11 8.28
C SER A 35 -11.75 4.16 8.28
N VAL A 36 -12.06 5.44 8.46
CA VAL A 36 -11.11 6.57 8.57
C VAL A 36 -9.88 6.28 9.45
N LEU A 37 -8.70 6.58 8.91
CA LEU A 37 -7.41 6.51 9.62
C LEU A 37 -6.56 7.78 9.43
N LEU A 38 -6.03 8.38 10.50
CA LEU A 38 -5.02 9.42 10.41
C LEU A 38 -3.66 8.85 10.01
N VAL A 39 -2.88 9.63 9.27
CA VAL A 39 -1.48 9.34 8.92
C VAL A 39 -0.60 10.52 9.30
N SER A 40 0.06 10.42 10.45
CA SER A 40 0.99 11.43 10.93
C SER A 40 2.45 10.96 10.82
N ASN A 41 3.35 11.90 11.04
CA ASN A 41 4.80 11.86 10.81
C ASN A 41 5.17 11.86 9.31
N LEU A 42 4.66 12.80 8.51
CA LEU A 42 5.08 12.97 7.11
C LEU A 42 6.38 13.80 6.99
N ASN A 43 7.41 13.19 6.39
CA ASN A 43 8.58 13.91 5.88
C ASN A 43 8.09 14.73 4.67
N PRO A 44 8.10 16.08 4.71
CA PRO A 44 7.43 16.93 3.72
C PRO A 44 8.03 16.90 2.31
N GLU A 45 9.14 16.16 2.10
CA GLU A 45 9.87 16.05 0.84
C GLU A 45 9.92 14.61 0.29
N ARG A 46 9.27 13.64 0.98
CA ARG A 46 9.46 12.22 0.76
C ARG A 46 8.13 11.48 0.73
N VAL A 47 7.19 11.80 1.64
CA VAL A 47 5.85 11.19 1.62
C VAL A 47 5.00 11.76 0.51
N THR A 48 4.18 10.91 -0.11
CA THR A 48 3.24 11.30 -1.15
C THR A 48 1.86 10.65 -0.98
N PRO A 49 0.80 11.19 -1.64
CA PRO A 49 -0.50 10.53 -1.72
C PRO A 49 -0.40 9.07 -2.17
N GLN A 50 0.41 8.77 -3.20
CA GLN A 50 0.55 7.41 -3.76
C GLN A 50 1.28 6.44 -2.83
N SER A 51 2.22 6.93 -2.02
CA SER A 51 2.95 6.11 -1.03
C SER A 51 2.03 5.53 0.05
N LEU A 52 1.30 6.42 0.74
CA LEU A 52 0.34 6.01 1.78
C LEU A 52 -0.90 5.31 1.18
N PHE A 53 -1.26 5.60 -0.07
CA PHE A 53 -2.31 4.92 -0.83
C PHE A 53 -1.99 3.45 -0.95
N ILE A 54 -0.81 3.14 -1.50
CA ILE A 54 -0.40 1.75 -1.72
C ILE A 54 -0.34 0.96 -0.42
N LEU A 55 0.24 1.48 0.67
CA LEU A 55 0.33 0.61 1.86
C LEU A 55 -1.06 0.21 2.34
N PHE A 56 -1.91 1.21 2.58
CA PHE A 56 -3.27 0.98 2.99
C PHE A 56 -4.03 0.13 1.94
N GLY A 57 -3.66 0.25 0.66
CA GLY A 57 -4.31 -0.44 -0.46
C GLY A 57 -3.88 -1.89 -0.63
N VAL A 58 -2.86 -2.33 0.11
CA VAL A 58 -2.44 -3.75 0.20
C VAL A 58 -2.79 -4.33 1.57
N TYR A 59 -2.84 -3.48 2.59
CA TYR A 59 -3.34 -3.74 3.94
C TYR A 59 -4.88 -3.71 4.06
N GLY A 60 -5.59 -3.41 2.95
CA GLY A 60 -7.04 -3.52 2.84
C GLY A 60 -7.57 -3.10 1.47
N ASP A 61 -8.54 -2.18 1.47
CA ASP A 61 -9.21 -1.61 0.29
C ASP A 61 -9.41 -0.09 0.52
N VAL A 62 -8.41 0.71 0.15
CA VAL A 62 -8.35 2.15 0.51
C VAL A 62 -9.44 2.95 -0.22
N GLN A 63 -10.41 3.46 0.53
CA GLN A 63 -11.60 4.16 0.05
C GLN A 63 -11.23 5.53 -0.52
N ARG A 64 -10.65 6.39 0.34
CA ARG A 64 -10.25 7.76 0.05
C ARG A 64 -8.96 8.10 0.77
N VAL A 65 -8.35 9.22 0.38
CA VAL A 65 -7.10 9.75 0.94
C VAL A 65 -7.14 11.28 0.84
N LYS A 66 -6.57 11.97 1.82
CA LYS A 66 -6.25 13.41 1.86
C LYS A 66 -4.86 13.62 2.45
N ILE A 67 -4.27 14.73 2.04
CA ILE A 67 -2.93 15.21 2.36
C ILE A 67 -3.04 16.69 2.73
N LEU A 68 -2.54 17.14 3.89
CA LEU A 68 -2.78 18.53 4.35
C LEU A 68 -2.08 19.56 3.44
N PHE A 69 -2.88 20.31 2.66
CA PHE A 69 -2.48 21.22 1.57
C PHE A 69 -1.20 22.04 1.85
N ASN A 70 -1.25 22.96 2.81
CA ASN A 70 -0.14 23.85 3.17
C ASN A 70 0.78 23.30 4.29
N LYS A 71 0.27 22.39 5.14
CA LYS A 71 0.98 21.86 6.31
C LYS A 71 1.98 20.75 5.95
N LYS A 72 1.55 19.82 5.07
CA LYS A 72 2.29 18.68 4.48
C LYS A 72 3.13 17.80 5.43
N GLU A 73 2.85 17.84 6.74
CA GLU A 73 3.50 17.03 7.79
C GLU A 73 2.53 16.05 8.47
N ASN A 74 1.25 16.09 8.08
CA ASN A 74 0.22 15.12 8.42
C ASN A 74 -0.66 14.85 7.18
N ALA A 75 -1.45 13.78 7.24
CA ALA A 75 -2.41 13.35 6.23
C ALA A 75 -3.61 12.65 6.90
N LEU A 76 -4.69 12.50 6.15
CA LEU A 76 -5.94 11.86 6.58
C LEU A 76 -6.39 10.86 5.53
N VAL A 77 -6.42 9.57 5.86
CA VAL A 77 -6.75 8.48 4.95
C VAL A 77 -8.07 7.83 5.35
N GLN A 78 -8.69 7.08 4.43
CA GLN A 78 -9.92 6.36 4.70
C GLN A 78 -9.87 4.91 4.18
N MET A 79 -9.95 3.95 5.11
CA MET A 79 -9.68 2.53 4.89
C MET A 79 -10.88 1.65 5.25
N ALA A 80 -11.58 1.14 4.23
CA ALA A 80 -12.69 0.18 4.24
C ALA A 80 -13.45 0.00 5.58
N ASP A 81 -12.91 -0.70 6.60
CA ASP A 81 -13.50 -0.68 7.96
C ASP A 81 -12.56 -1.22 9.04
N GLY A 82 -13.02 -1.28 10.30
CA GLY A 82 -12.36 -1.67 11.56
C GLY A 82 -11.61 -3.02 11.65
N ASN A 83 -11.45 -3.74 10.54
CA ASN A 83 -10.56 -4.89 10.40
C ASN A 83 -9.41 -4.52 9.45
N GLN A 84 -9.73 -3.85 8.35
CA GLN A 84 -8.79 -3.26 7.39
C GLN A 84 -8.00 -2.10 8.01
N ALA A 85 -8.72 -1.16 8.61
CA ALA A 85 -8.22 0.00 9.34
C ALA A 85 -7.24 -0.42 10.45
N GLN A 86 -7.59 -1.49 11.18
CA GLN A 86 -6.72 -2.03 12.23
C GLN A 86 -5.44 -2.65 11.67
N LEU A 87 -5.51 -3.41 10.57
CA LEU A 87 -4.32 -3.95 9.91
C LEU A 87 -3.37 -2.85 9.49
N ALA A 88 -3.90 -1.92 8.71
CA ALA A 88 -3.09 -0.93 8.05
C ALA A 88 -2.26 -0.22 9.12
N MET A 89 -2.90 0.35 10.12
CA MET A 89 -2.23 0.85 11.32
C MET A 89 -1.28 -0.18 11.96
N SER A 90 -1.74 -1.41 12.26
CA SER A 90 -0.97 -2.53 12.83
C SER A 90 0.41 -2.70 12.18
N HIS A 91 0.44 -2.71 10.84
CA HIS A 91 1.63 -2.98 10.05
C HIS A 91 2.41 -1.71 9.71
N LEU A 92 1.75 -0.58 9.41
CA LEU A 92 2.38 0.71 9.19
C LEU A 92 3.18 1.18 10.40
N ASN A 93 2.72 0.88 11.62
CA ASN A 93 3.26 1.36 12.91
C ASN A 93 4.68 0.78 13.17
N GLY A 94 5.62 1.33 12.40
CA GLY A 94 7.07 1.23 12.45
C GLY A 94 7.66 0.68 11.14
N HIS A 95 6.91 0.84 10.04
CA HIS A 95 7.34 0.60 8.66
C HIS A 95 8.32 1.70 8.19
N LYS A 96 8.44 2.80 8.93
CA LYS A 96 9.16 4.06 8.67
C LYS A 96 8.77 4.80 7.36
N LEU A 97 7.97 4.14 6.52
CA LEU A 97 7.33 4.40 5.22
C LEU A 97 8.34 4.63 4.08
N HIS A 98 9.32 5.49 4.34
CA HIS A 98 10.51 5.78 3.54
C HIS A 98 11.73 5.86 4.47
N GLY A 99 11.53 6.42 5.66
CA GLY A 99 12.45 6.32 6.78
C GLY A 99 12.38 7.44 7.84
N LYS A 100 11.19 7.61 8.43
CA LYS A 100 10.92 8.37 9.65
C LYS A 100 10.03 7.50 10.56
N PRO A 101 10.31 7.34 11.87
CA PRO A 101 9.54 6.44 12.74
C PRO A 101 8.11 6.95 12.89
N ILE A 102 7.21 6.45 12.03
CA ILE A 102 5.82 6.87 11.75
C ILE A 102 4.87 7.25 12.92
N ARG A 103 3.63 7.66 12.63
CA ARG A 103 2.51 7.78 13.58
C ARG A 103 1.16 7.66 12.85
N ILE A 104 0.84 6.47 12.37
CA ILE A 104 -0.51 6.15 11.87
C ILE A 104 -1.38 5.82 13.09
N THR A 105 -2.59 6.34 13.16
CA THR A 105 -3.51 6.14 14.29
C THR A 105 -4.98 6.21 13.83
N LEU A 106 -5.90 5.88 14.72
CA LEU A 106 -7.35 6.05 14.49
C LEU A 106 -7.76 7.53 14.37
N SER A 107 -8.79 7.79 13.55
CA SER A 107 -9.50 9.07 13.43
C SER A 107 -11.03 8.87 13.42
N LYS A 108 -11.58 8.36 14.53
CA LYS A 108 -12.96 7.84 14.76
C LYS A 108 -14.18 8.72 14.42
N HIS A 109 -13.99 9.86 13.75
CA HIS A 109 -15.01 10.75 13.21
C HIS A 109 -15.83 10.12 12.05
N GLN A 110 -16.80 10.88 11.49
CA GLN A 110 -17.58 10.56 10.29
C GLN A 110 -16.72 10.42 9.01
N ASN A 111 -17.35 9.96 7.92
CA ASN A 111 -16.74 9.76 6.59
C ASN A 111 -16.15 11.07 6.04
N VAL A 112 -15.17 10.94 5.16
CA VAL A 112 -14.54 12.06 4.47
C VAL A 112 -15.28 12.39 3.17
N GLN A 113 -15.09 13.59 2.63
CA GLN A 113 -15.72 14.04 1.38
C GLN A 113 -14.70 14.62 0.39
N LEU A 114 -15.18 14.89 -0.82
CA LEU A 114 -14.39 15.17 -2.03
C LEU A 114 -14.65 16.55 -2.68
N PRO A 115 -13.60 17.31 -3.05
CA PRO A 115 -13.70 18.52 -3.89
C PRO A 115 -13.90 18.17 -5.38
N ARG A 116 -13.90 19.18 -6.26
CA ARG A 116 -13.94 19.02 -7.72
C ARG A 116 -12.60 19.35 -8.38
N GLU A 117 -12.41 18.77 -9.57
CA GLU A 117 -11.15 18.71 -10.35
C GLU A 117 -10.69 20.08 -10.87
N GLY A 118 -11.63 21.01 -10.95
CA GLY A 118 -11.48 22.38 -11.43
C GLY A 118 -11.44 23.41 -10.30
N GLN A 119 -11.38 22.95 -9.04
CA GLN A 119 -11.59 23.78 -7.86
C GLN A 119 -10.45 23.66 -6.82
N GLU A 120 -10.35 22.52 -6.13
CA GLU A 120 -9.52 22.33 -4.94
C GLU A 120 -8.72 21.01 -4.93
N ASP A 121 -8.89 20.16 -5.94
CA ASP A 121 -8.28 18.82 -6.10
C ASP A 121 -6.77 18.85 -6.48
N GLN A 122 -5.99 19.72 -5.84
CA GLN A 122 -4.59 20.07 -6.15
C GLN A 122 -3.53 19.01 -5.76
N GLY A 123 -3.94 17.82 -5.31
CA GLY A 123 -3.07 16.75 -4.78
C GLY A 123 -3.24 16.50 -3.26
N LEU A 124 -4.18 17.21 -2.64
CA LEU A 124 -4.72 17.07 -1.29
C LEU A 124 -5.47 15.72 -1.23
N THR A 125 -6.78 15.74 -1.43
CA THR A 125 -7.72 14.64 -1.68
C THR A 125 -7.44 13.73 -2.89
N LYS A 126 -7.93 12.49 -2.77
CA LYS A 126 -8.09 11.39 -3.75
C LYS A 126 -9.29 10.49 -3.39
N ASP A 127 -9.86 9.83 -4.39
CA ASP A 127 -10.87 8.77 -4.24
C ASP A 127 -10.40 7.51 -4.99
N TYR A 128 -9.92 6.53 -4.21
CA TYR A 128 -9.33 5.28 -4.69
C TYR A 128 -10.30 4.07 -4.63
N GLY A 129 -11.56 4.27 -4.22
CA GLY A 129 -12.55 3.23 -3.88
C GLY A 129 -13.01 2.28 -5.01
N ASN A 130 -12.39 2.34 -6.19
CA ASN A 130 -12.62 1.47 -7.36
C ASN A 130 -11.33 0.86 -7.95
N SER A 131 -10.16 1.11 -7.35
CA SER A 131 -8.83 0.72 -7.86
C SER A 131 -8.66 -0.80 -8.03
N PRO A 132 -8.44 -1.34 -9.24
CA PRO A 132 -8.22 -2.77 -9.52
C PRO A 132 -7.07 -3.47 -8.80
N LEU A 133 -6.29 -2.76 -7.98
CA LEU A 133 -5.13 -3.27 -7.24
C LEU A 133 -5.50 -3.89 -5.88
N HIS A 134 -6.63 -3.48 -5.28
CA HIS A 134 -6.98 -3.83 -3.91
C HIS A 134 -7.39 -5.30 -3.73
N ARG A 135 -7.42 -5.76 -2.46
CA ARG A 135 -7.79 -7.13 -2.00
C ARG A 135 -6.91 -8.28 -2.54
N PHE A 136 -5.85 -7.97 -3.30
CA PHE A 136 -4.78 -8.87 -3.73
C PHE A 136 -5.28 -10.24 -4.24
N LYS A 137 -4.60 -11.34 -3.88
CA LYS A 137 -4.82 -12.70 -4.39
C LYS A 137 -6.16 -13.33 -3.94
N LYS A 138 -6.81 -12.80 -2.89
CA LYS A 138 -7.95 -13.34 -2.16
C LYS A 138 -9.29 -12.63 -2.47
N PRO A 139 -10.09 -13.10 -3.45
CA PRO A 139 -11.43 -12.56 -3.71
C PRO A 139 -12.46 -12.84 -2.59
N GLY A 140 -12.14 -13.71 -1.62
CA GLY A 140 -13.00 -14.02 -0.47
C GLY A 140 -13.04 -12.92 0.61
N SER A 141 -12.15 -11.92 0.53
CA SER A 141 -12.06 -10.73 1.39
C SER A 141 -11.86 -10.95 2.91
N LYS A 142 -11.74 -12.21 3.36
CA LYS A 142 -11.62 -12.62 4.78
C LYS A 142 -10.41 -13.50 5.12
N ASN A 143 -9.70 -14.00 4.11
CA ASN A 143 -8.46 -14.80 4.20
C ASN A 143 -7.20 -13.95 4.46
N PHE A 144 -7.40 -12.73 4.97
CA PHE A 144 -6.45 -11.62 5.11
C PHE A 144 -5.39 -11.86 6.19
N GLN A 145 -4.39 -12.69 5.85
CA GLN A 145 -3.15 -12.94 6.59
C GLN A 145 -1.91 -12.98 5.68
N ASN A 146 -2.08 -13.29 4.37
CA ASN A 146 -1.02 -13.38 3.34
C ASN A 146 -0.24 -12.07 3.05
N ILE A 147 -0.82 -11.00 3.55
CA ILE A 147 -0.53 -9.57 3.58
C ILE A 147 0.88 -9.31 4.09
N PHE A 148 1.13 -9.80 5.31
CA PHE A 148 2.39 -9.85 6.03
C PHE A 148 2.92 -8.46 6.46
N PRO A 149 3.44 -8.31 7.70
CA PRO A 149 3.99 -7.03 8.21
C PRO A 149 5.27 -6.60 7.45
N PRO A 150 5.76 -5.36 7.68
CA PRO A 150 6.81 -4.71 6.88
C PRO A 150 8.00 -5.62 6.55
N SER A 151 8.30 -5.82 5.27
CA SER A 151 9.34 -6.76 4.81
C SER A 151 10.08 -6.31 3.55
N ALA A 152 11.32 -6.82 3.48
CA ALA A 152 12.23 -6.72 2.35
C ALA A 152 11.80 -7.58 1.15
N THR A 153 11.16 -8.74 1.38
CA THR A 153 10.66 -9.62 0.31
C THR A 153 9.42 -9.01 -0.36
N LEU A 154 9.43 -8.93 -1.70
CA LEU A 154 8.31 -8.48 -2.51
C LEU A 154 7.92 -9.44 -3.65
N HIS A 155 6.63 -9.78 -3.63
CA HIS A 155 5.86 -10.69 -4.46
C HIS A 155 5.42 -9.97 -5.72
N LEU A 156 6.10 -10.18 -6.85
CA LEU A 156 5.71 -9.59 -8.13
C LEU A 156 4.68 -10.51 -8.84
N SER A 157 3.88 -9.99 -9.78
CA SER A 157 2.89 -10.75 -10.57
C SER A 157 2.32 -9.95 -11.75
N ASN A 158 1.45 -10.58 -12.55
CA ASN A 158 0.78 -10.07 -13.76
C ASN A 158 1.75 -9.91 -14.95
N ILE A 159 2.92 -10.52 -14.84
CA ILE A 159 4.02 -10.59 -15.83
C ILE A 159 3.61 -11.39 -17.08
N PRO A 160 3.58 -10.77 -18.28
CA PRO A 160 3.44 -11.52 -19.54
C PRO A 160 4.59 -12.52 -19.79
N PRO A 161 4.42 -13.49 -20.71
CA PRO A 161 5.45 -14.43 -21.19
C PRO A 161 6.73 -13.83 -21.82
N SER A 162 7.00 -12.53 -21.64
CA SER A 162 8.11 -11.77 -22.25
C SER A 162 8.94 -11.04 -21.19
N VAL A 163 8.41 -10.87 -19.96
CA VAL A 163 9.19 -10.39 -18.83
C VAL A 163 10.16 -11.49 -18.36
N SER A 164 11.44 -11.18 -18.29
CA SER A 164 12.46 -12.10 -17.73
C SER A 164 12.76 -11.76 -16.28
N GLU A 165 13.44 -12.66 -15.58
CA GLU A 165 14.02 -12.38 -14.25
C GLU A 165 14.84 -11.09 -14.27
N GLU A 166 15.65 -10.88 -15.31
CA GLU A 166 16.39 -9.66 -15.54
C GLU A 166 15.45 -8.48 -15.68
N ASP A 167 14.54 -8.40 -16.67
CA ASP A 167 13.71 -7.20 -16.88
C ASP A 167 12.91 -6.82 -15.64
N LEU A 168 12.50 -7.81 -14.85
CA LEU A 168 11.85 -7.67 -13.58
C LEU A 168 12.77 -7.06 -12.50
N LYS A 169 13.81 -7.80 -12.12
CA LYS A 169 14.89 -7.43 -11.21
C LYS A 169 15.51 -6.08 -11.59
N VAL A 170 15.69 -5.80 -12.87
CA VAL A 170 16.14 -4.54 -13.44
C VAL A 170 15.22 -3.40 -13.01
N LEU A 171 13.90 -3.53 -13.08
CA LEU A 171 13.02 -2.50 -12.49
C LEU A 171 13.38 -2.23 -11.02
N PHE A 172 13.48 -3.30 -10.23
CA PHE A 172 13.80 -3.23 -8.80
C PHE A 172 15.27 -2.85 -8.49
N SER A 173 16.13 -2.77 -9.51
CA SER A 173 17.56 -2.41 -9.48
C SER A 173 17.79 -1.02 -10.08
N SER A 174 16.75 -0.43 -10.68
CA SER A 174 16.79 0.85 -11.39
C SER A 174 16.20 1.96 -10.53
N ASN A 175 15.43 1.57 -9.52
CA ASN A 175 14.94 2.37 -8.40
C ASN A 175 16.03 2.79 -7.42
N GLY A 176 17.09 1.99 -7.35
CA GLY A 176 18.26 2.15 -6.50
C GLY A 176 18.87 0.78 -6.19
N GLY A 177 17.99 -0.15 -5.79
CA GLY A 177 18.19 -1.59 -5.65
C GLY A 177 19.24 -2.09 -4.66
N VAL A 178 18.74 -2.70 -3.59
CA VAL A 178 19.53 -3.49 -2.63
C VAL A 178 19.20 -4.99 -2.69
N VAL A 179 18.35 -5.40 -3.65
CA VAL A 179 18.05 -6.77 -4.10
C VAL A 179 19.13 -7.79 -3.72
N LYS A 180 18.72 -8.62 -2.75
CA LYS A 180 19.47 -9.66 -2.06
C LYS A 180 19.47 -10.94 -2.88
N GLY A 181 18.27 -11.32 -3.33
CA GLY A 181 18.02 -12.46 -4.22
C GLY A 181 16.80 -12.27 -5.09
N PHE A 182 16.55 -13.25 -5.96
CA PHE A 182 15.46 -13.32 -6.92
C PHE A 182 15.10 -14.77 -7.25
N LYS A 183 13.79 -15.06 -7.37
CA LYS A 183 13.13 -16.33 -7.69
C LYS A 183 11.86 -16.11 -8.52
N PHE A 184 11.26 -17.19 -9.02
CA PHE A 184 9.90 -17.21 -9.55
C PHE A 184 9.04 -18.03 -8.59
N PHE A 185 7.80 -17.60 -8.37
CA PHE A 185 6.85 -18.29 -7.50
C PHE A 185 6.58 -19.75 -7.90
N GLN A 186 7.12 -20.64 -7.06
CA GLN A 186 6.94 -22.08 -6.96
C GLN A 186 6.63 -22.87 -8.25
N LYS A 187 5.36 -22.98 -8.66
CA LYS A 187 4.91 -23.86 -9.76
C LYS A 187 4.12 -23.16 -10.88
N ASP A 188 3.24 -22.21 -10.53
CA ASP A 188 2.34 -21.54 -11.48
C ASP A 188 3.03 -20.39 -12.26
N ARG A 189 4.04 -19.74 -11.66
CA ARG A 189 4.98 -18.78 -12.31
C ARG A 189 4.34 -17.59 -13.04
N LYS A 190 3.08 -17.29 -12.72
CA LYS A 190 2.36 -16.06 -13.14
C LYS A 190 2.77 -14.87 -12.28
N MET A 191 3.56 -15.20 -11.26
CA MET A 191 4.11 -14.44 -10.18
C MET A 191 5.60 -14.74 -10.08
N ALA A 192 6.28 -13.81 -9.45
CA ALA A 192 7.71 -13.81 -9.29
C ALA A 192 8.04 -13.23 -7.93
N LEU A 193 9.30 -13.31 -7.54
CA LEU A 193 9.67 -13.04 -6.17
C LEU A 193 11.08 -12.48 -6.08
N ILE A 194 11.19 -11.33 -5.42
CA ILE A 194 12.44 -10.60 -5.21
C ILE A 194 12.58 -10.34 -3.72
N GLN A 195 13.80 -10.42 -3.20
CA GLN A 195 14.09 -10.03 -1.84
C GLN A 195 14.95 -8.78 -1.94
N MET A 196 14.38 -7.64 -1.55
CA MET A 196 15.11 -6.39 -1.36
C MET A 196 16.10 -6.50 -0.18
N GLY A 197 16.90 -5.47 0.05
CA GLY A 197 17.86 -5.39 1.16
C GLY A 197 17.22 -4.88 2.46
N SER A 198 16.20 -4.02 2.34
CA SER A 198 15.36 -3.54 3.45
C SER A 198 13.94 -3.25 2.98
N VAL A 199 13.00 -3.02 3.90
CA VAL A 199 11.66 -2.59 3.47
C VAL A 199 11.70 -1.26 2.75
N GLU A 200 12.55 -0.32 3.21
CA GLU A 200 12.52 1.07 2.76
C GLU A 200 12.67 1.14 1.24
N GLU A 201 13.58 0.34 0.69
CA GLU A 201 13.70 0.15 -0.75
C GLU A 201 12.61 -0.79 -1.30
N ALA A 202 12.24 -1.89 -0.60
CA ALA A 202 11.18 -2.80 -1.04
C ALA A 202 9.87 -2.03 -1.32
N VAL A 203 9.29 -1.43 -0.28
CA VAL A 203 8.09 -0.62 -0.33
C VAL A 203 8.21 0.48 -1.37
N GLN A 204 9.30 1.24 -1.41
CA GLN A 204 9.47 2.23 -2.48
C GLN A 204 9.41 1.65 -3.90
N ALA A 205 10.11 0.56 -4.16
CA ALA A 205 10.11 -0.17 -5.42
C ALA A 205 8.73 -0.79 -5.73
N LEU A 206 7.96 -1.17 -4.72
CA LEU A 206 6.56 -1.52 -4.82
C LEU A 206 5.76 -0.29 -5.26
N ILE A 207 5.87 0.84 -4.56
CA ILE A 207 5.09 2.03 -4.88
C ILE A 207 5.46 2.58 -6.28
N ASP A 208 6.67 2.26 -6.74
CA ASP A 208 7.14 2.46 -8.10
C ASP A 208 6.48 1.53 -9.13
N LEU A 209 6.57 0.21 -8.92
CA LEU A 209 6.22 -0.81 -9.89
C LEU A 209 4.79 -1.35 -9.82
N HIS A 210 4.03 -1.12 -8.75
CA HIS A 210 2.62 -1.43 -8.74
C HIS A 210 1.87 -0.56 -9.74
N ASN A 211 1.24 -1.25 -10.69
CA ASN A 211 0.45 -0.67 -11.77
C ASN A 211 1.32 0.16 -12.76
N HIS A 212 2.56 -0.28 -13.05
CA HIS A 212 3.54 0.35 -13.95
C HIS A 212 3.11 0.54 -15.44
N ASP A 213 1.83 0.31 -15.76
CA ASP A 213 1.18 0.49 -17.07
C ASP A 213 1.90 -0.25 -18.22
N LEU A 214 1.95 -1.58 -18.11
CA LEU A 214 2.68 -2.44 -19.04
C LEU A 214 2.11 -2.42 -20.47
N GLY A 215 0.79 -2.48 -20.60
CA GLY A 215 0.17 -2.76 -21.90
C GLY A 215 -1.31 -2.47 -22.04
N GLU A 216 -2.01 -3.52 -22.47
CA GLU A 216 -3.43 -3.61 -22.75
C GLU A 216 -4.32 -3.61 -21.53
N ASN A 217 -3.74 -4.02 -20.41
CA ASN A 217 -4.33 -4.42 -19.13
C ASN A 217 -3.36 -5.31 -18.32
N HIS A 218 -2.25 -5.73 -18.93
CA HIS A 218 -1.15 -6.51 -18.34
C HIS A 218 -0.36 -5.79 -17.21
N HIS A 219 -0.93 -4.76 -16.61
CA HIS A 219 -0.32 -3.83 -15.68
C HIS A 219 0.20 -4.54 -14.41
N LEU A 220 1.45 -4.24 -14.07
CA LEU A 220 2.28 -4.92 -13.07
C LEU A 220 1.64 -4.95 -11.66
N ARG A 221 1.76 -6.07 -10.96
CA ARG A 221 1.23 -6.35 -9.62
C ARG A 221 2.40 -6.70 -8.70
N VAL A 222 2.24 -6.37 -7.43
CA VAL A 222 3.30 -6.40 -6.43
C VAL A 222 2.69 -6.40 -5.02
N SER A 223 3.37 -7.01 -4.05
CA SER A 223 3.06 -6.89 -2.62
C SER A 223 4.25 -7.29 -1.76
N PHE A 224 4.10 -7.25 -0.43
CA PHE A 224 5.04 -7.84 0.51
C PHE A 224 4.93 -9.38 0.53
N SER A 225 5.99 -10.06 0.95
CA SER A 225 6.01 -11.53 1.12
C SER A 225 6.77 -12.03 2.36
N LYS A 226 6.50 -13.30 2.71
CA LYS A 226 7.12 -14.10 3.77
C LYS A 226 7.96 -15.28 3.28
N SER A 227 7.93 -15.59 1.97
CA SER A 227 8.47 -16.84 1.40
C SER A 227 9.99 -16.93 1.25
N THR A 228 10.60 -15.75 1.25
CA THR A 228 12.04 -15.41 1.14
C THR A 228 12.86 -16.16 0.09
N ILE A 229 14.18 -15.92 0.07
CA ILE A 229 15.16 -16.34 -0.94
C ILE A 229 16.44 -16.88 -0.28
N GLY A 22 -30.22 -3.00 33.01
CA GLY A 22 -30.19 -2.42 34.37
C GLY A 22 -29.19 -1.29 34.48
N ARG A 23 -29.45 -0.29 35.33
CA ARG A 23 -28.62 0.92 35.54
C ARG A 23 -27.19 0.59 36.00
N ILE A 24 -27.06 -0.30 36.98
CA ILE A 24 -25.78 -0.80 37.51
C ILE A 24 -25.25 -1.91 36.58
N ALA A 25 -24.36 -1.52 35.66
CA ALA A 25 -23.73 -2.40 34.66
C ALA A 25 -22.28 -1.98 34.33
N ILE A 26 -21.60 -2.76 33.50
CA ILE A 26 -20.25 -2.51 32.96
C ILE A 26 -20.22 -2.83 31.44
N PRO A 27 -19.73 -1.93 30.57
CA PRO A 27 -19.84 -2.10 29.12
C PRO A 27 -18.86 -3.12 28.50
N GLY A 28 -17.74 -3.42 29.17
CA GLY A 28 -16.68 -4.30 28.66
C GLY A 28 -16.03 -3.80 27.36
N LEU A 29 -16.01 -2.48 27.15
CA LEU A 29 -15.63 -1.80 25.90
C LEU A 29 -14.15 -2.01 25.51
N ALA A 30 -13.86 -1.83 24.22
CA ALA A 30 -12.54 -1.96 23.59
C ALA A 30 -12.30 -0.81 22.57
N GLY A 31 -11.17 -0.87 21.85
CA GLY A 31 -10.83 0.10 20.79
C GLY A 31 -11.81 0.11 19.61
N ALA A 32 -11.78 1.19 18.82
CA ALA A 32 -12.77 1.48 17.77
C ALA A 32 -12.58 0.66 16.48
N GLY A 33 -11.80 1.19 15.53
CA GLY A 33 -11.70 0.68 14.16
C GLY A 33 -12.93 1.12 13.34
N ASN A 34 -12.75 2.10 12.45
CA ASN A 34 -13.85 2.82 11.81
C ASN A 34 -13.51 3.37 10.41
N SER A 35 -12.92 2.56 9.51
CA SER A 35 -12.40 2.98 8.18
C SER A 35 -11.34 4.10 8.18
N VAL A 36 -11.74 5.37 8.20
CA VAL A 36 -10.93 6.59 8.42
C VAL A 36 -9.65 6.37 9.25
N LEU A 37 -8.47 6.64 8.67
CA LEU A 37 -7.18 6.60 9.40
C LEU A 37 -6.32 7.86 9.20
N LEU A 38 -5.87 8.49 10.29
CA LEU A 38 -4.87 9.53 10.24
C LEU A 38 -3.49 8.94 9.95
N VAL A 39 -2.72 9.69 9.18
CA VAL A 39 -1.29 9.48 8.92
C VAL A 39 -0.53 10.66 9.52
N SER A 40 0.14 10.43 10.63
CA SER A 40 1.10 11.38 11.18
C SER A 40 2.53 10.88 10.95
N ASN A 41 3.50 11.76 11.16
CA ASN A 41 4.95 11.50 11.11
C ASN A 41 5.48 11.50 9.65
N LEU A 42 4.98 12.41 8.81
CA LEU A 42 5.48 12.61 7.45
C LEU A 42 6.88 13.25 7.44
N ASN A 43 7.49 13.25 6.25
CA ASN A 43 8.66 14.00 5.84
C ASN A 43 8.22 14.81 4.60
N PRO A 44 8.06 16.14 4.66
CA PRO A 44 7.45 16.94 3.59
C PRO A 44 8.27 17.00 2.28
N GLU A 45 9.43 16.35 2.22
CA GLU A 45 10.32 16.24 1.05
C GLU A 45 10.37 14.81 0.49
N ARG A 46 9.59 13.86 1.03
CA ARG A 46 9.70 12.43 0.80
C ARG A 46 8.36 11.78 0.61
N VAL A 47 7.35 12.12 1.42
CA VAL A 47 6.03 11.49 1.35
C VAL A 47 5.29 11.90 0.08
N THR A 48 4.48 10.99 -0.46
CA THR A 48 3.53 11.27 -1.54
C THR A 48 2.17 10.59 -1.35
N PRO A 49 1.10 11.08 -2.03
CA PRO A 49 -0.19 10.40 -2.08
C PRO A 49 -0.09 8.92 -2.52
N GLN A 50 0.74 8.60 -3.51
CA GLN A 50 0.89 7.22 -4.00
C GLN A 50 1.60 6.30 -3.00
N SER A 51 2.53 6.82 -2.21
CA SER A 51 3.25 6.05 -1.17
C SER A 51 2.29 5.55 -0.08
N LEU A 52 1.52 6.46 0.52
CA LEU A 52 0.54 6.13 1.54
C LEU A 52 -0.66 5.34 0.96
N PHE A 53 -1.03 5.60 -0.31
CA PHE A 53 -2.07 4.86 -1.05
C PHE A 53 -1.72 3.39 -1.09
N ILE A 54 -0.52 3.08 -1.59
CA ILE A 54 -0.09 1.71 -1.76
C ILE A 54 -0.09 0.95 -0.44
N LEU A 55 0.48 1.48 0.65
CA LEU A 55 0.58 0.59 1.82
C LEU A 55 -0.82 0.24 2.33
N PHE A 56 -1.64 1.26 2.56
CA PHE A 56 -3.02 1.07 2.96
C PHE A 56 -3.79 0.22 1.93
N GLY A 57 -3.41 0.30 0.66
CA GLY A 57 -4.06 -0.38 -0.47
C GLY A 57 -3.62 -1.82 -0.66
N VAL A 58 -2.63 -2.29 0.12
CA VAL A 58 -2.20 -3.68 0.20
C VAL A 58 -2.53 -4.29 1.56
N TYR A 59 -2.72 -3.44 2.57
CA TYR A 59 -3.22 -3.76 3.91
C TYR A 59 -4.75 -3.68 4.02
N GLY A 60 -5.45 -3.28 2.96
CA GLY A 60 -6.89 -3.34 2.77
C GLY A 60 -7.32 -2.64 1.47
N ASP A 61 -8.61 -2.47 1.27
CA ASP A 61 -9.19 -1.64 0.21
C ASP A 61 -9.20 -0.17 0.67
N VAL A 62 -8.27 0.66 0.17
CA VAL A 62 -8.21 2.09 0.51
C VAL A 62 -9.31 2.86 -0.26
N GLN A 63 -10.40 3.25 0.43
CA GLN A 63 -11.52 4.00 -0.13
C GLN A 63 -11.04 5.28 -0.82
N ARG A 64 -10.48 6.19 -0.01
CA ARG A 64 -10.08 7.55 -0.39
C ARG A 64 -8.85 7.97 0.43
N VAL A 65 -8.28 9.09 0.07
CA VAL A 65 -7.06 9.64 0.67
C VAL A 65 -7.15 11.17 0.70
N LYS A 66 -6.60 11.81 1.74
CA LYS A 66 -6.34 13.25 1.86
C LYS A 66 -4.91 13.48 2.33
N ILE A 67 -4.45 14.67 2.01
CA ILE A 67 -3.13 15.27 2.26
C ILE A 67 -3.39 16.70 2.77
N LEU A 68 -2.83 17.16 3.91
CA LEU A 68 -3.29 18.43 4.53
C LEU A 68 -2.82 19.72 3.81
N PHE A 69 -3.46 20.02 2.68
CA PHE A 69 -3.35 21.17 1.76
C PHE A 69 -2.08 22.02 1.93
N ASN A 70 -2.11 23.03 2.81
CA ASN A 70 -0.97 23.88 3.19
C ASN A 70 -0.67 23.85 4.71
N LYS A 71 -1.47 23.12 5.51
CA LYS A 71 -1.16 22.83 6.92
C LYS A 71 0.09 21.94 7.07
N LYS A 72 0.16 20.92 6.21
CA LYS A 72 1.24 19.94 5.95
C LYS A 72 1.68 19.10 7.16
N GLU A 73 2.41 18.03 6.83
CA GLU A 73 3.16 17.11 7.72
C GLU A 73 2.29 16.08 8.43
N ASN A 74 1.03 16.02 8.03
CA ASN A 74 0.05 14.97 8.29
C ASN A 74 -0.66 14.68 6.97
N ALA A 75 -1.20 13.46 6.88
CA ALA A 75 -2.12 13.02 5.86
C ALA A 75 -3.37 12.41 6.54
N LEU A 76 -4.48 12.25 5.83
CA LEU A 76 -5.73 11.69 6.34
C LEU A 76 -6.29 10.68 5.33
N VAL A 77 -5.99 9.40 5.54
CA VAL A 77 -6.40 8.29 4.69
C VAL A 77 -7.78 7.77 5.11
N GLN A 78 -8.43 7.00 4.23
CA GLN A 78 -9.74 6.41 4.50
C GLN A 78 -9.73 4.94 4.01
N MET A 79 -9.66 3.98 4.95
CA MET A 79 -9.73 2.55 4.63
C MET A 79 -11.16 2.11 4.32
N ALA A 80 -11.39 0.82 4.06
CA ALA A 80 -12.73 0.23 3.97
C ALA A 80 -13.48 0.21 5.32
N ASP A 81 -12.87 -0.32 6.40
CA ASP A 81 -13.56 -0.57 7.67
C ASP A 81 -12.58 -0.72 8.86
N GLY A 82 -13.08 -1.05 10.04
CA GLY A 82 -12.30 -1.31 11.24
C GLY A 82 -11.22 -2.38 11.09
N ASN A 83 -11.52 -3.59 10.61
CA ASN A 83 -10.49 -4.65 10.47
C ASN A 83 -9.37 -4.26 9.49
N GLN A 84 -9.76 -3.56 8.43
CA GLN A 84 -8.93 -3.04 7.35
C GLN A 84 -7.97 -1.96 7.89
N ALA A 85 -8.55 -0.95 8.54
CA ALA A 85 -7.90 0.10 9.32
C ALA A 85 -6.93 -0.48 10.40
N GLN A 86 -7.37 -1.47 11.17
CA GLN A 86 -6.59 -2.08 12.24
C GLN A 86 -5.34 -2.78 11.73
N LEU A 87 -5.42 -3.44 10.57
CA LEU A 87 -4.25 -3.99 9.89
C LEU A 87 -3.29 -2.90 9.49
N ALA A 88 -3.81 -1.94 8.75
CA ALA A 88 -3.00 -0.95 8.12
C ALA A 88 -2.16 -0.24 9.21
N MET A 89 -2.77 0.21 10.31
CA MET A 89 -2.01 0.67 11.47
C MET A 89 -1.09 -0.40 12.09
N SER A 90 -1.57 -1.63 12.28
CA SER A 90 -0.79 -2.78 12.80
C SER A 90 0.56 -2.92 12.10
N HIS A 91 0.58 -2.75 10.78
CA HIS A 91 1.73 -3.00 9.93
C HIS A 91 2.50 -1.71 9.57
N LEU A 92 1.83 -0.58 9.31
CA LEU A 92 2.43 0.69 9.04
C LEU A 92 3.18 1.25 10.25
N ASN A 93 2.79 0.93 11.47
CA ASN A 93 3.33 1.68 12.63
C ASN A 93 4.86 1.46 12.84
N GLY A 94 5.66 2.46 12.46
CA GLY A 94 7.11 2.46 12.39
C GLY A 94 7.68 1.98 11.04
N HIS A 95 6.84 1.83 10.02
CA HIS A 95 7.25 1.42 8.68
C HIS A 95 7.93 2.60 7.99
N LYS A 96 9.24 2.68 8.13
CA LYS A 96 10.14 3.55 7.38
C LYS A 96 9.99 3.37 5.85
N LEU A 97 8.97 4.07 5.34
CA LEU A 97 8.40 4.16 4.01
C LEU A 97 9.43 4.72 3.02
N HIS A 98 10.17 5.70 3.54
CA HIS A 98 11.29 6.41 2.94
C HIS A 98 12.41 6.66 3.96
N GLY A 99 12.16 6.51 5.28
CA GLY A 99 13.16 6.86 6.28
C GLY A 99 12.74 6.83 7.75
N LYS A 100 11.73 7.62 8.10
CA LYS A 100 11.32 7.93 9.47
C LYS A 100 10.38 6.87 10.10
N PRO A 101 10.41 6.65 11.43
CA PRO A 101 9.52 5.68 12.12
C PRO A 101 8.08 6.23 12.24
N ILE A 102 7.27 5.96 11.22
CA ILE A 102 5.94 6.57 11.01
C ILE A 102 4.89 6.25 12.08
N ARG A 103 3.83 7.06 12.19
CA ARG A 103 2.84 6.98 13.28
C ARG A 103 1.43 7.26 12.79
N ILE A 104 0.78 6.20 12.34
CA ILE A 104 -0.60 6.12 11.88
C ILE A 104 -1.48 5.85 13.09
N THR A 105 -2.64 6.51 13.18
CA THR A 105 -3.62 6.31 14.26
C THR A 105 -5.06 6.46 13.76
N LEU A 106 -6.04 6.06 14.55
CA LEU A 106 -7.46 6.26 14.22
C LEU A 106 -7.91 7.73 14.38
N SER A 107 -8.75 8.14 13.44
CA SER A 107 -9.56 9.37 13.46
C SER A 107 -11.00 8.96 13.06
N LYS A 108 -12.01 9.80 13.31
CA LYS A 108 -13.44 9.44 13.18
C LYS A 108 -14.33 10.52 12.56
N HIS A 109 -13.73 11.53 11.94
CA HIS A 109 -14.41 12.62 11.22
C HIS A 109 -15.15 12.11 9.95
N GLN A 110 -16.42 11.68 10.12
CA GLN A 110 -17.37 11.27 9.09
C GLN A 110 -16.74 10.44 7.93
N ASN A 111 -17.04 10.79 6.68
CA ASN A 111 -16.40 10.36 5.43
C ASN A 111 -16.23 11.58 4.55
N VAL A 112 -15.21 11.60 3.69
CA VAL A 112 -15.13 12.61 2.63
C VAL A 112 -15.92 12.15 1.42
N GLN A 113 -16.57 13.10 0.77
CA GLN A 113 -17.51 12.91 -0.34
C GLN A 113 -17.30 13.99 -1.42
N LEU A 114 -16.04 14.01 -1.87
CA LEU A 114 -15.48 14.69 -3.03
C LEU A 114 -16.22 15.98 -3.45
N PRO A 115 -16.13 17.08 -2.67
CA PRO A 115 -16.95 18.28 -2.84
C PRO A 115 -16.92 18.92 -4.25
N ARG A 116 -15.80 19.52 -4.71
CA ARG A 116 -15.75 20.15 -6.03
C ARG A 116 -14.44 19.90 -6.80
N GLU A 117 -14.55 20.09 -8.12
CA GLU A 117 -13.53 19.84 -9.15
C GLU A 117 -12.29 20.75 -9.10
N GLY A 118 -12.45 21.93 -8.51
CA GLY A 118 -11.52 23.04 -8.52
C GLY A 118 -10.85 23.32 -7.19
N GLN A 119 -11.04 22.43 -6.21
CA GLN A 119 -10.67 22.66 -4.82
C GLN A 119 -9.97 21.46 -4.18
N GLU A 120 -10.71 20.43 -3.77
CA GLU A 120 -10.22 19.29 -3.00
C GLU A 120 -9.36 18.34 -3.84
N ASP A 121 -9.93 17.87 -4.96
CA ASP A 121 -9.32 16.89 -5.90
C ASP A 121 -8.00 17.35 -6.53
N GLN A 122 -7.72 18.65 -6.51
CA GLN A 122 -6.58 19.32 -7.14
C GLN A 122 -5.23 19.11 -6.41
N GLY A 123 -5.23 18.68 -5.15
CA GLY A 123 -3.97 18.53 -4.38
C GLY A 123 -4.08 18.16 -2.90
N LEU A 124 -5.27 17.77 -2.41
CA LEU A 124 -5.58 17.46 -1.03
C LEU A 124 -6.11 16.01 -1.03
N THR A 125 -7.42 15.86 -1.09
CA THR A 125 -8.23 14.67 -1.38
C THR A 125 -7.92 13.99 -2.73
N LYS A 126 -8.14 12.68 -2.79
CA LYS A 126 -8.18 11.79 -3.98
C LYS A 126 -9.21 10.68 -3.77
N ASP A 127 -9.70 10.11 -4.87
CA ASP A 127 -10.72 9.05 -4.88
C ASP A 127 -10.22 7.77 -5.56
N TYR A 128 -9.41 6.99 -4.82
CA TYR A 128 -9.00 5.63 -5.19
C TYR A 128 -10.14 4.59 -5.24
N GLY A 129 -11.36 4.97 -4.84
CA GLY A 129 -12.64 4.24 -4.89
C GLY A 129 -12.57 2.73 -4.67
N ASN A 130 -12.38 1.98 -5.76
CA ASN A 130 -12.36 0.52 -5.85
C ASN A 130 -11.20 0.00 -6.72
N SER A 131 -10.05 0.68 -6.70
CA SER A 131 -8.89 0.43 -7.58
C SER A 131 -8.50 -1.06 -7.66
N PRO A 132 -8.18 -1.60 -8.86
CA PRO A 132 -7.95 -3.03 -9.10
C PRO A 132 -6.62 -3.56 -8.54
N LEU A 133 -5.92 -2.77 -7.72
CA LEU A 133 -4.72 -3.17 -6.98
C LEU A 133 -5.07 -3.74 -5.58
N HIS A 134 -6.26 -3.41 -5.07
CA HIS A 134 -6.77 -3.81 -3.74
C HIS A 134 -7.29 -5.26 -3.67
N ARG A 135 -7.89 -5.62 -2.52
CA ARG A 135 -8.69 -6.83 -2.27
C ARG A 135 -7.92 -8.16 -2.22
N PHE A 136 -6.59 -8.12 -2.24
CA PHE A 136 -5.70 -9.29 -2.21
C PHE A 136 -5.97 -10.28 -3.37
N LYS A 137 -5.55 -11.55 -3.19
CA LYS A 137 -5.91 -12.67 -4.07
C LYS A 137 -7.31 -13.25 -3.81
N LYS A 138 -7.95 -12.83 -2.69
CA LYS A 138 -9.19 -13.33 -2.12
C LYS A 138 -10.44 -12.97 -2.96
N PRO A 139 -11.54 -13.73 -2.85
CA PRO A 139 -12.85 -13.36 -3.43
C PRO A 139 -13.58 -12.28 -2.61
N GLY A 140 -13.23 -12.10 -1.34
CA GLY A 140 -13.84 -11.12 -0.42
C GLY A 140 -13.24 -11.18 0.98
N SER A 141 -11.97 -10.80 1.12
CA SER A 141 -11.23 -10.68 2.40
C SER A 141 -11.27 -11.98 3.25
N LYS A 142 -11.28 -11.87 4.60
CA LYS A 142 -11.42 -12.97 5.59
C LYS A 142 -10.26 -13.98 5.67
N ASN A 143 -9.16 -13.74 4.97
CA ASN A 143 -7.95 -14.58 4.93
C ASN A 143 -6.68 -13.70 5.09
N PHE A 144 -6.65 -12.89 6.15
CA PHE A 144 -5.64 -11.85 6.41
C PHE A 144 -4.20 -12.37 6.66
N GLN A 145 -3.99 -13.69 6.75
CA GLN A 145 -2.66 -14.32 6.74
C GLN A 145 -1.85 -14.07 5.44
N ASN A 146 -2.51 -13.62 4.36
CA ASN A 146 -1.96 -13.45 3.00
C ASN A 146 -1.16 -12.16 2.75
N ILE A 147 -1.19 -11.28 3.74
CA ILE A 147 -0.79 -9.87 3.71
C ILE A 147 0.65 -9.69 4.19
N PHE A 148 0.88 -10.09 5.44
CA PHE A 148 2.15 -10.11 6.17
C PHE A 148 2.73 -8.71 6.51
N PRO A 149 3.29 -8.50 7.72
CA PRO A 149 3.89 -7.22 8.13
C PRO A 149 5.18 -6.86 7.34
N PRO A 150 5.73 -5.64 7.53
CA PRO A 150 6.80 -5.06 6.70
C PRO A 150 7.99 -5.99 6.45
N SER A 151 8.40 -6.14 5.18
CA SER A 151 9.49 -7.04 4.77
C SER A 151 10.26 -6.53 3.56
N ALA A 152 11.50 -7.01 3.47
CA ALA A 152 12.40 -6.89 2.34
C ALA A 152 11.90 -7.67 1.10
N THR A 153 11.25 -8.82 1.30
CA THR A 153 10.71 -9.64 0.20
C THR A 153 9.42 -9.04 -0.36
N LEU A 154 9.31 -8.92 -1.68
CA LEU A 154 8.08 -8.52 -2.37
C LEU A 154 7.66 -9.56 -3.43
N HIS A 155 6.36 -9.88 -3.39
CA HIS A 155 5.56 -10.76 -4.23
C HIS A 155 5.14 -10.03 -5.51
N LEU A 156 5.95 -10.11 -6.56
CA LEU A 156 5.64 -9.59 -7.90
C LEU A 156 4.58 -10.47 -8.59
N SER A 157 3.83 -9.97 -9.57
CA SER A 157 2.86 -10.76 -10.36
C SER A 157 2.34 -10.00 -11.60
N ASN A 158 1.50 -10.68 -12.40
CA ASN A 158 0.81 -10.21 -13.62
C ASN A 158 1.75 -9.97 -14.82
N ILE A 159 2.97 -10.50 -14.74
CA ILE A 159 4.03 -10.46 -15.75
C ILE A 159 3.56 -10.95 -17.13
N PRO A 160 3.84 -10.22 -18.23
CA PRO A 160 3.61 -10.71 -19.60
C PRO A 160 4.68 -11.74 -20.02
N PRO A 161 4.46 -12.51 -21.10
CA PRO A 161 5.46 -13.37 -21.72
C PRO A 161 6.52 -12.56 -22.50
N SER A 162 7.21 -11.66 -21.78
CA SER A 162 8.23 -10.72 -22.26
C SER A 162 9.12 -10.27 -21.09
N VAL A 163 8.56 -10.13 -19.88
CA VAL A 163 9.35 -9.91 -18.66
C VAL A 163 10.00 -11.21 -18.20
N SER A 164 11.32 -11.20 -18.06
CA SER A 164 12.13 -12.27 -17.46
C SER A 164 12.45 -11.96 -16.00
N GLU A 165 13.00 -12.93 -15.26
CA GLU A 165 13.57 -12.73 -13.92
C GLU A 165 14.54 -11.54 -13.89
N GLU A 166 15.42 -11.42 -14.89
CA GLU A 166 16.31 -10.30 -15.04
C GLU A 166 15.53 -9.01 -15.28
N ASP A 167 14.71 -8.87 -16.33
CA ASP A 167 14.03 -7.60 -16.63
C ASP A 167 13.17 -7.10 -15.47
N LEU A 168 12.63 -8.02 -14.69
CA LEU A 168 11.92 -7.79 -13.45
C LEU A 168 12.83 -7.24 -12.34
N LYS A 169 13.82 -8.03 -11.90
CA LYS A 169 14.89 -7.71 -10.97
C LYS A 169 15.58 -6.39 -11.32
N VAL A 170 15.86 -6.18 -12.61
CA VAL A 170 16.40 -4.98 -13.22
C VAL A 170 15.53 -3.78 -12.90
N LEU A 171 14.19 -3.86 -13.04
CA LEU A 171 13.34 -2.76 -12.57
C LEU A 171 13.63 -2.40 -11.11
N PHE A 172 13.61 -3.43 -10.22
CA PHE A 172 13.78 -3.27 -8.78
C PHE A 172 15.21 -2.87 -8.38
N SER A 173 16.19 -2.97 -9.29
CA SER A 173 17.62 -2.72 -9.05
C SER A 173 18.03 -1.37 -9.62
N SER A 174 17.41 -0.99 -10.75
CA SER A 174 17.61 0.28 -11.44
C SER A 174 17.04 1.44 -10.61
N ASN A 175 16.05 1.09 -9.79
CA ASN A 175 15.42 1.86 -8.73
C ASN A 175 16.34 2.36 -7.62
N GLY A 176 17.50 1.73 -7.49
CA GLY A 176 18.48 1.99 -6.46
C GLY A 176 18.73 0.76 -5.56
N GLY A 177 18.19 -0.39 -5.97
CA GLY A 177 18.08 -1.63 -5.21
C GLY A 177 19.38 -2.27 -4.71
N VAL A 178 19.15 -3.33 -3.96
CA VAL A 178 20.11 -4.21 -3.27
C VAL A 178 19.82 -5.67 -3.63
N VAL A 179 18.60 -5.98 -4.11
CA VAL A 179 18.13 -7.21 -4.77
C VAL A 179 18.95 -8.45 -4.40
N LYS A 180 18.72 -8.88 -3.16
CA LYS A 180 19.50 -9.84 -2.39
C LYS A 180 19.42 -11.23 -3.03
N GLY A 181 18.20 -11.62 -3.37
CA GLY A 181 17.89 -12.79 -4.19
C GLY A 181 16.69 -12.52 -5.11
N PHE A 182 16.43 -13.49 -5.98
CA PHE A 182 15.26 -13.55 -6.86
C PHE A 182 14.86 -15.02 -7.13
N LYS A 183 13.55 -15.27 -7.16
CA LYS A 183 12.87 -16.53 -7.45
C LYS A 183 11.56 -16.29 -8.21
N PHE A 184 10.94 -17.37 -8.69
CA PHE A 184 9.54 -17.35 -9.13
C PHE A 184 8.72 -18.13 -8.10
N PHE A 185 7.48 -17.70 -7.93
CA PHE A 185 6.45 -18.36 -7.14
C PHE A 185 6.07 -19.77 -7.66
N GLN A 186 5.03 -20.37 -7.06
CA GLN A 186 4.47 -21.71 -7.32
C GLN A 186 4.21 -22.05 -8.80
N LYS A 187 3.81 -23.30 -9.07
CA LYS A 187 3.56 -23.91 -10.40
C LYS A 187 2.70 -23.11 -11.40
N ASP A 188 1.83 -22.23 -10.90
CA ASP A 188 1.04 -21.29 -11.72
C ASP A 188 1.92 -20.26 -12.48
N ARG A 189 3.13 -20.00 -11.94
CA ARG A 189 4.26 -19.25 -12.54
C ARG A 189 3.90 -17.93 -13.28
N LYS A 190 2.96 -17.13 -12.75
CA LYS A 190 2.66 -15.76 -13.20
C LYS A 190 2.91 -14.73 -12.09
N MET A 191 3.37 -15.24 -10.95
CA MET A 191 3.89 -14.50 -9.82
C MET A 191 5.38 -14.77 -9.73
N ALA A 192 6.07 -13.80 -9.17
CA ALA A 192 7.50 -13.79 -9.02
C ALA A 192 7.86 -13.21 -7.67
N LEU A 193 9.13 -13.29 -7.31
CA LEU A 193 9.52 -13.04 -5.94
C LEU A 193 10.95 -12.49 -5.85
N ILE A 194 11.09 -11.34 -5.20
CA ILE A 194 12.34 -10.62 -5.05
C ILE A 194 12.58 -10.31 -3.59
N GLN A 195 13.74 -10.69 -3.08
CA GLN A 195 14.16 -10.27 -1.74
C GLN A 195 15.04 -9.05 -1.89
N MET A 196 14.54 -7.89 -1.47
CA MET A 196 15.36 -6.71 -1.29
C MET A 196 16.31 -6.91 -0.09
N GLY A 197 17.13 -5.90 0.20
CA GLY A 197 18.09 -5.89 1.32
C GLY A 197 17.48 -5.35 2.63
N SER A 198 16.51 -4.44 2.51
CA SER A 198 15.65 -3.94 3.60
C SER A 198 14.25 -3.59 3.10
N VAL A 199 13.27 -3.37 4.00
CA VAL A 199 11.97 -2.86 3.53
C VAL A 199 12.10 -1.51 2.86
N GLU A 200 12.97 -0.64 3.36
CA GLU A 200 13.03 0.78 2.95
C GLU A 200 13.13 0.87 1.43
N GLU A 201 14.02 0.05 0.88
CA GLU A 201 14.19 -0.10 -0.56
C GLU A 201 13.11 -1.02 -1.18
N ALA A 202 12.69 -2.10 -0.51
CA ALA A 202 11.62 -2.98 -0.97
C ALA A 202 10.33 -2.19 -1.24
N VAL A 203 9.74 -1.62 -0.19
CA VAL A 203 8.53 -0.79 -0.24
C VAL A 203 8.67 0.32 -1.26
N GLN A 204 9.78 1.05 -1.29
CA GLN A 204 9.99 2.05 -2.35
C GLN A 204 9.89 1.49 -3.79
N ALA A 205 10.58 0.39 -4.07
CA ALA A 205 10.58 -0.30 -5.36
C ALA A 205 9.19 -0.90 -5.68
N LEU A 206 8.42 -1.29 -4.67
CA LEU A 206 7.01 -1.64 -4.76
C LEU A 206 6.23 -0.40 -5.17
N ILE A 207 6.35 0.72 -4.45
CA ILE A 207 5.60 1.93 -4.76
C ILE A 207 5.99 2.50 -6.13
N ASP A 208 7.17 2.11 -6.63
CA ASP A 208 7.64 2.35 -7.98
C ASP A 208 6.99 1.45 -9.05
N LEU A 209 7.03 0.12 -8.86
CA LEU A 209 6.67 -0.86 -9.85
C LEU A 209 5.23 -1.40 -9.74
N HIS A 210 4.51 -1.17 -8.65
CA HIS A 210 3.09 -1.46 -8.63
C HIS A 210 2.35 -0.58 -9.63
N ASN A 211 1.72 -1.25 -10.59
CA ASN A 211 0.91 -0.64 -11.65
C ASN A 211 1.73 0.27 -12.59
N HIS A 212 3.00 -0.07 -12.85
CA HIS A 212 3.99 0.69 -13.63
C HIS A 212 3.64 1.01 -15.11
N ASP A 213 2.45 0.63 -15.56
CA ASP A 213 1.90 0.87 -16.91
C ASP A 213 2.78 0.28 -18.02
N LEU A 214 2.88 -1.06 -18.01
CA LEU A 214 3.44 -1.86 -19.12
C LEU A 214 2.56 -1.61 -20.36
N GLY A 215 1.23 -1.65 -20.18
CA GLY A 215 0.23 -1.11 -21.09
C GLY A 215 -0.07 -1.78 -22.42
N GLU A 216 0.54 -2.93 -22.64
CA GLU A 216 0.20 -3.92 -23.67
C GLU A 216 -1.10 -4.66 -23.32
N ASN A 217 -1.76 -4.18 -22.26
CA ASN A 217 -2.97 -4.54 -21.54
C ASN A 217 -2.69 -5.26 -20.21
N HIS A 218 -1.41 -5.38 -19.85
CA HIS A 218 -1.00 -6.11 -18.64
C HIS A 218 -0.95 -5.24 -17.39
N HIS A 219 0.00 -4.31 -17.35
CA HIS A 219 0.47 -3.59 -16.15
C HIS A 219 1.09 -4.57 -15.12
N LEU A 220 1.66 -4.06 -14.02
CA LEU A 220 2.42 -4.84 -13.05
C LEU A 220 1.78 -4.86 -11.65
N ARG A 221 1.96 -5.96 -10.91
CA ARG A 221 1.45 -6.25 -9.57
C ARG A 221 2.62 -6.63 -8.67
N VAL A 222 2.45 -6.37 -7.39
CA VAL A 222 3.47 -6.43 -6.34
C VAL A 222 2.77 -6.38 -4.97
N SER A 223 3.38 -6.98 -3.96
CA SER A 223 2.99 -6.81 -2.55
C SER A 223 4.12 -7.26 -1.63
N PHE A 224 3.99 -7.13 -0.31
CA PHE A 224 4.94 -7.77 0.60
C PHE A 224 4.80 -9.30 0.57
N SER A 225 5.91 -10.01 0.73
CA SER A 225 5.90 -11.47 0.95
C SER A 225 6.53 -11.92 2.26
N LYS A 226 5.96 -12.98 2.86
CA LYS A 226 6.50 -13.74 4.00
C LYS A 226 7.63 -14.69 3.60
N SER A 227 7.74 -15.01 2.30
CA SER A 227 8.73 -15.92 1.75
C SER A 227 10.13 -15.29 1.75
N THR A 228 11.13 -16.10 1.45
CA THR A 228 12.55 -15.72 1.36
C THR A 228 13.30 -16.51 0.27
N ILE A 229 14.61 -16.22 0.14
CA ILE A 229 15.49 -16.64 -0.96
C ILE A 229 16.84 -17.15 -0.45
N GLY A 22 -12.30 -1.94 27.77
CA GLY A 22 -12.33 -2.88 26.61
C GLY A 22 -11.80 -2.21 25.35
N ARG A 23 -11.14 -2.98 24.47
CA ARG A 23 -10.43 -2.54 23.25
C ARG A 23 -11.23 -1.58 22.37
N ILE A 24 -12.50 -1.89 22.12
CA ILE A 24 -13.44 -1.11 21.30
C ILE A 24 -13.69 0.32 21.82
N ALA A 25 -13.44 0.58 23.10
CA ALA A 25 -13.76 1.84 23.80
C ALA A 25 -12.52 2.71 24.12
N ILE A 26 -11.31 2.32 23.71
CA ILE A 26 -10.04 3.01 23.99
C ILE A 26 -9.32 3.47 22.69
N PRO A 27 -9.74 4.58 22.07
CA PRO A 27 -9.16 5.09 20.82
C PRO A 27 -7.71 5.60 20.97
N GLY A 28 -7.19 5.72 22.19
CA GLY A 28 -5.78 6.04 22.49
C GLY A 28 -4.78 5.02 21.95
N LEU A 29 -5.18 3.75 21.75
CA LEU A 29 -4.40 2.71 21.05
C LEU A 29 -5.20 1.75 20.17
N ALA A 30 -6.53 1.70 20.30
CA ALA A 30 -7.43 0.88 19.50
C ALA A 30 -8.71 1.65 19.12
N GLY A 31 -9.82 1.48 19.86
CA GLY A 31 -11.11 2.12 19.55
C GLY A 31 -11.99 1.30 18.61
N ALA A 32 -13.03 1.93 18.06
CA ALA A 32 -14.13 1.30 17.33
C ALA A 32 -13.72 0.36 16.17
N GLY A 33 -12.79 0.81 15.34
CA GLY A 33 -12.43 0.18 14.05
C GLY A 33 -13.44 0.55 12.96
N ASN A 34 -13.01 1.29 11.95
CA ASN A 34 -13.79 1.93 10.93
C ASN A 34 -12.78 2.33 9.83
N SER A 35 -13.28 2.36 8.63
CA SER A 35 -12.65 2.75 7.37
C SER A 35 -11.59 3.87 7.44
N VAL A 36 -12.02 5.10 7.69
CA VAL A 36 -11.22 6.32 7.91
C VAL A 36 -9.99 6.15 8.84
N LEU A 37 -8.79 6.18 8.26
CA LEU A 37 -7.49 6.15 8.96
C LEU A 37 -6.66 7.44 8.80
N LEU A 38 -6.35 8.12 9.90
CA LEU A 38 -5.39 9.20 9.91
C LEU A 38 -3.97 8.69 9.67
N VAL A 39 -3.20 9.45 8.91
CA VAL A 39 -1.76 9.30 8.73
C VAL A 39 -1.10 10.50 9.39
N SER A 40 -0.52 10.29 10.56
CA SER A 40 0.38 11.30 11.12
C SER A 40 1.82 10.93 10.78
N ASN A 41 2.71 11.93 10.84
CA ASN A 41 4.16 11.78 10.78
C ASN A 41 4.71 11.64 9.34
N LEU A 42 4.35 12.59 8.46
CA LEU A 42 4.93 12.81 7.14
C LEU A 42 6.20 13.69 7.23
N ASN A 43 6.81 13.93 6.06
CA ASN A 43 7.79 14.98 5.81
C ASN A 43 7.26 15.78 4.60
N PRO A 44 7.44 17.12 4.56
CA PRO A 44 7.03 17.92 3.41
C PRO A 44 7.91 17.66 2.17
N GLU A 45 9.05 17.00 2.36
CA GLU A 45 10.07 16.74 1.36
C GLU A 45 9.81 15.50 0.48
N ARG A 46 9.48 14.32 1.05
CA ARG A 46 9.49 13.06 0.33
C ARG A 46 8.11 12.45 0.11
N VAL A 47 7.14 12.71 1.00
CA VAL A 47 5.86 11.98 0.94
C VAL A 47 5.07 12.30 -0.34
N THR A 48 4.35 11.33 -0.88
CA THR A 48 3.40 11.53 -1.99
C THR A 48 2.07 10.78 -1.80
N PRO A 49 0.96 11.22 -2.44
CA PRO A 49 -0.32 10.51 -2.43
C PRO A 49 -0.19 9.05 -2.84
N GLN A 50 0.51 8.78 -3.94
CA GLN A 50 0.69 7.43 -4.50
C GLN A 50 1.49 6.50 -3.58
N SER A 51 2.42 7.03 -2.80
CA SER A 51 3.20 6.26 -1.83
C SER A 51 2.33 5.70 -0.70
N LEU A 52 1.60 6.57 0.01
CA LEU A 52 0.68 6.13 1.07
C LEU A 52 -0.57 5.43 0.52
N PHE A 53 -0.98 5.69 -0.74
CA PHE A 53 -2.00 4.92 -1.47
C PHE A 53 -1.59 3.46 -1.54
N ILE A 54 -0.38 3.19 -2.04
CA ILE A 54 0.09 1.81 -2.21
C ILE A 54 0.13 1.06 -0.89
N LEU A 55 0.66 1.64 0.20
CA LEU A 55 0.75 0.81 1.42
C LEU A 55 -0.64 0.40 1.88
N PHE A 56 -1.51 1.38 2.09
CA PHE A 56 -2.88 1.10 2.48
C PHE A 56 -3.58 0.21 1.43
N GLY A 57 -3.18 0.27 0.16
CA GLY A 57 -3.77 -0.46 -0.96
C GLY A 57 -3.29 -1.91 -1.08
N VAL A 58 -2.30 -2.30 -0.28
CA VAL A 58 -1.87 -3.70 -0.11
C VAL A 58 -2.28 -4.23 1.27
N TYR A 59 -2.46 -3.32 2.23
CA TYR A 59 -3.00 -3.55 3.56
C TYR A 59 -4.55 -3.52 3.61
N GLY A 60 -5.21 -3.28 2.48
CA GLY A 60 -6.66 -3.35 2.26
C GLY A 60 -7.09 -2.72 0.92
N ASP A 61 -8.40 -2.63 0.67
CA ASP A 61 -8.98 -1.86 -0.44
C ASP A 61 -9.07 -0.37 -0.06
N VAL A 62 -8.11 0.45 -0.49
CA VAL A 62 -8.08 1.90 -0.15
C VAL A 62 -9.21 2.65 -0.88
N GLN A 63 -10.22 3.11 -0.12
CA GLN A 63 -11.37 3.87 -0.61
C GLN A 63 -10.94 5.23 -1.19
N ARG A 64 -10.41 6.09 -0.33
CA ARG A 64 -10.01 7.48 -0.63
C ARG A 64 -8.68 7.76 0.05
N VAL A 65 -7.98 8.76 -0.43
CA VAL A 65 -6.65 9.14 0.03
C VAL A 65 -6.46 10.64 -0.10
N LYS A 66 -6.26 11.30 1.03
CA LYS A 66 -6.20 12.73 1.17
C LYS A 66 -5.02 13.18 2.02
N ILE A 67 -4.56 14.39 1.80
CA ILE A 67 -3.32 14.97 2.33
C ILE A 67 -3.60 16.41 2.75
N LEU A 68 -2.90 16.91 3.78
CA LEU A 68 -3.02 18.30 4.18
C LEU A 68 -2.23 19.22 3.25
N PHE A 69 -2.88 19.61 2.15
CA PHE A 69 -2.46 20.67 1.22
C PHE A 69 -1.72 21.82 1.92
N ASN A 70 -0.45 21.97 1.57
CA ASN A 70 0.54 22.97 1.98
C ASN A 70 1.17 22.75 3.38
N LYS A 71 0.55 21.96 4.28
CA LYS A 71 1.15 21.51 5.55
C LYS A 71 2.10 20.32 5.34
N LYS A 72 1.59 19.23 4.76
CA LYS A 72 2.32 17.99 4.45
C LYS A 72 3.09 17.39 5.66
N GLU A 73 2.43 17.35 6.82
CA GLU A 73 2.89 16.66 8.05
C GLU A 73 1.88 15.64 8.59
N ASN A 74 0.64 15.71 8.09
CA ASN A 74 -0.40 14.72 8.27
C ASN A 74 -1.07 14.48 6.90
N ALA A 75 -1.60 13.27 6.74
CA ALA A 75 -2.46 12.81 5.67
C ALA A 75 -3.74 12.20 6.30
N LEU A 76 -4.78 11.94 5.53
CA LEU A 76 -6.00 11.23 5.92
C LEU A 76 -6.31 10.22 4.82
N VAL A 77 -6.09 8.94 5.09
CA VAL A 77 -6.49 7.86 4.20
C VAL A 77 -7.85 7.31 4.64
N GLN A 78 -8.59 6.72 3.73
CA GLN A 78 -9.79 5.98 4.03
C GLN A 78 -9.65 4.53 3.55
N MET A 79 -9.56 3.59 4.49
CA MET A 79 -9.58 2.15 4.17
C MET A 79 -11.01 1.70 3.87
N ALA A 80 -11.19 0.44 3.44
CA ALA A 80 -12.51 -0.16 3.29
C ALA A 80 -13.27 -0.23 4.62
N ASP A 81 -12.76 -0.89 5.66
CA ASP A 81 -13.43 -0.95 6.99
C ASP A 81 -12.54 -1.55 8.09
N GLY A 82 -13.07 -1.73 9.31
CA GLY A 82 -12.53 -2.46 10.46
C GLY A 82 -11.25 -3.27 10.24
N ASN A 83 -11.29 -4.45 9.61
CA ASN A 83 -10.11 -5.34 9.55
C ASN A 83 -9.02 -4.83 8.58
N GLN A 84 -9.44 -4.00 7.61
CA GLN A 84 -8.60 -3.34 6.61
C GLN A 84 -7.85 -2.17 7.28
N ALA A 85 -8.63 -1.31 7.91
CA ALA A 85 -8.22 -0.23 8.82
C ALA A 85 -7.25 -0.72 9.93
N GLN A 86 -7.54 -1.85 10.58
CA GLN A 86 -6.71 -2.42 11.64
C GLN A 86 -5.34 -2.87 11.13
N LEU A 87 -5.29 -3.58 10.01
CA LEU A 87 -4.04 -3.99 9.39
C LEU A 87 -3.18 -2.80 9.02
N ALA A 88 -3.76 -1.88 8.27
CA ALA A 88 -2.99 -0.83 7.68
C ALA A 88 -2.30 -0.03 8.78
N MET A 89 -2.99 0.33 9.89
CA MET A 89 -2.28 0.88 11.05
C MET A 89 -1.25 -0.07 11.66
N SER A 90 -1.59 -1.35 11.83
CA SER A 90 -0.73 -2.42 12.36
C SER A 90 0.64 -2.47 11.68
N HIS A 91 0.65 -2.41 10.35
CA HIS A 91 1.84 -2.66 9.55
C HIS A 91 2.56 -1.38 9.11
N LEU A 92 1.86 -0.26 8.86
CA LEU A 92 2.46 1.04 8.65
C LEU A 92 3.24 1.49 9.88
N ASN A 93 2.80 1.15 11.10
CA ASN A 93 3.34 1.77 12.33
C ASN A 93 4.88 1.62 12.48
N GLY A 94 5.62 2.67 12.07
CA GLY A 94 7.08 2.75 11.99
C GLY A 94 7.72 2.25 10.69
N HIS A 95 7.01 2.24 9.55
CA HIS A 95 7.50 1.68 8.27
C HIS A 95 8.58 2.55 7.60
N LYS A 96 8.81 3.80 8.04
CA LYS A 96 9.79 4.78 7.51
C LYS A 96 10.03 4.61 5.99
N LEU A 97 8.91 4.68 5.27
CA LEU A 97 8.65 4.47 3.84
C LEU A 97 9.67 5.19 2.96
N HIS A 98 9.83 6.47 3.26
CA HIS A 98 10.78 7.42 2.66
C HIS A 98 11.78 7.94 3.71
N GLY A 99 11.45 7.76 5.01
CA GLY A 99 12.38 7.91 6.12
C GLY A 99 12.03 8.94 7.20
N LYS A 100 10.96 8.65 7.94
CA LYS A 100 10.54 9.29 9.19
C LYS A 100 9.73 8.26 10.02
N PRO A 101 9.81 8.23 11.36
CA PRO A 101 9.22 7.16 12.19
C PRO A 101 7.68 7.28 12.28
N ILE A 102 6.97 6.77 11.27
CA ILE A 102 5.54 7.04 11.03
C ILE A 102 4.56 6.56 12.08
N ARG A 103 3.38 7.20 12.13
CA ARG A 103 2.39 7.02 13.19
C ARG A 103 0.97 7.18 12.67
N ILE A 104 0.40 6.08 12.24
CA ILE A 104 -0.94 5.95 11.68
C ILE A 104 -1.90 5.53 12.79
N THR A 105 -3.12 6.04 12.76
CA THR A 105 -4.19 5.75 13.73
C THR A 105 -5.57 5.86 13.06
N LEU A 106 -6.66 5.51 13.75
CA LEU A 106 -8.04 5.77 13.30
C LEU A 106 -8.38 7.28 13.37
N SER A 107 -9.28 7.75 12.50
CA SER A 107 -9.75 9.16 12.49
C SER A 107 -11.26 9.36 12.67
N LYS A 108 -12.08 8.40 12.19
CA LYS A 108 -13.57 8.34 12.28
C LYS A 108 -14.39 9.59 11.88
N HIS A 109 -13.78 10.57 11.21
CA HIS A 109 -14.42 11.84 10.85
C HIS A 109 -15.66 11.67 9.92
N GLN A 110 -16.50 12.69 9.80
CA GLN A 110 -17.55 12.76 8.76
C GLN A 110 -16.87 12.62 7.39
N ASN A 111 -17.21 11.58 6.63
CA ASN A 111 -16.44 11.17 5.47
C ASN A 111 -16.39 12.25 4.38
N VAL A 112 -15.30 12.20 3.63
CA VAL A 112 -15.05 13.04 2.48
C VAL A 112 -15.89 12.64 1.27
N GLN A 113 -16.61 13.63 0.73
CA GLN A 113 -17.38 13.60 -0.51
C GLN A 113 -16.85 14.66 -1.47
N LEU A 114 -15.57 14.43 -1.83
CA LEU A 114 -14.78 15.05 -2.87
C LEU A 114 -15.07 16.56 -3.11
N PRO A 115 -14.79 17.42 -2.11
CA PRO A 115 -14.81 18.88 -2.26
C PRO A 115 -13.61 19.39 -3.07
N ARG A 116 -13.59 20.68 -3.42
CA ARG A 116 -12.46 21.36 -4.09
C ARG A 116 -11.91 22.51 -3.27
N GLU A 117 -10.69 22.89 -3.64
CA GLU A 117 -9.77 23.80 -2.93
C GLU A 117 -10.30 25.22 -2.85
N GLY A 118 -11.10 25.59 -3.85
CA GLY A 118 -11.66 26.91 -4.10
C GLY A 118 -13.12 27.02 -3.67
N GLN A 119 -13.64 25.98 -3.01
CA GLN A 119 -15.06 25.81 -2.73
C GLN A 119 -15.34 25.60 -1.23
N GLU A 120 -14.72 24.58 -0.62
CA GLU A 120 -15.05 24.11 0.72
C GLU A 120 -13.81 23.74 1.56
N ASP A 121 -12.86 23.00 0.99
CA ASP A 121 -11.75 22.39 1.73
C ASP A 121 -10.40 22.46 0.99
N GLN A 122 -9.45 23.21 1.54
CA GLN A 122 -8.05 23.25 1.13
C GLN A 122 -7.35 21.95 1.57
N GLY A 123 -7.54 20.87 0.80
CA GLY A 123 -6.95 19.54 0.99
C GLY A 123 -6.57 18.89 -0.34
N LEU A 124 -5.75 17.84 -0.27
CA LEU A 124 -5.09 17.18 -1.37
C LEU A 124 -5.52 15.70 -1.44
N THR A 125 -6.69 15.59 -2.01
CA THR A 125 -7.67 14.49 -2.04
C THR A 125 -7.73 13.67 -3.34
N LYS A 126 -8.03 12.36 -3.21
CA LYS A 126 -8.24 11.32 -4.24
C LYS A 126 -9.37 10.34 -3.87
N ASP A 127 -9.89 9.65 -4.89
CA ASP A 127 -10.83 8.53 -4.81
C ASP A 127 -10.28 7.32 -5.60
N TYR A 128 -9.72 6.36 -4.87
CA TYR A 128 -9.12 5.11 -5.39
C TYR A 128 -10.02 3.86 -5.24
N GLY A 129 -11.29 4.03 -4.82
CA GLY A 129 -12.23 2.95 -4.46
C GLY A 129 -12.68 2.02 -5.60
N ASN A 130 -12.09 2.13 -6.79
CA ASN A 130 -12.31 1.31 -7.98
C ASN A 130 -11.02 0.73 -8.60
N SER A 131 -9.83 1.02 -8.04
CA SER A 131 -8.52 0.65 -8.58
C SER A 131 -8.33 -0.87 -8.77
N PRO A 132 -8.06 -1.37 -9.99
CA PRO A 132 -7.77 -2.79 -10.27
C PRO A 132 -6.58 -3.43 -9.53
N LEU A 133 -5.85 -2.69 -8.68
CA LEU A 133 -4.66 -3.15 -7.97
C LEU A 133 -5.02 -3.90 -6.68
N HIS A 134 -6.17 -3.58 -6.08
CA HIS A 134 -6.60 -4.07 -4.77
C HIS A 134 -7.07 -5.55 -4.79
N ARG A 135 -7.47 -6.09 -3.62
CA ARG A 135 -7.94 -7.46 -3.31
C ARG A 135 -7.07 -8.64 -3.79
N PHE A 136 -5.86 -8.36 -4.29
CA PHE A 136 -4.82 -9.30 -4.74
C PHE A 136 -5.27 -10.15 -5.94
N LYS A 137 -5.99 -11.26 -5.65
CA LYS A 137 -6.62 -12.18 -6.60
C LYS A 137 -8.02 -12.66 -6.17
N LYS A 138 -8.36 -12.56 -4.88
CA LYS A 138 -9.52 -13.13 -4.20
C LYS A 138 -10.87 -12.52 -4.65
N PRO A 139 -11.89 -13.34 -5.00
CA PRO A 139 -13.26 -12.87 -5.23
C PRO A 139 -13.91 -12.12 -4.04
N GLY A 140 -13.48 -12.44 -2.80
CA GLY A 140 -14.08 -11.96 -1.54
C GLY A 140 -13.08 -11.54 -0.46
N SER A 141 -11.85 -11.15 -0.84
CA SER A 141 -10.74 -10.75 0.05
C SER A 141 -10.46 -11.78 1.17
N LYS A 142 -10.48 -11.37 2.45
CA LYS A 142 -10.31 -12.14 3.72
C LYS A 142 -9.00 -12.92 3.94
N ASN A 143 -8.33 -13.38 2.87
CA ASN A 143 -7.15 -14.24 2.88
C ASN A 143 -5.86 -13.41 3.06
N PHE A 144 -5.75 -12.72 4.19
CA PHE A 144 -4.74 -11.69 4.49
C PHE A 144 -3.29 -12.20 4.69
N GLN A 145 -3.05 -13.51 4.53
CA GLN A 145 -1.70 -14.08 4.39
C GLN A 145 -0.99 -13.58 3.10
N ASN A 146 -1.75 -13.00 2.15
CA ASN A 146 -1.30 -12.28 0.96
C ASN A 146 -0.46 -11.01 1.19
N ILE A 147 -0.43 -10.53 2.43
CA ILE A 147 0.03 -9.20 2.83
C ILE A 147 1.40 -9.28 3.50
N PHE A 148 1.43 -9.78 4.74
CA PHE A 148 2.60 -9.90 5.63
C PHE A 148 3.13 -8.52 6.13
N PRO A 149 3.62 -8.41 7.39
CA PRO A 149 4.19 -7.17 7.93
C PRO A 149 5.50 -6.71 7.24
N PRO A 150 5.97 -5.47 7.53
CA PRO A 150 7.08 -4.81 6.84
C PRO A 150 8.33 -5.69 6.67
N SER A 151 8.75 -5.91 5.42
CA SER A 151 9.89 -6.76 5.08
C SER A 151 10.64 -6.29 3.84
N ALA A 152 11.89 -6.72 3.78
CA ALA A 152 12.76 -6.60 2.62
C ALA A 152 12.30 -7.51 1.45
N THR A 153 11.63 -8.64 1.73
CA THR A 153 11.06 -9.54 0.70
C THR A 153 9.80 -8.95 0.08
N LEU A 154 9.78 -8.83 -1.25
CA LEU A 154 8.61 -8.45 -2.05
C LEU A 154 8.22 -9.49 -3.12
N HIS A 155 6.96 -9.91 -2.98
CA HIS A 155 6.18 -10.82 -3.80
C HIS A 155 5.85 -10.08 -5.08
N LEU A 156 6.21 -10.62 -6.24
CA LEU A 156 5.79 -10.12 -7.54
C LEU A 156 4.74 -11.08 -8.14
N SER A 157 3.89 -10.61 -9.04
CA SER A 157 2.85 -11.42 -9.67
C SER A 157 2.29 -10.80 -10.95
N ASN A 158 1.52 -11.59 -11.71
CA ASN A 158 0.81 -11.27 -12.94
C ASN A 158 1.77 -10.92 -14.11
N ILE A 159 2.58 -11.90 -14.49
CA ILE A 159 3.69 -11.78 -15.45
C ILE A 159 3.31 -12.41 -16.82
N PRO A 160 3.11 -11.60 -17.89
CA PRO A 160 2.96 -12.12 -19.25
C PRO A 160 4.18 -12.93 -19.72
N PRO A 161 4.06 -13.74 -20.80
CA PRO A 161 5.18 -14.46 -21.43
C PRO A 161 6.09 -13.50 -22.22
N SER A 162 6.77 -12.61 -21.49
CA SER A 162 7.67 -11.54 -21.96
C SER A 162 8.63 -11.14 -20.84
N VAL A 163 8.12 -11.05 -19.60
CA VAL A 163 8.94 -10.88 -18.40
C VAL A 163 9.63 -12.22 -18.04
N SER A 164 10.87 -12.14 -17.59
CA SER A 164 11.64 -13.23 -16.97
C SER A 164 12.26 -12.76 -15.65
N GLU A 165 12.87 -13.66 -14.88
CA GLU A 165 13.60 -13.33 -13.64
C GLU A 165 14.51 -12.12 -13.78
N GLU A 166 15.30 -12.07 -14.86
CA GLU A 166 16.15 -10.95 -15.18
C GLU A 166 15.31 -9.68 -15.37
N ASP A 167 14.40 -9.60 -16.34
CA ASP A 167 13.66 -8.36 -16.63
C ASP A 167 12.91 -7.83 -15.40
N LEU A 168 12.46 -8.74 -14.54
CA LEU A 168 11.85 -8.44 -13.26
C LEU A 168 12.82 -7.80 -12.27
N LYS A 169 13.84 -8.55 -11.84
CA LYS A 169 14.96 -8.14 -10.97
C LYS A 169 15.64 -6.88 -11.49
N VAL A 170 15.85 -6.76 -12.80
CA VAL A 170 16.35 -5.59 -13.51
C VAL A 170 15.51 -4.37 -13.15
N LEU A 171 14.17 -4.42 -13.19
CA LEU A 171 13.37 -3.30 -12.69
C LEU A 171 13.74 -2.92 -11.24
N PHE A 172 13.73 -3.92 -10.36
CA PHE A 172 13.97 -3.76 -8.92
C PHE A 172 15.41 -3.40 -8.56
N SER A 173 16.34 -3.43 -9.52
CA SER A 173 17.77 -3.16 -9.34
C SER A 173 18.13 -1.81 -9.98
N SER A 174 17.51 -1.53 -11.13
CA SER A 174 17.81 -0.34 -11.94
C SER A 174 17.23 0.94 -11.33
N ASN A 175 16.26 0.83 -10.42
CA ASN A 175 15.60 1.97 -9.78
C ASN A 175 16.33 2.55 -8.56
N GLY A 176 17.31 1.82 -8.05
CA GLY A 176 18.10 2.17 -6.88
C GLY A 176 18.35 0.98 -5.94
N GLY A 177 17.78 -0.18 -6.26
CA GLY A 177 17.83 -1.44 -5.52
C GLY A 177 19.20 -1.96 -5.08
N VAL A 178 19.10 -3.05 -4.31
CA VAL A 178 20.16 -3.82 -3.62
C VAL A 178 19.97 -5.33 -3.88
N VAL A 179 18.74 -5.76 -4.23
CA VAL A 179 18.33 -7.06 -4.76
C VAL A 179 19.20 -8.23 -4.29
N LYS A 180 18.97 -8.57 -3.02
CA LYS A 180 19.74 -9.47 -2.17
C LYS A 180 19.66 -10.90 -2.69
N GLY A 181 18.44 -11.33 -3.01
CA GLY A 181 18.15 -12.57 -3.74
C GLY A 181 16.97 -12.39 -4.69
N PHE A 182 16.71 -13.44 -5.47
CA PHE A 182 15.56 -13.60 -6.35
C PHE A 182 15.22 -15.10 -6.52
N LYS A 183 13.92 -15.41 -6.56
CA LYS A 183 13.30 -16.73 -6.74
C LYS A 183 11.96 -16.61 -7.49
N PHE A 184 11.33 -17.73 -7.81
CA PHE A 184 9.94 -17.77 -8.25
C PHE A 184 9.11 -18.43 -7.16
N PHE A 185 7.87 -17.96 -7.03
CA PHE A 185 6.93 -18.43 -6.04
C PHE A 185 6.49 -19.89 -6.19
N GLN A 186 5.87 -20.40 -5.11
CA GLN A 186 5.40 -21.77 -4.96
C GLN A 186 4.20 -22.13 -5.85
N LYS A 187 4.06 -23.42 -6.16
CA LYS A 187 2.99 -24.11 -6.92
C LYS A 187 2.65 -23.51 -8.29
N ASP A 188 1.90 -22.41 -8.34
CA ASP A 188 1.30 -21.84 -9.55
C ASP A 188 2.30 -21.20 -10.55
N ARG A 189 3.48 -20.78 -10.07
CA ARG A 189 4.63 -20.32 -10.88
C ARG A 189 4.35 -19.18 -11.89
N LYS A 190 3.32 -18.35 -11.65
CA LYS A 190 3.07 -17.08 -12.39
C LYS A 190 3.20 -15.86 -11.48
N MET A 191 3.68 -16.14 -10.26
CA MET A 191 4.17 -15.20 -9.29
C MET A 191 5.66 -15.44 -9.09
N ALA A 192 6.33 -14.43 -8.59
CA ALA A 192 7.77 -14.37 -8.48
C ALA A 192 8.14 -13.68 -7.18
N LEU A 193 9.43 -13.67 -6.87
CA LEU A 193 9.86 -13.28 -5.55
C LEU A 193 11.25 -12.66 -5.54
N ILE A 194 11.38 -11.52 -4.89
CA ILE A 194 12.63 -10.78 -4.75
C ILE A 194 12.83 -10.39 -3.30
N GLN A 195 14.08 -10.39 -2.85
CA GLN A 195 14.43 -9.85 -1.55
C GLN A 195 15.31 -8.64 -1.76
N MET A 196 14.82 -7.49 -1.32
CA MET A 196 15.61 -6.27 -1.18
C MET A 196 16.57 -6.42 0.02
N GLY A 197 17.35 -5.37 0.26
CA GLY A 197 18.33 -5.28 1.35
C GLY A 197 17.68 -4.88 2.69
N SER A 198 16.68 -3.99 2.61
CA SER A 198 15.80 -3.59 3.72
C SER A 198 14.41 -3.18 3.22
N VAL A 199 13.42 -2.99 4.11
CA VAL A 199 12.09 -2.57 3.64
C VAL A 199 12.14 -1.25 2.89
N GLU A 200 12.97 -0.31 3.35
CA GLU A 200 12.95 1.08 2.89
C GLU A 200 13.05 1.14 1.36
N GLU A 201 13.97 0.33 0.84
CA GLU A 201 14.13 0.12 -0.60
C GLU A 201 13.08 -0.85 -1.17
N ALA A 202 12.72 -1.93 -0.46
CA ALA A 202 11.65 -2.88 -0.87
C ALA A 202 10.33 -2.16 -1.20
N VAL A 203 9.79 -1.41 -0.23
CA VAL A 203 8.58 -0.61 -0.34
C VAL A 203 8.71 0.45 -1.41
N GLN A 204 9.77 1.24 -1.42
CA GLN A 204 10.00 2.20 -2.51
C GLN A 204 9.98 1.57 -3.92
N ALA A 205 10.58 0.38 -4.08
CA ALA A 205 10.60 -0.39 -5.31
C ALA A 205 9.24 -1.05 -5.64
N LEU A 206 8.43 -1.35 -4.63
CA LEU A 206 7.03 -1.70 -4.78
C LEU A 206 6.27 -0.48 -5.31
N ILE A 207 6.42 0.69 -4.68
CA ILE A 207 5.72 1.90 -5.10
C ILE A 207 6.20 2.33 -6.51
N ASP A 208 7.40 1.91 -6.91
CA ASP A 208 7.92 2.01 -8.25
C ASP A 208 7.21 1.08 -9.24
N LEU A 209 7.24 -0.24 -9.01
CA LEU A 209 6.85 -1.24 -9.99
C LEU A 209 5.42 -1.78 -9.91
N HIS A 210 4.67 -1.52 -8.84
CA HIS A 210 3.24 -1.81 -8.84
C HIS A 210 2.54 -1.01 -9.93
N ASN A 211 1.89 -1.74 -10.84
CA ASN A 211 1.19 -1.21 -12.01
C ASN A 211 2.13 -0.41 -12.95
N HIS A 212 3.35 -0.93 -13.18
CA HIS A 212 4.36 -0.42 -14.11
C HIS A 212 3.92 -0.34 -15.60
N ASP A 213 2.70 -0.80 -15.92
CA ASP A 213 2.08 -0.80 -17.26
C ASP A 213 2.87 -1.67 -18.26
N LEU A 214 2.81 -2.99 -18.05
CA LEU A 214 3.38 -3.98 -18.96
C LEU A 214 2.55 -4.07 -20.24
N GLY A 215 1.22 -3.92 -20.13
CA GLY A 215 0.30 -3.87 -21.24
C GLY A 215 -0.78 -4.92 -21.22
N GLU A 216 -1.54 -4.95 -22.32
CA GLU A 216 -2.69 -5.79 -22.59
C GLU A 216 -3.65 -5.98 -21.43
N ASN A 217 -3.72 -4.98 -20.54
CA ASN A 217 -4.48 -4.93 -19.31
C ASN A 217 -3.99 -5.89 -18.19
N HIS A 218 -2.87 -6.60 -18.38
CA HIS A 218 -2.22 -7.35 -17.30
C HIS A 218 -1.69 -6.39 -16.24
N HIS A 219 -0.52 -5.79 -16.54
CA HIS A 219 0.27 -4.91 -15.69
C HIS A 219 0.78 -5.60 -14.41
N LEU A 220 1.89 -5.11 -13.87
CA LEU A 220 2.58 -5.77 -12.76
C LEU A 220 1.85 -5.55 -11.42
N ARG A 221 1.85 -6.57 -10.56
CA ARG A 221 1.36 -6.53 -9.17
C ARG A 221 2.49 -7.02 -8.27
N VAL A 222 2.43 -6.56 -7.04
CA VAL A 222 3.51 -6.62 -6.06
C VAL A 222 2.92 -6.48 -4.66
N SER A 223 3.60 -7.06 -3.68
CA SER A 223 3.34 -6.85 -2.27
C SER A 223 4.56 -7.23 -1.44
N PHE A 224 4.47 -7.14 -0.12
CA PHE A 224 5.44 -7.74 0.79
C PHE A 224 5.24 -9.27 0.80
N SER A 225 6.23 -10.03 1.27
CA SER A 225 6.13 -11.50 1.35
C SER A 225 6.50 -12.12 2.69
N LYS A 226 5.76 -13.19 3.04
CA LYS A 226 6.01 -14.14 4.14
C LYS A 226 7.31 -14.93 3.98
N SER A 227 7.78 -15.10 2.75
CA SER A 227 8.95 -15.89 2.38
C SER A 227 10.25 -15.07 2.46
N THR A 228 11.37 -15.75 2.21
CA THR A 228 12.73 -15.18 2.09
C THR A 228 13.59 -15.99 1.11
N ILE A 229 14.86 -15.59 0.93
CA ILE A 229 15.79 -16.07 -0.09
C ILE A 229 17.15 -16.45 0.52
N GLY A 22 -27.12 14.99 13.30
CA GLY A 22 -27.61 14.26 12.11
C GLY A 22 -27.24 12.79 12.17
N ARG A 23 -28.05 11.91 11.56
CA ARG A 23 -27.94 10.43 11.64
C ARG A 23 -26.61 9.85 11.10
N ILE A 24 -25.92 10.58 10.22
CA ILE A 24 -24.60 10.21 9.66
C ILE A 24 -23.44 10.32 10.66
N ALA A 25 -23.64 10.93 11.83
CA ALA A 25 -22.65 10.99 12.91
C ALA A 25 -22.41 9.60 13.54
N ILE A 26 -21.14 9.15 13.54
CA ILE A 26 -20.70 7.85 14.08
C ILE A 26 -19.57 8.09 15.11
N PRO A 27 -19.82 7.97 16.42
CA PRO A 27 -18.78 8.09 17.44
C PRO A 27 -17.80 6.90 17.41
N GLY A 28 -18.28 5.69 17.10
CA GLY A 28 -17.49 4.46 16.96
C GLY A 28 -18.27 3.19 17.30
N LEU A 29 -17.64 2.03 17.10
CA LEU A 29 -18.16 0.69 17.46
C LEU A 29 -18.32 0.58 18.99
N ALA A 30 -17.20 0.51 19.71
CA ALA A 30 -17.08 0.54 21.17
C ALA A 30 -15.66 0.96 21.59
N GLY A 31 -14.63 0.33 21.00
CA GLY A 31 -13.20 0.60 21.19
C GLY A 31 -12.51 1.18 19.94
N ALA A 32 -13.21 2.07 19.22
CA ALA A 32 -12.83 2.62 17.91
C ALA A 32 -12.51 1.55 16.83
N GLY A 33 -11.80 1.95 15.77
CA GLY A 33 -11.57 1.18 14.55
C GLY A 33 -12.67 1.46 13.53
N ASN A 34 -12.34 2.20 12.48
CA ASN A 34 -13.20 2.78 11.49
C ASN A 34 -12.27 3.16 10.34
N SER A 35 -12.80 3.04 9.14
CA SER A 35 -12.30 3.48 7.84
C SER A 35 -11.23 4.59 7.83
N VAL A 36 -11.63 5.82 8.11
CA VAL A 36 -10.84 7.05 8.21
C VAL A 36 -9.60 6.92 9.11
N LEU A 37 -8.39 7.01 8.51
CA LEU A 37 -7.10 6.93 9.21
C LEU A 37 -6.16 8.12 8.93
N LEU A 38 -5.70 8.77 9.98
CA LEU A 38 -4.65 9.77 9.91
C LEU A 38 -3.28 9.15 9.63
N VAL A 39 -2.48 9.89 8.88
CA VAL A 39 -1.06 9.65 8.63
C VAL A 39 -0.29 10.85 9.16
N SER A 40 0.41 10.67 10.27
CA SER A 40 1.36 11.66 10.79
C SER A 40 2.81 11.18 10.64
N ASN A 41 3.71 12.16 10.59
CA ASN A 41 5.17 12.07 10.46
C ASN A 41 5.65 12.01 8.99
N LEU A 42 5.13 12.85 8.08
CA LEU A 42 5.60 12.88 6.69
C LEU A 42 7.00 13.53 6.56
N ASN A 43 7.78 13.05 5.59
CA ASN A 43 8.98 13.71 5.08
C ASN A 43 8.53 14.48 3.82
N PRO A 44 8.33 15.82 3.85
CA PRO A 44 7.69 16.56 2.76
C PRO A 44 8.44 16.57 1.41
N GLU A 45 9.65 16.01 1.34
CA GLU A 45 10.47 15.89 0.13
C GLU A 45 10.55 14.43 -0.41
N ARG A 46 10.00 13.44 0.32
CA ARG A 46 10.13 12.01 0.09
C ARG A 46 8.78 11.31 0.00
N VAL A 47 7.81 11.81 0.78
CA VAL A 47 6.42 11.35 0.74
C VAL A 47 5.75 11.73 -0.58
N THR A 48 4.85 10.86 -1.05
CA THR A 48 3.93 11.13 -2.16
C THR A 48 2.52 10.59 -1.89
N PRO A 49 1.46 11.11 -2.57
CA PRO A 49 0.13 10.53 -2.51
C PRO A 49 0.11 9.03 -2.81
N GLN A 50 0.88 8.59 -3.83
CA GLN A 50 0.96 7.19 -4.24
C GLN A 50 1.70 6.30 -3.24
N SER A 51 2.69 6.83 -2.52
CA SER A 51 3.42 6.10 -1.48
C SER A 51 2.50 5.61 -0.35
N LEU A 52 1.80 6.55 0.29
CA LEU A 52 0.90 6.23 1.40
C LEU A 52 -0.40 5.55 0.91
N PHE A 53 -0.77 5.77 -0.36
CA PHE A 53 -1.85 5.03 -1.05
C PHE A 53 -1.52 3.56 -1.14
N ILE A 54 -0.34 3.22 -1.69
CA ILE A 54 0.04 1.83 -1.88
C ILE A 54 0.06 1.08 -0.56
N LEU A 55 0.65 1.64 0.51
CA LEU A 55 0.69 0.83 1.74
C LEU A 55 -0.73 0.51 2.22
N PHE A 56 -1.54 1.56 2.45
CA PHE A 56 -2.90 1.35 2.88
C PHE A 56 -3.69 0.52 1.86
N GLY A 57 -3.33 0.55 0.58
CA GLY A 57 -4.03 -0.11 -0.52
C GLY A 57 -3.65 -1.59 -0.71
N VAL A 58 -2.65 -2.07 0.05
CA VAL A 58 -2.30 -3.50 0.15
C VAL A 58 -2.68 -4.05 1.52
N TYR A 59 -2.75 -3.18 2.52
CA TYR A 59 -3.24 -3.40 3.87
C TYR A 59 -4.78 -3.32 3.99
N GLY A 60 -5.48 -2.92 2.92
CA GLY A 60 -6.93 -2.97 2.74
C GLY A 60 -7.37 -2.30 1.43
N ASP A 61 -8.67 -2.29 1.15
CA ASP A 61 -9.25 -1.46 0.08
C ASP A 61 -9.26 0.01 0.54
N VAL A 62 -8.51 0.89 -0.13
CA VAL A 62 -8.39 2.32 0.25
C VAL A 62 -9.42 3.18 -0.51
N GLN A 63 -10.46 3.67 0.20
CA GLN A 63 -11.54 4.53 -0.31
C GLN A 63 -10.96 5.75 -1.04
N ARG A 64 -10.29 6.61 -0.27
CA ARG A 64 -9.73 7.91 -0.65
C ARG A 64 -8.42 8.10 0.08
N VAL A 65 -7.57 8.94 -0.48
CA VAL A 65 -6.22 9.20 0.01
C VAL A 65 -5.90 10.67 -0.18
N LYS A 66 -5.77 11.36 0.93
CA LYS A 66 -5.68 12.80 1.00
C LYS A 66 -4.52 13.28 1.85
N ILE A 67 -4.12 14.52 1.62
CA ILE A 67 -2.91 15.20 2.07
C ILE A 67 -3.29 16.66 2.40
N LEU A 68 -2.61 17.28 3.37
CA LEU A 68 -2.91 18.65 3.80
C LEU A 68 -2.39 19.76 2.83
N PHE A 69 -2.58 19.59 1.51
CA PHE A 69 -2.32 20.53 0.41
C PHE A 69 -1.26 21.63 0.65
N ASN A 70 -1.64 22.80 1.15
CA ASN A 70 -0.75 23.96 1.34
C ASN A 70 -0.03 23.96 2.71
N LYS A 71 -0.60 23.27 3.72
CA LYS A 71 -0.06 23.11 5.08
C LYS A 71 1.07 22.06 5.11
N LYS A 72 0.78 20.86 4.57
CA LYS A 72 1.57 19.62 4.56
C LYS A 72 2.01 19.12 5.96
N GLU A 73 2.66 17.95 5.94
CA GLU A 73 3.40 17.22 7.00
C GLU A 73 2.53 16.23 7.78
N ASN A 74 1.25 16.19 7.45
CA ASN A 74 0.28 15.17 7.78
C ASN A 74 -0.48 14.83 6.49
N ALA A 75 -0.97 13.60 6.43
CA ALA A 75 -1.88 13.10 5.43
C ALA A 75 -3.13 12.52 6.13
N LEU A 76 -4.22 12.28 5.40
CA LEU A 76 -5.45 11.66 5.87
C LEU A 76 -5.87 10.61 4.85
N VAL A 77 -5.59 9.35 5.13
CA VAL A 77 -6.07 8.21 4.34
C VAL A 77 -7.47 7.81 4.78
N GLN A 78 -8.25 7.22 3.90
CA GLN A 78 -9.56 6.70 4.21
C GLN A 78 -9.64 5.26 3.72
N MET A 79 -9.61 4.30 4.66
CA MET A 79 -9.74 2.87 4.35
C MET A 79 -11.21 2.48 4.14
N ALA A 80 -11.46 1.25 3.73
CA ALA A 80 -12.80 0.65 3.68
C ALA A 80 -13.50 0.67 5.05
N ASP A 81 -12.90 0.06 6.10
CA ASP A 81 -13.54 -0.04 7.43
C ASP A 81 -12.55 -0.44 8.54
N GLY A 82 -13.04 -0.65 9.77
CA GLY A 82 -12.38 -1.24 10.93
C GLY A 82 -11.24 -2.21 10.63
N ASN A 83 -11.51 -3.47 10.23
CA ASN A 83 -10.45 -4.48 10.03
C ASN A 83 -9.34 -4.06 9.03
N GLN A 84 -9.75 -3.34 7.98
CA GLN A 84 -8.93 -2.77 6.91
C GLN A 84 -7.97 -1.69 7.47
N ALA A 85 -8.56 -0.67 8.10
CA ALA A 85 -7.91 0.37 8.89
C ALA A 85 -6.95 -0.22 9.95
N GLN A 86 -7.43 -1.15 10.77
CA GLN A 86 -6.69 -1.76 11.88
C GLN A 86 -5.40 -2.40 11.42
N LEU A 87 -5.42 -3.16 10.33
CA LEU A 87 -4.22 -3.69 9.70
C LEU A 87 -3.26 -2.60 9.34
N ALA A 88 -3.76 -1.62 8.57
CA ALA A 88 -2.91 -0.63 7.98
C ALA A 88 -2.11 0.06 9.07
N MET A 89 -2.75 0.57 10.14
CA MET A 89 -2.00 1.04 11.30
C MET A 89 -1.09 -0.03 11.93
N SER A 90 -1.59 -1.25 12.12
CA SER A 90 -0.86 -2.42 12.66
C SER A 90 0.45 -2.76 11.94
N HIS A 91 0.59 -2.42 10.66
CA HIS A 91 1.77 -2.71 9.86
C HIS A 91 2.56 -1.44 9.49
N LEU A 92 1.91 -0.29 9.27
CA LEU A 92 2.56 0.98 9.02
C LEU A 92 3.36 1.44 10.23
N ASN A 93 2.88 1.15 11.45
CA ASN A 93 3.44 1.60 12.75
C ASN A 93 4.83 0.92 12.99
N GLY A 94 5.82 1.46 12.28
CA GLY A 94 7.25 1.15 12.30
C GLY A 94 7.75 0.55 10.99
N HIS A 95 7.07 0.90 9.88
CA HIS A 95 7.52 0.61 8.52
C HIS A 95 8.56 1.65 8.04
N LYS A 96 8.74 2.75 8.80
CA LYS A 96 9.50 3.98 8.50
C LYS A 96 9.06 4.75 7.24
N LEU A 97 8.19 4.14 6.45
CA LEU A 97 7.49 4.43 5.18
C LEU A 97 8.46 4.63 3.98
N HIS A 98 9.50 5.42 4.21
CA HIS A 98 10.67 5.66 3.37
C HIS A 98 11.93 5.66 4.25
N GLY A 99 11.80 6.24 5.45
CA GLY A 99 12.77 6.12 6.53
C GLY A 99 12.76 7.22 7.59
N LYS A 100 11.58 7.49 8.18
CA LYS A 100 11.35 8.29 9.39
C LYS A 100 10.41 7.53 10.35
N PRO A 101 10.65 7.52 11.68
CA PRO A 101 9.86 6.71 12.64
C PRO A 101 8.42 7.23 12.74
N ILE A 102 7.52 6.65 11.94
CA ILE A 102 6.11 7.03 11.69
C ILE A 102 5.19 7.41 12.88
N ARG A 103 3.95 7.85 12.58
CA ARG A 103 2.84 7.98 13.54
C ARG A 103 1.48 7.90 12.82
N ILE A 104 1.18 6.74 12.24
CA ILE A 104 -0.17 6.46 11.70
C ILE A 104 -1.09 6.17 12.89
N THR A 105 -2.29 6.77 12.89
CA THR A 105 -3.26 6.63 13.97
C THR A 105 -4.70 6.74 13.45
N LEU A 106 -5.68 6.44 14.30
CA LEU A 106 -7.10 6.66 13.98
C LEU A 106 -7.52 8.15 14.02
N SER A 107 -8.54 8.44 13.22
CA SER A 107 -9.40 9.63 13.17
C SER A 107 -10.84 9.14 12.92
N LYS A 108 -11.82 10.03 12.62
CA LYS A 108 -13.16 9.63 12.17
C LYS A 108 -13.83 10.67 11.25
N HIS A 109 -13.85 11.94 11.65
CA HIS A 109 -14.23 13.14 10.86
C HIS A 109 -15.43 12.99 9.88
N GLN A 110 -16.41 12.13 10.19
CA GLN A 110 -17.64 11.88 9.44
C GLN A 110 -17.46 11.37 7.97
N ASN A 111 -16.26 10.91 7.58
CA ASN A 111 -15.84 10.59 6.19
C ASN A 111 -15.76 11.86 5.31
N VAL A 112 -14.86 11.86 4.34
CA VAL A 112 -14.81 12.91 3.30
C VAL A 112 -15.72 12.54 2.13
N GLN A 113 -16.25 13.55 1.42
CA GLN A 113 -17.09 13.41 0.24
C GLN A 113 -16.53 14.23 -0.94
N LEU A 114 -15.35 13.81 -1.40
CA LEU A 114 -14.59 14.24 -2.60
C LEU A 114 -14.73 15.74 -2.97
N PRO A 115 -13.98 16.65 -2.30
CA PRO A 115 -14.12 18.11 -2.39
C PRO A 115 -14.38 18.69 -3.79
N ARG A 116 -15.56 19.31 -4.01
CA ARG A 116 -15.98 19.88 -5.30
C ARG A 116 -15.54 21.33 -5.51
N GLU A 117 -15.89 21.85 -6.68
CA GLU A 117 -15.52 23.17 -7.21
C GLU A 117 -16.26 24.33 -6.54
N GLY A 118 -17.49 24.05 -6.08
CA GLY A 118 -18.43 24.99 -5.46
C GLY A 118 -18.69 24.71 -4.00
N GLN A 119 -17.88 23.82 -3.38
CA GLN A 119 -18.13 23.25 -2.07
C GLN A 119 -16.93 23.47 -1.11
N GLU A 120 -16.21 22.41 -0.74
CA GLU A 120 -15.09 22.41 0.20
C GLU A 120 -13.80 23.02 -0.37
N ASP A 121 -13.32 22.45 -1.49
CA ASP A 121 -11.99 22.69 -2.09
C ASP A 121 -10.83 22.51 -1.05
N GLN A 122 -9.65 23.11 -1.29
CA GLN A 122 -8.52 23.25 -0.36
C GLN A 122 -8.08 21.94 0.34
N GLY A 123 -7.85 20.89 -0.46
CA GLY A 123 -7.25 19.62 -0.04
C GLY A 123 -6.59 18.90 -1.21
N LEU A 124 -5.60 18.05 -0.92
CA LEU A 124 -4.84 17.27 -1.89
C LEU A 124 -5.24 15.81 -1.74
N THR A 125 -6.28 15.52 -2.46
CA THR A 125 -7.20 14.36 -2.39
C THR A 125 -7.24 13.51 -3.67
N LYS A 126 -7.39 12.19 -3.48
CA LYS A 126 -7.64 11.14 -4.48
C LYS A 126 -8.83 10.26 -4.09
N ASP A 127 -9.43 9.60 -5.08
CA ASP A 127 -10.44 8.55 -4.92
C ASP A 127 -9.97 7.27 -5.59
N TYR A 128 -9.55 6.33 -4.76
CA TYR A 128 -9.01 5.01 -5.14
C TYR A 128 -9.98 3.85 -4.89
N GLY A 129 -11.18 4.12 -4.36
CA GLY A 129 -12.21 3.12 -4.03
C GLY A 129 -12.83 2.38 -5.22
N ASN A 130 -12.29 2.62 -6.42
CA ASN A 130 -12.72 2.15 -7.74
C ASN A 130 -11.58 1.44 -8.52
N SER A 131 -10.34 1.46 -8.01
CA SER A 131 -9.14 1.04 -8.74
C SER A 131 -8.93 -0.49 -8.85
N PRO A 132 -8.31 -1.00 -9.93
CA PRO A 132 -7.92 -2.41 -10.12
C PRO A 132 -6.58 -2.81 -9.47
N LEU A 133 -5.97 -1.90 -8.68
CA LEU A 133 -4.71 -2.05 -7.98
C LEU A 133 -4.83 -2.91 -6.72
N HIS A 134 -6.00 -2.91 -6.07
CA HIS A 134 -6.21 -3.53 -4.76
C HIS A 134 -6.31 -5.07 -4.86
N ARG A 135 -5.15 -5.75 -4.89
CA ARG A 135 -4.98 -7.20 -5.06
C ARG A 135 -5.39 -8.03 -3.81
N PHE A 136 -6.68 -7.93 -3.44
CA PHE A 136 -7.32 -8.81 -2.47
C PHE A 136 -7.99 -9.98 -3.20
N LYS A 137 -9.09 -9.69 -3.92
CA LYS A 137 -9.99 -10.62 -4.62
C LYS A 137 -10.16 -11.96 -3.88
N LYS A 138 -10.63 -11.87 -2.62
CA LYS A 138 -10.70 -12.92 -1.61
C LYS A 138 -11.34 -14.24 -2.12
N PRO A 139 -10.70 -15.40 -1.93
CA PRO A 139 -11.32 -16.72 -2.17
C PRO A 139 -12.62 -16.94 -1.39
N GLY A 140 -12.74 -16.30 -0.22
CA GLY A 140 -13.97 -16.22 0.60
C GLY A 140 -13.88 -15.07 1.61
N SER A 141 -12.95 -15.17 2.57
CA SER A 141 -12.70 -14.15 3.61
C SER A 141 -11.24 -14.08 4.08
N LYS A 142 -10.64 -15.21 4.47
CA LYS A 142 -9.31 -15.38 5.09
C LYS A 142 -8.13 -15.13 4.12
N ASN A 143 -8.08 -13.96 3.51
CA ASN A 143 -7.05 -13.53 2.54
C ASN A 143 -5.81 -12.88 3.18
N PHE A 144 -5.81 -12.62 4.50
CA PHE A 144 -4.81 -11.76 5.14
C PHE A 144 -3.35 -12.29 5.12
N GLN A 145 -3.13 -13.57 4.83
CA GLN A 145 -1.79 -14.11 4.56
C GLN A 145 -1.12 -13.49 3.31
N ASN A 146 -1.92 -12.91 2.39
CA ASN A 146 -1.44 -12.25 1.16
C ASN A 146 -0.69 -10.93 1.38
N ILE A 147 -0.81 -10.42 2.60
CA ILE A 147 -0.42 -9.09 3.07
C ILE A 147 0.96 -9.20 3.73
N PHE A 148 0.99 -9.85 4.90
CA PHE A 148 2.13 -10.00 5.81
C PHE A 148 2.66 -8.65 6.38
N PRO A 149 3.25 -8.62 7.60
CA PRO A 149 3.86 -7.40 8.15
C PRO A 149 5.10 -6.93 7.34
N PRO A 150 5.68 -5.76 7.66
CA PRO A 150 6.83 -5.16 6.95
C PRO A 150 7.94 -6.19 6.64
N SER A 151 8.32 -6.34 5.35
CA SER A 151 9.12 -7.50 4.89
C SER A 151 10.61 -7.34 4.55
N ALA A 152 10.91 -7.11 3.27
CA ALA A 152 12.16 -7.20 2.50
C ALA A 152 11.85 -8.12 1.31
N THR A 153 11.24 -9.30 1.55
CA THR A 153 10.66 -10.12 0.48
C THR A 153 9.45 -9.41 -0.13
N LEU A 154 9.50 -9.13 -1.44
CA LEU A 154 8.37 -8.66 -2.23
C LEU A 154 7.95 -9.62 -3.35
N HIS A 155 6.66 -9.93 -3.31
CA HIS A 155 5.83 -10.73 -4.20
C HIS A 155 5.67 -9.94 -5.49
N LEU A 156 5.90 -10.56 -6.64
CA LEU A 156 5.72 -10.00 -7.98
C LEU A 156 4.66 -10.83 -8.72
N SER A 157 3.90 -10.27 -9.64
CA SER A 157 2.87 -10.98 -10.42
C SER A 157 2.44 -10.20 -11.66
N ASN A 158 1.62 -10.83 -12.51
CA ASN A 158 0.99 -10.25 -13.70
C ASN A 158 2.01 -9.93 -14.82
N ILE A 159 3.16 -10.62 -14.80
CA ILE A 159 4.22 -10.60 -15.80
C ILE A 159 3.72 -11.05 -17.20
N PRO A 160 3.81 -10.21 -18.25
CA PRO A 160 3.50 -10.61 -19.62
C PRO A 160 4.62 -11.50 -20.22
N PRO A 161 4.38 -12.14 -21.38
CA PRO A 161 5.38 -12.89 -22.19
C PRO A 161 6.65 -12.13 -22.66
N SER A 162 7.01 -11.01 -22.04
CA SER A 162 8.12 -10.12 -22.39
C SER A 162 9.07 -9.91 -21.22
N VAL A 163 8.66 -10.25 -19.98
CA VAL A 163 9.47 -10.06 -18.79
C VAL A 163 10.20 -11.35 -18.41
N SER A 164 11.50 -11.25 -18.14
CA SER A 164 12.33 -12.33 -17.58
C SER A 164 12.74 -12.05 -16.14
N GLU A 165 13.32 -13.05 -15.47
CA GLU A 165 13.96 -12.93 -14.15
C GLU A 165 14.96 -11.78 -14.05
N GLU A 166 15.65 -11.51 -15.16
CA GLU A 166 16.51 -10.36 -15.33
C GLU A 166 15.69 -9.10 -15.42
N ASP A 167 14.86 -8.89 -16.45
CA ASP A 167 14.16 -7.60 -16.67
C ASP A 167 13.33 -7.19 -15.46
N LEU A 168 12.82 -8.17 -14.71
CA LEU A 168 12.13 -8.03 -13.45
C LEU A 168 13.04 -7.47 -12.35
N LYS A 169 14.04 -8.25 -11.93
CA LYS A 169 15.06 -7.89 -10.93
C LYS A 169 15.83 -6.63 -11.30
N VAL A 170 16.10 -6.40 -12.59
CA VAL A 170 16.64 -5.18 -13.16
C VAL A 170 15.78 -3.98 -12.76
N LEU A 171 14.44 -4.04 -12.84
CA LEU A 171 13.62 -2.97 -12.28
C LEU A 171 13.93 -2.74 -10.80
N PHE A 172 13.90 -3.80 -9.99
CA PHE A 172 14.10 -3.75 -8.54
C PHE A 172 15.55 -3.43 -8.10
N SER A 173 16.50 -3.36 -9.03
CA SER A 173 17.94 -3.18 -8.77
C SER A 173 18.45 -1.87 -9.36
N SER A 174 17.78 -1.38 -10.42
CA SER A 174 18.03 -0.07 -11.02
C SER A 174 17.43 1.06 -10.17
N ASN A 175 16.48 0.67 -9.30
CA ASN A 175 15.77 1.49 -8.33
C ASN A 175 16.61 2.06 -7.19
N GLY A 176 17.76 1.43 -6.95
CA GLY A 176 18.64 1.69 -5.83
C GLY A 176 18.89 0.42 -4.99
N GLY A 177 18.39 -0.72 -5.47
CA GLY A 177 18.28 -2.02 -4.83
C GLY A 177 19.56 -2.67 -4.30
N VAL A 178 19.28 -3.80 -3.67
CA VAL A 178 20.18 -4.68 -2.91
C VAL A 178 19.91 -6.14 -3.29
N VAL A 179 18.69 -6.44 -3.79
CA VAL A 179 18.22 -7.67 -4.44
C VAL A 179 18.99 -8.92 -4.03
N LYS A 180 18.71 -9.32 -2.79
CA LYS A 180 19.40 -10.31 -1.98
C LYS A 180 19.25 -11.71 -2.58
N GLY A 181 18.02 -12.01 -2.99
CA GLY A 181 17.67 -13.18 -3.78
C GLY A 181 16.53 -12.93 -4.77
N PHE A 182 16.25 -13.92 -5.61
CA PHE A 182 15.18 -13.95 -6.59
C PHE A 182 14.68 -15.38 -6.87
N LYS A 183 13.38 -15.54 -7.11
CA LYS A 183 12.62 -16.77 -7.35
C LYS A 183 11.42 -16.55 -8.31
N PHE A 184 10.81 -17.65 -8.75
CA PHE A 184 9.51 -17.70 -9.43
C PHE A 184 8.54 -18.55 -8.58
N PHE A 185 7.44 -17.94 -8.18
CA PHE A 185 6.47 -18.45 -7.19
C PHE A 185 6.00 -19.91 -7.39
N GLN A 186 5.75 -20.56 -6.25
CA GLN A 186 5.31 -21.94 -5.98
C GLN A 186 5.43 -22.96 -7.13
N LYS A 187 4.46 -23.02 -8.04
CA LYS A 187 4.25 -24.04 -9.09
C LYS A 187 3.70 -23.44 -10.38
N ASP A 188 2.65 -22.64 -10.27
CA ASP A 188 1.87 -22.08 -11.39
C ASP A 188 2.67 -21.09 -12.27
N ARG A 189 3.76 -20.49 -11.71
CA ARG A 189 4.80 -19.72 -12.44
C ARG A 189 4.32 -18.47 -13.21
N LYS A 190 3.17 -17.88 -12.85
CA LYS A 190 2.64 -16.61 -13.44
C LYS A 190 2.95 -15.41 -12.54
N MET A 191 3.66 -15.72 -11.46
CA MET A 191 4.09 -14.85 -10.37
C MET A 191 5.56 -15.12 -10.07
N ALA A 192 6.18 -14.16 -9.41
CA ALA A 192 7.60 -14.13 -9.16
C ALA A 192 7.85 -13.56 -7.77
N LEU A 193 9.11 -13.57 -7.37
CA LEU A 193 9.44 -13.28 -5.99
C LEU A 193 10.87 -12.76 -5.90
N ILE A 194 11.05 -11.68 -5.15
CA ILE A 194 12.33 -11.02 -4.94
C ILE A 194 12.52 -10.74 -3.45
N GLN A 195 13.76 -10.79 -2.97
CA GLN A 195 14.07 -10.37 -1.61
C GLN A 195 14.99 -9.18 -1.66
N MET A 196 14.47 -8.04 -1.21
CA MET A 196 15.22 -6.84 -0.90
C MET A 196 16.12 -7.10 0.34
N GLY A 197 16.95 -6.13 0.69
CA GLY A 197 17.89 -6.21 1.83
C GLY A 197 17.25 -5.77 3.15
N SER A 198 16.33 -4.81 3.09
CA SER A 198 15.46 -4.36 4.19
C SER A 198 14.17 -3.75 3.62
N VAL A 199 13.14 -3.50 4.45
CA VAL A 199 11.87 -3.03 3.90
C VAL A 199 11.95 -1.68 3.23
N GLU A 200 12.76 -0.77 3.76
CA GLU A 200 12.76 0.64 3.35
C GLU A 200 12.98 0.75 1.84
N GLU A 201 13.86 -0.12 1.32
CA GLU A 201 14.06 -0.32 -0.11
C GLU A 201 12.95 -1.21 -0.72
N ALA A 202 12.53 -2.31 -0.06
CA ALA A 202 11.44 -3.20 -0.53
C ALA A 202 10.17 -2.42 -0.91
N VAL A 203 9.63 -1.67 0.06
CA VAL A 203 8.48 -0.79 -0.07
C VAL A 203 8.71 0.27 -1.13
N GLN A 204 9.83 1.00 -1.06
CA GLN A 204 10.12 2.00 -2.09
C GLN A 204 10.10 1.46 -3.54
N ALA A 205 10.65 0.29 -3.77
CA ALA A 205 10.71 -0.46 -5.02
C ALA A 205 9.33 -1.02 -5.42
N LEU A 206 8.49 -1.40 -4.46
CA LEU A 206 7.08 -1.71 -4.64
C LEU A 206 6.35 -0.47 -5.14
N ILE A 207 6.45 0.66 -4.42
CA ILE A 207 5.72 1.87 -4.78
C ILE A 207 6.19 2.41 -6.14
N ASP A 208 7.40 2.02 -6.55
CA ASP A 208 7.95 2.22 -7.87
C ASP A 208 7.30 1.35 -8.96
N LEU A 209 7.26 0.02 -8.75
CA LEU A 209 6.90 -0.96 -9.76
C LEU A 209 5.46 -1.47 -9.76
N HIS A 210 4.65 -1.16 -8.75
CA HIS A 210 3.22 -1.47 -8.79
C HIS A 210 2.49 -0.68 -9.91
N ASN A 211 1.93 -1.43 -10.86
CA ASN A 211 1.17 -0.93 -12.01
C ASN A 211 2.02 -0.08 -12.99
N HIS A 212 3.31 -0.39 -13.11
CA HIS A 212 4.35 0.34 -13.88
C HIS A 212 4.14 0.40 -15.41
N ASP A 213 3.00 -0.08 -15.92
CA ASP A 213 2.53 0.06 -17.31
C ASP A 213 3.48 -0.60 -18.32
N LEU A 214 3.60 -1.93 -18.21
CA LEU A 214 4.58 -2.75 -18.94
C LEU A 214 4.27 -2.89 -20.44
N GLY A 215 3.01 -3.18 -20.78
CA GLY A 215 2.74 -3.63 -22.15
C GLY A 215 1.30 -3.69 -22.64
N GLU A 216 0.98 -4.90 -23.10
CA GLU A 216 -0.28 -5.44 -23.60
C GLU A 216 -1.33 -5.54 -22.49
N ASN A 217 -1.55 -4.43 -21.79
CA ASN A 217 -2.66 -4.19 -20.86
C ASN A 217 -2.60 -5.03 -19.56
N HIS A 218 -1.58 -5.90 -19.46
CA HIS A 218 -1.21 -6.76 -18.35
C HIS A 218 -0.94 -5.96 -17.07
N HIS A 219 0.24 -5.35 -17.01
CA HIS A 219 0.72 -4.38 -16.02
C HIS A 219 0.98 -4.97 -14.62
N LEU A 220 2.20 -4.71 -14.14
CA LEU A 220 2.84 -5.33 -12.98
C LEU A 220 2.05 -5.19 -11.66
N ARG A 221 2.01 -6.27 -10.87
CA ARG A 221 1.41 -6.42 -9.55
C ARG A 221 2.54 -6.81 -8.58
N VAL A 222 2.39 -6.39 -7.34
CA VAL A 222 3.43 -6.45 -6.32
C VAL A 222 2.80 -6.37 -4.93
N SER A 223 3.47 -6.97 -3.94
CA SER A 223 3.16 -6.77 -2.52
C SER A 223 4.31 -7.25 -1.66
N PHE A 224 4.18 -7.16 -0.35
CA PHE A 224 5.05 -7.81 0.62
C PHE A 224 4.79 -9.33 0.63
N SER A 225 5.75 -10.14 1.08
CA SER A 225 5.60 -11.61 1.08
C SER A 225 6.05 -12.31 2.37
N LYS A 226 5.21 -13.27 2.81
CA LYS A 226 5.51 -14.25 3.86
C LYS A 226 6.55 -15.32 3.47
N SER A 227 6.86 -15.46 2.17
CA SER A 227 7.87 -16.38 1.64
C SER A 227 9.29 -15.82 1.80
N THR A 228 10.29 -16.62 1.41
CA THR A 228 11.73 -16.31 1.47
C THR A 228 12.55 -16.97 0.36
N ILE A 229 13.85 -16.65 0.32
CA ILE A 229 14.81 -17.03 -0.73
C ILE A 229 16.06 -17.69 -0.13
N GLY A 22 -31.37 -2.52 20.36
CA GLY A 22 -31.23 -1.54 19.26
C GLY A 22 -31.17 -2.24 17.90
N ARG A 23 -31.60 -1.53 16.83
CA ARG A 23 -31.59 -2.05 15.44
C ARG A 23 -30.17 -2.27 14.90
N ILE A 24 -29.31 -1.27 15.07
CA ILE A 24 -27.88 -1.30 14.68
C ILE A 24 -26.99 -1.95 15.76
N ALA A 25 -25.69 -2.11 15.47
CA ALA A 25 -24.65 -2.57 16.40
C ALA A 25 -23.40 -1.66 16.35
N ILE A 26 -22.51 -1.81 17.34
CA ILE A 26 -21.30 -0.99 17.51
C ILE A 26 -20.20 -1.29 16.46
N PRO A 27 -19.36 -0.30 16.10
CA PRO A 27 -18.16 -0.49 15.26
C PRO A 27 -17.00 -1.14 16.03
N GLY A 28 -15.86 -1.37 15.36
CA GLY A 28 -14.64 -1.95 15.93
C GLY A 28 -14.62 -3.49 15.98
N LEU A 29 -13.54 -4.05 16.53
CA LEU A 29 -13.30 -5.49 16.68
C LEU A 29 -12.55 -5.79 18.00
N ALA A 30 -11.21 -5.87 17.97
CA ALA A 30 -10.37 -5.99 19.17
C ALA A 30 -10.14 -4.65 19.89
N GLY A 31 -10.34 -3.54 19.16
CA GLY A 31 -10.38 -2.14 19.59
C GLY A 31 -11.26 -1.34 18.63
N ALA A 32 -11.07 -0.01 18.54
CA ALA A 32 -11.70 0.80 17.51
C ALA A 32 -11.36 0.31 16.07
N GLY A 33 -12.18 0.73 15.11
CA GLY A 33 -12.12 0.26 13.72
C GLY A 33 -13.25 0.89 12.91
N ASN A 34 -12.90 1.94 12.15
CA ASN A 34 -13.85 2.85 11.51
C ASN A 34 -13.30 3.45 10.19
N SER A 35 -12.80 2.61 9.27
CA SER A 35 -12.24 2.97 7.95
C SER A 35 -11.16 4.08 7.93
N VAL A 36 -11.56 5.35 7.93
CA VAL A 36 -10.74 6.56 8.09
C VAL A 36 -9.50 6.39 9.01
N LEU A 37 -8.30 6.58 8.45
CA LEU A 37 -7.02 6.54 9.19
C LEU A 37 -6.19 7.82 9.03
N LEU A 38 -5.81 8.46 10.14
CA LEU A 38 -4.84 9.53 10.16
C LEU A 38 -3.42 9.01 9.91
N VAL A 39 -2.65 9.81 9.18
CA VAL A 39 -1.22 9.63 8.91
C VAL A 39 -0.48 10.82 9.49
N SER A 40 0.20 10.61 10.60
CA SER A 40 1.17 11.57 11.13
C SER A 40 2.58 11.13 10.75
N ASN A 41 3.53 12.06 10.86
CA ASN A 41 4.97 11.84 10.77
C ASN A 41 5.46 11.67 9.31
N LEU A 42 5.09 12.63 8.46
CA LEU A 42 5.57 12.79 7.07
C LEU A 42 7.00 13.40 7.01
N ASN A 43 7.52 13.46 5.78
CA ASN A 43 8.69 14.21 5.33
C ASN A 43 8.18 15.14 4.21
N PRO A 44 8.00 16.46 4.43
CA PRO A 44 7.39 17.40 3.47
C PRO A 44 7.95 17.44 2.03
N GLU A 45 9.14 16.86 1.79
CA GLU A 45 9.86 16.83 0.51
C GLU A 45 9.79 15.45 -0.18
N ARG A 46 9.38 14.38 0.53
CA ARG A 46 9.49 12.99 0.13
C ARG A 46 8.13 12.32 -0.02
N VAL A 47 7.18 12.68 0.86
CA VAL A 47 5.86 12.04 0.87
C VAL A 47 5.05 12.42 -0.38
N THR A 48 4.24 11.48 -0.85
CA THR A 48 3.23 11.68 -1.88
C THR A 48 1.94 10.90 -1.59
N PRO A 49 0.79 11.28 -2.19
CA PRO A 49 -0.44 10.50 -2.10
C PRO A 49 -0.24 9.04 -2.55
N GLN A 50 0.44 8.80 -3.67
CA GLN A 50 0.64 7.44 -4.21
C GLN A 50 1.48 6.55 -3.31
N SER A 51 2.43 7.12 -2.57
CA SER A 51 3.27 6.39 -1.61
C SER A 51 2.45 5.82 -0.44
N LEU A 52 1.76 6.69 0.31
CA LEU A 52 0.93 6.29 1.44
C LEU A 52 -0.33 5.53 0.97
N PHE A 53 -0.81 5.78 -0.26
CA PHE A 53 -1.88 5.02 -0.92
C PHE A 53 -1.48 3.56 -1.03
N ILE A 54 -0.30 3.30 -1.61
CA ILE A 54 0.17 1.94 -1.84
C ILE A 54 0.26 1.14 -0.55
N LEU A 55 0.83 1.70 0.54
CA LEU A 55 0.95 0.83 1.73
C LEU A 55 -0.45 0.42 2.22
N PHE A 56 -1.29 1.41 2.46
CA PHE A 56 -2.66 1.17 2.88
C PHE A 56 -3.42 0.31 1.86
N GLY A 57 -3.05 0.36 0.57
CA GLY A 57 -3.71 -0.35 -0.52
C GLY A 57 -3.25 -1.80 -0.69
N VAL A 58 -2.22 -2.21 0.07
CA VAL A 58 -1.77 -3.61 0.18
C VAL A 58 -2.11 -4.18 1.55
N TYR A 59 -2.28 -3.30 2.55
CA TYR A 59 -2.76 -3.59 3.90
C TYR A 59 -4.30 -3.56 4.03
N GLY A 60 -5.02 -3.20 2.97
CA GLY A 60 -6.47 -3.31 2.81
C GLY A 60 -6.95 -2.68 1.49
N ASP A 61 -8.25 -2.69 1.25
CA ASP A 61 -8.87 -2.03 0.09
C ASP A 61 -9.04 -0.52 0.37
N VAL A 62 -8.00 0.29 0.10
CA VAL A 62 -7.99 1.73 0.36
C VAL A 62 -9.05 2.48 -0.49
N GLN A 63 -10.01 3.13 0.18
CA GLN A 63 -11.08 3.94 -0.45
C GLN A 63 -10.48 5.13 -1.21
N ARG A 64 -9.93 6.07 -0.44
CA ARG A 64 -9.48 7.41 -0.81
C ARG A 64 -8.31 7.84 0.09
N VAL A 65 -7.73 8.99 -0.24
CA VAL A 65 -6.59 9.59 0.47
C VAL A 65 -6.75 11.12 0.48
N LYS A 66 -6.26 11.80 1.51
CA LYS A 66 -6.06 13.25 1.62
C LYS A 66 -4.67 13.54 2.14
N ILE A 67 -4.27 14.77 1.87
CA ILE A 67 -3.03 15.42 2.30
C ILE A 67 -3.38 16.76 2.98
N LEU A 68 -2.63 17.25 3.97
CA LEU A 68 -2.93 18.59 4.54
C LEU A 68 -2.44 19.76 3.65
N PHE A 69 -3.13 19.96 2.53
CA PHE A 69 -3.06 21.03 1.51
C PHE A 69 -1.73 21.83 1.50
N ASN A 70 -1.66 22.93 2.27
CA ASN A 70 -0.52 23.83 2.41
C ASN A 70 0.09 23.81 3.83
N LYS A 71 -0.53 23.10 4.77
CA LYS A 71 -0.11 22.95 6.18
C LYS A 71 1.08 21.98 6.31
N LYS A 72 1.01 20.84 5.60
CA LYS A 72 1.93 19.68 5.62
C LYS A 72 2.13 19.03 6.99
N GLU A 73 2.80 17.86 6.96
CA GLU A 73 3.37 17.04 8.05
C GLU A 73 2.39 16.02 8.63
N ASN A 74 1.15 16.05 8.14
CA ASN A 74 0.13 15.03 8.31
C ASN A 74 -0.54 14.77 6.94
N ALA A 75 -1.13 13.60 6.84
CA ALA A 75 -2.02 13.17 5.77
C ALA A 75 -3.27 12.54 6.43
N LEU A 76 -4.35 12.35 5.66
CA LEU A 76 -5.60 11.72 6.14
C LEU A 76 -6.09 10.70 5.13
N VAL A 77 -5.80 9.43 5.39
CA VAL A 77 -6.14 8.30 4.53
C VAL A 77 -7.50 7.71 4.88
N GLN A 78 -8.09 6.94 3.98
CA GLN A 78 -9.38 6.30 4.19
C GLN A 78 -9.38 4.86 3.71
N MET A 79 -9.39 3.90 4.64
CA MET A 79 -9.49 2.46 4.35
C MET A 79 -10.92 2.04 4.03
N ALA A 80 -11.14 0.76 3.73
CA ALA A 80 -12.47 0.16 3.62
C ALA A 80 -13.22 0.14 4.98
N ASP A 81 -12.64 -0.40 6.06
CA ASP A 81 -13.32 -0.61 7.36
C ASP A 81 -12.35 -0.87 8.52
N GLY A 82 -12.85 -1.27 9.71
CA GLY A 82 -12.09 -1.65 10.90
C GLY A 82 -10.97 -2.67 10.68
N ASN A 83 -11.25 -3.89 10.22
CA ASN A 83 -10.24 -4.93 9.98
C ASN A 83 -9.09 -4.46 9.05
N GLN A 84 -9.47 -3.73 8.01
CA GLN A 84 -8.63 -3.08 7.00
C GLN A 84 -7.71 -2.03 7.65
N ALA A 85 -8.32 -1.06 8.34
CA ALA A 85 -7.71 0.01 9.12
C ALA A 85 -6.77 -0.52 10.24
N GLN A 86 -7.17 -1.57 10.95
CA GLN A 86 -6.40 -2.20 12.03
C GLN A 86 -5.10 -2.77 11.50
N LEU A 87 -5.12 -3.51 10.40
CA LEU A 87 -3.91 -4.01 9.76
C LEU A 87 -2.97 -2.87 9.41
N ALA A 88 -3.51 -1.92 8.65
CA ALA A 88 -2.70 -0.91 8.06
C ALA A 88 -1.92 -0.17 9.15
N MET A 89 -2.54 0.27 10.25
CA MET A 89 -1.78 0.77 11.41
C MET A 89 -0.85 -0.29 12.03
N SER A 90 -1.32 -1.53 12.20
CA SER A 90 -0.55 -2.68 12.74
C SER A 90 0.77 -2.92 12.03
N HIS A 91 0.88 -2.56 10.74
CA HIS A 91 2.04 -2.84 9.90
C HIS A 91 2.81 -1.56 9.50
N LEU A 92 2.12 -0.44 9.21
CA LEU A 92 2.72 0.84 8.91
C LEU A 92 3.56 1.36 10.06
N ASN A 93 3.15 1.13 11.31
CA ASN A 93 3.73 1.86 12.45
C ASN A 93 5.26 1.62 12.62
N GLY A 94 6.06 2.56 12.10
CA GLY A 94 7.52 2.50 11.99
C GLY A 94 8.05 1.89 10.68
N HIS A 95 7.29 1.93 9.57
CA HIS A 95 7.72 1.38 8.27
C HIS A 95 8.81 2.24 7.60
N LYS A 96 9.15 3.43 8.10
CA LYS A 96 10.20 4.34 7.59
C LYS A 96 10.37 4.27 6.05
N LEU A 97 9.23 4.43 5.38
CA LEU A 97 8.93 4.37 3.93
C LEU A 97 9.94 5.19 3.13
N HIS A 98 10.10 6.43 3.61
CA HIS A 98 11.03 7.45 3.12
C HIS A 98 12.10 7.77 4.19
N GLY A 99 12.04 7.07 5.33
CA GLY A 99 13.11 7.00 6.32
C GLY A 99 12.88 7.65 7.68
N LYS A 100 11.62 7.99 8.00
CA LYS A 100 11.21 8.63 9.26
C LYS A 100 10.29 7.70 10.09
N PRO A 101 10.34 7.70 11.44
CA PRO A 101 9.63 6.72 12.30
C PRO A 101 8.12 7.02 12.37
N ILE A 102 7.37 6.53 11.38
CA ILE A 102 5.97 6.93 11.11
C ILE A 102 4.93 6.60 12.17
N ARG A 103 3.81 7.35 12.15
CA ARG A 103 2.80 7.32 13.20
C ARG A 103 1.38 7.50 12.67
N ILE A 104 0.81 6.36 12.33
CA ILE A 104 -0.54 6.16 11.78
C ILE A 104 -1.47 5.74 12.92
N THR A 105 -2.65 6.36 13.01
CA THR A 105 -3.66 6.06 14.03
C THR A 105 -5.08 6.24 13.50
N LEU A 106 -6.09 5.73 14.20
CA LEU A 106 -7.51 5.93 13.84
C LEU A 106 -7.98 7.38 14.10
N SER A 107 -8.93 7.84 13.28
CA SER A 107 -9.68 9.09 13.43
C SER A 107 -11.14 8.88 13.01
N LYS A 108 -12.04 8.76 13.99
CA LYS A 108 -13.47 8.39 13.89
C LYS A 108 -14.41 9.39 13.17
N HIS A 109 -13.93 10.02 12.11
CA HIS A 109 -14.67 10.95 11.23
C HIS A 109 -15.82 10.25 10.46
N GLN A 110 -16.67 11.05 9.81
CA GLN A 110 -17.91 10.64 9.12
C GLN A 110 -17.72 10.11 7.68
N ASN A 111 -16.47 9.89 7.23
CA ASN A 111 -16.02 9.61 5.85
C ASN A 111 -16.08 10.86 4.97
N VAL A 112 -15.22 10.92 3.96
CA VAL A 112 -15.16 11.98 2.96
C VAL A 112 -16.02 11.66 1.74
N GLN A 113 -16.41 12.71 1.02
CA GLN A 113 -17.03 12.70 -0.29
C GLN A 113 -16.44 13.89 -1.08
N LEU A 114 -15.65 13.63 -2.13
CA LEU A 114 -14.87 14.63 -2.84
C LEU A 114 -15.59 15.64 -3.79
N PRO A 115 -16.87 15.57 -4.21
CA PRO A 115 -17.42 16.48 -5.22
C PRO A 115 -17.81 17.89 -4.69
N ARG A 116 -17.40 18.27 -3.48
CA ARG A 116 -17.80 19.51 -2.78
C ARG A 116 -16.68 20.53 -2.70
N GLU A 117 -17.05 21.78 -2.43
CA GLU A 117 -16.22 23.00 -2.52
C GLU A 117 -15.04 23.02 -1.54
N GLY A 118 -15.13 22.19 -0.51
CA GLY A 118 -14.17 22.01 0.57
C GLY A 118 -13.44 20.67 0.51
N GLN A 119 -13.66 19.88 -0.55
CA GLN A 119 -13.23 18.49 -0.67
C GLN A 119 -12.54 18.15 -2.00
N GLU A 120 -12.88 18.84 -3.08
CA GLU A 120 -12.53 18.55 -4.48
C GLU A 120 -11.06 18.67 -4.89
N ASP A 121 -10.27 19.47 -4.17
CA ASP A 121 -8.87 19.77 -4.52
C ASP A 121 -8.00 18.51 -4.71
N GLN A 122 -7.61 18.24 -5.96
CA GLN A 122 -6.92 17.01 -6.39
C GLN A 122 -5.44 16.90 -5.94
N GLY A 123 -4.91 17.90 -5.23
CA GLY A 123 -3.59 17.86 -4.58
C GLY A 123 -3.67 17.67 -3.05
N LEU A 124 -4.87 17.75 -2.48
CA LEU A 124 -5.26 17.44 -1.12
C LEU A 124 -5.77 15.98 -1.17
N THR A 125 -7.08 15.80 -1.35
CA THR A 125 -7.84 14.60 -1.69
C THR A 125 -7.41 13.88 -3.00
N LYS A 126 -7.65 12.57 -3.03
CA LYS A 126 -7.57 11.60 -4.14
C LYS A 126 -8.71 10.57 -4.07
N ASP A 127 -9.08 10.01 -5.21
CA ASP A 127 -10.00 8.87 -5.32
C ASP A 127 -9.35 7.72 -6.12
N TYR A 128 -8.94 6.69 -5.39
CA TYR A 128 -8.33 5.45 -5.91
C TYR A 128 -9.33 4.28 -6.09
N GLY A 129 -10.63 4.49 -5.82
CA GLY A 129 -11.67 3.45 -5.79
C GLY A 129 -11.98 2.75 -7.13
N ASN A 130 -11.37 3.19 -8.24
CA ASN A 130 -11.49 2.60 -9.58
C ASN A 130 -10.13 2.16 -10.20
N SER A 131 -9.00 2.42 -9.52
CA SER A 131 -7.65 2.11 -10.02
C SER A 131 -7.39 0.59 -10.05
N PRO A 132 -6.74 0.03 -11.09
CA PRO A 132 -6.47 -1.41 -11.23
C PRO A 132 -5.44 -1.99 -10.23
N LEU A 133 -5.02 -1.21 -9.23
CA LEU A 133 -3.95 -1.46 -8.28
C LEU A 133 -4.45 -2.32 -7.12
N HIS A 134 -5.68 -2.04 -6.67
CA HIS A 134 -6.29 -2.58 -5.46
C HIS A 134 -6.67 -4.08 -5.58
N ARG A 135 -5.66 -4.94 -5.42
CA ARG A 135 -5.68 -6.41 -5.65
C ARG A 135 -6.70 -7.24 -4.86
N PHE A 136 -7.45 -6.62 -3.95
CA PHE A 136 -8.46 -7.23 -3.09
C PHE A 136 -9.77 -7.57 -3.83
N LYS A 137 -10.78 -6.67 -3.78
CA LYS A 137 -12.17 -6.87 -4.25
C LYS A 137 -12.90 -8.13 -3.71
N LYS A 138 -12.32 -8.79 -2.68
CA LYS A 138 -12.59 -10.10 -2.07
C LYS A 138 -13.86 -10.84 -2.56
N PRO A 139 -13.82 -11.52 -3.73
CA PRO A 139 -14.99 -12.24 -4.28
C PRO A 139 -15.33 -13.54 -3.53
N GLY A 140 -14.41 -14.06 -2.71
CA GLY A 140 -14.58 -15.25 -1.87
C GLY A 140 -14.96 -14.98 -0.40
N SER A 141 -15.25 -13.72 -0.06
CA SER A 141 -15.57 -13.18 1.28
C SER A 141 -14.44 -13.25 2.33
N LYS A 142 -13.68 -14.34 2.38
CA LYS A 142 -12.45 -14.49 3.19
C LYS A 142 -11.37 -13.49 2.74
N ASN A 143 -10.52 -13.07 3.67
CA ASN A 143 -9.47 -12.06 3.45
C ASN A 143 -8.15 -12.36 4.22
N PHE A 144 -7.12 -11.61 3.88
CA PHE A 144 -5.81 -11.47 4.55
C PHE A 144 -5.05 -12.79 4.82
N GLN A 145 -4.88 -13.60 3.77
CA GLN A 145 -4.06 -14.83 3.78
C GLN A 145 -2.54 -14.59 3.60
N ASN A 146 -2.10 -13.37 3.27
CA ASN A 146 -0.70 -13.03 2.97
C ASN A 146 -0.27 -11.72 3.67
N ILE A 147 -0.10 -10.63 2.92
CA ILE A 147 0.19 -9.24 3.31
C ILE A 147 1.55 -9.11 3.97
N PHE A 148 1.62 -9.47 5.25
CA PHE A 148 2.80 -9.58 6.09
C PHE A 148 3.35 -8.20 6.55
N PRO A 149 3.82 -8.07 7.81
CA PRO A 149 4.40 -6.82 8.32
C PRO A 149 5.71 -6.44 7.58
N PRO A 150 6.28 -5.24 7.81
CA PRO A 150 7.37 -4.66 7.02
C PRO A 150 8.53 -5.62 6.71
N SER A 151 8.82 -5.88 5.41
CA SER A 151 9.94 -6.72 5.00
C SER A 151 10.64 -6.26 3.74
N ALA A 152 11.88 -6.73 3.63
CA ALA A 152 12.73 -6.67 2.46
C ALA A 152 12.18 -7.55 1.31
N THR A 153 11.57 -8.70 1.62
CA THR A 153 10.92 -9.57 0.62
C THR A 153 9.65 -8.93 0.07
N LEU A 154 9.61 -8.72 -1.25
CA LEU A 154 8.42 -8.34 -1.99
C LEU A 154 8.01 -9.40 -3.01
N HIS A 155 6.72 -9.70 -2.97
CA HIS A 155 5.93 -10.49 -3.89
C HIS A 155 5.76 -9.65 -5.16
N LEU A 156 6.05 -10.23 -6.32
CA LEU A 156 5.81 -9.65 -7.64
C LEU A 156 4.78 -10.55 -8.34
N SER A 157 3.97 -10.04 -9.25
CA SER A 157 2.86 -10.81 -9.85
C SER A 157 2.36 -10.24 -11.18
N ASN A 158 1.51 -11.01 -11.86
CA ASN A 158 0.79 -10.69 -13.09
C ASN A 158 1.66 -10.58 -14.36
N ILE A 159 2.93 -10.99 -14.22
CA ILE A 159 3.97 -11.09 -15.25
C ILE A 159 3.48 -11.73 -16.57
N PRO A 160 3.41 -10.98 -17.70
CA PRO A 160 3.13 -11.57 -19.01
C PRO A 160 4.32 -12.44 -19.49
N PRO A 161 4.12 -13.34 -20.47
CA PRO A 161 5.16 -14.22 -21.04
C PRO A 161 6.14 -13.44 -21.94
N SER A 162 6.86 -12.50 -21.33
CA SER A 162 7.84 -11.58 -21.93
C SER A 162 8.82 -11.09 -20.86
N VAL A 163 8.33 -10.90 -19.61
CA VAL A 163 9.17 -10.59 -18.45
C VAL A 163 9.99 -11.82 -18.04
N SER A 164 11.26 -11.62 -17.73
CA SER A 164 12.16 -12.61 -17.10
C SER A 164 12.51 -12.19 -15.68
N GLU A 165 13.12 -13.10 -14.91
CA GLU A 165 13.74 -12.77 -13.61
C GLU A 165 14.65 -11.55 -13.72
N GLU A 166 15.49 -11.49 -14.76
CA GLU A 166 16.34 -10.35 -15.04
C GLU A 166 15.50 -9.11 -15.26
N ASP A 167 14.61 -9.01 -16.25
CA ASP A 167 13.87 -7.78 -16.53
C ASP A 167 13.10 -7.25 -15.32
N LEU A 168 12.63 -8.17 -14.48
CA LEU A 168 11.97 -7.90 -13.21
C LEU A 168 12.92 -7.32 -12.15
N LYS A 169 13.93 -8.09 -11.75
CA LYS A 169 15.03 -7.73 -10.86
C LYS A 169 15.74 -6.46 -11.30
N VAL A 170 15.96 -6.27 -12.60
CA VAL A 170 16.47 -5.08 -13.24
C VAL A 170 15.64 -3.87 -12.87
N LEU A 171 14.30 -3.92 -12.93
CA LEU A 171 13.49 -2.82 -12.39
C LEU A 171 13.83 -2.51 -10.91
N PHE A 172 13.84 -3.54 -10.07
CA PHE A 172 14.13 -3.45 -8.64
C PHE A 172 15.61 -3.10 -8.32
N SER A 173 16.49 -3.03 -9.33
CA SER A 173 17.92 -2.78 -9.21
C SER A 173 18.34 -1.48 -9.91
N SER A 174 17.43 -0.90 -10.71
CA SER A 174 17.61 0.37 -11.41
C SER A 174 17.11 1.54 -10.55
N ASN A 175 16.22 1.21 -9.61
CA ASN A 175 15.76 2.05 -8.50
C ASN A 175 16.86 2.50 -7.54
N GLY A 176 17.96 1.75 -7.53
CA GLY A 176 19.15 1.95 -6.73
C GLY A 176 19.73 0.58 -6.35
N GLY A 177 18.82 -0.32 -5.97
CA GLY A 177 18.98 -1.75 -5.75
C GLY A 177 19.81 -2.21 -4.56
N VAL A 178 19.57 -3.48 -4.27
CA VAL A 178 20.30 -4.36 -3.36
C VAL A 178 20.01 -5.83 -3.69
N VAL A 179 18.79 -6.15 -4.19
CA VAL A 179 18.32 -7.40 -4.81
C VAL A 179 19.11 -8.63 -4.33
N LYS A 180 18.87 -8.96 -3.06
CA LYS A 180 19.61 -9.91 -2.24
C LYS A 180 19.44 -11.34 -2.73
N GLY A 181 18.20 -11.69 -3.02
CA GLY A 181 17.81 -12.91 -3.71
C GLY A 181 16.63 -12.68 -4.66
N PHE A 182 16.31 -13.71 -5.44
CA PHE A 182 15.18 -13.79 -6.36
C PHE A 182 14.72 -15.24 -6.56
N LYS A 183 13.40 -15.45 -6.63
CA LYS A 183 12.64 -16.70 -6.82
C LYS A 183 11.40 -16.48 -7.70
N PHE A 184 10.78 -17.59 -8.15
CA PHE A 184 9.45 -17.59 -8.78
C PHE A 184 8.48 -18.38 -7.90
N PHE A 185 7.36 -17.74 -7.58
CA PHE A 185 6.35 -18.14 -6.60
C PHE A 185 5.76 -19.56 -6.81
N GLN A 186 6.11 -20.46 -5.88
CA GLN A 186 5.68 -21.85 -5.69
C GLN A 186 5.24 -22.65 -6.95
N LYS A 187 4.21 -23.51 -6.84
CA LYS A 187 3.71 -24.36 -7.93
C LYS A 187 3.05 -23.60 -9.08
N ASP A 188 2.31 -22.53 -8.76
CA ASP A 188 1.48 -21.79 -9.74
C ASP A 188 2.28 -21.05 -10.81
N ARG A 189 3.49 -20.55 -10.47
CA ARG A 189 4.50 -20.00 -11.38
C ARG A 189 4.04 -18.90 -12.38
N LYS A 190 3.07 -18.04 -12.00
CA LYS A 190 2.68 -16.81 -12.74
C LYS A 190 2.80 -15.55 -11.88
N MET A 191 3.51 -15.71 -10.76
CA MET A 191 3.99 -14.71 -9.83
C MET A 191 5.48 -14.96 -9.56
N ALA A 192 6.13 -13.98 -8.96
CA ALA A 192 7.56 -13.97 -8.74
C ALA A 192 7.86 -13.35 -7.36
N LEU A 193 9.12 -13.39 -6.97
CA LEU A 193 9.49 -13.08 -5.61
C LEU A 193 10.93 -12.55 -5.56
N ILE A 194 11.14 -11.43 -4.90
CA ILE A 194 12.42 -10.76 -4.77
C ILE A 194 12.67 -10.37 -3.33
N GLN A 195 13.89 -10.55 -2.83
CA GLN A 195 14.29 -10.03 -1.53
C GLN A 195 15.19 -8.84 -1.75
N MET A 196 14.72 -7.67 -1.34
CA MET A 196 15.52 -6.45 -1.22
C MET A 196 16.55 -6.61 -0.09
N GLY A 197 17.40 -5.60 0.14
CA GLY A 197 18.38 -5.58 1.24
C GLY A 197 17.78 -5.11 2.58
N SER A 198 16.79 -4.22 2.53
CA SER A 198 15.96 -3.79 3.67
C SER A 198 14.59 -3.33 3.16
N VAL A 199 13.60 -3.12 4.06
CA VAL A 199 12.28 -2.65 3.59
C VAL A 199 12.38 -1.31 2.87
N GLU A 200 13.23 -0.41 3.35
CA GLU A 200 13.28 1.00 2.91
C GLU A 200 13.37 1.07 1.39
N GLU A 201 14.31 0.29 0.84
CA GLU A 201 14.48 0.13 -0.59
C GLU A 201 13.36 -0.75 -1.21
N ALA A 202 12.94 -1.83 -0.52
CA ALA A 202 11.83 -2.71 -0.95
C ALA A 202 10.56 -1.88 -1.23
N VAL A 203 9.95 -1.31 -0.19
CA VAL A 203 8.74 -0.49 -0.26
C VAL A 203 8.86 0.61 -1.30
N GLN A 204 9.95 1.37 -1.33
CA GLN A 204 10.16 2.34 -2.40
C GLN A 204 10.10 1.74 -3.82
N ALA A 205 10.73 0.59 -4.07
CA ALA A 205 10.72 -0.16 -5.32
C ALA A 205 9.33 -0.75 -5.64
N LEU A 206 8.54 -1.10 -4.63
CA LEU A 206 7.13 -1.43 -4.75
C LEU A 206 6.35 -0.20 -5.22
N ILE A 207 6.49 0.94 -4.51
CA ILE A 207 5.75 2.15 -4.87
C ILE A 207 6.17 2.64 -6.26
N ASP A 208 7.37 2.26 -6.69
CA ASP A 208 7.87 2.42 -8.05
C ASP A 208 7.21 1.51 -9.10
N LEU A 209 7.23 0.18 -8.88
CA LEU A 209 6.89 -0.80 -9.89
C LEU A 209 5.45 -1.35 -9.84
N HIS A 210 4.68 -1.07 -8.79
CA HIS A 210 3.25 -1.37 -8.82
C HIS A 210 2.57 -0.55 -9.93
N ASN A 211 1.99 -1.28 -10.90
CA ASN A 211 1.36 -0.75 -12.11
C ASN A 211 2.34 0.05 -13.01
N HIS A 212 3.56 -0.48 -13.20
CA HIS A 212 4.60 0.06 -14.09
C HIS A 212 4.23 0.12 -15.61
N ASP A 213 3.00 -0.24 -15.99
CA ASP A 213 2.46 -0.22 -17.36
C ASP A 213 3.33 -1.01 -18.36
N LEU A 214 3.35 -2.34 -18.19
CA LEU A 214 3.99 -3.28 -19.11
C LEU A 214 3.19 -3.37 -20.43
N GLY A 215 1.87 -3.22 -20.33
CA GLY A 215 0.96 -3.10 -21.45
C GLY A 215 0.03 -4.27 -21.61
N GLU A 216 -0.63 -4.31 -22.77
CA GLU A 216 -1.71 -5.19 -23.21
C GLU A 216 -2.86 -5.38 -22.24
N ASN A 217 -2.92 -4.55 -21.19
CA ASN A 217 -3.76 -4.56 -19.99
C ASN A 217 -3.26 -5.49 -18.86
N HIS A 218 -2.09 -6.15 -19.04
CA HIS A 218 -1.44 -6.87 -17.95
C HIS A 218 -0.99 -5.92 -16.84
N HIS A 219 0.15 -5.25 -17.06
CA HIS A 219 0.85 -4.43 -16.07
C HIS A 219 1.33 -5.27 -14.86
N LEU A 220 1.99 -4.63 -13.89
CA LEU A 220 2.71 -5.28 -12.79
C LEU A 220 1.99 -5.11 -11.43
N ARG A 221 1.84 -6.22 -10.71
CA ARG A 221 1.29 -6.32 -9.35
C ARG A 221 2.45 -6.69 -8.43
N VAL A 222 2.34 -6.30 -7.18
CA VAL A 222 3.42 -6.31 -6.19
C VAL A 222 2.80 -6.18 -4.79
N SER A 223 3.47 -6.75 -3.80
CA SER A 223 3.19 -6.54 -2.38
C SER A 223 4.39 -6.97 -1.52
N PHE A 224 4.29 -6.91 -0.20
CA PHE A 224 5.25 -7.56 0.69
C PHE A 224 5.00 -9.07 0.71
N SER A 225 6.01 -9.86 1.09
CA SER A 225 5.86 -11.31 1.25
C SER A 225 6.30 -11.88 2.61
N LYS A 226 5.52 -12.87 3.08
CA LYS A 226 5.81 -13.78 4.20
C LYS A 226 6.89 -14.82 3.88
N SER A 227 7.12 -15.10 2.60
CA SER A 227 8.17 -16.01 2.10
C SER A 227 9.55 -15.35 2.14
N THR A 228 10.57 -16.15 1.84
CA THR A 228 12.00 -15.77 1.85
C THR A 228 12.81 -16.51 0.78
N ILE A 229 14.11 -16.20 0.72
CA ILE A 229 15.08 -16.62 -0.30
C ILE A 229 16.37 -17.16 0.34
N GLY A 22 -26.19 18.02 22.83
CA GLY A 22 -24.82 17.89 22.32
C GLY A 22 -24.69 16.79 21.26
N ARG A 23 -23.61 16.81 20.47
CA ARG A 23 -23.33 15.90 19.35
C ARG A 23 -21.96 15.23 19.49
N ILE A 24 -21.81 14.43 20.56
CA ILE A 24 -20.57 13.74 20.96
C ILE A 24 -20.42 12.31 20.40
N ALA A 25 -21.38 11.86 19.59
CA ALA A 25 -21.46 10.49 19.05
C ALA A 25 -20.30 10.13 18.08
N ILE A 26 -20.20 8.82 17.78
CA ILE A 26 -19.24 8.18 16.86
C ILE A 26 -19.99 7.24 15.88
N PRO A 27 -19.41 6.87 14.73
CA PRO A 27 -20.13 6.12 13.68
C PRO A 27 -20.50 4.66 14.02
N GLY A 28 -20.06 4.12 15.16
CA GLY A 28 -20.44 2.80 15.69
C GLY A 28 -21.09 2.91 17.09
N LEU A 29 -22.31 2.38 17.24
CA LEU A 29 -23.17 2.55 18.42
C LEU A 29 -22.60 1.95 19.72
N ALA A 30 -21.75 0.93 19.62
CA ALA A 30 -21.20 0.17 20.75
C ALA A 30 -19.65 0.06 20.77
N GLY A 31 -18.96 0.70 19.82
CA GLY A 31 -17.50 0.68 19.67
C GLY A 31 -17.02 1.26 18.33
N ALA A 32 -15.70 1.34 18.15
CA ALA A 32 -15.08 1.87 16.94
C ALA A 32 -15.32 1.00 15.67
N GLY A 33 -15.14 1.62 14.51
CA GLY A 33 -15.28 1.04 13.16
C GLY A 33 -15.74 2.12 12.21
N ASN A 34 -14.76 2.75 11.55
CA ASN A 34 -14.94 4.03 10.89
C ASN A 34 -14.27 4.18 9.52
N SER A 35 -13.44 3.22 9.08
CA SER A 35 -12.53 3.27 7.91
C SER A 35 -11.42 4.33 7.92
N VAL A 36 -11.77 5.61 8.10
CA VAL A 36 -10.88 6.78 8.17
C VAL A 36 -9.65 6.54 9.05
N LEU A 37 -8.45 6.70 8.48
CA LEU A 37 -7.17 6.66 9.22
C LEU A 37 -6.31 7.91 8.98
N LEU A 38 -5.84 8.54 10.05
CA LEU A 38 -4.85 9.59 9.99
C LEU A 38 -3.44 9.01 9.75
N VAL A 39 -2.63 9.73 8.97
CA VAL A 39 -1.23 9.43 8.72
C VAL A 39 -0.37 10.60 9.17
N SER A 40 0.14 10.52 10.40
CA SER A 40 1.07 11.50 10.95
C SER A 40 2.53 11.07 10.75
N ASN A 41 3.42 12.05 11.00
CA ASN A 41 4.89 12.06 10.93
C ASN A 41 5.46 12.58 9.58
N LEU A 42 4.61 12.75 8.55
CA LEU A 42 4.91 13.06 7.15
C LEU A 42 6.10 14.00 6.87
N ASN A 43 7.16 13.48 6.26
CA ASN A 43 8.24 14.28 5.65
C ASN A 43 7.65 15.02 4.42
N PRO A 44 7.46 16.36 4.44
CA PRO A 44 6.72 17.09 3.41
C PRO A 44 7.43 17.15 2.04
N GLU A 45 8.66 16.63 1.94
CA GLU A 45 9.50 16.63 0.73
C GLU A 45 9.65 15.23 0.10
N ARG A 46 8.98 14.21 0.66
CA ARG A 46 9.22 12.80 0.41
C ARG A 46 7.91 12.04 0.23
N VAL A 47 6.97 12.22 1.15
CA VAL A 47 5.68 11.52 1.11
C VAL A 47 4.77 12.06 0.00
N THR A 48 3.92 11.21 -0.56
CA THR A 48 2.98 11.56 -1.62
C THR A 48 1.65 10.80 -1.48
N PRO A 49 0.57 11.20 -2.19
CA PRO A 49 -0.64 10.41 -2.28
C PRO A 49 -0.39 8.98 -2.77
N GLN A 50 0.47 8.78 -3.77
CA GLN A 50 0.73 7.46 -4.34
C GLN A 50 1.51 6.51 -3.40
N SER A 51 2.42 7.04 -2.59
CA SER A 51 3.19 6.24 -1.64
C SER A 51 2.31 5.67 -0.52
N LEU A 52 1.52 6.53 0.14
CA LEU A 52 0.57 6.08 1.16
C LEU A 52 -0.67 5.36 0.58
N PHE A 53 -1.00 5.57 -0.70
CA PHE A 53 -2.02 4.82 -1.46
C PHE A 53 -1.64 3.37 -1.50
N ILE A 54 -0.41 3.09 -1.92
CA ILE A 54 0.12 1.75 -2.02
C ILE A 54 0.07 1.04 -0.67
N LEU A 55 0.62 1.61 0.41
CA LEU A 55 0.70 0.76 1.62
C LEU A 55 -0.70 0.39 2.11
N PHE A 56 -1.55 1.39 2.32
CA PHE A 56 -2.93 1.17 2.70
C PHE A 56 -3.66 0.31 1.68
N GLY A 57 -3.28 0.37 0.41
CA GLY A 57 -3.91 -0.34 -0.70
C GLY A 57 -3.46 -1.79 -0.81
N VAL A 58 -2.50 -2.22 0.01
CA VAL A 58 -2.10 -3.63 0.16
C VAL A 58 -2.50 -4.18 1.53
N TYR A 59 -2.57 -3.31 2.54
CA TYR A 59 -3.10 -3.55 3.88
C TYR A 59 -4.63 -3.46 3.98
N GLY A 60 -5.32 -3.09 2.90
CA GLY A 60 -6.77 -3.06 2.75
C GLY A 60 -7.21 -2.51 1.38
N ASP A 61 -8.52 -2.43 1.16
CA ASP A 61 -9.12 -1.72 0.02
C ASP A 61 -9.17 -0.20 0.32
N VAL A 62 -8.15 0.56 -0.10
CA VAL A 62 -8.09 2.02 0.15
C VAL A 62 -9.22 2.74 -0.60
N GLN A 63 -10.25 3.18 0.14
CA GLN A 63 -11.43 3.85 -0.41
C GLN A 63 -11.00 5.14 -1.12
N ARG A 64 -10.43 6.04 -0.31
CA ARG A 64 -10.00 7.39 -0.68
C ARG A 64 -8.79 7.76 0.16
N VAL A 65 -8.19 8.85 -0.24
CA VAL A 65 -7.01 9.45 0.39
C VAL A 65 -7.18 10.95 0.32
N LYS A 66 -6.75 11.68 1.35
CA LYS A 66 -6.56 13.12 1.41
C LYS A 66 -5.17 13.40 1.92
N ILE A 67 -4.78 14.63 1.67
CA ILE A 67 -3.53 15.19 2.11
C ILE A 67 -3.77 16.50 2.90
N LEU A 68 -3.04 16.72 4.00
CA LEU A 68 -2.80 17.95 4.76
C LEU A 68 -2.94 19.36 4.10
N PHE A 69 -3.05 19.48 2.78
CA PHE A 69 -2.99 20.69 1.94
C PHE A 69 -1.76 21.59 2.21
N ASN A 70 -1.82 22.46 3.22
CA ASN A 70 -0.78 23.41 3.64
C ASN A 70 -0.33 23.23 5.12
N LYS A 71 -0.96 22.31 5.86
CA LYS A 71 -0.76 22.06 7.30
C LYS A 71 0.61 21.48 7.67
N LYS A 72 1.14 20.63 6.78
CA LYS A 72 2.31 19.73 6.91
C LYS A 72 2.10 18.64 7.99
N GLU A 73 2.78 17.50 7.79
CA GLU A 73 2.90 16.35 8.69
C GLU A 73 1.64 15.49 8.95
N ASN A 74 0.45 15.83 8.41
CA ASN A 74 -0.82 15.11 8.65
C ASN A 74 -1.59 14.77 7.35
N ALA A 75 -1.18 13.74 6.61
CA ALA A 75 -2.05 13.25 5.54
C ALA A 75 -3.27 12.54 6.20
N LEU A 76 -4.41 12.48 5.50
CA LEU A 76 -5.66 11.90 6.01
C LEU A 76 -6.20 10.83 5.04
N VAL A 77 -6.10 9.56 5.38
CA VAL A 77 -6.45 8.42 4.51
C VAL A 77 -7.80 7.80 4.90
N GLN A 78 -8.40 6.99 4.02
CA GLN A 78 -9.67 6.33 4.25
C GLN A 78 -9.64 4.86 3.83
N MET A 79 -9.60 3.97 4.84
CA MET A 79 -9.28 2.53 4.75
C MET A 79 -10.45 1.62 5.14
N ALA A 80 -11.31 1.33 4.15
CA ALA A 80 -12.49 0.47 4.10
C ALA A 80 -13.35 0.26 5.39
N ASP A 81 -12.85 -0.36 6.47
CA ASP A 81 -13.51 -0.40 7.80
C ASP A 81 -12.52 -0.79 8.91
N GLY A 82 -12.96 -0.85 10.18
CA GLY A 82 -12.23 -1.25 11.39
C GLY A 82 -11.51 -2.61 11.44
N ASN A 83 -11.43 -3.32 10.32
CA ASN A 83 -10.67 -4.53 10.05
C ASN A 83 -9.49 -4.24 9.10
N GLN A 84 -9.78 -3.50 8.02
CA GLN A 84 -8.85 -2.93 7.05
C GLN A 84 -7.99 -1.84 7.70
N ALA A 85 -8.64 -0.88 8.36
CA ALA A 85 -8.10 0.16 9.21
C ALA A 85 -7.14 -0.42 10.28
N GLN A 86 -7.57 -1.42 11.04
CA GLN A 86 -6.75 -1.97 12.12
C GLN A 86 -5.47 -2.64 11.62
N LEU A 87 -5.50 -3.32 10.46
CA LEU A 87 -4.31 -3.84 9.80
C LEU A 87 -3.34 -2.75 9.43
N ALA A 88 -3.83 -1.79 8.65
CA ALA A 88 -2.97 -0.82 8.04
C ALA A 88 -2.15 -0.12 9.13
N MET A 89 -2.78 0.36 10.22
CA MET A 89 -2.02 0.83 11.39
C MET A 89 -1.14 -0.25 12.04
N SER A 90 -1.64 -1.48 12.24
CA SER A 90 -0.90 -2.65 12.76
C SER A 90 0.48 -2.82 12.09
N HIS A 91 0.54 -2.65 10.77
CA HIS A 91 1.73 -2.97 9.98
C HIS A 91 2.54 -1.74 9.54
N LEU A 92 1.89 -0.59 9.26
CA LEU A 92 2.54 0.67 8.95
C LEU A 92 3.36 1.20 10.13
N ASN A 93 2.93 0.96 11.36
CA ASN A 93 3.51 1.71 12.50
C ASN A 93 5.02 1.45 12.72
N GLY A 94 5.85 2.38 12.20
CA GLY A 94 7.32 2.28 12.11
C GLY A 94 7.87 1.75 10.77
N HIS A 95 7.09 1.76 9.67
CA HIS A 95 7.51 1.19 8.38
C HIS A 95 8.54 2.06 7.63
N LYS A 96 8.89 3.27 8.13
CA LYS A 96 9.97 4.18 7.67
C LYS A 96 10.24 4.09 6.15
N LEU A 97 9.14 4.29 5.43
CA LEU A 97 8.85 4.10 4.00
C LEU A 97 9.89 4.80 3.13
N HIS A 98 10.14 6.05 3.51
CA HIS A 98 11.10 6.98 2.92
C HIS A 98 12.17 7.38 3.93
N GLY A 99 12.05 6.94 5.20
CA GLY A 99 13.13 7.08 6.18
C GLY A 99 12.80 7.34 7.65
N LYS A 100 11.59 7.82 7.94
CA LYS A 100 11.20 8.37 9.26
C LYS A 100 10.30 7.40 10.06
N PRO A 101 10.51 7.17 11.38
CA PRO A 101 9.64 6.34 12.24
C PRO A 101 8.16 6.79 12.29
N ILE A 102 7.33 6.25 11.38
CA ILE A 102 5.96 6.74 11.09
C ILE A 102 4.92 6.49 12.17
N ARG A 103 3.82 7.25 12.14
CA ARG A 103 2.81 7.24 13.20
C ARG A 103 1.41 7.47 12.65
N ILE A 104 0.84 6.39 12.15
CA ILE A 104 -0.55 6.25 11.74
C ILE A 104 -1.37 6.02 13.00
N THR A 105 -2.52 6.68 13.10
CA THR A 105 -3.44 6.52 14.25
C THR A 105 -4.90 6.58 13.79
N LEU A 106 -5.83 6.18 14.67
CA LEU A 106 -7.25 6.09 14.35
C LEU A 106 -7.91 7.48 14.23
N SER A 107 -8.82 7.62 13.25
CA SER A 107 -9.74 8.75 13.10
C SER A 107 -11.19 8.26 13.17
N LYS A 108 -11.82 8.31 14.35
CA LYS A 108 -13.22 7.90 14.57
C LYS A 108 -14.23 8.95 14.11
N HIS A 109 -14.20 9.24 12.81
CA HIS A 109 -14.98 10.26 12.11
C HIS A 109 -15.78 9.68 10.93
N GLN A 110 -16.67 10.48 10.34
CA GLN A 110 -17.49 10.12 9.18
C GLN A 110 -16.68 9.99 7.88
N ASN A 111 -17.21 9.27 6.90
CA ASN A 111 -16.63 9.14 5.56
C ASN A 111 -16.70 10.46 4.78
N VAL A 112 -15.74 10.66 3.87
CA VAL A 112 -15.75 11.76 2.91
C VAL A 112 -16.57 11.38 1.66
N GLN A 113 -17.01 12.39 0.91
CA GLN A 113 -17.60 12.32 -0.41
C GLN A 113 -16.92 13.37 -1.31
N LEU A 114 -16.46 12.94 -2.48
CA LEU A 114 -15.58 13.65 -3.41
C LEU A 114 -15.92 15.16 -3.61
N PRO A 115 -15.13 16.10 -3.06
CA PRO A 115 -15.38 17.54 -3.15
C PRO A 115 -15.03 18.12 -4.54
N ARG A 116 -15.07 19.45 -4.71
CA ARG A 116 -14.98 20.06 -6.05
C ARG A 116 -13.54 20.18 -6.57
N GLU A 117 -13.45 20.15 -7.90
CA GLU A 117 -12.23 20.05 -8.73
C GLU A 117 -11.24 21.20 -8.56
N GLY A 118 -11.76 22.34 -8.09
CA GLY A 118 -11.08 23.62 -7.96
C GLY A 118 -10.84 24.02 -6.50
N GLN A 119 -11.22 23.14 -5.56
CA GLN A 119 -11.31 23.43 -4.14
C GLN A 119 -10.43 22.49 -3.29
N GLU A 120 -10.82 21.22 -3.24
CA GLU A 120 -10.34 20.21 -2.30
C GLU A 120 -10.05 18.84 -2.94
N ASP A 121 -10.23 18.73 -4.25
CA ASP A 121 -9.92 17.52 -5.04
C ASP A 121 -8.63 17.67 -5.87
N GLN A 122 -8.17 16.58 -6.48
CA GLN A 122 -7.01 16.43 -7.37
C GLN A 122 -5.64 16.52 -6.70
N GLY A 123 -5.41 17.51 -5.82
CA GLY A 123 -4.14 17.83 -5.16
C GLY A 123 -4.13 17.65 -3.63
N LEU A 124 -5.28 17.31 -3.05
CA LEU A 124 -5.54 17.10 -1.62
C LEU A 124 -6.17 15.70 -1.54
N THR A 125 -7.48 15.60 -1.73
CA THR A 125 -8.26 14.36 -1.97
C THR A 125 -7.84 13.61 -3.24
N LYS A 126 -8.07 12.29 -3.22
CA LYS A 126 -7.98 11.25 -4.26
C LYS A 126 -9.15 10.26 -4.11
N ASP A 127 -9.55 9.65 -5.22
CA ASP A 127 -10.58 8.60 -5.27
C ASP A 127 -10.01 7.30 -5.86
N TYR A 128 -9.80 6.33 -4.98
CA TYR A 128 -9.32 4.97 -5.26
C TYR A 128 -10.43 3.90 -5.11
N GLY A 129 -11.71 4.30 -5.18
CA GLY A 129 -12.90 3.45 -5.04
C GLY A 129 -12.79 2.08 -5.70
N ASN A 130 -12.53 1.08 -4.87
CA ASN A 130 -12.58 -0.34 -5.22
C ASN A 130 -11.58 -0.78 -6.32
N SER A 131 -10.50 -0.02 -6.54
CA SER A 131 -9.49 -0.23 -7.60
C SER A 131 -8.93 -1.67 -7.61
N PRO A 132 -8.96 -2.38 -8.75
CA PRO A 132 -8.45 -3.76 -8.89
C PRO A 132 -7.00 -4.04 -8.45
N LEU A 133 -6.17 -3.01 -8.21
CA LEU A 133 -4.82 -3.16 -7.66
C LEU A 133 -4.85 -3.68 -6.21
N HIS A 134 -5.95 -3.46 -5.48
CA HIS A 134 -6.00 -3.72 -4.04
C HIS A 134 -6.04 -5.20 -3.63
N ARG A 135 -6.38 -6.12 -4.55
CA ARG A 135 -6.47 -7.60 -4.39
C ARG A 135 -7.34 -8.17 -3.25
N PHE A 136 -7.89 -7.36 -2.35
CA PHE A 136 -8.87 -7.78 -1.33
C PHE A 136 -10.21 -8.17 -1.97
N LYS A 137 -11.12 -7.18 -2.12
CA LYS A 137 -12.53 -7.22 -2.55
C LYS A 137 -13.46 -8.31 -1.96
N LYS A 138 -12.94 -9.20 -1.12
CA LYS A 138 -13.60 -10.27 -0.33
C LYS A 138 -14.74 -9.74 0.58
N PRO A 139 -15.91 -10.42 0.64
CA PRO A 139 -16.94 -10.12 1.64
C PRO A 139 -16.61 -10.72 3.03
N GLY A 140 -15.84 -11.81 3.07
CA GLY A 140 -15.31 -12.49 4.27
C GLY A 140 -13.84 -12.15 4.49
N SER A 141 -13.57 -11.01 5.12
CA SER A 141 -12.23 -10.39 5.23
C SER A 141 -11.18 -11.17 6.04
N LYS A 142 -11.52 -12.30 6.67
CA LYS A 142 -10.68 -13.16 7.55
C LYS A 142 -9.57 -13.95 6.82
N ASN A 143 -8.91 -13.32 5.84
CA ASN A 143 -7.81 -13.86 5.04
C ASN A 143 -6.71 -12.79 4.86
N PHE A 144 -5.72 -12.78 5.76
CA PHE A 144 -4.60 -11.82 5.77
C PHE A 144 -3.25 -12.40 5.31
N GLN A 145 -3.21 -13.69 4.92
CA GLN A 145 -2.03 -14.38 4.41
C GLN A 145 -1.44 -13.73 3.12
N ASN A 146 -2.27 -13.02 2.37
CA ASN A 146 -1.95 -12.25 1.17
C ASN A 146 -1.11 -10.96 1.39
N ILE A 147 -0.98 -10.57 2.65
CA ILE A 147 -0.51 -9.26 3.13
C ILE A 147 0.87 -9.38 3.76
N PHE A 148 0.92 -10.02 4.93
CA PHE A 148 2.07 -10.15 5.83
C PHE A 148 2.58 -8.79 6.39
N PRO A 149 3.08 -8.73 7.64
CA PRO A 149 3.77 -7.54 8.17
C PRO A 149 5.07 -7.21 7.39
N PRO A 150 5.68 -6.03 7.63
CA PRO A 150 6.77 -5.47 6.82
C PRO A 150 7.92 -6.43 6.49
N SER A 151 8.36 -6.49 5.22
CA SER A 151 9.47 -7.36 4.76
C SER A 151 10.31 -6.75 3.65
N ALA A 152 11.53 -7.26 3.59
CA ALA A 152 12.47 -7.08 2.49
C ALA A 152 12.02 -7.85 1.23
N THR A 153 11.41 -9.03 1.40
CA THR A 153 10.84 -9.81 0.29
C THR A 153 9.57 -9.16 -0.26
N LEU A 154 9.51 -8.99 -1.57
CA LEU A 154 8.32 -8.60 -2.32
C LEU A 154 7.94 -9.63 -3.39
N HIS A 155 6.64 -9.90 -3.43
CA HIS A 155 5.90 -10.65 -4.44
C HIS A 155 5.76 -9.75 -5.65
N LEU A 156 6.01 -10.29 -6.83
CA LEU A 156 5.88 -9.64 -8.15
C LEU A 156 4.90 -10.49 -8.99
N SER A 157 4.18 -9.91 -9.95
CA SER A 157 3.23 -10.65 -10.82
C SER A 157 2.78 -9.85 -12.05
N ASN A 158 2.05 -10.53 -12.94
CA ASN A 158 1.37 -10.01 -14.14
C ASN A 158 2.34 -9.79 -15.33
N ILE A 159 3.50 -10.43 -15.28
CA ILE A 159 4.55 -10.46 -16.31
C ILE A 159 4.02 -10.93 -17.70
N PRO A 160 4.24 -10.18 -18.80
CA PRO A 160 3.96 -10.66 -20.15
C PRO A 160 5.03 -11.68 -20.62
N PRO A 161 4.78 -12.42 -21.71
CA PRO A 161 5.75 -13.30 -22.41
C PRO A 161 7.06 -12.65 -22.93
N SER A 162 7.41 -11.44 -22.48
CA SER A 162 8.53 -10.60 -22.93
C SER A 162 9.41 -10.16 -21.75
N VAL A 163 8.91 -10.27 -20.52
CA VAL A 163 9.69 -9.98 -19.30
C VAL A 163 10.31 -11.27 -18.76
N SER A 164 11.53 -11.15 -18.24
CA SER A 164 12.29 -12.26 -17.63
C SER A 164 12.81 -11.85 -16.25
N GLU A 165 13.39 -12.81 -15.51
CA GLU A 165 14.03 -12.59 -14.20
C GLU A 165 14.97 -11.39 -14.20
N GLU A 166 15.77 -11.23 -15.25
CA GLU A 166 16.64 -10.10 -15.43
C GLU A 166 15.83 -8.82 -15.55
N ASP A 167 14.98 -8.62 -16.57
CA ASP A 167 14.22 -7.38 -16.77
C ASP A 167 13.44 -6.96 -15.53
N LEU A 168 12.94 -7.94 -14.79
CA LEU A 168 12.24 -7.78 -13.53
C LEU A 168 13.15 -7.27 -12.41
N LYS A 169 14.15 -8.06 -12.01
CA LYS A 169 15.21 -7.72 -11.05
C LYS A 169 15.92 -6.42 -11.41
N VAL A 170 16.20 -6.18 -12.68
CA VAL A 170 16.73 -4.95 -13.25
C VAL A 170 15.87 -3.77 -12.84
N LEU A 171 14.53 -3.82 -12.96
CA LEU A 171 13.69 -2.75 -12.42
C LEU A 171 13.97 -2.49 -10.92
N PHE A 172 13.92 -3.55 -10.11
CA PHE A 172 14.08 -3.50 -8.67
C PHE A 172 15.52 -3.20 -8.22
N SER A 173 16.49 -3.13 -9.15
CA SER A 173 17.91 -2.91 -8.90
C SER A 173 18.32 -1.53 -9.38
N SER A 174 17.78 -1.11 -10.53
CA SER A 174 18.14 0.15 -11.19
C SER A 174 17.62 1.38 -10.44
N ASN A 175 16.58 1.19 -9.62
CA ASN A 175 15.95 2.28 -8.86
C ASN A 175 16.68 2.68 -7.57
N GLY A 176 17.65 1.87 -7.16
CA GLY A 176 18.47 2.06 -5.97
C GLY A 176 18.66 0.77 -5.16
N GLY A 177 18.02 -0.32 -5.62
CA GLY A 177 17.99 -1.66 -5.03
C GLY A 177 19.32 -2.30 -4.61
N VAL A 178 19.15 -3.44 -3.95
CA VAL A 178 20.16 -4.30 -3.31
C VAL A 178 19.92 -5.77 -3.70
N VAL A 179 18.68 -6.13 -4.09
CA VAL A 179 18.22 -7.35 -4.75
C VAL A 179 19.04 -8.59 -4.38
N LYS A 180 18.82 -9.02 -3.14
CA LYS A 180 19.59 -10.00 -2.36
C LYS A 180 19.49 -11.40 -2.98
N GLY A 181 18.26 -11.78 -3.30
CA GLY A 181 17.92 -12.97 -4.08
C GLY A 181 16.78 -12.69 -5.06
N PHE A 182 16.53 -13.65 -5.93
CA PHE A 182 15.41 -13.68 -6.89
C PHE A 182 14.99 -15.13 -7.21
N LYS A 183 13.67 -15.34 -7.30
CA LYS A 183 12.95 -16.60 -7.59
C LYS A 183 11.69 -16.34 -8.43
N PHE A 184 11.08 -17.42 -8.93
CA PHE A 184 9.73 -17.40 -9.50
C PHE A 184 8.82 -18.24 -8.62
N PHE A 185 7.62 -17.71 -8.36
CA PHE A 185 6.59 -18.35 -7.56
C PHE A 185 6.14 -19.74 -8.07
N GLN A 186 5.74 -20.59 -7.12
CA GLN A 186 5.07 -21.89 -7.25
C GLN A 186 5.45 -22.72 -8.49
N LYS A 187 4.57 -22.69 -9.50
CA LYS A 187 4.50 -23.55 -10.69
C LYS A 187 3.60 -22.95 -11.78
N ASP A 188 2.60 -22.16 -11.39
CA ASP A 188 1.76 -21.31 -12.24
C ASP A 188 2.56 -20.25 -13.03
N ARG A 189 3.76 -19.88 -12.53
CA ARG A 189 4.81 -19.08 -13.19
C ARG A 189 4.33 -17.79 -13.90
N LYS A 190 3.34 -17.08 -13.33
CA LYS A 190 2.94 -15.72 -13.77
C LYS A 190 3.23 -14.67 -12.69
N MET A 191 3.74 -15.18 -11.56
CA MET A 191 4.21 -14.44 -10.41
C MET A 191 5.68 -14.77 -10.17
N ALA A 192 6.34 -13.85 -9.53
CA ALA A 192 7.77 -13.84 -9.28
C ALA A 192 8.03 -13.30 -7.88
N LEU A 193 9.28 -13.39 -7.45
CA LEU A 193 9.60 -13.16 -6.07
C LEU A 193 11.04 -12.66 -5.91
N ILE A 194 11.20 -11.54 -5.23
CA ILE A 194 12.48 -10.84 -5.06
C ILE A 194 12.69 -10.51 -3.58
N GLN A 195 13.89 -10.80 -3.08
CA GLN A 195 14.26 -10.39 -1.74
C GLN A 195 15.14 -9.16 -1.82
N MET A 196 14.62 -8.02 -1.35
CA MET A 196 15.43 -6.84 -1.11
C MET A 196 16.38 -7.06 0.09
N GLY A 197 17.18 -6.06 0.40
CA GLY A 197 18.15 -6.06 1.50
C GLY A 197 17.50 -5.72 2.84
N SER A 198 16.55 -4.78 2.82
CA SER A 198 15.65 -4.41 3.94
C SER A 198 14.30 -3.92 3.42
N VAL A 199 13.29 -3.73 4.28
CA VAL A 199 11.99 -3.20 3.80
C VAL A 199 12.14 -1.86 3.15
N GLU A 200 12.98 -0.97 3.69
CA GLU A 200 13.06 0.45 3.31
C GLU A 200 13.18 0.56 1.79
N GLU A 201 14.09 -0.24 1.24
CA GLU A 201 14.33 -0.34 -0.18
C GLU A 201 13.27 -1.21 -0.88
N ALA A 202 12.80 -2.30 -0.26
CA ALA A 202 11.68 -3.11 -0.73
C ALA A 202 10.43 -2.26 -1.02
N VAL A 203 9.80 -1.71 0.00
CA VAL A 203 8.62 -0.86 -0.10
C VAL A 203 8.80 0.26 -1.10
N GLN A 204 9.93 0.98 -1.07
CA GLN A 204 10.24 1.97 -2.09
C GLN A 204 10.22 1.42 -3.54
N ALA A 205 10.81 0.25 -3.78
CA ALA A 205 10.82 -0.45 -5.07
C ALA A 205 9.43 -1.01 -5.45
N LEU A 206 8.60 -1.37 -4.48
CA LEU A 206 7.19 -1.65 -4.67
C LEU A 206 6.48 -0.37 -5.14
N ILE A 207 6.65 0.75 -4.43
CA ILE A 207 6.00 1.99 -4.80
C ILE A 207 6.51 2.52 -6.15
N ASP A 208 7.71 2.10 -6.55
CA ASP A 208 8.27 2.31 -7.87
C ASP A 208 7.55 1.48 -8.95
N LEU A 209 7.44 0.16 -8.75
CA LEU A 209 7.06 -0.80 -9.77
C LEU A 209 5.59 -1.28 -9.74
N HIS A 210 4.81 -1.01 -8.70
CA HIS A 210 3.37 -1.27 -8.79
C HIS A 210 2.72 -0.36 -9.83
N ASN A 211 2.05 -0.99 -10.80
CA ASN A 211 1.30 -0.33 -11.86
C ASN A 211 2.19 0.49 -12.83
N HIS A 212 3.46 0.09 -13.01
CA HIS A 212 4.52 0.77 -13.77
C HIS A 212 4.28 0.90 -15.30
N ASP A 213 3.10 0.49 -15.79
CA ASP A 213 2.61 0.69 -17.17
C ASP A 213 3.49 0.00 -18.22
N LEU A 214 3.52 -1.34 -18.18
CA LEU A 214 4.35 -2.16 -19.07
C LEU A 214 3.89 -2.08 -20.53
N GLY A 215 2.57 -2.16 -20.78
CA GLY A 215 2.12 -2.34 -22.15
C GLY A 215 0.64 -2.21 -22.50
N GLU A 216 0.07 -3.40 -22.70
CA GLU A 216 -1.23 -3.73 -23.30
C GLU A 216 -2.32 -3.94 -22.25
N ASN A 217 -2.08 -3.45 -21.03
CA ASN A 217 -2.80 -3.58 -19.75
C ASN A 217 -2.18 -4.64 -18.81
N HIS A 218 -1.12 -5.31 -19.27
CA HIS A 218 -0.26 -6.25 -18.54
C HIS A 218 0.58 -5.63 -17.40
N HIS A 219 0.14 -4.48 -16.89
CA HIS A 219 0.85 -3.62 -15.98
C HIS A 219 1.17 -4.33 -14.65
N LEU A 220 2.36 -4.05 -14.14
CA LEU A 220 3.01 -4.77 -13.04
C LEU A 220 2.24 -4.76 -11.70
N ARG A 221 2.12 -5.92 -11.07
CA ARG A 221 1.50 -6.20 -9.77
C ARG A 221 2.61 -6.61 -8.81
N VAL A 222 2.43 -6.29 -7.54
CA VAL A 222 3.45 -6.36 -6.50
C VAL A 222 2.80 -6.31 -5.13
N SER A 223 3.45 -6.90 -4.12
CA SER A 223 3.14 -6.73 -2.70
C SER A 223 4.29 -7.22 -1.84
N PHE A 224 4.17 -7.15 -0.51
CA PHE A 224 5.11 -7.83 0.39
C PHE A 224 4.91 -9.35 0.33
N SER A 225 5.95 -10.11 0.67
CA SER A 225 5.84 -11.57 0.83
C SER A 225 6.39 -12.09 2.16
N LYS A 226 5.72 -13.12 2.71
CA LYS A 226 6.14 -13.97 3.82
C LYS A 226 7.28 -14.93 3.47
N SER A 227 7.45 -15.26 2.20
CA SER A 227 8.46 -16.16 1.67
C SER A 227 9.85 -15.50 1.64
N THR A 228 10.86 -16.29 1.29
CA THR A 228 12.29 -15.91 1.23
C THR A 228 13.06 -16.67 0.15
N ILE A 229 14.37 -16.41 0.06
CA ILE A 229 15.28 -16.82 -1.01
C ILE A 229 16.60 -17.37 -0.45
N GLY A 22 -27.08 -0.40 -2.81
CA GLY A 22 -26.51 -1.05 -1.60
C GLY A 22 -26.88 -0.29 -0.33
N ARG A 23 -26.06 -0.44 0.73
CA ARG A 23 -26.22 0.24 2.04
C ARG A 23 -24.88 0.65 2.66
N ILE A 24 -24.93 1.46 3.73
CA ILE A 24 -23.77 1.91 4.52
C ILE A 24 -23.25 0.84 5.50
N ALA A 25 -22.01 0.98 5.94
CA ALA A 25 -21.39 0.19 7.00
C ALA A 25 -21.91 0.56 8.42
N ILE A 26 -21.45 -0.18 9.45
CA ILE A 26 -21.72 0.09 10.87
C ILE A 26 -21.02 1.40 11.30
N PRO A 27 -21.70 2.37 11.92
CA PRO A 27 -21.12 3.66 12.31
C PRO A 27 -20.18 3.56 13.53
N GLY A 28 -19.38 4.62 13.75
CA GLY A 28 -18.43 4.74 14.87
C GLY A 28 -19.05 5.20 16.20
N LEU A 29 -20.39 5.28 16.30
CA LEU A 29 -21.14 5.76 17.47
C LEU A 29 -20.81 5.01 18.77
N ALA A 30 -20.65 3.69 18.70
CA ALA A 30 -20.34 2.82 19.84
C ALA A 30 -18.87 2.92 20.35
N GLY A 31 -17.96 3.49 19.56
CA GLY A 31 -16.52 3.59 19.85
C GLY A 31 -15.63 3.51 18.61
N ALA A 32 -14.31 3.61 18.83
CA ALA A 32 -13.29 3.55 17.77
C ALA A 32 -13.19 2.16 17.08
N GLY A 33 -12.39 2.12 16.00
CA GLY A 33 -12.29 1.01 15.05
C GLY A 33 -13.36 1.16 13.97
N ASN A 34 -12.96 1.68 12.82
CA ASN A 34 -13.75 2.16 11.72
C ASN A 34 -12.78 2.27 10.55
N SER A 35 -13.34 2.50 9.39
CA SER A 35 -12.73 2.78 8.09
C SER A 35 -11.68 3.91 8.06
N VAL A 36 -12.12 5.15 8.25
CA VAL A 36 -11.33 6.39 8.34
C VAL A 36 -10.08 6.27 9.23
N LEU A 37 -8.88 6.47 8.66
CA LEU A 37 -7.59 6.43 9.38
C LEU A 37 -6.76 7.72 9.23
N LEU A 38 -6.13 8.19 10.31
CA LEU A 38 -5.15 9.25 10.28
C LEU A 38 -3.73 8.74 10.00
N VAL A 39 -2.94 9.60 9.37
CA VAL A 39 -1.53 9.42 9.04
C VAL A 39 -0.78 10.64 9.54
N SER A 40 -0.15 10.56 10.71
CA SER A 40 0.82 11.57 11.15
C SER A 40 2.20 11.03 10.85
N ASN A 41 3.13 11.92 10.39
CA ASN A 41 4.58 11.73 10.14
C ASN A 41 4.98 11.96 8.66
N LEU A 42 4.47 13.01 7.99
CA LEU A 42 4.80 13.21 6.56
C LEU A 42 6.13 13.96 6.32
N ASN A 43 7.14 13.29 5.76
CA ASN A 43 8.32 13.94 5.18
C ASN A 43 7.83 14.73 3.94
N PRO A 44 7.93 16.08 3.90
CA PRO A 44 7.32 16.91 2.84
C PRO A 44 7.97 16.75 1.45
N GLU A 45 9.03 15.95 1.32
CA GLU A 45 9.81 15.72 0.10
C GLU A 45 9.71 14.26 -0.39
N ARG A 46 8.91 13.42 0.29
CA ARG A 46 8.91 11.98 0.14
C ARG A 46 7.50 11.42 0.10
N VAL A 47 6.60 11.91 0.98
CA VAL A 47 5.22 11.43 0.98
C VAL A 47 4.47 11.85 -0.27
N THR A 48 3.59 10.98 -0.72
CA THR A 48 2.59 11.21 -1.77
C THR A 48 1.29 10.47 -1.47
N PRO A 49 0.15 10.86 -2.09
CA PRO A 49 -1.08 10.08 -2.03
C PRO A 49 -0.88 8.62 -2.42
N GLN A 50 -0.10 8.34 -3.47
CA GLN A 50 0.14 6.98 -3.96
C GLN A 50 1.02 6.13 -3.04
N SER A 51 1.99 6.73 -2.34
CA SER A 51 2.83 6.04 -1.37
C SER A 51 2.02 5.44 -0.22
N LEU A 52 1.29 6.29 0.51
CA LEU A 52 0.46 5.85 1.62
C LEU A 52 -0.79 5.05 1.15
N PHE A 53 -1.25 5.26 -0.09
CA PHE A 53 -2.29 4.47 -0.76
C PHE A 53 -1.83 3.03 -0.87
N ILE A 54 -0.64 2.81 -1.43
CA ILE A 54 -0.11 1.47 -1.64
C ILE A 54 -0.01 0.72 -0.33
N LEU A 55 0.53 1.29 0.77
CA LEU A 55 0.65 0.45 1.97
C LEU A 55 -0.73 0.02 2.46
N PHE A 56 -1.60 0.99 2.70
CA PHE A 56 -2.97 0.75 3.14
C PHE A 56 -3.72 -0.13 2.15
N GLY A 57 -3.36 -0.12 0.86
CA GLY A 57 -4.01 -0.85 -0.22
C GLY A 57 -3.49 -2.28 -0.41
N VAL A 58 -2.41 -2.63 0.31
CA VAL A 58 -1.88 -4.00 0.44
C VAL A 58 -2.11 -4.58 1.84
N TYR A 59 -2.68 -3.75 2.72
CA TYR A 59 -3.13 -4.03 4.08
C TYR A 59 -4.66 -3.92 4.26
N GLY A 60 -5.39 -3.55 3.21
CA GLY A 60 -6.85 -3.52 3.15
C GLY A 60 -7.38 -2.96 1.81
N ASP A 61 -8.69 -3.01 1.61
CA ASP A 61 -9.38 -2.35 0.49
C ASP A 61 -9.51 -0.82 0.76
N VAL A 62 -8.50 -0.04 0.38
CA VAL A 62 -8.46 1.43 0.61
C VAL A 62 -9.53 2.15 -0.23
N GLN A 63 -10.51 2.77 0.43
CA GLN A 63 -11.61 3.55 -0.17
C GLN A 63 -11.06 4.81 -0.89
N ARG A 64 -10.51 5.72 -0.11
CA ARG A 64 -9.98 7.04 -0.47
C ARG A 64 -8.71 7.33 0.29
N VAL A 65 -8.02 8.36 -0.16
CA VAL A 65 -6.84 8.94 0.46
C VAL A 65 -6.88 10.44 0.24
N LYS A 66 -6.69 11.20 1.32
CA LYS A 66 -6.57 12.64 1.37
C LYS A 66 -5.34 13.04 2.18
N ILE A 67 -4.79 14.21 1.88
CA ILE A 67 -3.56 14.77 2.47
C ILE A 67 -3.82 16.21 2.92
N LEU A 68 -3.12 16.76 3.93
CA LEU A 68 -3.26 18.18 4.32
C LEU A 68 -2.46 19.13 3.38
N PHE A 69 -2.37 18.80 2.09
CA PHE A 69 -1.51 19.38 1.07
C PHE A 69 -0.02 19.44 1.48
N ASN A 70 0.37 20.47 2.24
CA ASN A 70 1.70 20.66 2.84
C ASN A 70 1.64 21.29 4.26
N LYS A 71 0.43 21.44 4.82
CA LYS A 71 0.06 22.21 6.02
C LYS A 71 0.74 21.77 7.31
N LYS A 72 0.49 20.52 7.75
CA LYS A 72 0.83 20.04 9.11
C LYS A 72 1.61 18.72 9.22
N GLU A 73 2.05 18.12 8.11
CA GLU A 73 2.83 16.86 8.10
C GLU A 73 1.96 15.68 8.55
N ASN A 74 0.66 15.76 8.21
CA ASN A 74 -0.34 14.72 8.34
C ASN A 74 -1.06 14.47 7.00
N ALA A 75 -1.73 13.32 6.94
CA ALA A 75 -2.67 12.89 5.92
C ALA A 75 -3.91 12.25 6.60
N LEU A 76 -4.98 12.05 5.83
CA LEU A 76 -6.22 11.45 6.27
C LEU A 76 -6.67 10.40 5.24
N VAL A 77 -6.36 9.14 5.53
CA VAL A 77 -6.67 7.99 4.71
C VAL A 77 -8.06 7.43 5.05
N GLN A 78 -8.62 6.63 4.17
CA GLN A 78 -9.92 6.01 4.39
C GLN A 78 -9.90 4.54 3.93
N MET A 79 -9.87 3.60 4.88
CA MET A 79 -9.91 2.15 4.61
C MET A 79 -11.34 1.68 4.37
N ALA A 80 -11.54 0.42 4.03
CA ALA A 80 -12.85 -0.22 3.98
C ALA A 80 -13.57 -0.19 5.35
N ASP A 81 -12.99 -0.78 6.40
CA ASP A 81 -13.57 -0.76 7.77
C ASP A 81 -12.57 -1.29 8.83
N GLY A 82 -13.01 -1.39 10.10
CA GLY A 82 -12.38 -2.05 11.26
C GLY A 82 -11.22 -3.01 10.94
N ASN A 83 -11.49 -4.25 10.51
CA ASN A 83 -10.49 -5.24 10.13
C ASN A 83 -9.35 -4.70 9.23
N GLN A 84 -9.74 -3.99 8.17
CA GLN A 84 -8.89 -3.43 7.12
C GLN A 84 -8.01 -2.31 7.69
N ALA A 85 -8.65 -1.32 8.34
CA ALA A 85 -8.07 -0.24 9.10
C ALA A 85 -7.08 -0.71 10.19
N GLN A 86 -7.48 -1.66 11.03
CA GLN A 86 -6.67 -2.18 12.14
C GLN A 86 -5.39 -2.84 11.66
N LEU A 87 -5.43 -3.60 10.56
CA LEU A 87 -4.22 -4.15 9.95
C LEU A 87 -3.24 -3.07 9.58
N ALA A 88 -3.73 -2.12 8.79
CA ALA A 88 -2.89 -1.14 8.17
C ALA A 88 -2.08 -0.43 9.27
N MET A 89 -2.71 0.12 10.32
CA MET A 89 -1.96 0.60 11.49
C MET A 89 -1.10 -0.48 12.17
N SER A 90 -1.60 -1.70 12.35
CA SER A 90 -0.87 -2.86 12.90
C SER A 90 0.45 -3.18 12.18
N HIS A 91 0.60 -2.80 10.92
CA HIS A 91 1.77 -3.13 10.09
C HIS A 91 2.57 -1.87 9.68
N LEU A 92 1.92 -0.72 9.46
CA LEU A 92 2.53 0.56 9.15
C LEU A 92 3.31 1.13 10.34
N ASN A 93 2.84 0.87 11.56
CA ASN A 93 3.31 1.58 12.76
C ASN A 93 4.75 1.18 13.16
N GLY A 94 5.69 1.90 12.54
CA GLY A 94 7.15 1.75 12.59
C GLY A 94 7.75 0.92 11.44
N HIS A 95 7.04 0.82 10.31
CA HIS A 95 7.52 0.22 9.05
C HIS A 95 8.66 0.97 8.38
N LYS A 96 8.51 2.28 8.32
CA LYS A 96 9.27 3.25 7.50
C LYS A 96 8.76 3.09 6.09
N LEU A 97 7.78 3.94 5.84
CA LEU A 97 7.13 4.21 4.56
C LEU A 97 8.20 4.64 3.53
N HIS A 98 9.29 5.26 4.03
CA HIS A 98 10.36 5.93 3.31
C HIS A 98 11.57 6.04 4.26
N GLY A 99 11.34 6.60 5.46
CA GLY A 99 12.26 6.63 6.59
C GLY A 99 12.21 7.89 7.46
N LYS A 100 11.17 7.94 8.31
CA LYS A 100 10.91 8.89 9.40
C LYS A 100 9.96 8.21 10.43
N PRO A 101 9.87 8.66 11.71
CA PRO A 101 9.16 7.91 12.78
C PRO A 101 7.61 7.95 12.68
N ILE A 102 7.06 7.03 11.90
CA ILE A 102 5.64 6.82 11.56
C ILE A 102 4.70 6.73 12.76
N ARG A 103 3.55 7.41 12.62
CA ARG A 103 2.46 7.53 13.62
C ARG A 103 1.08 7.53 12.97
N ILE A 104 0.76 6.40 12.34
CA ILE A 104 -0.55 6.07 11.78
C ILE A 104 -1.45 5.64 12.92
N THR A 105 -2.67 6.21 13.04
CA THR A 105 -3.61 5.88 14.12
C THR A 105 -5.05 5.95 13.64
N LEU A 106 -5.98 5.39 14.43
CA LEU A 106 -7.42 5.56 14.20
C LEU A 106 -7.87 7.02 14.35
N SER A 107 -8.88 7.41 13.57
CA SER A 107 -9.63 8.67 13.68
C SER A 107 -11.08 8.48 13.26
N LYS A 108 -12.01 8.39 14.23
CA LYS A 108 -13.47 8.24 14.05
C LYS A 108 -14.20 9.46 13.42
N HIS A 109 -13.45 10.32 12.73
CA HIS A 109 -13.90 11.42 11.88
C HIS A 109 -14.90 10.95 10.81
N GLN A 110 -15.73 11.85 10.28
CA GLN A 110 -16.69 11.57 9.20
C GLN A 110 -16.01 11.10 7.90
N ASN A 111 -16.77 10.42 7.04
CA ASN A 111 -16.32 10.10 5.68
C ASN A 111 -16.16 11.39 4.86
N VAL A 112 -15.21 11.37 3.93
CA VAL A 112 -15.05 12.43 2.93
C VAL A 112 -15.92 12.18 1.71
N GLN A 113 -16.25 13.23 0.96
CA GLN A 113 -16.86 13.20 -0.36
C GLN A 113 -16.09 14.14 -1.29
N LEU A 114 -15.03 13.60 -1.92
CA LEU A 114 -14.16 14.15 -2.98
C LEU A 114 -14.74 15.46 -3.60
N PRO A 115 -14.29 16.65 -3.16
CA PRO A 115 -14.97 17.93 -3.43
C PRO A 115 -14.93 18.46 -4.89
N ARG A 116 -13.97 19.32 -5.25
CA ARG A 116 -13.95 20.10 -6.51
C ARG A 116 -12.54 20.29 -7.06
N GLU A 117 -12.47 20.73 -8.30
CA GLU A 117 -11.24 20.89 -9.11
C GLU A 117 -10.28 21.95 -8.56
N GLY A 118 -10.80 22.85 -7.73
CA GLY A 118 -10.12 23.94 -7.05
C GLY A 118 -9.63 23.57 -5.66
N GLN A 119 -9.92 22.33 -5.24
CA GLN A 119 -9.74 21.82 -3.88
C GLN A 119 -8.92 20.52 -3.88
N GLU A 120 -9.36 19.53 -4.66
CA GLU A 120 -8.72 18.25 -4.93
C GLU A 120 -7.28 18.36 -5.48
N ASP A 121 -7.10 19.25 -6.45
CA ASP A 121 -5.88 19.49 -7.25
C ASP A 121 -5.24 18.20 -7.86
N GLN A 122 -6.00 17.10 -7.94
CA GLN A 122 -5.55 15.72 -8.27
C GLN A 122 -4.38 15.21 -7.40
N GLY A 123 -4.09 15.84 -6.26
CA GLY A 123 -2.88 15.60 -5.45
C GLY A 123 -2.99 15.85 -3.94
N LEU A 124 -4.18 16.16 -3.42
CA LEU A 124 -4.50 16.33 -2.01
C LEU A 124 -5.30 15.09 -1.62
N THR A 125 -6.53 15.00 -2.13
CA THR A 125 -7.43 13.84 -2.10
C THR A 125 -7.59 13.10 -3.44
N LYS A 126 -7.99 11.82 -3.31
CA LYS A 126 -8.07 10.73 -4.30
C LYS A 126 -9.22 9.79 -3.99
N ASP A 127 -9.75 9.14 -5.03
CA ASP A 127 -10.69 8.03 -4.97
C ASP A 127 -10.08 6.80 -5.64
N TYR A 128 -9.65 5.85 -4.81
CA TYR A 128 -9.05 4.59 -5.24
C TYR A 128 -10.04 3.41 -5.24
N GLY A 129 -11.26 3.59 -4.73
CA GLY A 129 -12.29 2.55 -4.65
C GLY A 129 -12.83 2.06 -5.99
N ASN A 130 -12.58 2.81 -7.07
CA ASN A 130 -12.96 2.49 -8.46
C ASN A 130 -11.80 1.91 -9.30
N SER A 131 -10.55 1.99 -8.82
CA SER A 131 -9.34 1.63 -9.58
C SER A 131 -9.16 0.10 -9.72
N PRO A 132 -8.51 -0.41 -10.80
CA PRO A 132 -8.25 -1.86 -10.99
C PRO A 132 -7.19 -2.45 -10.03
N LEU A 133 -6.63 -1.62 -9.15
CA LEU A 133 -5.65 -1.92 -8.09
C LEU A 133 -6.31 -2.57 -6.85
N HIS A 134 -7.62 -2.38 -6.69
CA HIS A 134 -8.46 -2.68 -5.52
C HIS A 134 -8.66 -4.18 -5.18
N ARG A 135 -7.76 -5.06 -5.64
CA ARG A 135 -7.75 -6.54 -5.60
C ARG A 135 -8.03 -7.21 -4.25
N PHE A 136 -7.99 -6.47 -3.13
CA PHE A 136 -8.46 -6.93 -1.82
C PHE A 136 -9.94 -7.31 -1.88
N LYS A 137 -10.80 -6.31 -2.09
CA LYS A 137 -12.26 -6.35 -2.21
C LYS A 137 -13.01 -7.21 -1.18
N LYS A 138 -12.44 -7.47 0.00
CA LYS A 138 -12.88 -8.46 0.98
C LYS A 138 -13.75 -7.90 2.13
N PRO A 139 -15.05 -8.25 2.23
CA PRO A 139 -15.86 -7.95 3.42
C PRO A 139 -15.53 -8.87 4.61
N GLY A 140 -14.88 -10.01 4.36
CA GLY A 140 -14.30 -10.93 5.35
C GLY A 140 -13.10 -11.68 4.76
N SER A 141 -12.28 -12.31 5.61
CA SER A 141 -10.96 -12.88 5.27
C SER A 141 -10.93 -14.19 4.46
N LYS A 142 -11.80 -14.32 3.46
CA LYS A 142 -11.71 -15.36 2.40
C LYS A 142 -10.48 -15.06 1.53
N ASN A 143 -10.33 -13.79 1.12
CA ASN A 143 -9.14 -13.20 0.50
C ASN A 143 -8.14 -12.73 1.58
N PHE A 144 -6.87 -12.53 1.20
CA PHE A 144 -5.76 -11.98 2.01
C PHE A 144 -5.71 -12.49 3.46
N GLN A 145 -4.94 -13.58 3.66
CA GLN A 145 -4.58 -14.17 4.95
C GLN A 145 -3.05 -14.24 5.20
N ASN A 146 -2.21 -14.06 4.16
CA ASN A 146 -0.76 -13.97 4.24
C ASN A 146 -0.33 -12.56 4.70
N ILE A 147 -0.52 -11.57 3.81
CA ILE A 147 -0.35 -10.10 3.94
C ILE A 147 1.06 -9.69 4.33
N PHE A 148 1.43 -10.02 5.57
CA PHE A 148 2.75 -9.97 6.18
C PHE A 148 3.21 -8.55 6.55
N PRO A 149 3.63 -8.31 7.82
CA PRO A 149 4.18 -7.02 8.24
C PRO A 149 5.52 -6.73 7.54
N PRO A 150 6.07 -5.51 7.67
CA PRO A 150 7.27 -5.01 6.98
C PRO A 150 8.38 -6.03 6.69
N SER A 151 8.71 -6.23 5.39
CA SER A 151 9.89 -7.01 4.96
C SER A 151 10.56 -6.46 3.71
N ALA A 152 11.82 -6.84 3.60
CA ALA A 152 12.71 -6.73 2.47
C ALA A 152 12.26 -7.62 1.28
N THR A 153 11.60 -8.76 1.54
CA THR A 153 11.11 -9.66 0.46
C THR A 153 9.85 -9.07 -0.17
N LEU A 154 9.80 -9.01 -1.50
CA LEU A 154 8.66 -8.57 -2.28
C LEU A 154 8.25 -9.58 -3.37
N HIS A 155 6.97 -9.91 -3.33
CA HIS A 155 6.20 -10.65 -4.32
C HIS A 155 6.01 -9.72 -5.50
N LEU A 156 6.19 -10.23 -6.71
CA LEU A 156 5.95 -9.60 -8.00
C LEU A 156 4.96 -10.50 -8.78
N SER A 157 4.17 -9.99 -9.73
CA SER A 157 3.21 -10.78 -10.53
C SER A 157 2.63 -10.00 -11.71
N ASN A 158 1.88 -10.69 -12.57
CA ASN A 158 1.21 -10.17 -13.78
C ASN A 158 2.23 -9.72 -14.85
N ILE A 159 3.28 -10.54 -14.99
CA ILE A 159 4.50 -10.37 -15.82
C ILE A 159 4.56 -11.05 -17.22
N PRO A 160 3.69 -12.01 -17.63
CA PRO A 160 3.88 -12.83 -18.84
C PRO A 160 4.33 -12.18 -20.17
N PRO A 161 3.85 -10.97 -20.58
CA PRO A 161 4.09 -10.44 -21.94
C PRO A 161 5.54 -10.38 -22.42
N SER A 162 6.45 -9.78 -21.65
CA SER A 162 7.82 -9.44 -22.09
C SER A 162 8.86 -9.56 -20.98
N VAL A 163 8.43 -9.71 -19.71
CA VAL A 163 9.31 -9.59 -18.56
C VAL A 163 9.91 -10.95 -18.16
N SER A 164 11.21 -10.95 -17.87
CA SER A 164 11.95 -12.08 -17.29
C SER A 164 12.67 -11.63 -16.01
N GLU A 165 13.31 -12.55 -15.28
CA GLU A 165 14.06 -12.28 -14.03
C GLU A 165 14.94 -11.05 -14.11
N GLU A 166 15.69 -10.90 -15.21
CA GLU A 166 16.52 -9.74 -15.44
C GLU A 166 15.67 -8.48 -15.57
N ASP A 167 14.79 -8.34 -16.57
CA ASP A 167 13.98 -7.13 -16.79
C ASP A 167 13.20 -6.72 -15.55
N LEU A 168 12.77 -7.69 -14.77
CA LEU A 168 12.11 -7.54 -13.48
C LEU A 168 13.03 -6.93 -12.42
N LYS A 169 14.09 -7.66 -12.03
CA LYS A 169 15.18 -7.27 -11.14
C LYS A 169 15.77 -5.93 -11.53
N VAL A 170 16.00 -5.69 -12.82
CA VAL A 170 16.44 -4.46 -13.43
C VAL A 170 15.54 -3.31 -13.02
N LEU A 171 14.20 -3.41 -13.10
CA LEU A 171 13.34 -2.37 -12.54
C LEU A 171 13.64 -2.08 -11.06
N PHE A 172 13.64 -3.14 -10.24
CA PHE A 172 13.78 -3.08 -8.78
C PHE A 172 15.21 -2.74 -8.34
N SER A 173 16.17 -2.62 -9.26
CA SER A 173 17.58 -2.32 -8.99
C SER A 173 17.92 -0.92 -9.53
N SER A 174 17.34 -0.56 -10.67
CA SER A 174 17.62 0.69 -11.38
C SER A 174 16.97 1.90 -10.71
N ASN A 175 15.97 1.68 -9.85
CA ASN A 175 15.26 2.74 -9.13
C ASN A 175 15.92 3.24 -7.85
N GLY A 176 16.92 2.50 -7.37
CA GLY A 176 17.66 2.78 -6.15
C GLY A 176 17.99 1.50 -5.36
N GLY A 177 17.46 0.36 -5.81
CA GLY A 177 17.60 -0.98 -5.22
C GLY A 177 19.00 -1.48 -4.85
N VAL A 178 18.95 -2.63 -4.18
CA VAL A 178 20.04 -3.40 -3.56
C VAL A 178 19.89 -4.89 -3.90
N VAL A 179 18.67 -5.34 -4.26
CA VAL A 179 18.29 -6.63 -4.86
C VAL A 179 19.18 -7.80 -4.43
N LYS A 180 18.98 -8.20 -3.18
CA LYS A 180 19.75 -9.12 -2.36
C LYS A 180 19.72 -10.52 -2.93
N GLY A 181 18.53 -10.97 -3.30
CA GLY A 181 18.30 -12.17 -4.08
C GLY A 181 17.14 -12.01 -5.07
N PHE A 182 16.94 -13.02 -5.89
CA PHE A 182 15.82 -13.14 -6.84
C PHE A 182 15.48 -14.62 -7.09
N LYS A 183 14.18 -14.93 -7.09
CA LYS A 183 13.54 -16.22 -7.37
C LYS A 183 12.20 -16.02 -8.09
N PHE A 184 11.51 -17.11 -8.40
CA PHE A 184 10.11 -17.12 -8.82
C PHE A 184 9.29 -17.94 -7.81
N PHE A 185 7.98 -17.72 -7.83
CA PHE A 185 6.97 -18.52 -7.10
C PHE A 185 7.02 -20.05 -7.37
N GLN A 186 6.20 -20.81 -6.64
CA GLN A 186 6.18 -22.28 -6.56
C GLN A 186 6.42 -23.04 -7.90
N LYS A 187 5.48 -23.00 -8.85
CA LYS A 187 5.54 -23.67 -10.16
C LYS A 187 4.65 -23.08 -11.26
N ASP A 188 3.55 -22.40 -10.89
CA ASP A 188 2.70 -21.66 -11.83
C ASP A 188 3.46 -20.48 -12.44
N ARG A 189 4.35 -19.86 -11.65
CA ARG A 189 5.32 -18.82 -12.02
C ARG A 189 4.75 -17.72 -12.94
N LYS A 190 3.54 -17.26 -12.63
CA LYS A 190 2.93 -16.02 -13.16
C LYS A 190 3.27 -14.84 -12.23
N MET A 191 3.99 -15.20 -11.18
CA MET A 191 4.47 -14.46 -10.01
C MET A 191 5.96 -14.74 -9.85
N ALA A 192 6.62 -13.74 -9.32
CA ALA A 192 8.05 -13.72 -9.12
C ALA A 192 8.33 -13.19 -7.71
N LEU A 193 9.57 -13.31 -7.27
CA LEU A 193 9.89 -13.08 -5.89
C LEU A 193 11.32 -12.55 -5.71
N ILE A 194 11.44 -11.26 -5.46
CA ILE A 194 12.70 -10.56 -5.25
C ILE A 194 12.88 -10.29 -3.76
N GLN A 195 14.12 -10.12 -3.32
CA GLN A 195 14.40 -9.64 -1.97
C GLN A 195 15.27 -8.41 -2.07
N MET A 196 14.76 -7.30 -1.54
CA MET A 196 15.55 -6.11 -1.29
C MET A 196 16.52 -6.34 -0.13
N GLY A 197 17.31 -5.32 0.18
CA GLY A 197 18.28 -5.32 1.28
C GLY A 197 17.59 -5.09 2.63
N SER A 198 16.66 -4.13 2.64
CA SER A 198 15.80 -3.77 3.78
C SER A 198 14.42 -3.30 3.30
N VAL A 199 13.44 -3.15 4.20
CA VAL A 199 12.09 -2.76 3.75
C VAL A 199 12.06 -1.41 3.08
N GLU A 200 12.83 -0.44 3.60
CA GLU A 200 12.75 0.97 3.20
C GLU A 200 12.84 1.10 1.68
N GLU A 201 13.76 0.33 1.10
CA GLU A 201 13.94 0.21 -0.33
C GLU A 201 12.94 -0.79 -0.98
N ALA A 202 12.59 -1.91 -0.31
CA ALA A 202 11.54 -2.82 -0.78
C ALA A 202 10.22 -2.09 -1.03
N VAL A 203 9.63 -1.48 0.01
CA VAL A 203 8.40 -0.70 -0.07
C VAL A 203 8.51 0.41 -1.09
N GLN A 204 9.60 1.19 -1.10
CA GLN A 204 9.81 2.17 -2.16
C GLN A 204 9.77 1.60 -3.59
N ALA A 205 10.41 0.46 -3.85
CA ALA A 205 10.43 -0.26 -5.12
C ALA A 205 9.07 -0.89 -5.47
N LEU A 206 8.28 -1.26 -4.46
CA LEU A 206 6.88 -1.62 -4.61
C LEU A 206 6.10 -0.39 -5.06
N ILE A 207 6.21 0.74 -4.35
CA ILE A 207 5.47 1.95 -4.69
C ILE A 207 5.89 2.50 -6.06
N ASP A 208 7.11 2.14 -6.50
CA ASP A 208 7.61 2.35 -7.84
C ASP A 208 6.90 1.46 -8.89
N LEU A 209 6.97 0.14 -8.74
CA LEU A 209 6.60 -0.82 -9.78
C LEU A 209 5.18 -1.38 -9.70
N HIS A 210 4.43 -1.19 -8.61
CA HIS A 210 3.00 -1.52 -8.65
C HIS A 210 2.30 -0.64 -9.68
N ASN A 211 1.61 -1.31 -10.62
CA ASN A 211 0.86 -0.67 -11.70
C ASN A 211 1.80 0.17 -12.62
N HIS A 212 2.99 -0.36 -12.91
CA HIS A 212 4.00 0.18 -13.85
C HIS A 212 3.53 0.40 -15.31
N ASP A 213 2.25 0.15 -15.62
CA ASP A 213 1.59 0.45 -16.89
C ASP A 213 2.23 -0.25 -18.10
N LEU A 214 2.25 -1.60 -18.06
CA LEU A 214 2.57 -2.42 -19.26
C LEU A 214 1.60 -2.03 -20.39
N GLY A 215 0.31 -1.89 -20.03
CA GLY A 215 -0.74 -1.20 -20.77
C GLY A 215 -1.38 -1.78 -22.01
N GLU A 216 -0.97 -2.98 -22.38
CA GLU A 216 -1.62 -3.86 -23.34
C GLU A 216 -2.82 -4.57 -22.69
N ASN A 217 -3.21 -4.09 -21.50
CA ASN A 217 -4.21 -4.48 -20.52
C ASN A 217 -3.62 -5.28 -19.35
N HIS A 218 -2.29 -5.49 -19.33
CA HIS A 218 -1.66 -6.35 -18.31
C HIS A 218 -1.50 -5.63 -16.96
N HIS A 219 -0.60 -4.65 -16.89
CA HIS A 219 -0.11 -3.89 -15.72
C HIS A 219 0.46 -4.74 -14.55
N LEU A 220 1.62 -4.31 -14.01
CA LEU A 220 2.43 -5.02 -13.00
C LEU A 220 1.80 -5.04 -11.59
N ARG A 221 1.92 -6.16 -10.87
CA ARG A 221 1.44 -6.43 -9.51
C ARG A 221 2.64 -6.78 -8.62
N VAL A 222 2.45 -6.59 -7.32
CA VAL A 222 3.51 -6.60 -6.31
C VAL A 222 2.91 -6.62 -4.90
N SER A 223 3.66 -7.11 -3.91
CA SER A 223 3.36 -6.96 -2.48
C SER A 223 4.56 -7.34 -1.63
N PHE A 224 4.41 -7.33 -0.29
CA PHE A 224 5.38 -7.91 0.64
C PHE A 224 5.30 -9.45 0.65
N SER A 225 6.38 -10.11 1.05
CA SER A 225 6.40 -11.56 1.32
C SER A 225 7.31 -11.94 2.52
N LYS A 226 7.29 -13.23 2.86
CA LYS A 226 7.96 -13.88 4.01
C LYS A 226 8.86 -15.06 3.64
N SER A 227 8.81 -15.52 2.39
CA SER A 227 9.45 -16.76 1.93
C SER A 227 10.97 -16.75 1.79
N THR A 228 11.49 -15.54 1.72
CA THR A 228 12.88 -15.09 1.53
C THR A 228 13.70 -15.81 0.46
N ILE A 229 14.99 -15.47 0.36
CA ILE A 229 15.94 -15.90 -0.68
C ILE A 229 17.30 -16.31 -0.08
N GLY A 22 -39.80 1.84 24.36
CA GLY A 22 -39.33 0.59 23.70
C GLY A 22 -38.12 0.01 24.39
N ARG A 23 -37.91 -1.32 24.25
CA ARG A 23 -36.78 -2.07 24.82
C ARG A 23 -35.44 -1.64 24.21
N ILE A 24 -34.66 -0.84 24.95
CA ILE A 24 -33.32 -0.37 24.58
C ILE A 24 -32.32 -1.54 24.59
N ALA A 25 -32.05 -2.11 23.41
CA ALA A 25 -31.15 -3.25 23.23
C ALA A 25 -29.65 -2.92 23.37
N ILE A 26 -29.25 -1.67 23.10
CA ILE A 26 -27.85 -1.20 23.05
C ILE A 26 -27.75 0.18 23.73
N PRO A 27 -26.79 0.42 24.67
CA PRO A 27 -26.69 1.66 25.43
C PRO A 27 -26.14 2.88 24.65
N GLY A 28 -25.66 2.68 23.41
CA GLY A 28 -25.17 3.72 22.49
C GLY A 28 -23.65 3.89 22.46
N LEU A 29 -22.90 3.21 23.35
CA LEU A 29 -21.44 3.13 23.35
C LEU A 29 -20.96 2.23 22.19
N ALA A 30 -20.65 2.84 21.03
CA ALA A 30 -20.31 2.14 19.79
C ALA A 30 -19.02 1.30 19.88
N GLY A 31 -17.96 1.82 20.53
CA GLY A 31 -16.70 1.10 20.78
C GLY A 31 -15.83 0.82 19.54
N ALA A 32 -16.14 1.43 18.38
CA ALA A 32 -15.48 1.18 17.10
C ALA A 32 -14.00 1.58 17.06
N GLY A 33 -13.28 1.00 16.09
CA GLY A 33 -11.99 1.53 15.63
C GLY A 33 -12.38 2.68 14.72
N ASN A 34 -12.92 2.35 13.54
CA ASN A 34 -13.59 3.14 12.52
C ASN A 34 -12.62 3.31 11.34
N SER A 35 -13.23 3.36 10.17
CA SER A 35 -12.65 3.56 8.84
C SER A 35 -11.53 4.60 8.72
N VAL A 36 -11.85 5.87 8.92
CA VAL A 36 -10.97 7.06 8.96
C VAL A 36 -9.72 6.87 9.86
N LEU A 37 -8.52 6.89 9.26
CA LEU A 37 -7.22 6.88 9.97
C LEU A 37 -6.41 8.18 9.77
N LEU A 38 -5.69 8.65 10.79
CA LEU A 38 -4.72 9.73 10.68
C LEU A 38 -3.34 9.18 10.29
N VAL A 39 -2.58 9.96 9.52
CA VAL A 39 -1.21 9.66 9.09
C VAL A 39 -0.29 10.79 9.49
N SER A 40 0.09 10.80 10.77
CA SER A 40 1.08 11.74 11.27
C SER A 40 2.50 11.23 11.00
N ASN A 41 3.44 12.18 10.93
CA ASN A 41 4.89 12.01 10.89
C ASN A 41 5.46 11.93 9.46
N LEU A 42 5.01 12.79 8.54
CA LEU A 42 5.51 12.82 7.16
C LEU A 42 6.89 13.49 7.05
N ASN A 43 7.50 13.30 5.88
CA ASN A 43 8.67 14.00 5.36
C ASN A 43 8.17 14.82 4.14
N PRO A 44 8.04 16.15 4.22
CA PRO A 44 7.48 17.01 3.16
C PRO A 44 8.10 16.89 1.75
N GLU A 45 9.24 16.22 1.61
CA GLU A 45 10.05 16.09 0.40
C GLU A 45 10.06 14.66 -0.15
N ARG A 46 9.31 13.74 0.47
CA ARG A 46 9.37 12.31 0.27
C ARG A 46 7.98 11.69 0.22
N VAL A 47 7.09 12.09 1.13
CA VAL A 47 5.71 11.58 1.15
C VAL A 47 4.92 12.03 -0.07
N THR A 48 4.03 11.15 -0.54
CA THR A 48 3.09 11.42 -1.62
C THR A 48 1.72 10.75 -1.37
N PRO A 49 0.63 11.23 -2.03
CA PRO A 49 -0.67 10.58 -2.01
C PRO A 49 -0.60 9.09 -2.38
N GLN A 50 0.20 8.73 -3.40
CA GLN A 50 0.34 7.35 -3.86
C GLN A 50 1.15 6.46 -2.93
N SER A 51 2.14 7.00 -2.21
CA SER A 51 2.94 6.26 -1.23
C SER A 51 2.08 5.72 -0.08
N LEU A 52 1.35 6.61 0.62
CA LEU A 52 0.47 6.19 1.70
C LEU A 52 -0.82 5.50 1.20
N PHE A 53 -1.22 5.71 -0.06
CA PHE A 53 -2.29 4.95 -0.71
C PHE A 53 -1.90 3.47 -0.80
N ILE A 54 -0.71 3.20 -1.36
CA ILE A 54 -0.24 1.84 -1.53
C ILE A 54 -0.18 1.09 -0.21
N LEU A 55 0.44 1.66 0.84
CA LEU A 55 0.56 0.83 2.06
C LEU A 55 -0.82 0.49 2.60
N PHE A 56 -1.60 1.52 2.89
CA PHE A 56 -2.94 1.36 3.42
C PHE A 56 -3.82 0.51 2.49
N GLY A 57 -3.53 0.52 1.18
CA GLY A 57 -4.30 -0.16 0.14
C GLY A 57 -3.92 -1.64 -0.01
N VAL A 58 -2.84 -2.07 0.63
CA VAL A 58 -2.47 -3.49 0.77
C VAL A 58 -2.77 -4.01 2.16
N TYR A 59 -2.76 -3.11 3.15
CA TYR A 59 -3.20 -3.31 4.53
C TYR A 59 -4.72 -3.23 4.74
N GLY A 60 -5.49 -2.89 3.69
CA GLY A 60 -6.95 -2.96 3.67
C GLY A 60 -7.52 -2.31 2.42
N ASP A 61 -8.85 -2.30 2.30
CA ASP A 61 -9.54 -1.52 1.27
C ASP A 61 -9.48 -0.01 1.60
N VAL A 62 -8.43 0.69 1.14
CA VAL A 62 -8.33 2.16 1.22
C VAL A 62 -9.46 2.80 0.39
N GLN A 63 -10.53 3.26 1.07
CA GLN A 63 -11.67 3.97 0.47
C GLN A 63 -11.17 5.19 -0.32
N ARG A 64 -10.58 6.11 0.42
CA ARG A 64 -10.15 7.47 0.07
C ARG A 64 -8.95 7.88 0.92
N VAL A 65 -8.37 9.01 0.56
CA VAL A 65 -7.18 9.61 1.16
C VAL A 65 -7.32 11.12 1.10
N LYS A 66 -6.70 11.84 2.04
CA LYS A 66 -6.44 13.28 2.12
C LYS A 66 -5.01 13.53 2.57
N ILE A 67 -4.57 14.75 2.28
CA ILE A 67 -3.26 15.29 2.69
C ILE A 67 -3.43 16.72 3.22
N LEU A 68 -2.63 17.15 4.21
CA LEU A 68 -2.71 18.54 4.69
C LEU A 68 -2.02 19.51 3.71
N PHE A 69 -2.80 20.02 2.75
CA PHE A 69 -2.45 20.82 1.57
C PHE A 69 -1.10 21.56 1.63
N ASN A 70 -0.99 22.57 2.50
CA ASN A 70 0.18 23.46 2.62
C ASN A 70 1.16 23.04 3.75
N LYS A 71 0.78 22.08 4.61
CA LYS A 71 1.55 21.61 5.78
C LYS A 71 2.51 20.47 5.43
N LYS A 72 1.99 19.40 4.82
CA LYS A 72 2.74 18.18 4.38
C LYS A 72 3.56 17.47 5.47
N GLU A 73 3.17 17.62 6.74
CA GLU A 73 3.75 16.92 7.92
C GLU A 73 2.73 15.97 8.58
N ASN A 74 1.48 16.02 8.11
CA ASN A 74 0.41 15.08 8.40
C ASN A 74 -0.38 14.80 7.10
N ALA A 75 -0.94 13.61 7.02
CA ALA A 75 -1.93 13.16 6.05
C ALA A 75 -3.15 12.59 6.81
N LEU A 76 -4.25 12.32 6.12
CA LEU A 76 -5.49 11.79 6.66
C LEU A 76 -6.05 10.75 5.68
N VAL A 77 -6.07 9.49 6.06
CA VAL A 77 -6.47 8.36 5.21
C VAL A 77 -7.84 7.80 5.64
N GLN A 78 -8.46 7.00 4.79
CA GLN A 78 -9.78 6.43 5.03
C GLN A 78 -9.85 4.98 4.57
N MET A 79 -9.90 4.04 5.52
CA MET A 79 -10.03 2.59 5.28
C MET A 79 -11.49 2.18 5.18
N ALA A 80 -11.79 0.92 4.85
CA ALA A 80 -13.16 0.41 4.87
C ALA A 80 -13.80 0.48 6.27
N ASP A 81 -13.17 -0.10 7.31
CA ASP A 81 -13.67 0.00 8.71
C ASP A 81 -12.62 -0.45 9.74
N GLY A 82 -13.00 -0.56 11.01
CA GLY A 82 -12.27 -1.02 12.19
C GLY A 82 -11.60 -2.42 12.17
N ASN A 83 -11.28 -2.96 10.99
CA ASN A 83 -10.44 -4.14 10.77
C ASN A 83 -9.31 -3.75 9.82
N GLN A 84 -9.71 -3.16 8.68
CA GLN A 84 -8.88 -2.50 7.67
C GLN A 84 -8.05 -1.36 8.28
N ALA A 85 -8.72 -0.50 9.05
CA ALA A 85 -8.17 0.55 9.89
C ALA A 85 -7.13 0.02 10.90
N GLN A 86 -7.48 -1.05 11.63
CA GLN A 86 -6.61 -1.58 12.69
C GLN A 86 -5.33 -2.23 12.14
N LEU A 87 -5.40 -2.96 11.01
CA LEU A 87 -4.21 -3.49 10.35
C LEU A 87 -3.28 -2.38 9.93
N ALA A 88 -3.80 -1.43 9.17
CA ALA A 88 -2.97 -0.45 8.53
C ALA A 88 -2.13 0.27 9.58
N MET A 89 -2.73 0.75 10.68
CA MET A 89 -1.92 1.23 11.81
C MET A 89 -0.99 0.17 12.40
N SER A 90 -1.45 -1.06 12.63
CA SER A 90 -0.68 -2.21 13.15
C SER A 90 0.66 -2.40 12.44
N HIS A 91 0.65 -2.37 11.10
CA HIS A 91 1.82 -2.66 10.28
C HIS A 91 2.60 -1.40 9.88
N LEU A 92 1.97 -0.24 9.67
CA LEU A 92 2.66 1.01 9.43
C LEU A 92 3.47 1.46 10.64
N ASN A 93 3.06 1.11 11.86
CA ASN A 93 3.69 1.55 13.14
C ASN A 93 5.10 0.92 13.29
N GLY A 94 6.03 1.57 12.60
CA GLY A 94 7.48 1.34 12.51
C GLY A 94 7.91 0.76 11.17
N HIS A 95 7.12 0.99 10.12
CA HIS A 95 7.50 0.68 8.74
C HIS A 95 8.47 1.73 8.17
N LYS A 96 8.58 2.90 8.80
CA LYS A 96 9.46 4.05 8.47
C LYS A 96 9.81 4.07 6.98
N LEU A 97 8.73 4.22 6.22
CA LEU A 97 8.50 4.07 4.77
C LEU A 97 9.60 4.74 3.93
N HIS A 98 9.78 6.02 4.20
CA HIS A 98 10.79 6.91 3.59
C HIS A 98 11.92 7.21 4.59
N GLY A 99 11.75 6.73 5.84
CA GLY A 99 12.76 6.65 6.87
C GLY A 99 12.76 7.79 7.87
N LYS A 100 11.59 7.92 8.52
CA LYS A 100 11.32 8.76 9.68
C LYS A 100 10.43 7.96 10.65
N PRO A 101 10.63 8.06 11.98
CA PRO A 101 9.90 7.23 12.96
C PRO A 101 8.42 7.65 13.02
N ILE A 102 7.57 6.92 12.30
CA ILE A 102 6.14 7.18 12.03
C ILE A 102 5.21 7.49 13.23
N ARG A 103 3.97 7.92 12.96
CA ARG A 103 2.87 7.98 13.95
C ARG A 103 1.50 7.87 13.24
N ILE A 104 1.18 6.69 12.71
CA ILE A 104 -0.15 6.41 12.16
C ILE A 104 -1.06 6.07 13.33
N THR A 105 -2.22 6.71 13.41
CA THR A 105 -3.20 6.52 14.48
C THR A 105 -4.63 6.65 13.92
N LEU A 106 -5.65 6.46 14.75
CA LEU A 106 -7.06 6.73 14.40
C LEU A 106 -7.42 8.23 14.34
N SER A 107 -8.46 8.56 13.56
CA SER A 107 -9.10 9.91 13.50
C SER A 107 -10.46 9.99 14.21
N LYS A 108 -11.29 8.93 14.12
CA LYS A 108 -12.69 8.84 14.59
C LYS A 108 -13.56 10.09 14.29
N HIS A 109 -13.73 10.40 13.00
CA HIS A 109 -14.53 11.54 12.52
C HIS A 109 -15.29 11.24 11.21
N GLN A 110 -16.52 10.70 11.35
CA GLN A 110 -17.48 10.34 10.28
C GLN A 110 -16.79 9.82 8.99
N ASN A 111 -16.83 10.57 7.88
CA ASN A 111 -16.03 10.40 6.66
C ASN A 111 -16.13 11.65 5.76
N VAL A 112 -15.40 11.58 4.65
CA VAL A 112 -15.34 12.62 3.60
C VAL A 112 -16.35 12.36 2.47
N GLN A 113 -16.77 13.43 1.80
CA GLN A 113 -17.55 13.42 0.56
C GLN A 113 -16.90 14.40 -0.45
N LEU A 114 -16.06 13.88 -1.35
CA LEU A 114 -15.31 14.63 -2.37
C LEU A 114 -16.22 15.56 -3.21
N PRO A 115 -15.94 16.88 -3.30
CA PRO A 115 -16.75 17.82 -4.09
C PRO A 115 -16.60 17.58 -5.59
N ARG A 116 -15.39 17.75 -6.16
CA ARG A 116 -15.04 17.40 -7.54
C ARG A 116 -13.54 17.16 -7.73
N GLU A 117 -13.24 16.68 -8.92
CA GLU A 117 -11.91 16.32 -9.41
C GLU A 117 -11.03 17.54 -9.73
N GLY A 118 -11.68 18.66 -10.04
CA GLY A 118 -11.07 19.97 -10.30
C GLY A 118 -10.92 20.81 -9.04
N GLN A 119 -11.38 20.29 -7.91
CA GLN A 119 -11.56 21.04 -6.67
C GLN A 119 -10.67 20.53 -5.53
N GLU A 120 -10.71 19.23 -5.24
CA GLU A 120 -9.99 18.61 -4.12
C GLU A 120 -9.05 17.45 -4.53
N ASP A 121 -9.41 16.69 -5.57
CA ASP A 121 -8.56 15.61 -6.12
C ASP A 121 -7.21 16.13 -6.70
N GLN A 122 -7.08 17.45 -6.83
CA GLN A 122 -5.94 18.19 -7.36
C GLN A 122 -4.60 17.99 -6.59
N GLY A 123 -4.63 17.45 -5.37
CA GLY A 123 -3.41 17.18 -4.56
C GLY A 123 -3.59 17.09 -3.04
N LEU A 124 -4.82 17.13 -2.53
CA LEU A 124 -5.19 17.06 -1.11
C LEU A 124 -5.86 15.69 -0.93
N THR A 125 -7.19 15.65 -1.00
CA THR A 125 -8.06 14.48 -1.18
C THR A 125 -7.72 13.65 -2.43
N LYS A 126 -8.12 12.37 -2.41
CA LYS A 126 -8.16 11.38 -3.49
C LYS A 126 -9.31 10.39 -3.27
N ASP A 127 -9.91 9.90 -4.36
CA ASP A 127 -10.87 8.80 -4.37
C ASP A 127 -10.37 7.63 -5.22
N TYR A 128 -9.91 6.58 -4.53
CA TYR A 128 -9.40 5.33 -5.11
C TYR A 128 -10.50 4.24 -5.25
N GLY A 129 -11.77 4.54 -5.01
CA GLY A 129 -12.89 3.58 -5.01
C GLY A 129 -13.26 2.97 -6.37
N ASN A 130 -12.54 3.35 -7.43
CA ASN A 130 -12.75 2.96 -8.83
C ASN A 130 -11.48 2.42 -9.54
N SER A 131 -10.33 2.37 -8.85
CA SER A 131 -9.01 2.05 -9.44
C SER A 131 -8.92 0.63 -10.01
N PRO A 132 -8.15 0.41 -11.12
CA PRO A 132 -8.03 -0.87 -11.82
C PRO A 132 -7.15 -1.92 -11.12
N LEU A 133 -6.65 -1.64 -9.91
CA LEU A 133 -5.81 -2.52 -9.10
C LEU A 133 -6.62 -3.53 -8.26
N HIS A 134 -7.81 -3.14 -7.79
CA HIS A 134 -8.75 -3.92 -6.96
C HIS A 134 -8.24 -4.43 -5.59
N ARG A 135 -6.93 -4.29 -5.29
CA ARG A 135 -6.23 -4.50 -3.98
C ARG A 135 -6.16 -5.95 -3.49
N PHE A 136 -7.26 -6.67 -3.59
CA PHE A 136 -7.51 -8.00 -3.02
C PHE A 136 -8.13 -8.95 -4.04
N LYS A 137 -9.43 -8.80 -4.34
CA LYS A 137 -10.26 -9.68 -5.20
C LYS A 137 -10.04 -11.19 -4.93
N LYS A 138 -9.88 -11.56 -3.66
CA LYS A 138 -9.57 -12.90 -3.14
C LYS A 138 -10.74 -13.90 -3.31
N PRO A 139 -10.48 -15.23 -3.23
CA PRO A 139 -11.54 -16.25 -3.23
C PRO A 139 -12.40 -16.23 -1.94
N GLY A 140 -11.88 -15.66 -0.85
CA GLY A 140 -12.58 -15.35 0.39
C GLY A 140 -11.87 -14.25 1.19
N SER A 141 -12.56 -13.61 2.12
CA SER A 141 -12.02 -12.49 2.91
C SER A 141 -10.90 -12.90 3.90
N LYS A 142 -10.84 -14.19 4.27
CA LYS A 142 -9.84 -14.77 5.18
C LYS A 142 -8.41 -14.83 4.62
N ASN A 143 -8.23 -14.65 3.31
CA ASN A 143 -6.94 -14.73 2.60
C ASN A 143 -6.03 -13.49 2.82
N PHE A 144 -5.83 -13.07 4.06
CA PHE A 144 -4.93 -11.97 4.48
C PHE A 144 -3.43 -12.26 4.30
N GLN A 145 -3.06 -13.41 3.72
CA GLN A 145 -1.69 -13.68 3.23
C GLN A 145 -1.30 -12.73 2.07
N ASN A 146 -2.26 -11.98 1.50
CA ASN A 146 -2.14 -10.87 0.57
C ASN A 146 -1.32 -9.67 1.09
N ILE A 147 -1.13 -9.67 2.40
CA ILE A 147 -0.65 -8.56 3.23
C ILE A 147 0.73 -8.89 3.81
N PHE A 148 0.79 -9.70 4.87
CA PHE A 148 1.94 -9.98 5.73
C PHE A 148 2.48 -8.71 6.45
N PRO A 149 3.05 -8.81 7.68
CA PRO A 149 3.72 -7.67 8.29
C PRO A 149 4.95 -7.19 7.48
N PRO A 150 5.47 -5.96 7.74
CA PRO A 150 6.51 -5.32 6.92
C PRO A 150 7.74 -6.21 6.62
N SER A 151 8.18 -6.28 5.36
CA SER A 151 9.31 -7.12 4.95
C SER A 151 10.09 -6.61 3.75
N ALA A 152 11.32 -7.11 3.70
CA ALA A 152 12.24 -7.00 2.58
C ALA A 152 11.82 -7.88 1.39
N THR A 153 11.09 -8.98 1.59
CA THR A 153 10.54 -9.82 0.50
C THR A 153 9.31 -9.15 -0.11
N LEU A 154 9.31 -9.00 -1.43
CA LEU A 154 8.15 -8.56 -2.22
C LEU A 154 7.73 -9.58 -3.29
N HIS A 155 6.43 -9.82 -3.31
CA HIS A 155 5.65 -10.58 -4.27
C HIS A 155 5.49 -9.71 -5.49
N LEU A 156 5.78 -10.24 -6.67
CA LEU A 156 5.59 -9.63 -7.99
C LEU A 156 4.56 -10.50 -8.75
N SER A 157 3.81 -9.95 -9.70
CA SER A 157 2.85 -10.71 -10.53
C SER A 157 2.37 -9.90 -11.74
N ASN A 158 1.59 -10.57 -12.60
CA ASN A 158 0.99 -10.06 -13.82
C ASN A 158 2.05 -9.70 -14.88
N ILE A 159 2.92 -10.68 -15.13
CA ILE A 159 4.12 -10.63 -15.97
C ILE A 159 3.87 -11.32 -17.35
N PRO A 160 3.76 -10.57 -18.47
CA PRO A 160 3.61 -11.17 -19.80
C PRO A 160 4.90 -11.89 -20.25
N PRO A 161 4.86 -12.73 -21.31
CA PRO A 161 6.02 -13.39 -21.91
C PRO A 161 6.90 -12.39 -22.69
N SER A 162 7.54 -11.49 -21.95
CA SER A 162 8.43 -10.40 -22.37
C SER A 162 9.32 -9.97 -21.20
N VAL A 163 8.80 -10.02 -19.96
CA VAL A 163 9.56 -9.82 -18.73
C VAL A 163 10.30 -11.10 -18.34
N SER A 164 11.61 -11.01 -18.12
CA SER A 164 12.43 -12.08 -17.53
C SER A 164 12.74 -11.78 -16.07
N GLU A 165 13.27 -12.76 -15.34
CA GLU A 165 13.83 -12.62 -13.99
C GLU A 165 14.80 -11.43 -13.89
N GLU A 166 15.60 -11.21 -14.93
CA GLU A 166 16.47 -10.06 -15.09
C GLU A 166 15.66 -8.79 -15.26
N ASP A 167 14.87 -8.61 -16.32
CA ASP A 167 14.17 -7.33 -16.57
C ASP A 167 13.29 -6.88 -15.41
N LEU A 168 12.77 -7.85 -14.66
CA LEU A 168 12.06 -7.68 -13.41
C LEU A 168 12.97 -7.14 -12.28
N LYS A 169 13.96 -7.91 -11.83
CA LYS A 169 15.01 -7.58 -10.87
C LYS A 169 15.71 -6.27 -11.20
N VAL A 170 15.99 -6.03 -12.48
CA VAL A 170 16.52 -4.81 -13.06
C VAL A 170 15.65 -3.61 -12.70
N LEU A 171 14.31 -3.69 -12.80
CA LEU A 171 13.47 -2.61 -12.27
C LEU A 171 13.75 -2.35 -10.79
N PHE A 172 13.72 -3.40 -9.97
CA PHE A 172 13.94 -3.34 -8.52
C PHE A 172 15.38 -2.97 -8.12
N SER A 173 16.31 -2.90 -9.08
CA SER A 173 17.72 -2.57 -8.91
C SER A 173 18.07 -1.22 -9.57
N SER A 174 17.15 -0.69 -10.36
CA SER A 174 17.26 0.59 -11.07
C SER A 174 16.78 1.73 -10.15
N ASN A 175 15.88 1.37 -9.23
CA ASN A 175 15.41 2.16 -8.10
C ASN A 175 16.50 2.59 -7.11
N GLY A 176 17.62 1.88 -7.13
CA GLY A 176 18.82 2.11 -6.32
C GLY A 176 19.41 0.75 -5.91
N GLY A 177 18.50 -0.16 -5.58
CA GLY A 177 18.67 -1.59 -5.37
C GLY A 177 19.48 -2.06 -4.17
N VAL A 178 19.25 -3.34 -3.92
CA VAL A 178 19.97 -4.25 -3.03
C VAL A 178 19.71 -5.70 -3.44
N VAL A 179 18.50 -6.01 -3.96
CA VAL A 179 18.07 -7.26 -4.62
C VAL A 179 18.86 -8.49 -4.16
N LYS A 180 18.62 -8.81 -2.89
CA LYS A 180 19.35 -9.75 -2.04
C LYS A 180 19.25 -11.17 -2.60
N GLY A 181 18.05 -11.53 -3.00
CA GLY A 181 17.73 -12.72 -3.77
C GLY A 181 16.64 -12.45 -4.81
N PHE A 182 16.41 -13.43 -5.67
CA PHE A 182 15.34 -13.46 -6.67
C PHE A 182 14.94 -14.91 -7.00
N LYS A 183 13.63 -15.17 -7.03
CA LYS A 183 12.95 -16.44 -7.35
C LYS A 183 11.64 -16.16 -8.10
N PHE A 184 10.94 -17.23 -8.48
CA PHE A 184 9.55 -17.17 -8.94
C PHE A 184 8.68 -18.02 -8.01
N PHE A 185 7.40 -17.71 -7.98
CA PHE A 185 6.34 -18.53 -7.39
C PHE A 185 6.28 -19.96 -7.97
N GLN A 186 5.37 -20.78 -7.44
CA GLN A 186 5.03 -22.13 -7.89
C GLN A 186 4.70 -22.27 -9.39
N LYS A 187 4.50 -23.51 -9.87
CA LYS A 187 4.38 -23.91 -11.30
C LYS A 187 3.37 -23.15 -12.16
N ASP A 188 2.42 -22.45 -11.57
CA ASP A 188 1.52 -21.50 -12.25
C ASP A 188 2.30 -20.35 -12.95
N ARG A 189 3.46 -19.97 -12.41
CA ARG A 189 4.51 -19.08 -12.96
C ARG A 189 4.00 -17.80 -13.66
N LYS A 190 3.05 -17.06 -13.05
CA LYS A 190 2.64 -15.69 -13.47
C LYS A 190 2.89 -14.65 -12.36
N MET A 191 3.61 -15.11 -11.34
CA MET A 191 4.06 -14.41 -10.15
C MET A 191 5.54 -14.69 -9.97
N ALA A 192 6.21 -13.70 -9.41
CA ALA A 192 7.63 -13.70 -9.14
C ALA A 192 7.87 -13.22 -7.72
N LEU A 193 9.10 -13.37 -7.25
CA LEU A 193 9.38 -13.17 -5.85
C LEU A 193 10.81 -12.67 -5.64
N ILE A 194 10.95 -11.40 -5.25
CA ILE A 194 12.21 -10.73 -5.04
C ILE A 194 12.40 -10.47 -3.56
N GLN A 195 13.65 -10.50 -3.08
CA GLN A 195 13.96 -10.03 -1.74
C GLN A 195 14.88 -8.83 -1.87
N MET A 196 14.40 -7.70 -1.38
CA MET A 196 15.17 -6.50 -1.14
C MET A 196 16.15 -6.70 0.03
N GLY A 197 16.98 -5.71 0.34
CA GLY A 197 17.92 -5.72 1.47
C GLY A 197 17.26 -5.35 2.81
N SER A 198 16.25 -4.48 2.78
CA SER A 198 15.37 -4.12 3.91
C SER A 198 14.03 -3.58 3.39
N VAL A 199 13.02 -3.39 4.27
CA VAL A 199 11.71 -2.93 3.78
C VAL A 199 11.77 -1.59 3.09
N GLU A 200 12.57 -0.65 3.60
CA GLU A 200 12.56 0.76 3.18
C GLU A 200 12.72 0.87 1.67
N GLU A 201 13.66 0.09 1.15
CA GLU A 201 13.86 -0.05 -0.29
C GLU A 201 12.77 -0.95 -0.92
N ALA A 202 12.38 -2.07 -0.28
CA ALA A 202 11.33 -2.99 -0.79
C ALA A 202 10.02 -2.24 -1.11
N VAL A 203 9.48 -1.57 -0.10
CA VAL A 203 8.27 -0.75 -0.16
C VAL A 203 8.40 0.38 -1.16
N GLN A 204 9.48 1.16 -1.12
CA GLN A 204 9.70 2.19 -2.14
C GLN A 204 9.68 1.65 -3.58
N ALA A 205 10.31 0.51 -3.84
CA ALA A 205 10.34 -0.19 -5.11
C ALA A 205 8.97 -0.81 -5.48
N LEU A 206 8.15 -1.17 -4.50
CA LEU A 206 6.75 -1.52 -4.67
C LEU A 206 5.96 -0.27 -5.10
N ILE A 207 6.09 0.84 -4.38
CA ILE A 207 5.37 2.07 -4.71
C ILE A 207 5.81 2.60 -6.08
N ASP A 208 7.02 2.23 -6.52
CA ASP A 208 7.54 2.44 -7.85
C ASP A 208 6.87 1.57 -8.91
N LEU A 209 6.92 0.23 -8.75
CA LEU A 209 6.56 -0.74 -9.76
C LEU A 209 5.12 -1.24 -9.73
N HIS A 210 4.34 -0.98 -8.69
CA HIS A 210 2.91 -1.28 -8.71
C HIS A 210 2.17 -0.45 -9.77
N ASN A 211 1.67 -1.16 -10.77
CA ASN A 211 0.97 -0.63 -11.95
C ASN A 211 1.90 0.18 -12.88
N HIS A 212 3.14 -0.31 -13.08
CA HIS A 212 4.19 0.24 -13.96
C HIS A 212 3.80 0.43 -15.46
N ASP A 213 2.57 0.11 -15.85
CA ASP A 213 1.97 0.37 -17.16
C ASP A 213 2.78 -0.22 -18.32
N LEU A 214 2.86 -1.57 -18.36
CA LEU A 214 3.40 -2.29 -19.51
C LEU A 214 2.52 -2.05 -20.75
N GLY A 215 1.20 -2.06 -20.53
CA GLY A 215 0.17 -1.80 -21.52
C GLY A 215 -0.87 -2.91 -21.59
N GLU A 216 -1.92 -2.68 -22.39
CA GLU A 216 -3.04 -3.58 -22.66
C GLU A 216 -3.52 -4.38 -21.46
N ASN A 217 -3.54 -3.74 -20.29
CA ASN A 217 -3.95 -4.27 -18.99
C ASN A 217 -3.00 -5.31 -18.36
N HIS A 218 -1.90 -5.68 -19.04
CA HIS A 218 -0.80 -6.48 -18.50
C HIS A 218 0.10 -5.72 -17.51
N HIS A 219 -0.43 -4.68 -16.87
CA HIS A 219 0.29 -3.77 -15.98
C HIS A 219 0.73 -4.52 -14.70
N LEU A 220 1.91 -4.17 -14.20
CA LEU A 220 2.61 -4.89 -13.12
C LEU A 220 1.87 -4.83 -11.77
N ARG A 221 1.91 -5.92 -11.00
CA ARG A 221 1.27 -6.13 -9.69
C ARG A 221 2.36 -6.55 -8.70
N VAL A 222 2.18 -6.21 -7.44
CA VAL A 222 3.20 -6.31 -6.38
C VAL A 222 2.55 -6.25 -5.00
N SER A 223 3.21 -6.82 -4.00
CA SER A 223 2.92 -6.65 -2.58
C SER A 223 4.11 -7.11 -1.73
N PHE A 224 3.99 -7.05 -0.41
CA PHE A 224 4.93 -7.74 0.49
C PHE A 224 4.67 -9.25 0.41
N SER A 225 5.62 -10.07 0.86
CA SER A 225 5.43 -11.52 0.95
C SER A 225 5.83 -12.15 2.29
N LYS A 226 5.08 -13.19 2.66
CA LYS A 226 5.33 -14.15 3.75
C LYS A 226 6.53 -15.06 3.48
N SER A 227 6.89 -15.25 2.20
CA SER A 227 8.01 -16.09 1.75
C SER A 227 9.36 -15.39 1.95
N THR A 228 10.44 -16.14 1.69
CA THR A 228 11.83 -15.68 1.59
C THR A 228 12.59 -16.42 0.49
N ILE A 229 13.90 -16.15 0.38
CA ILE A 229 14.80 -16.61 -0.69
C ILE A 229 15.97 -17.43 -0.15
N GLY A 22 -15.28 -9.71 31.71
CA GLY A 22 -16.53 -9.91 30.94
C GLY A 22 -17.04 -8.60 30.34
N ARG A 23 -18.37 -8.45 30.26
CA ARG A 23 -19.14 -7.30 29.72
C ARG A 23 -18.51 -6.58 28.51
N ILE A 24 -17.71 -5.54 28.75
CA ILE A 24 -17.10 -4.68 27.71
C ILE A 24 -15.91 -5.32 26.98
N ALA A 25 -15.35 -6.42 27.51
CA ALA A 25 -14.29 -7.26 26.91
C ALA A 25 -12.95 -6.54 26.56
N ILE A 26 -12.71 -5.34 27.09
CA ILE A 26 -11.50 -4.52 26.89
C ILE A 26 -11.12 -3.81 28.21
N PRO A 27 -9.82 -3.58 28.51
CA PRO A 27 -9.38 -2.86 29.74
C PRO A 27 -9.89 -1.41 29.89
N GLY A 28 -10.46 -0.80 28.84
CA GLY A 28 -10.95 0.58 28.80
C GLY A 28 -9.92 1.60 28.31
N LEU A 29 -8.64 1.21 28.19
CA LEU A 29 -7.55 1.99 27.59
C LEU A 29 -7.62 2.04 26.04
N ALA A 30 -8.42 1.15 25.44
CA ALA A 30 -8.60 0.98 24.00
C ALA A 30 -10.07 0.61 23.65
N GLY A 31 -10.36 0.36 22.37
CA GLY A 31 -11.67 -0.09 21.87
C GLY A 31 -12.14 0.55 20.55
N ALA A 32 -11.41 1.53 20.01
CA ALA A 32 -11.70 2.19 18.74
C ALA A 32 -11.53 1.27 17.49
N GLY A 33 -11.93 1.76 16.33
CA GLY A 33 -12.01 1.01 15.06
C GLY A 33 -13.15 1.58 14.20
N ASN A 34 -12.82 2.53 13.32
CA ASN A 34 -13.79 3.40 12.64
C ASN A 34 -13.28 3.90 11.26
N SER A 35 -12.84 2.98 10.40
CA SER A 35 -12.32 3.21 9.03
C SER A 35 -11.19 4.24 8.88
N VAL A 36 -11.53 5.52 8.82
CA VAL A 36 -10.67 6.73 8.89
C VAL A 36 -9.37 6.55 9.70
N LEU A 37 -8.21 6.60 9.03
CA LEU A 37 -6.87 6.54 9.64
C LEU A 37 -6.04 7.80 9.36
N LEU A 38 -5.56 8.48 10.39
CA LEU A 38 -4.57 9.53 10.28
C LEU A 38 -3.19 8.93 9.95
N VAL A 39 -2.41 9.68 9.17
CA VAL A 39 -1.01 9.37 8.85
C VAL A 39 -0.16 10.58 9.22
N SER A 40 0.36 10.54 10.45
CA SER A 40 1.28 11.53 10.97
C SER A 40 2.75 11.12 10.77
N ASN A 41 3.63 12.08 11.04
CA ASN A 41 5.10 12.12 10.89
C ASN A 41 5.59 12.60 9.49
N LEU A 42 4.70 12.67 8.50
CA LEU A 42 4.90 12.92 7.07
C LEU A 42 6.08 13.84 6.67
N ASN A 43 7.14 13.29 6.06
CA ASN A 43 8.20 14.05 5.38
C ASN A 43 7.57 14.76 4.14
N PRO A 44 7.40 16.10 4.13
CA PRO A 44 6.63 16.81 3.10
C PRO A 44 7.31 16.84 1.72
N GLU A 45 8.55 16.35 1.60
CA GLU A 45 9.36 16.32 0.38
C GLU A 45 9.48 14.92 -0.22
N ARG A 46 8.89 13.89 0.42
CA ARG A 46 9.15 12.48 0.18
C ARG A 46 7.84 11.71 0.07
N VAL A 47 6.92 11.93 1.02
CA VAL A 47 5.62 11.26 1.03
C VAL A 47 4.70 11.81 -0.06
N THR A 48 3.88 10.94 -0.65
CA THR A 48 2.86 11.34 -1.62
C THR A 48 1.52 10.63 -1.35
N PRO A 49 0.41 11.09 -1.96
CA PRO A 49 -0.86 10.36 -1.94
C PRO A 49 -0.71 8.92 -2.47
N GLN A 50 0.12 8.68 -3.49
CA GLN A 50 0.28 7.33 -4.04
C GLN A 50 1.13 6.40 -3.17
N SER A 51 2.16 6.93 -2.50
CA SER A 51 3.01 6.10 -1.62
C SER A 51 2.22 5.52 -0.45
N LEU A 52 1.48 6.39 0.27
CA LEU A 52 0.59 5.96 1.34
C LEU A 52 -0.62 5.16 0.81
N PHE A 53 -1.05 5.39 -0.44
CA PHE A 53 -2.13 4.62 -1.10
C PHE A 53 -1.74 3.16 -1.13
N ILE A 54 -0.55 2.89 -1.67
CA ILE A 54 -0.02 1.54 -1.82
C ILE A 54 -0.01 0.82 -0.47
N LEU A 55 0.58 1.39 0.58
CA LEU A 55 0.71 0.57 1.81
C LEU A 55 -0.68 0.19 2.33
N PHE A 56 -1.51 1.20 2.57
CA PHE A 56 -2.86 1.02 3.06
C PHE A 56 -3.67 0.13 2.11
N GLY A 57 -3.40 0.19 0.81
CA GLY A 57 -4.14 -0.48 -0.25
C GLY A 57 -3.72 -1.94 -0.45
N VAL A 58 -2.68 -2.38 0.27
CA VAL A 58 -2.28 -3.79 0.36
C VAL A 58 -2.58 -4.34 1.76
N TYR A 59 -2.69 -3.47 2.76
CA TYR A 59 -3.15 -3.72 4.13
C TYR A 59 -4.68 -3.63 4.32
N GLY A 60 -5.41 -3.30 3.26
CA GLY A 60 -6.87 -3.34 3.17
C GLY A 60 -7.39 -2.66 1.89
N ASP A 61 -8.71 -2.53 1.75
CA ASP A 61 -9.33 -1.71 0.71
C ASP A 61 -9.31 -0.23 1.13
N VAL A 62 -8.34 0.56 0.62
CA VAL A 62 -8.23 1.99 0.95
C VAL A 62 -9.36 2.80 0.28
N GLN A 63 -10.42 3.09 1.05
CA GLN A 63 -11.63 3.81 0.60
C GLN A 63 -11.26 5.16 -0.05
N ARG A 64 -10.56 5.99 0.72
CA ARG A 64 -10.18 7.36 0.39
C ARG A 64 -8.80 7.64 0.97
N VAL A 65 -8.19 8.68 0.44
CA VAL A 65 -7.00 9.37 0.91
C VAL A 65 -7.22 10.88 0.81
N LYS A 66 -6.79 11.64 1.81
CA LYS A 66 -6.65 13.11 1.83
C LYS A 66 -5.23 13.45 2.25
N ILE A 67 -4.78 14.58 1.76
CA ILE A 67 -3.40 15.03 1.87
C ILE A 67 -3.36 16.54 2.18
N LEU A 68 -2.79 16.96 3.33
CA LEU A 68 -2.37 18.32 3.75
C LEU A 68 -2.71 19.66 3.02
N PHE A 69 -2.90 19.71 1.70
CA PHE A 69 -3.04 20.90 0.83
C PHE A 69 -1.78 21.80 0.79
N ASN A 70 -1.52 22.57 1.85
CA ASN A 70 -0.44 23.58 1.95
C ASN A 70 0.29 23.53 3.31
N LYS A 71 0.12 22.42 4.05
CA LYS A 71 0.54 22.20 5.45
C LYS A 71 1.72 21.19 5.52
N LYS A 72 1.98 20.55 6.67
CA LYS A 72 3.08 19.61 6.96
C LYS A 72 2.64 18.46 7.88
N GLU A 73 3.32 17.32 7.79
CA GLU A 73 3.29 16.15 8.69
C GLU A 73 1.95 15.40 8.88
N ASN A 74 0.89 15.67 8.10
CA ASN A 74 -0.49 15.17 8.35
C ASN A 74 -1.30 14.82 7.07
N ALA A 75 -1.11 13.61 6.57
CA ALA A 75 -2.02 13.04 5.58
C ALA A 75 -3.18 12.37 6.34
N LEU A 76 -4.40 12.43 5.80
CA LEU A 76 -5.61 11.87 6.39
C LEU A 76 -6.24 10.80 5.48
N VAL A 77 -5.98 9.54 5.78
CA VAL A 77 -6.39 8.38 4.98
C VAL A 77 -7.69 7.74 5.50
N GLN A 78 -8.27 6.85 4.71
CA GLN A 78 -9.52 6.15 5.03
C GLN A 78 -9.46 4.68 4.60
N MET A 79 -9.39 3.77 5.58
CA MET A 79 -9.49 2.32 5.33
C MET A 79 -10.95 1.90 5.18
N ALA A 80 -11.24 0.63 4.89
CA ALA A 80 -12.61 0.12 4.87
C ALA A 80 -13.30 0.17 6.24
N ASP A 81 -12.70 -0.43 7.29
CA ASP A 81 -13.26 -0.41 8.65
C ASP A 81 -12.23 -0.83 9.72
N GLY A 82 -12.64 -0.94 10.99
CA GLY A 82 -11.90 -1.39 12.17
C GLY A 82 -11.23 -2.78 12.15
N ASN A 83 -10.98 -3.38 10.98
CA ASN A 83 -10.16 -4.56 10.76
C ASN A 83 -9.01 -4.18 9.81
N GLN A 84 -9.38 -3.54 8.70
CA GLN A 84 -8.51 -2.91 7.70
C GLN A 84 -7.67 -1.79 8.34
N ALA A 85 -8.35 -0.89 9.05
CA ALA A 85 -7.81 0.20 9.86
C ALA A 85 -6.81 -0.30 10.91
N GLN A 86 -7.17 -1.37 11.63
CA GLN A 86 -6.28 -2.00 12.62
C GLN A 86 -5.01 -2.56 11.98
N LEU A 87 -5.12 -3.27 10.85
CA LEU A 87 -3.98 -3.79 10.12
C LEU A 87 -3.04 -2.70 9.68
N ALA A 88 -3.57 -1.75 8.91
CA ALA A 88 -2.75 -0.79 8.26
C ALA A 88 -1.93 -0.06 9.31
N MET A 89 -2.53 0.39 10.43
CA MET A 89 -1.73 0.90 11.56
C MET A 89 -0.75 -0.13 12.14
N SER A 90 -1.19 -1.38 12.36
CA SER A 90 -0.38 -2.52 12.86
C SER A 90 0.93 -2.69 12.07
N HIS A 91 0.87 -2.57 10.74
CA HIS A 91 1.96 -2.89 9.84
C HIS A 91 2.74 -1.64 9.38
N LEU A 92 2.09 -0.48 9.24
CA LEU A 92 2.75 0.79 9.02
C LEU A 92 3.61 1.19 10.22
N ASN A 93 3.23 0.83 11.44
CA ASN A 93 3.87 1.38 12.64
C ASN A 93 5.38 1.03 12.75
N GLY A 94 6.21 1.98 12.32
CA GLY A 94 7.66 1.86 12.15
C GLY A 94 8.12 1.35 10.77
N HIS A 95 7.33 1.50 9.69
CA HIS A 95 7.68 0.95 8.37
C HIS A 95 8.75 1.77 7.64
N LYS A 96 9.17 2.94 8.18
CA LYS A 96 10.18 3.86 7.61
C LYS A 96 10.17 3.86 6.07
N LEU A 97 8.97 4.08 5.53
CA LEU A 97 8.66 4.31 4.13
C LEU A 97 9.50 5.52 3.69
N HIS A 98 10.38 5.31 2.73
CA HIS A 98 11.44 6.24 2.29
C HIS A 98 12.51 6.40 3.39
N GLY A 99 12.06 6.73 4.61
CA GLY A 99 12.82 6.61 5.85
C GLY A 99 12.67 7.72 6.88
N LYS A 100 11.59 7.63 7.67
CA LYS A 100 11.36 8.41 8.91
C LYS A 100 10.60 7.56 9.95
N PRO A 101 10.66 7.83 11.28
CA PRO A 101 9.99 7.05 12.33
C PRO A 101 8.47 7.32 12.38
N ILE A 102 7.71 6.62 11.54
CA ILE A 102 6.30 6.93 11.20
C ILE A 102 5.26 6.71 12.30
N ARG A 103 4.10 7.39 12.19
CA ARG A 103 3.08 7.39 13.25
C ARG A 103 1.66 7.51 12.69
N ILE A 104 1.06 6.35 12.46
CA ILE A 104 -0.30 6.14 11.96
C ILE A 104 -1.19 5.75 13.12
N THR A 105 -2.38 6.36 13.22
CA THR A 105 -3.38 6.10 14.25
C THR A 105 -4.80 6.29 13.70
N LEU A 106 -5.83 5.86 14.44
CA LEU A 106 -7.22 6.20 14.11
C LEU A 106 -7.51 7.69 14.35
N SER A 107 -8.41 8.25 13.54
CA SER A 107 -9.01 9.57 13.74
C SER A 107 -10.53 9.45 13.59
N LYS A 108 -11.27 9.58 14.69
CA LYS A 108 -12.72 9.32 14.78
C LYS A 108 -13.62 10.34 14.06
N HIS A 109 -13.04 11.16 13.17
CA HIS A 109 -13.72 12.07 12.24
C HIS A 109 -14.71 11.32 11.31
N GLN A 110 -15.62 12.06 10.65
CA GLN A 110 -16.58 11.52 9.69
C GLN A 110 -15.94 10.95 8.42
N ASN A 111 -16.71 10.18 7.64
CA ASN A 111 -16.32 9.73 6.31
C ASN A 111 -16.30 10.91 5.31
N VAL A 112 -15.52 10.76 4.24
CA VAL A 112 -15.54 11.69 3.11
C VAL A 112 -16.85 11.58 2.33
N GLN A 113 -17.22 12.64 1.62
CA GLN A 113 -18.27 12.70 0.60
C GLN A 113 -17.79 13.59 -0.55
N LEU A 114 -16.74 13.08 -1.21
CA LEU A 114 -16.05 13.49 -2.43
C LEU A 114 -16.51 14.84 -3.06
N PRO A 115 -15.85 15.97 -2.74
CA PRO A 115 -16.02 17.25 -3.41
C PRO A 115 -15.73 17.24 -4.92
N ARG A 116 -16.13 18.30 -5.64
CA ARG A 116 -16.10 18.34 -7.12
C ARG A 116 -14.78 18.84 -7.71
N GLU A 117 -14.69 18.59 -9.01
CA GLU A 117 -13.54 18.75 -9.88
C GLU A 117 -13.20 20.23 -10.15
N GLY A 118 -14.21 21.09 -10.11
CA GLY A 118 -14.16 22.53 -10.36
C GLY A 118 -14.24 23.36 -9.09
N GLN A 119 -14.16 22.71 -7.92
CA GLN A 119 -14.44 23.30 -6.62
C GLN A 119 -13.29 23.09 -5.62
N GLU A 120 -12.93 21.84 -5.35
CA GLU A 120 -12.03 21.37 -4.31
C GLU A 120 -11.19 20.21 -4.89
N ASP A 121 -10.12 20.63 -5.56
CA ASP A 121 -9.25 19.83 -6.41
C ASP A 121 -8.81 18.49 -5.81
N GLN A 122 -9.00 17.42 -6.60
CA GLN A 122 -8.74 16.01 -6.27
C GLN A 122 -7.24 15.62 -6.17
N GLY A 123 -6.39 16.56 -5.73
CA GLY A 123 -4.98 16.35 -5.36
C GLY A 123 -4.73 16.34 -3.84
N LEU A 124 -5.69 16.87 -3.06
CA LEU A 124 -5.83 16.79 -1.61
C LEU A 124 -6.48 15.41 -1.36
N THR A 125 -7.80 15.38 -1.37
CA THR A 125 -8.71 14.22 -1.46
C THR A 125 -8.50 13.38 -2.73
N LYS A 126 -8.74 12.06 -2.60
CA LYS A 126 -8.75 11.00 -3.62
C LYS A 126 -9.72 9.89 -3.24
N ASP A 127 -10.51 9.41 -4.20
CA ASP A 127 -11.32 8.20 -4.08
C ASP A 127 -10.56 7.00 -4.64
N TYR A 128 -9.77 6.35 -3.78
CA TYR A 128 -9.06 5.11 -4.16
C TYR A 128 -9.93 3.84 -4.14
N GLY A 129 -11.15 3.89 -3.58
CA GLY A 129 -12.03 2.74 -3.32
C GLY A 129 -12.53 1.96 -4.55
N ASN A 130 -12.15 2.37 -5.76
CA ASN A 130 -12.43 1.74 -7.04
C ASN A 130 -11.17 1.14 -7.73
N SER A 131 -9.98 1.32 -7.17
CA SER A 131 -8.67 1.01 -7.80
C SER A 131 -8.47 -0.50 -8.09
N PRO A 132 -8.27 -0.92 -9.36
CA PRO A 132 -7.95 -2.31 -9.73
C PRO A 132 -6.66 -2.90 -9.13
N LEU A 133 -5.85 -2.09 -8.44
CA LEU A 133 -4.58 -2.46 -7.80
C LEU A 133 -4.75 -3.05 -6.40
N HIS A 134 -5.92 -2.86 -5.79
CA HIS A 134 -6.25 -3.42 -4.47
C HIS A 134 -6.26 -4.95 -4.51
N ARG A 135 -5.36 -5.58 -3.73
CA ARG A 135 -5.08 -7.03 -3.77
C ARG A 135 -6.21 -7.93 -3.24
N PHE A 136 -7.31 -7.37 -2.73
CA PHE A 136 -8.52 -8.07 -2.29
C PHE A 136 -9.78 -7.58 -3.02
N LYS A 137 -10.70 -8.51 -3.28
CA LYS A 137 -12.09 -8.27 -3.72
C LYS A 137 -13.11 -9.17 -2.99
N LYS A 138 -12.68 -9.80 -1.89
CA LYS A 138 -13.34 -10.87 -1.13
C LYS A 138 -14.70 -10.43 -0.53
N PRO A 139 -15.66 -11.36 -0.34
CA PRO A 139 -17.01 -11.04 0.11
C PRO A 139 -17.13 -10.70 1.61
N GLY A 140 -16.14 -11.10 2.44
CA GLY A 140 -16.17 -10.91 3.90
C GLY A 140 -14.80 -10.70 4.57
N SER A 141 -13.74 -10.44 3.80
CA SER A 141 -12.33 -10.24 4.25
C SER A 141 -11.69 -11.40 5.05
N LYS A 142 -12.36 -12.55 5.22
CA LYS A 142 -11.90 -13.68 6.06
C LYS A 142 -10.56 -14.29 5.59
N ASN A 143 -10.23 -14.15 4.31
CA ASN A 143 -8.99 -14.62 3.66
C ASN A 143 -7.74 -13.74 3.94
N PHE A 144 -7.86 -12.67 4.71
CA PHE A 144 -6.75 -11.78 5.14
C PHE A 144 -5.65 -12.55 5.92
N GLN A 145 -4.64 -13.05 5.20
CA GLN A 145 -3.41 -13.67 5.77
C GLN A 145 -2.16 -13.46 4.91
N ASN A 146 -2.29 -13.39 3.57
CA ASN A 146 -1.20 -13.29 2.60
C ASN A 146 -0.46 -11.93 2.55
N ILE A 147 -1.09 -10.95 3.16
CA ILE A 147 -0.76 -9.53 3.47
C ILE A 147 0.70 -9.35 3.85
N PHE A 148 1.05 -10.01 4.96
CA PHE A 148 2.36 -10.13 5.59
C PHE A 148 2.98 -8.79 6.11
N PRO A 149 3.50 -8.74 7.35
CA PRO A 149 4.08 -7.52 7.91
C PRO A 149 5.36 -7.04 7.20
N PRO A 150 5.85 -5.81 7.48
CA PRO A 150 7.02 -5.19 6.86
C PRO A 150 8.15 -6.16 6.56
N SER A 151 8.40 -6.44 5.27
CA SER A 151 9.46 -7.36 4.84
C SER A 151 10.21 -6.89 3.61
N ALA A 152 11.43 -7.39 3.52
CA ALA A 152 12.32 -7.29 2.39
C ALA A 152 11.78 -8.05 1.15
N THR A 153 11.09 -9.18 1.33
CA THR A 153 10.49 -9.94 0.22
C THR A 153 9.26 -9.25 -0.35
N LEU A 154 9.21 -9.08 -1.67
CA LEU A 154 8.02 -8.64 -2.41
C LEU A 154 7.63 -9.67 -3.48
N HIS A 155 6.32 -9.89 -3.57
CA HIS A 155 5.54 -10.76 -4.43
C HIS A 155 5.20 -10.01 -5.72
N LEU A 156 6.03 -10.17 -6.74
CA LEU A 156 5.84 -9.59 -8.07
C LEU A 156 4.80 -10.43 -8.85
N SER A 157 4.06 -9.83 -9.78
CA SER A 157 3.06 -10.52 -10.63
C SER A 157 2.74 -9.72 -11.90
N ASN A 158 2.00 -10.32 -12.81
CA ASN A 158 1.54 -9.76 -14.09
C ASN A 158 2.72 -9.35 -15.01
N ILE A 159 3.50 -10.34 -15.40
CA ILE A 159 4.74 -10.24 -16.19
C ILE A 159 4.55 -10.76 -17.63
N PRO A 160 4.65 -9.91 -18.67
CA PRO A 160 4.50 -10.36 -20.07
C PRO A 160 5.69 -11.22 -20.54
N PRO A 161 5.55 -11.95 -21.67
CA PRO A 161 6.62 -12.69 -22.38
C PRO A 161 7.88 -11.90 -22.83
N SER A 162 8.13 -10.72 -22.28
CA SER A 162 9.24 -9.82 -22.59
C SER A 162 10.07 -9.50 -21.33
N VAL A 163 9.46 -9.60 -20.13
CA VAL A 163 10.20 -9.54 -18.87
C VAL A 163 10.86 -10.89 -18.59
N SER A 164 12.11 -10.88 -18.10
CA SER A 164 12.80 -12.05 -17.56
C SER A 164 13.35 -11.74 -16.17
N GLU A 165 13.91 -12.73 -15.47
CA GLU A 165 14.49 -12.61 -14.13
C GLU A 165 15.41 -11.41 -13.96
N GLU A 166 16.27 -11.17 -14.96
CA GLU A 166 17.15 -10.03 -15.04
C GLU A 166 16.33 -8.75 -15.17
N ASP A 167 15.57 -8.53 -16.24
CA ASP A 167 14.86 -7.27 -16.47
C ASP A 167 13.98 -6.87 -15.29
N LEU A 168 13.40 -7.86 -14.63
CA LEU A 168 12.62 -7.75 -13.41
C LEU A 168 13.45 -7.22 -12.22
N LYS A 169 14.42 -8.00 -11.74
CA LYS A 169 15.40 -7.66 -10.70
C LYS A 169 16.12 -6.36 -11.01
N VAL A 170 16.52 -6.14 -12.26
CA VAL A 170 17.08 -4.90 -12.76
C VAL A 170 16.16 -3.73 -12.48
N LEU A 171 14.84 -3.81 -12.67
CA LEU A 171 13.95 -2.73 -12.22
C LEU A 171 14.15 -2.43 -10.72
N PHE A 172 13.99 -3.44 -9.88
CA PHE A 172 14.08 -3.36 -8.42
C PHE A 172 15.49 -3.01 -7.92
N SER A 173 16.50 -3.00 -8.80
CA SER A 173 17.92 -2.76 -8.52
C SER A 173 18.47 -1.56 -9.29
N SER A 174 17.60 -0.87 -10.04
CA SER A 174 17.91 0.36 -10.77
C SER A 174 17.46 1.55 -9.93
N ASN A 175 16.45 1.32 -9.08
CA ASN A 175 15.91 2.27 -8.12
C ASN A 175 16.83 2.56 -6.93
N GLY A 176 17.82 1.69 -6.73
CA GLY A 176 18.90 1.78 -5.77
C GLY A 176 19.40 0.38 -5.40
N GLY A 177 18.45 -0.48 -5.03
CA GLY A 177 18.55 -1.91 -4.78
C GLY A 177 19.49 -2.42 -3.70
N VAL A 178 19.24 -3.69 -3.41
CA VAL A 178 20.07 -4.61 -2.63
C VAL A 178 19.84 -6.08 -3.05
N VAL A 179 18.67 -6.41 -3.65
CA VAL A 179 18.28 -7.65 -4.34
C VAL A 179 19.07 -8.88 -3.89
N LYS A 180 18.71 -9.34 -2.69
CA LYS A 180 19.43 -10.32 -1.87
C LYS A 180 19.32 -11.72 -2.48
N GLY A 181 18.10 -12.07 -2.85
CA GLY A 181 17.74 -13.24 -3.65
C GLY A 181 16.69 -12.87 -4.70
N PHE A 182 16.47 -13.79 -5.62
CA PHE A 182 15.47 -13.72 -6.68
C PHE A 182 15.02 -15.13 -7.10
N LYS A 183 13.71 -15.31 -7.26
CA LYS A 183 13.03 -16.54 -7.70
C LYS A 183 11.77 -16.21 -8.52
N PHE A 184 11.11 -17.25 -9.02
CA PHE A 184 9.77 -17.16 -9.54
C PHE A 184 8.84 -17.95 -8.62
N PHE A 185 7.57 -17.53 -8.57
CA PHE A 185 6.46 -18.24 -7.93
C PHE A 185 6.18 -19.65 -8.52
N GLN A 186 5.16 -20.31 -7.95
CA GLN A 186 4.75 -21.70 -8.17
C GLN A 186 4.52 -22.12 -9.65
N LYS A 187 4.03 -23.35 -9.86
CA LYS A 187 3.76 -24.01 -11.17
C LYS A 187 3.05 -23.15 -12.23
N ASP A 188 2.19 -22.23 -11.80
CA ASP A 188 1.52 -21.21 -12.62
C ASP A 188 2.49 -20.29 -13.38
N ARG A 189 3.65 -19.96 -12.78
CA ARG A 189 4.82 -19.30 -13.36
C ARG A 189 4.56 -18.02 -14.18
N LYS A 190 3.55 -17.22 -13.79
CA LYS A 190 3.31 -15.85 -14.33
C LYS A 190 3.34 -14.77 -13.24
N MET A 191 3.95 -15.14 -12.12
CA MET A 191 4.30 -14.31 -10.97
C MET A 191 5.75 -14.59 -10.58
N ALA A 192 6.34 -13.66 -9.83
CA ALA A 192 7.75 -13.68 -9.51
C ALA A 192 7.99 -13.21 -8.07
N LEU A 193 9.24 -13.31 -7.62
CA LEU A 193 9.52 -13.16 -6.21
C LEU A 193 10.95 -12.66 -5.96
N ILE A 194 11.07 -11.55 -5.24
CA ILE A 194 12.34 -10.86 -4.98
C ILE A 194 12.50 -10.60 -3.49
N GLN A 195 13.65 -10.96 -2.93
CA GLN A 195 14.00 -10.56 -1.57
C GLN A 195 14.93 -9.37 -1.69
N MET A 196 14.46 -8.20 -1.30
CA MET A 196 15.31 -7.02 -1.12
C MET A 196 16.29 -7.24 0.07
N GLY A 197 17.15 -6.27 0.34
CA GLY A 197 18.07 -6.30 1.49
C GLY A 197 17.43 -5.80 2.79
N SER A 198 16.46 -4.89 2.68
CA SER A 198 15.62 -4.38 3.78
C SER A 198 14.24 -4.00 3.26
N VAL A 199 13.26 -3.77 4.15
CA VAL A 199 11.96 -3.24 3.67
C VAL A 199 12.11 -1.89 3.02
N GLU A 200 12.97 -1.03 3.55
CA GLU A 200 13.10 0.38 3.14
C GLU A 200 13.22 0.47 1.62
N GLU A 201 14.13 -0.33 1.07
CA GLU A 201 14.32 -0.47 -0.37
C GLU A 201 13.21 -1.33 -1.01
N ALA A 202 12.74 -2.41 -0.35
CA ALA A 202 11.66 -3.25 -0.84
C ALA A 202 10.39 -2.42 -1.13
N VAL A 203 9.77 -1.84 -0.10
CA VAL A 203 8.58 -1.00 -0.21
C VAL A 203 8.79 0.14 -1.20
N GLN A 204 9.90 0.85 -1.14
CA GLN A 204 10.21 1.87 -2.14
C GLN A 204 10.15 1.36 -3.60
N ALA A 205 10.76 0.21 -3.87
CA ALA A 205 10.78 -0.47 -5.17
C ALA A 205 9.40 -1.05 -5.55
N LEU A 206 8.58 -1.45 -4.57
CA LEU A 206 7.18 -1.77 -4.76
C LEU A 206 6.44 -0.52 -5.20
N ILE A 207 6.55 0.59 -4.46
CA ILE A 207 5.85 1.82 -4.82
C ILE A 207 6.35 2.37 -6.16
N ASP A 208 7.58 2.01 -6.53
CA ASP A 208 8.17 2.24 -7.84
C ASP A 208 7.49 1.42 -8.96
N LEU A 209 7.42 0.09 -8.80
CA LEU A 209 7.03 -0.86 -9.82
C LEU A 209 5.57 -1.30 -9.82
N HIS A 210 4.79 -1.06 -8.76
CA HIS A 210 3.35 -1.29 -8.82
C HIS A 210 2.70 -0.38 -9.86
N ASN A 211 2.21 -1.03 -10.92
CA ASN A 211 1.53 -0.41 -12.06
C ASN A 211 2.48 0.47 -12.91
N HIS A 212 3.73 0.02 -13.11
CA HIS A 212 4.79 0.68 -13.87
C HIS A 212 4.51 0.92 -15.38
N ASP A 213 3.31 0.57 -15.87
CA ASP A 213 2.79 0.85 -17.21
C ASP A 213 3.67 0.24 -18.32
N LEU A 214 3.76 -1.09 -18.36
CA LEU A 214 4.66 -1.83 -19.26
C LEU A 214 4.24 -1.68 -20.72
N GLY A 215 2.95 -1.86 -21.04
CA GLY A 215 2.57 -1.96 -22.44
C GLY A 215 1.10 -2.06 -22.81
N GLU A 216 0.79 -3.21 -23.42
CA GLU A 216 -0.50 -3.71 -23.85
C GLU A 216 -1.33 -4.15 -22.65
N ASN A 217 -1.49 -3.26 -21.66
CA ASN A 217 -2.32 -3.44 -20.46
C ASN A 217 -1.76 -4.47 -19.45
N HIS A 218 -0.65 -5.13 -19.80
CA HIS A 218 0.15 -6.09 -19.04
C HIS A 218 0.94 -5.48 -17.85
N HIS A 219 0.43 -4.38 -17.30
CA HIS A 219 1.10 -3.54 -16.32
C HIS A 219 1.34 -4.27 -14.99
N LEU A 220 2.52 -4.03 -14.43
CA LEU A 220 3.13 -4.75 -13.30
C LEU A 220 2.32 -4.67 -11.99
N ARG A 221 2.33 -5.76 -11.21
CA ARG A 221 1.67 -5.98 -9.91
C ARG A 221 2.74 -6.44 -8.93
N VAL A 222 2.50 -6.20 -7.65
CA VAL A 222 3.49 -6.34 -6.56
C VAL A 222 2.77 -6.33 -5.20
N SER A 223 3.38 -6.91 -4.17
CA SER A 223 2.98 -6.75 -2.76
C SER A 223 4.06 -7.25 -1.82
N PHE A 224 3.92 -7.13 -0.51
CA PHE A 224 4.83 -7.82 0.44
C PHE A 224 4.59 -9.34 0.38
N SER A 225 5.66 -10.13 0.49
CA SER A 225 5.53 -11.60 0.48
C SER A 225 5.85 -12.28 1.82
N LYS A 226 5.03 -13.29 2.16
CA LYS A 226 5.22 -14.28 3.23
C LYS A 226 6.32 -15.31 2.92
N SER A 227 6.67 -15.47 1.63
CA SER A 227 7.72 -16.37 1.16
C SER A 227 9.12 -15.76 1.37
N THR A 228 10.15 -16.57 1.13
CA THR A 228 11.57 -16.20 1.22
C THR A 228 12.42 -16.93 0.18
N ILE A 229 13.73 -16.64 0.19
CA ILE A 229 14.74 -17.05 -0.81
C ILE A 229 15.97 -17.65 -0.12
N GLY A 22 -25.79 2.19 -2.06
CA GLY A 22 -25.51 0.93 -1.33
C GLY A 22 -26.50 0.71 -0.18
N ARG A 23 -26.11 -0.11 0.80
CA ARG A 23 -26.88 -0.42 2.02
C ARG A 23 -25.98 -0.53 3.27
N ILE A 24 -26.61 -0.62 4.45
CA ILE A 24 -25.94 -0.77 5.75
C ILE A 24 -25.37 -2.20 5.88
N ALA A 25 -24.09 -2.37 5.56
CA ALA A 25 -23.37 -3.65 5.69
C ALA A 25 -23.12 -4.07 7.16
N ILE A 26 -23.04 -3.10 8.08
CA ILE A 26 -22.82 -3.28 9.52
C ILE A 26 -23.65 -2.27 10.34
N PRO A 27 -24.83 -2.66 10.88
CA PRO A 27 -25.65 -1.82 11.77
C PRO A 27 -24.94 -1.38 13.06
N GLY A 28 -23.98 -2.17 13.55
CA GLY A 28 -23.14 -1.89 14.72
C GLY A 28 -21.83 -1.15 14.35
N LEU A 29 -20.76 -1.45 15.09
CA LEU A 29 -19.39 -0.96 14.84
C LEU A 29 -18.37 -2.07 15.09
N ALA A 30 -17.24 -2.04 14.38
CA ALA A 30 -16.11 -2.97 14.52
C ALA A 30 -15.25 -2.78 15.80
N GLY A 31 -15.69 -1.95 16.75
CA GLY A 31 -14.98 -1.57 17.98
C GLY A 31 -13.96 -0.45 17.75
N ALA A 32 -13.07 -0.64 16.77
CA ALA A 32 -12.10 0.34 16.27
C ALA A 32 -11.89 0.18 14.75
N GLY A 33 -10.82 0.77 14.20
CA GLY A 33 -10.50 0.81 12.77
C GLY A 33 -11.34 1.84 12.00
N ASN A 34 -12.66 1.67 12.03
CA ASN A 34 -13.78 2.52 11.62
C ASN A 34 -13.55 3.27 10.31
N SER A 35 -12.95 2.54 9.37
CA SER A 35 -12.45 2.92 8.05
C SER A 35 -11.42 4.07 8.03
N VAL A 36 -11.88 5.32 7.99
CA VAL A 36 -11.17 6.60 8.19
C VAL A 36 -9.92 6.49 9.11
N LEU A 37 -8.71 6.60 8.55
CA LEU A 37 -7.43 6.57 9.32
C LEU A 37 -6.52 7.78 9.07
N LEU A 38 -5.99 8.39 10.13
CA LEU A 38 -5.00 9.44 10.07
C LEU A 38 -3.59 8.87 9.79
N VAL A 39 -2.80 9.62 9.03
CA VAL A 39 -1.38 9.33 8.75
C VAL A 39 -0.55 10.56 9.10
N SER A 40 0.11 10.51 10.26
CA SER A 40 1.06 11.54 10.70
C SER A 40 2.51 11.09 10.56
N ASN A 41 3.43 12.03 10.77
CA ASN A 41 4.87 11.95 10.47
C ASN A 41 5.16 11.93 8.96
N LEU A 42 4.62 12.89 8.20
CA LEU A 42 4.97 13.11 6.81
C LEU A 42 6.22 13.99 6.67
N ASN A 43 7.31 13.41 6.16
CA ASN A 43 8.47 14.17 5.65
C ASN A 43 8.01 14.86 4.34
N PRO A 44 7.84 16.19 4.28
CA PRO A 44 7.19 16.85 3.14
C PRO A 44 7.97 16.74 1.82
N GLU A 45 9.24 16.32 1.85
CA GLU A 45 10.12 16.17 0.70
C GLU A 45 10.17 14.72 0.18
N ARG A 46 9.45 13.78 0.82
CA ARG A 46 9.61 12.35 0.67
C ARG A 46 8.26 11.68 0.45
N VAL A 47 7.28 11.96 1.32
CA VAL A 47 5.98 11.29 1.26
C VAL A 47 5.17 11.76 0.07
N THR A 48 4.35 10.89 -0.50
CA THR A 48 3.41 11.24 -1.57
C THR A 48 2.04 10.59 -1.40
N PRO A 49 0.99 11.06 -2.11
CA PRO A 49 -0.30 10.39 -2.17
C PRO A 49 -0.18 8.89 -2.47
N GLN A 50 0.63 8.51 -3.47
CA GLN A 50 0.76 7.11 -3.87
C GLN A 50 1.54 6.23 -2.88
N SER A 51 2.44 6.81 -2.09
CA SER A 51 3.26 6.06 -1.14
C SER A 51 2.41 5.56 0.04
N LEU A 52 1.75 6.49 0.74
CA LEU A 52 0.85 6.12 1.83
C LEU A 52 -0.41 5.38 1.31
N PHE A 53 -0.83 5.62 0.06
CA PHE A 53 -1.86 4.85 -0.64
C PHE A 53 -1.49 3.38 -0.71
N ILE A 54 -0.33 3.06 -1.28
CA ILE A 54 0.04 1.67 -1.53
C ILE A 54 0.11 0.86 -0.26
N LEU A 55 0.71 1.39 0.83
CA LEU A 55 0.77 0.51 2.02
C LEU A 55 -0.66 0.18 2.48
N PHE A 56 -1.48 1.22 2.66
CA PHE A 56 -2.87 1.01 3.05
C PHE A 56 -3.60 0.16 2.00
N GLY A 57 -3.19 0.18 0.74
CA GLY A 57 -3.82 -0.51 -0.37
C GLY A 57 -3.38 -1.97 -0.52
N VAL A 58 -2.44 -2.42 0.31
CA VAL A 58 -2.03 -3.83 0.43
C VAL A 58 -2.37 -4.40 1.81
N TYR A 59 -2.59 -3.50 2.79
CA TYR A 59 -3.11 -3.75 4.12
C TYR A 59 -4.65 -3.66 4.21
N GLY A 60 -5.31 -3.26 3.12
CA GLY A 60 -6.74 -3.30 2.88
C GLY A 60 -7.12 -2.72 1.51
N ASP A 61 -8.41 -2.70 1.18
CA ASP A 61 -8.89 -1.96 0.00
C ASP A 61 -9.06 -0.47 0.35
N VAL A 62 -8.00 0.33 0.14
CA VAL A 62 -8.00 1.77 0.43
C VAL A 62 -9.06 2.50 -0.41
N GLN A 63 -10.11 3.00 0.26
CA GLN A 63 -11.26 3.69 -0.34
C GLN A 63 -10.79 4.99 -1.03
N ARG A 64 -10.21 5.89 -0.22
CA ARG A 64 -9.71 7.22 -0.59
C ARG A 64 -8.43 7.51 0.15
N VAL A 65 -7.76 8.57 -0.29
CA VAL A 65 -6.57 9.14 0.32
C VAL A 65 -6.60 10.65 0.15
N LYS A 66 -6.46 11.37 1.26
CA LYS A 66 -6.35 12.81 1.35
C LYS A 66 -5.10 13.19 2.14
N ILE A 67 -4.58 14.38 1.89
CA ILE A 67 -3.29 14.97 2.29
C ILE A 67 -3.50 16.47 2.52
N LEU A 68 -2.79 17.06 3.47
CA LEU A 68 -2.92 18.49 3.78
C LEU A 68 -2.07 19.37 2.82
N PHE A 69 -2.35 19.28 1.51
CA PHE A 69 -1.77 20.00 0.35
C PHE A 69 -0.52 20.87 0.64
N ASN A 70 -0.73 22.11 1.12
CA ASN A 70 0.33 23.10 1.37
C ASN A 70 1.17 22.82 2.63
N LYS A 71 0.56 22.27 3.70
CA LYS A 71 1.20 21.87 4.96
C LYS A 71 2.07 20.62 4.76
N LYS A 72 1.46 19.54 4.25
CA LYS A 72 2.08 18.25 3.88
C LYS A 72 2.95 17.59 4.96
N GLU A 73 2.61 17.79 6.23
CA GLU A 73 3.19 17.07 7.39
C GLU A 73 2.18 16.13 8.05
N ASN A 74 0.99 16.05 7.47
CA ASN A 74 -0.09 15.16 7.87
C ASN A 74 -0.96 14.78 6.65
N ALA A 75 -1.65 13.65 6.76
CA ALA A 75 -2.56 13.10 5.76
C ALA A 75 -3.75 12.40 6.44
N LEU A 76 -4.85 12.20 5.73
CA LEU A 76 -6.07 11.54 6.18
C LEU A 76 -6.47 10.50 5.13
N VAL A 77 -6.09 9.25 5.34
CA VAL A 77 -6.45 8.11 4.50
C VAL A 77 -7.84 7.58 4.89
N GLN A 78 -8.49 6.87 3.98
CA GLN A 78 -9.75 6.19 4.28
C GLN A 78 -9.67 4.72 3.85
N MET A 79 -9.58 3.81 4.82
CA MET A 79 -9.54 2.36 4.57
C MET A 79 -10.93 1.82 4.25
N ALA A 80 -11.06 0.54 3.90
CA ALA A 80 -12.36 -0.13 3.80
C ALA A 80 -13.12 -0.10 5.14
N ASP A 81 -12.59 -0.69 6.23
CA ASP A 81 -13.20 -0.67 7.58
C ASP A 81 -12.31 -1.29 8.67
N GLY A 82 -12.83 -1.45 9.88
CA GLY A 82 -12.33 -2.19 11.05
C GLY A 82 -11.04 -2.99 10.85
N ASN A 83 -11.14 -4.25 10.41
CA ASN A 83 -9.98 -5.14 10.27
C ASN A 83 -8.93 -4.61 9.27
N GLN A 84 -9.38 -3.95 8.20
CA GLN A 84 -8.55 -3.35 7.14
C GLN A 84 -7.70 -2.20 7.71
N ALA A 85 -8.38 -1.21 8.31
CA ALA A 85 -7.83 -0.12 9.09
C ALA A 85 -6.86 -0.61 10.20
N GLN A 86 -7.28 -1.54 11.04
CA GLN A 86 -6.50 -2.06 12.17
C GLN A 86 -5.18 -2.70 11.74
N LEU A 87 -5.19 -3.49 10.66
CA LEU A 87 -3.97 -4.02 10.05
C LEU A 87 -3.02 -2.90 9.67
N ALA A 88 -3.55 -1.96 8.90
CA ALA A 88 -2.73 -0.96 8.28
C ALA A 88 -1.93 -0.24 9.37
N MET A 89 -2.55 0.27 10.44
CA MET A 89 -1.81 0.76 11.61
C MET A 89 -0.90 -0.29 12.29
N SER A 90 -1.37 -1.53 12.45
CA SER A 90 -0.61 -2.67 12.99
C SER A 90 0.76 -2.84 12.32
N HIS A 91 0.84 -2.59 11.01
CA HIS A 91 2.03 -2.84 10.20
C HIS A 91 2.78 -1.54 9.84
N LEU A 92 2.09 -0.44 9.52
CA LEU A 92 2.68 0.84 9.18
C LEU A 92 3.46 1.47 10.33
N ASN A 93 2.99 1.24 11.56
CA ASN A 93 3.49 2.01 12.71
C ASN A 93 4.90 1.57 13.10
N GLY A 94 5.90 2.20 12.47
CA GLY A 94 7.31 1.82 12.48
C GLY A 94 7.82 1.17 11.18
N HIS A 95 7.11 1.27 10.05
CA HIS A 95 7.56 0.72 8.75
C HIS A 95 8.66 1.57 8.09
N LYS A 96 9.01 2.73 8.66
CA LYS A 96 10.00 3.69 8.13
C LYS A 96 10.02 3.74 6.59
N LEU A 97 8.82 3.91 6.05
CA LEU A 97 8.49 4.17 4.66
C LEU A 97 9.26 5.41 4.24
N HIS A 98 10.16 5.24 3.29
CA HIS A 98 11.18 6.21 2.87
C HIS A 98 12.21 6.44 3.99
N GLY A 99 11.73 6.72 5.22
CA GLY A 99 12.49 6.63 6.46
C GLY A 99 12.19 7.63 7.58
N LYS A 100 11.11 7.38 8.33
CA LYS A 100 10.81 8.02 9.62
C LYS A 100 10.05 7.07 10.60
N PRO A 101 10.21 7.20 11.94
CA PRO A 101 9.44 6.45 12.94
C PRO A 101 7.99 6.96 12.98
N ILE A 102 7.22 6.55 11.98
CA ILE A 102 5.91 7.06 11.56
C ILE A 102 4.73 6.79 12.50
N ARG A 103 3.75 7.69 12.48
CA ARG A 103 2.68 7.87 13.47
C ARG A 103 1.29 7.84 12.84
N ILE A 104 1.00 6.73 12.17
CA ILE A 104 -0.35 6.39 11.74
C ILE A 104 -1.18 6.21 13.02
N THR A 105 -2.34 6.83 13.11
CA THR A 105 -3.26 6.62 14.23
C THR A 105 -4.72 6.66 13.76
N LEU A 106 -5.67 6.41 14.67
CA LEU A 106 -7.10 6.47 14.36
C LEU A 106 -7.67 7.89 14.17
N SER A 107 -8.73 7.94 13.37
CA SER A 107 -9.69 9.04 13.20
C SER A 107 -11.11 8.46 13.31
N LYS A 108 -12.17 9.28 13.28
CA LYS A 108 -13.58 8.85 13.33
C LYS A 108 -14.62 9.87 12.81
N HIS A 109 -14.19 11.06 12.37
CA HIS A 109 -15.05 12.21 12.05
C HIS A 109 -16.27 11.88 11.16
N GLN A 110 -16.02 11.58 9.87
CA GLN A 110 -17.02 11.19 8.85
C GLN A 110 -16.30 10.76 7.56
N ASN A 111 -17.03 10.20 6.59
CA ASN A 111 -16.52 9.98 5.23
C ASN A 111 -16.24 11.34 4.57
N VAL A 112 -15.24 11.36 3.69
CA VAL A 112 -15.00 12.52 2.81
C VAL A 112 -15.78 12.38 1.50
N GLN A 113 -16.14 13.50 0.87
CA GLN A 113 -16.91 13.55 -0.37
C GLN A 113 -16.16 14.32 -1.46
N LEU A 114 -14.92 13.88 -1.69
CA LEU A 114 -13.95 14.30 -2.69
C LEU A 114 -14.04 15.79 -3.11
N PRO A 115 -13.64 16.74 -2.23
CA PRO A 115 -13.55 18.16 -2.53
C PRO A 115 -12.44 18.46 -3.56
N ARG A 116 -12.79 18.31 -4.85
CA ARG A 116 -11.86 18.30 -6.00
C ARG A 116 -11.29 19.68 -6.30
N GLU A 117 -10.24 19.68 -7.12
CA GLU A 117 -9.40 20.83 -7.48
C GLU A 117 -10.13 21.88 -8.35
N GLY A 118 -11.21 21.43 -8.98
CA GLY A 118 -12.11 22.19 -9.84
C GLY A 118 -13.43 22.54 -9.17
N GLN A 119 -13.59 22.21 -7.89
CA GLN A 119 -14.85 22.25 -7.17
C GLN A 119 -14.76 23.01 -5.83
N GLU A 120 -13.95 22.49 -4.90
CA GLU A 120 -13.89 22.90 -3.50
C GLU A 120 -12.45 23.01 -2.94
N ASP A 121 -11.50 22.27 -3.51
CA ASP A 121 -10.04 22.32 -3.28
C ASP A 121 -9.59 22.37 -1.79
N GLN A 122 -10.36 21.74 -0.89
CA GLN A 122 -10.18 21.83 0.57
C GLN A 122 -8.87 21.18 1.09
N GLY A 123 -8.23 20.31 0.31
CA GLY A 123 -6.96 19.69 0.57
C GLY A 123 -6.61 18.89 -0.68
N LEU A 124 -5.49 18.19 -0.61
CA LEU A 124 -5.15 17.21 -1.62
C LEU A 124 -5.94 15.94 -1.26
N THR A 125 -6.61 15.34 -2.23
CA THR A 125 -7.44 14.14 -2.10
C THR A 125 -7.70 13.41 -3.44
N LYS A 126 -7.97 12.11 -3.31
CA LYS A 126 -8.06 11.07 -4.34
C LYS A 126 -9.17 10.06 -4.05
N ASP A 127 -9.82 9.63 -5.10
CA ASP A 127 -10.73 8.48 -5.12
C ASP A 127 -10.04 7.29 -5.78
N TYR A 128 -9.77 6.27 -4.99
CA TYR A 128 -9.13 5.01 -5.39
C TYR A 128 -10.13 3.83 -5.46
N GLY A 129 -11.42 4.07 -5.23
CA GLY A 129 -12.48 3.08 -5.40
C GLY A 129 -12.80 2.70 -6.87
N ASN A 130 -12.23 3.43 -7.83
CA ASN A 130 -12.40 3.24 -9.28
C ASN A 130 -11.18 2.59 -9.99
N SER A 131 -10.06 2.39 -9.29
CA SER A 131 -8.77 2.01 -9.89
C SER A 131 -8.77 0.63 -10.60
N PRO A 132 -7.88 0.42 -11.61
CA PRO A 132 -7.71 -0.86 -12.32
C PRO A 132 -6.89 -1.92 -11.54
N LEU A 133 -6.62 -1.67 -10.25
CA LEU A 133 -5.82 -2.50 -9.34
C LEU A 133 -6.58 -3.73 -8.82
N HIS A 134 -7.83 -3.56 -8.34
CA HIS A 134 -8.68 -4.59 -7.73
C HIS A 134 -7.95 -5.32 -6.59
N ARG A 135 -7.56 -4.53 -5.56
CA ARG A 135 -6.65 -4.86 -4.45
C ARG A 135 -7.04 -6.10 -3.64
N PHE A 136 -8.32 -6.19 -3.27
CA PHE A 136 -8.87 -7.21 -2.36
C PHE A 136 -10.06 -7.94 -3.00
N LYS A 137 -11.26 -7.36 -2.92
CA LYS A 137 -12.58 -7.94 -3.27
C LYS A 137 -12.70 -9.46 -2.94
N LYS A 138 -12.25 -9.84 -1.73
CA LYS A 138 -12.05 -11.22 -1.26
C LYS A 138 -13.37 -12.00 -1.08
N PRO A 139 -13.33 -13.35 -1.10
CA PRO A 139 -14.47 -14.20 -0.74
C PRO A 139 -14.74 -14.22 0.79
N GLY A 140 -13.73 -13.89 1.60
CA GLY A 140 -13.81 -13.72 3.06
C GLY A 140 -12.49 -13.22 3.67
N SER A 141 -12.56 -12.72 4.91
CA SER A 141 -11.44 -12.08 5.62
C SER A 141 -10.33 -13.04 6.09
N LYS A 142 -10.56 -14.35 6.07
CA LYS A 142 -9.55 -15.37 6.42
C LYS A 142 -8.38 -15.49 5.43
N ASN A 143 -8.50 -14.88 4.24
CA ASN A 143 -7.51 -14.90 3.15
C ASN A 143 -6.28 -13.96 3.36
N PHE A 144 -6.13 -13.35 4.53
CA PHE A 144 -5.12 -12.35 4.89
C PHE A 144 -3.66 -12.84 4.96
N GLN A 145 -3.36 -14.12 4.72
CA GLN A 145 -1.96 -14.59 4.54
C GLN A 145 -1.25 -13.95 3.32
N ASN A 146 -2.03 -13.29 2.43
CA ASN A 146 -1.60 -12.48 1.29
C ASN A 146 -0.77 -11.21 1.60
N ILE A 147 -0.72 -10.83 2.87
CA ILE A 147 -0.26 -9.54 3.36
C ILE A 147 1.15 -9.64 3.94
N PHE A 148 1.25 -10.27 5.12
CA PHE A 148 2.45 -10.40 5.96
C PHE A 148 2.95 -9.05 6.53
N PRO A 149 3.55 -9.01 7.74
CA PRO A 149 4.10 -7.78 8.31
C PRO A 149 5.31 -7.22 7.49
N PRO A 150 5.78 -5.99 7.80
CA PRO A 150 6.82 -5.27 7.04
C PRO A 150 8.04 -6.13 6.68
N SER A 151 8.39 -6.22 5.39
CA SER A 151 9.45 -7.13 4.92
C SER A 151 10.23 -6.64 3.70
N ALA A 152 11.46 -7.14 3.63
CA ALA A 152 12.39 -7.02 2.51
C ALA A 152 11.92 -7.80 1.27
N THR A 153 11.30 -8.97 1.44
CA THR A 153 10.79 -9.77 0.33
C THR A 153 9.48 -9.18 -0.21
N LEU A 154 9.39 -9.00 -1.53
CA LEU A 154 8.14 -8.61 -2.20
C LEU A 154 7.74 -9.65 -3.26
N HIS A 155 6.45 -9.97 -3.27
CA HIS A 155 5.67 -10.86 -4.11
C HIS A 155 5.22 -10.14 -5.38
N LEU A 156 6.07 -10.14 -6.40
CA LEU A 156 5.77 -9.63 -7.75
C LEU A 156 4.74 -10.54 -8.44
N SER A 157 3.95 -10.05 -9.41
CA SER A 157 3.01 -10.86 -10.21
C SER A 157 2.49 -10.16 -11.47
N ASN A 158 1.77 -10.91 -12.31
CA ASN A 158 1.07 -10.51 -13.52
C ASN A 158 1.99 -10.19 -14.71
N ILE A 159 3.28 -10.56 -14.59
CA ILE A 159 4.33 -10.31 -15.58
C ILE A 159 4.12 -11.16 -16.86
N PRO A 160 4.10 -10.55 -18.07
CA PRO A 160 3.87 -11.27 -19.33
C PRO A 160 5.09 -12.12 -19.73
N PRO A 161 4.96 -13.01 -20.73
CA PRO A 161 6.07 -13.72 -21.38
C PRO A 161 6.89 -12.76 -22.29
N SER A 162 7.35 -11.66 -21.71
CA SER A 162 8.12 -10.56 -22.28
C SER A 162 9.03 -9.97 -21.19
N VAL A 163 8.55 -9.89 -19.94
CA VAL A 163 9.42 -9.61 -18.78
C VAL A 163 10.18 -10.88 -18.44
N SER A 164 11.49 -10.76 -18.20
CA SER A 164 12.33 -11.84 -17.69
C SER A 164 12.81 -11.53 -16.28
N GLU A 165 13.42 -12.52 -15.61
CA GLU A 165 14.06 -12.38 -14.29
C GLU A 165 14.95 -11.15 -14.20
N GLU A 166 15.76 -10.91 -15.24
CA GLU A 166 16.61 -9.74 -15.36
C GLU A 166 15.76 -8.48 -15.41
N ASP A 167 14.90 -8.29 -16.42
CA ASP A 167 14.13 -7.06 -16.58
C ASP A 167 13.34 -6.69 -15.34
N LEU A 168 12.84 -7.70 -14.63
CA LEU A 168 12.13 -7.60 -13.39
C LEU A 168 12.99 -7.05 -12.24
N LYS A 169 13.99 -7.82 -11.81
CA LYS A 169 15.00 -7.46 -10.81
C LYS A 169 15.71 -6.16 -11.18
N VAL A 170 15.99 -5.91 -12.46
CA VAL A 170 16.50 -4.65 -12.98
C VAL A 170 15.59 -3.50 -12.59
N LEU A 171 14.27 -3.57 -12.76
CA LEU A 171 13.39 -2.50 -12.25
C LEU A 171 13.63 -2.23 -10.75
N PHE A 172 13.60 -3.29 -9.94
CA PHE A 172 13.76 -3.22 -8.48
C PHE A 172 15.21 -2.85 -8.05
N SER A 173 16.16 -2.81 -8.99
CA SER A 173 17.58 -2.50 -8.80
C SER A 173 17.99 -1.21 -9.52
N SER A 174 17.05 -0.59 -10.22
CA SER A 174 17.22 0.68 -10.95
C SER A 174 16.63 1.84 -10.15
N ASN A 175 15.77 1.51 -9.18
CA ASN A 175 15.28 2.35 -8.09
C ASN A 175 16.38 2.76 -7.11
N GLY A 176 17.41 1.93 -7.03
CA GLY A 176 18.60 2.09 -6.22
C GLY A 176 19.09 0.72 -5.76
N GLY A 177 18.16 -0.10 -5.27
CA GLY A 177 18.25 -1.50 -4.91
C GLY A 177 19.26 -1.94 -3.88
N VAL A 178 19.06 -3.19 -3.50
CA VAL A 178 19.93 -4.08 -2.74
C VAL A 178 19.74 -5.56 -3.15
N VAL A 179 18.57 -5.91 -3.73
CA VAL A 179 18.19 -7.13 -4.45
C VAL A 179 19.05 -8.35 -4.13
N LYS A 180 18.78 -8.91 -2.94
CA LYS A 180 19.55 -9.94 -2.25
C LYS A 180 19.50 -11.26 -3.01
N GLY A 181 18.28 -11.63 -3.39
CA GLY A 181 17.98 -12.72 -4.30
C GLY A 181 16.75 -12.41 -5.16
N PHE A 182 16.46 -13.31 -6.09
CA PHE A 182 15.32 -13.29 -7.00
C PHE A 182 14.93 -14.72 -7.41
N LYS A 183 13.62 -15.01 -7.44
CA LYS A 183 12.99 -16.28 -7.82
C LYS A 183 11.64 -16.06 -8.56
N PHE A 184 11.09 -17.13 -9.12
CA PHE A 184 9.72 -17.21 -9.64
C PHE A 184 8.94 -18.16 -8.74
N PHE A 185 7.80 -17.68 -8.26
CA PHE A 185 6.92 -18.36 -7.31
C PHE A 185 6.52 -19.80 -7.67
N GLN A 186 6.57 -20.67 -6.64
CA GLN A 186 6.06 -22.05 -6.56
C GLN A 186 6.38 -22.96 -7.77
N LYS A 187 5.54 -22.86 -8.81
CA LYS A 187 5.41 -23.75 -9.98
C LYS A 187 4.41 -23.22 -11.01
N ASP A 188 3.37 -22.53 -10.52
CA ASP A 188 2.30 -21.89 -11.29
C ASP A 188 2.80 -20.71 -12.18
N ARG A 189 3.97 -20.15 -11.85
CA ARG A 189 4.77 -19.18 -12.62
C ARG A 189 3.97 -18.08 -13.36
N LYS A 190 3.15 -17.32 -12.62
CA LYS A 190 2.55 -16.03 -13.05
C LYS A 190 2.86 -14.94 -12.02
N MET A 191 3.59 -15.34 -10.98
CA MET A 191 4.09 -14.56 -9.86
C MET A 191 5.60 -14.77 -9.78
N ALA A 192 6.24 -13.80 -9.16
CA ALA A 192 7.67 -13.72 -9.00
C ALA A 192 7.98 -13.19 -7.61
N LEU A 193 9.25 -13.22 -7.26
CA LEU A 193 9.66 -13.00 -5.89
C LEU A 193 11.05 -12.42 -5.81
N ILE A 194 11.18 -11.31 -5.08
CA ILE A 194 12.41 -10.56 -4.93
C ILE A 194 12.66 -10.28 -3.46
N GLN A 195 13.79 -10.73 -2.95
CA GLN A 195 14.24 -10.38 -1.60
C GLN A 195 15.09 -9.13 -1.72
N MET A 196 14.56 -8.00 -1.29
CA MET A 196 15.33 -6.77 -1.10
C MET A 196 16.32 -6.92 0.08
N GLY A 197 17.16 -5.91 0.32
CA GLY A 197 18.11 -5.90 1.44
C GLY A 197 17.49 -5.46 2.77
N SER A 198 16.50 -4.56 2.71
CA SER A 198 15.64 -4.15 3.83
C SER A 198 14.27 -3.70 3.32
N VAL A 199 13.26 -3.54 4.20
CA VAL A 199 11.95 -3.05 3.73
C VAL A 199 12.04 -1.71 3.05
N GLU A 200 12.88 -0.80 3.54
CA GLU A 200 12.91 0.60 3.11
C GLU A 200 13.01 0.71 1.59
N GLU A 201 13.95 -0.06 1.03
CA GLU A 201 14.13 -0.19 -0.41
C GLU A 201 13.04 -1.08 -1.02
N ALA A 202 12.63 -2.17 -0.35
CA ALA A 202 11.57 -3.06 -0.82
C ALA A 202 10.28 -2.29 -1.09
N VAL A 203 9.68 -1.72 -0.05
CA VAL A 203 8.46 -0.91 -0.11
C VAL A 203 8.58 0.20 -1.13
N GLN A 204 9.67 0.97 -1.15
CA GLN A 204 9.89 1.98 -2.19
C GLN A 204 9.81 1.42 -3.63
N ALA A 205 10.47 0.30 -3.91
CA ALA A 205 10.49 -0.40 -5.20
C ALA A 205 9.11 -1.01 -5.54
N LEU A 206 8.34 -1.45 -4.53
CA LEU A 206 6.94 -1.80 -4.64
C LEU A 206 6.14 -0.58 -5.06
N ILE A 207 6.24 0.53 -4.33
CA ILE A 207 5.46 1.73 -4.64
C ILE A 207 5.80 2.25 -6.04
N ASP A 208 7.04 2.02 -6.47
CA ASP A 208 7.50 2.28 -7.82
C ASP A 208 6.85 1.38 -8.89
N LEU A 209 6.89 0.06 -8.71
CA LEU A 209 6.53 -0.91 -9.73
C LEU A 209 5.11 -1.46 -9.66
N HIS A 210 4.38 -1.32 -8.55
CA HIS A 210 2.96 -1.62 -8.55
C HIS A 210 2.22 -0.71 -9.54
N ASN A 211 1.55 -1.34 -10.51
CA ASN A 211 0.83 -0.65 -11.58
C ASN A 211 1.78 0.19 -12.46
N HIS A 212 3.00 -0.33 -12.73
CA HIS A 212 3.95 0.22 -13.72
C HIS A 212 3.35 0.32 -15.15
N ASP A 213 2.21 -0.32 -15.39
CA ASP A 213 1.35 -0.22 -16.58
C ASP A 213 2.07 -0.56 -17.89
N LEU A 214 2.35 -1.85 -18.07
CA LEU A 214 2.82 -2.38 -19.36
C LEU A 214 1.73 -2.14 -20.41
N GLY A 215 0.47 -2.42 -20.06
CA GLY A 215 -0.72 -1.93 -20.77
C GLY A 215 -1.26 -2.71 -21.95
N GLU A 216 -0.62 -3.84 -22.23
CA GLU A 216 -1.06 -4.92 -23.10
C GLU A 216 -2.17 -5.76 -22.46
N ASN A 217 -2.68 -5.26 -21.32
CA ASN A 217 -3.63 -5.75 -20.32
C ASN A 217 -2.93 -6.34 -19.08
N HIS A 218 -1.61 -6.15 -18.96
CA HIS A 218 -0.80 -6.71 -17.87
C HIS A 218 -0.09 -5.65 -17.04
N HIS A 219 -0.87 -4.86 -16.30
CA HIS A 219 -0.31 -3.88 -15.36
C HIS A 219 0.30 -4.62 -14.17
N LEU A 220 1.58 -4.34 -13.88
CA LEU A 220 2.40 -5.04 -12.89
C LEU A 220 1.78 -5.05 -11.47
N ARG A 221 1.88 -6.19 -10.78
CA ARG A 221 1.38 -6.49 -9.44
C ARG A 221 2.57 -6.81 -8.56
N VAL A 222 2.37 -6.59 -7.26
CA VAL A 222 3.41 -6.62 -6.23
C VAL A 222 2.73 -6.57 -4.86
N SER A 223 3.35 -7.15 -3.84
CA SER A 223 2.98 -6.99 -2.43
C SER A 223 4.12 -7.41 -1.53
N PHE A 224 4.01 -7.30 -0.20
CA PHE A 224 4.98 -7.93 0.70
C PHE A 224 4.84 -9.46 0.67
N SER A 225 5.95 -10.17 0.87
CA SER A 225 5.95 -11.64 0.97
C SER A 225 6.47 -12.21 2.30
N LYS A 226 5.75 -13.24 2.78
CA LYS A 226 6.14 -14.14 3.88
C LYS A 226 7.31 -15.07 3.54
N SER A 227 7.59 -15.27 2.24
CA SER A 227 8.63 -16.15 1.71
C SER A 227 10.03 -15.49 1.75
N THR A 228 11.04 -16.28 1.45
CA THR A 228 12.44 -15.86 1.25
C THR A 228 13.12 -16.63 0.10
N ILE A 229 14.42 -16.38 -0.11
CA ILE A 229 15.21 -16.81 -1.26
C ILE A 229 16.44 -17.63 -0.87
N GLY A 22 -29.40 -7.19 16.24
CA GLY A 22 -30.33 -6.36 17.02
C GLY A 22 -30.01 -4.89 16.86
N ARG A 23 -30.99 -4.08 16.43
CA ARG A 23 -30.83 -2.63 16.12
C ARG A 23 -30.52 -1.73 17.33
N ILE A 24 -30.95 -2.15 18.53
CA ILE A 24 -30.92 -1.34 19.76
C ILE A 24 -29.52 -1.16 20.40
N ALA A 25 -28.52 -1.94 19.96
CA ALA A 25 -27.17 -1.96 20.54
C ALA A 25 -26.07 -2.18 19.47
N ILE A 26 -24.80 -2.18 19.90
CA ILE A 26 -23.63 -2.51 19.08
C ILE A 26 -23.68 -3.96 18.54
N PRO A 27 -22.97 -4.28 17.44
CA PRO A 27 -22.87 -5.64 16.92
C PRO A 27 -21.96 -6.56 17.77
N GLY A 28 -21.13 -6.01 18.66
CA GLY A 28 -20.24 -6.75 19.57
C GLY A 28 -18.98 -7.32 18.91
N LEU A 29 -18.70 -6.97 17.64
CA LEU A 29 -17.60 -7.48 16.82
C LEU A 29 -16.21 -7.13 17.39
N ALA A 30 -15.86 -5.84 17.40
CA ALA A 30 -14.54 -5.33 17.81
C ALA A 30 -14.55 -3.95 18.50
N GLY A 31 -15.71 -3.26 18.57
CA GLY A 31 -15.84 -1.89 19.07
C GLY A 31 -15.34 -0.84 18.07
N ALA A 32 -14.02 -0.76 17.87
CA ALA A 32 -13.36 0.15 16.93
C ALA A 32 -13.54 -0.29 15.46
N GLY A 33 -14.66 0.11 14.85
CA GLY A 33 -14.93 -0.01 13.42
C GLY A 33 -15.45 1.32 12.88
N ASN A 34 -14.50 2.09 12.34
CA ASN A 34 -14.65 3.50 12.00
C ASN A 34 -13.83 3.92 10.75
N SER A 35 -13.43 2.97 9.88
CA SER A 35 -12.83 3.16 8.54
C SER A 35 -11.67 4.16 8.40
N VAL A 36 -11.98 5.45 8.35
CA VAL A 36 -11.11 6.64 8.45
C VAL A 36 -9.89 6.43 9.37
N LEU A 37 -8.68 6.60 8.84
CA LEU A 37 -7.41 6.56 9.61
C LEU A 37 -6.52 7.79 9.37
N LEU A 38 -5.98 8.39 10.42
CA LEU A 38 -5.00 9.46 10.35
C LEU A 38 -3.60 8.91 10.04
N VAL A 39 -2.78 9.74 9.40
CA VAL A 39 -1.39 9.43 9.01
C VAL A 39 -0.50 10.62 9.35
N SER A 40 0.08 10.60 10.54
CA SER A 40 1.12 11.54 10.95
C SER A 40 2.51 11.06 10.49
N ASN A 41 3.52 11.90 10.71
CA ASN A 41 4.95 11.59 10.53
C ASN A 41 5.38 11.57 9.04
N LEU A 42 4.97 12.59 8.28
CA LEU A 42 5.43 12.87 6.91
C LEU A 42 6.71 13.73 6.87
N ASN A 43 7.61 13.43 5.94
CA ASN A 43 8.71 14.34 5.57
C ASN A 43 8.11 15.35 4.54
N PRO A 44 8.53 16.63 4.53
CA PRO A 44 7.95 17.65 3.66
C PRO A 44 8.32 17.52 2.17
N GLU A 45 9.19 16.56 1.80
CA GLU A 45 9.83 16.47 0.48
C GLU A 45 9.68 15.09 -0.22
N ARG A 46 9.09 14.09 0.44
CA ARG A 46 9.18 12.69 0.07
C ARG A 46 7.82 12.01 -0.02
N VAL A 47 6.91 12.31 0.93
CA VAL A 47 5.65 11.58 1.02
C VAL A 47 4.66 12.03 -0.05
N THR A 48 3.83 11.11 -0.52
CA THR A 48 2.76 11.41 -1.48
C THR A 48 1.46 10.70 -1.13
N PRO A 49 0.30 11.14 -1.68
CA PRO A 49 -0.94 10.41 -1.53
C PRO A 49 -0.88 9.00 -2.13
N GLN A 50 -0.05 8.75 -3.16
CA GLN A 50 0.10 7.43 -3.76
C GLN A 50 0.97 6.46 -2.93
N SER A 51 1.99 6.97 -2.24
CA SER A 51 2.84 6.14 -1.37
C SER A 51 2.03 5.55 -0.20
N LEU A 52 1.37 6.44 0.55
CA LEU A 52 0.52 6.02 1.67
C LEU A 52 -0.74 5.25 1.19
N PHE A 53 -1.25 5.52 -0.02
CA PHE A 53 -2.34 4.77 -0.65
C PHE A 53 -1.97 3.32 -0.80
N ILE A 54 -0.80 3.05 -1.39
CA ILE A 54 -0.36 1.68 -1.63
C ILE A 54 -0.24 0.92 -0.32
N LEU A 55 0.32 1.47 0.77
CA LEU A 55 0.40 0.60 1.97
C LEU A 55 -1.01 0.19 2.42
N PHE A 56 -1.85 1.17 2.67
CA PHE A 56 -3.22 0.92 3.09
C PHE A 56 -3.98 0.04 2.08
N GLY A 57 -3.60 0.08 0.80
CA GLY A 57 -4.24 -0.65 -0.29
C GLY A 57 -3.76 -2.09 -0.44
N VAL A 58 -2.69 -2.46 0.27
CA VAL A 58 -2.19 -3.84 0.40
C VAL A 58 -2.51 -4.43 1.77
N TYR A 59 -2.91 -3.58 2.72
CA TYR A 59 -3.35 -3.89 4.07
C TYR A 59 -4.88 -3.88 4.26
N GLY A 60 -5.62 -3.43 3.25
CA GLY A 60 -7.08 -3.54 3.13
C GLY A 60 -7.62 -2.86 1.87
N ASP A 61 -8.93 -2.83 1.70
CA ASP A 61 -9.61 -2.03 0.67
C ASP A 61 -9.57 -0.53 1.03
N VAL A 62 -8.64 0.24 0.45
CA VAL A 62 -8.53 1.71 0.67
C VAL A 62 -9.62 2.45 -0.12
N GLN A 63 -10.53 3.13 0.60
CA GLN A 63 -11.62 3.94 0.03
C GLN A 63 -11.06 5.19 -0.69
N ARG A 64 -10.48 6.11 0.09
CA ARG A 64 -10.04 7.46 -0.29
C ARG A 64 -8.79 7.85 0.51
N VAL A 65 -8.16 8.94 0.11
CA VAL A 65 -6.99 9.52 0.75
C VAL A 65 -7.08 11.04 0.69
N LYS A 66 -6.53 11.73 1.70
CA LYS A 66 -6.24 13.17 1.76
C LYS A 66 -4.86 13.37 2.33
N ILE A 67 -4.34 14.53 2.00
CA ILE A 67 -3.04 15.10 2.37
C ILE A 67 -3.27 16.53 2.84
N LEU A 68 -2.60 17.03 3.88
CA LEU A 68 -2.81 18.41 4.34
C LEU A 68 -2.15 19.44 3.41
N PHE A 69 -2.71 19.63 2.22
CA PHE A 69 -2.31 20.47 1.07
C PHE A 69 -0.82 20.92 1.07
N ASN A 70 -0.52 22.01 1.78
CA ASN A 70 0.83 22.58 1.99
C ASN A 70 1.08 22.95 3.48
N LYS A 71 0.26 22.43 4.41
CA LYS A 71 0.19 22.79 5.83
C LYS A 71 1.42 22.39 6.64
N LYS A 72 1.60 21.09 6.91
CA LYS A 72 2.62 20.59 7.85
C LYS A 72 3.29 19.27 7.46
N GLU A 73 2.93 18.15 8.11
CA GLU A 73 3.61 16.86 8.12
C GLU A 73 2.61 15.73 8.39
N ASN A 74 1.36 15.88 7.93
CA ASN A 74 0.24 14.98 8.19
C ASN A 74 -0.60 14.70 6.92
N ALA A 75 -1.40 13.65 7.01
CA ALA A 75 -2.36 13.20 6.00
C ALA A 75 -3.56 12.50 6.69
N LEU A 76 -4.63 12.28 5.94
CA LEU A 76 -5.88 11.66 6.40
C LEU A 76 -6.36 10.63 5.37
N VAL A 77 -6.23 9.36 5.70
CA VAL A 77 -6.58 8.22 4.84
C VAL A 77 -7.92 7.62 5.25
N GLN A 78 -8.51 6.82 4.36
CA GLN A 78 -9.81 6.21 4.60
C GLN A 78 -9.82 4.76 4.13
N MET A 79 -9.83 3.82 5.08
CA MET A 79 -9.95 2.38 4.80
C MET A 79 -11.42 1.98 4.66
N ALA A 80 -11.70 0.74 4.27
CA ALA A 80 -13.05 0.19 4.22
C ALA A 80 -13.73 0.17 5.61
N ASP A 81 -13.13 -0.46 6.64
CA ASP A 81 -13.68 -0.48 8.01
C ASP A 81 -12.66 -1.00 9.04
N GLY A 82 -13.07 -1.16 10.31
CA GLY A 82 -12.40 -1.82 11.44
C GLY A 82 -11.25 -2.76 11.08
N ASN A 83 -11.51 -4.00 10.67
CA ASN A 83 -10.47 -5.00 10.36
C ASN A 83 -9.42 -4.53 9.33
N GLN A 84 -9.87 -3.81 8.30
CA GLN A 84 -9.09 -3.21 7.20
C GLN A 84 -8.14 -2.14 7.75
N ALA A 85 -8.73 -1.12 8.40
CA ALA A 85 -8.12 -0.06 9.16
C ALA A 85 -7.08 -0.59 10.18
N GLN A 86 -7.49 -1.53 11.05
CA GLN A 86 -6.69 -2.09 12.13
C GLN A 86 -5.41 -2.74 11.63
N LEU A 87 -5.48 -3.57 10.58
CA LEU A 87 -4.29 -4.15 9.97
C LEU A 87 -3.28 -3.09 9.59
N ALA A 88 -3.75 -2.12 8.82
CA ALA A 88 -2.88 -1.17 8.18
C ALA A 88 -2.00 -0.50 9.26
N MET A 89 -2.63 0.10 10.27
CA MET A 89 -1.94 0.56 11.48
C MET A 89 -1.08 -0.54 12.12
N SER A 90 -1.64 -1.73 12.38
CA SER A 90 -1.00 -2.92 12.98
C SER A 90 0.37 -3.27 12.40
N HIS A 91 0.50 -3.18 11.07
CA HIS A 91 1.72 -3.59 10.38
C HIS A 91 2.62 -2.39 10.13
N LEU A 92 2.08 -1.42 9.41
CA LEU A 92 2.78 -0.32 8.79
C LEU A 92 3.16 0.85 9.68
N ASN A 93 2.65 0.92 10.89
CA ASN A 93 3.15 1.89 11.88
C ASN A 93 4.66 1.70 12.15
N GLY A 94 5.48 2.53 11.50
CA GLY A 94 6.94 2.46 11.42
C GLY A 94 7.51 1.77 10.18
N HIS A 95 6.76 1.69 9.07
CA HIS A 95 7.21 1.11 7.79
C HIS A 95 8.31 1.91 7.05
N LYS A 96 8.77 3.05 7.59
CA LYS A 96 9.81 3.94 7.02
C LYS A 96 9.82 3.95 5.48
N LEU A 97 8.68 4.43 4.99
CA LEU A 97 8.09 4.44 3.63
C LEU A 97 9.09 4.88 2.55
N HIS A 98 9.91 5.84 2.95
CA HIS A 98 11.06 6.41 2.24
C HIS A 98 12.20 6.49 3.26
N GLY A 99 11.87 6.88 4.50
CA GLY A 99 12.76 6.74 5.66
C GLY A 99 12.52 7.68 6.85
N LYS A 100 11.33 7.59 7.45
CA LYS A 100 10.96 8.18 8.75
C LYS A 100 9.93 7.28 9.46
N PRO A 101 9.98 7.07 10.79
CA PRO A 101 9.17 6.06 11.49
C PRO A 101 7.68 6.43 11.59
N ILE A 102 6.93 6.10 10.54
CA ILE A 102 5.54 6.56 10.26
C ILE A 102 4.51 6.25 11.33
N ARG A 103 3.63 7.22 11.64
CA ARG A 103 2.75 7.19 12.81
C ARG A 103 1.29 7.40 12.42
N ILE A 104 0.71 6.28 12.04
CA ILE A 104 -0.66 6.05 11.62
C ILE A 104 -1.49 5.75 12.86
N THR A 105 -2.66 6.34 13.02
CA THR A 105 -3.51 6.15 14.21
C THR A 105 -4.99 6.21 13.85
N LEU A 106 -5.85 5.71 14.75
CA LEU A 106 -7.31 5.77 14.62
C LEU A 106 -7.83 7.22 14.62
N SER A 107 -8.50 7.61 13.53
CA SER A 107 -9.13 8.93 13.37
C SER A 107 -10.46 9.05 14.13
N LYS A 108 -11.27 7.98 14.12
CA LYS A 108 -12.64 7.87 14.66
C LYS A 108 -13.55 9.09 14.39
N HIS A 109 -13.42 9.65 13.18
CA HIS A 109 -14.13 10.83 12.68
C HIS A 109 -15.15 10.47 11.58
N GLN A 110 -15.93 11.46 11.11
CA GLN A 110 -16.86 11.33 9.98
C GLN A 110 -16.12 11.06 8.65
N ASN A 111 -16.85 10.49 7.66
CA ASN A 111 -16.32 10.23 6.32
C ASN A 111 -16.25 11.51 5.47
N VAL A 112 -15.39 11.49 4.45
CA VAL A 112 -15.32 12.54 3.42
C VAL A 112 -16.33 12.30 2.30
N GLN A 113 -16.75 13.36 1.61
CA GLN A 113 -17.59 13.34 0.42
C GLN A 113 -17.01 14.24 -0.67
N LEU A 114 -15.90 13.75 -1.27
CA LEU A 114 -15.15 14.23 -2.44
C LEU A 114 -15.30 15.74 -2.79
N PRO A 115 -14.46 16.62 -2.23
CA PRO A 115 -14.37 18.05 -2.58
C PRO A 115 -14.17 18.36 -4.08
N ARG A 116 -14.33 19.64 -4.46
CA ARG A 116 -14.43 20.09 -5.86
C ARG A 116 -13.12 20.59 -6.48
N GLU A 117 -13.14 20.61 -7.81
CA GLU A 117 -12.06 20.84 -8.78
C GLU A 117 -11.45 22.25 -8.67
N GLY A 118 -12.26 23.21 -8.26
CA GLY A 118 -11.95 24.62 -8.12
C GLY A 118 -11.62 25.05 -6.69
N GLN A 119 -11.68 24.09 -5.76
CA GLN A 119 -11.69 24.33 -4.33
C GLN A 119 -10.50 23.69 -3.60
N GLU A 120 -10.42 22.35 -3.64
CA GLU A 120 -9.54 21.53 -2.81
C GLU A 120 -8.80 20.41 -3.56
N ASP A 121 -9.30 19.99 -4.73
CA ASP A 121 -8.74 18.88 -5.53
C ASP A 121 -7.32 19.12 -6.11
N GLN A 122 -6.76 20.31 -5.89
CA GLN A 122 -5.46 20.78 -6.39
C GLN A 122 -4.24 19.92 -5.97
N GLY A 123 -4.30 19.25 -4.81
CA GLY A 123 -3.19 18.43 -4.28
C GLY A 123 -3.39 18.00 -2.84
N LEU A 124 -4.57 17.43 -2.54
CA LEU A 124 -5.07 17.15 -1.20
C LEU A 124 -5.71 15.73 -1.21
N THR A 125 -7.02 15.65 -1.37
CA THR A 125 -7.86 14.48 -1.63
C THR A 125 -7.49 13.66 -2.89
N LYS A 126 -7.91 12.39 -2.87
CA LYS A 126 -7.98 11.36 -3.91
C LYS A 126 -9.18 10.45 -3.70
N ASP A 127 -9.77 9.98 -4.79
CA ASP A 127 -10.79 8.94 -4.81
C ASP A 127 -10.25 7.67 -5.47
N TYR A 128 -10.14 6.62 -4.66
CA TYR A 128 -9.73 5.27 -5.05
C TYR A 128 -10.86 4.24 -5.02
N GLY A 129 -12.13 4.67 -4.97
CA GLY A 129 -13.29 3.78 -5.19
C GLY A 129 -13.25 3.15 -6.58
N ASN A 130 -12.68 3.87 -7.56
CA ASN A 130 -12.34 3.41 -8.89
C ASN A 130 -11.11 2.47 -8.97
N SER A 131 -10.26 2.42 -7.95
CA SER A 131 -9.05 1.56 -7.92
C SER A 131 -8.36 1.43 -6.56
N PRO A 132 -8.61 0.36 -5.79
CA PRO A 132 -7.74 -0.01 -4.66
C PRO A 132 -6.49 -0.75 -5.22
N LEU A 133 -6.06 -0.43 -6.46
CA LEU A 133 -5.12 -1.14 -7.34
C LEU A 133 -5.65 -2.54 -7.73
N HIS A 134 -6.86 -2.84 -7.29
CA HIS A 134 -7.62 -4.07 -7.49
C HIS A 134 -6.91 -5.36 -7.01
N ARG A 135 -5.88 -5.25 -6.16
CA ARG A 135 -5.03 -6.38 -5.71
C ARG A 135 -5.82 -7.43 -4.94
N PHE A 136 -6.70 -7.01 -4.02
CA PHE A 136 -7.59 -7.87 -3.24
C PHE A 136 -8.71 -8.51 -4.08
N LYS A 137 -9.84 -7.79 -4.28
CA LYS A 137 -11.12 -8.21 -4.93
C LYS A 137 -11.65 -9.62 -4.57
N LYS A 138 -11.21 -10.18 -3.44
CA LYS A 138 -11.46 -11.55 -2.96
C LYS A 138 -12.95 -11.86 -2.69
N PRO A 139 -13.42 -13.08 -3.03
CA PRO A 139 -14.77 -13.56 -2.66
C PRO A 139 -14.90 -13.97 -1.19
N GLY A 140 -13.77 -14.25 -0.51
CA GLY A 140 -13.68 -14.60 0.92
C GLY A 140 -12.33 -14.19 1.50
N SER A 141 -12.32 -13.63 2.72
CA SER A 141 -11.16 -12.98 3.34
C SER A 141 -10.03 -13.90 3.82
N LYS A 142 -10.16 -15.23 3.68
CA LYS A 142 -9.05 -16.20 3.85
C LYS A 142 -7.83 -15.87 2.95
N ASN A 143 -8.08 -15.09 1.89
CA ASN A 143 -7.14 -14.44 0.98
C ASN A 143 -6.14 -13.47 1.63
N PHE A 144 -6.25 -13.12 2.93
CA PHE A 144 -5.28 -12.28 3.65
C PHE A 144 -3.85 -12.87 3.77
N GLN A 145 -3.59 -14.06 3.20
CA GLN A 145 -2.22 -14.57 2.95
C GLN A 145 -1.43 -13.65 2.00
N ASN A 146 -2.13 -12.73 1.30
CA ASN A 146 -1.63 -11.59 0.50
C ASN A 146 -0.81 -10.55 1.28
N ILE A 147 -0.79 -10.66 2.60
CA ILE A 147 -0.32 -9.69 3.58
C ILE A 147 0.60 -10.38 4.56
N PHE A 148 1.47 -9.55 5.08
CA PHE A 148 2.57 -9.82 5.96
C PHE A 148 3.12 -8.49 6.51
N PRO A 149 3.61 -8.43 7.77
CA PRO A 149 4.14 -7.20 8.35
C PRO A 149 5.42 -6.71 7.62
N PRO A 150 5.87 -5.46 7.87
CA PRO A 150 6.91 -4.78 7.09
C PRO A 150 8.13 -5.67 6.80
N SER A 151 8.40 -5.97 5.52
CA SER A 151 9.52 -6.82 5.13
C SER A 151 10.22 -6.37 3.85
N ALA A 152 11.47 -6.80 3.76
CA ALA A 152 12.33 -6.71 2.60
C ALA A 152 11.88 -7.62 1.44
N THR A 153 11.21 -8.75 1.71
CA THR A 153 10.68 -9.64 0.66
C THR A 153 9.41 -9.06 0.03
N LEU A 154 9.44 -8.86 -1.28
CA LEU A 154 8.31 -8.47 -2.11
C LEU A 154 7.97 -9.49 -3.21
N HIS A 155 6.70 -9.91 -3.17
CA HIS A 155 5.97 -10.76 -4.09
C HIS A 155 5.74 -9.99 -5.37
N LEU A 156 5.99 -10.60 -6.52
CA LEU A 156 5.72 -10.06 -7.85
C LEU A 156 4.73 -11.00 -8.56
N SER A 157 3.94 -10.50 -9.51
CA SER A 157 3.03 -11.30 -10.34
C SER A 157 2.51 -10.52 -11.57
N ASN A 158 1.70 -11.20 -12.39
CA ASN A 158 1.09 -10.75 -13.64
C ASN A 158 2.15 -10.47 -14.73
N ILE A 159 3.21 -11.27 -14.74
CA ILE A 159 4.27 -11.26 -15.75
C ILE A 159 3.80 -11.96 -17.05
N PRO A 160 3.83 -11.30 -18.23
CA PRO A 160 3.63 -11.99 -19.51
C PRO A 160 4.89 -12.79 -19.90
N PRO A 161 4.81 -13.70 -20.90
CA PRO A 161 5.95 -14.44 -21.45
C PRO A 161 6.85 -13.54 -22.32
N SER A 162 7.48 -12.56 -21.69
CA SER A 162 8.36 -11.54 -22.25
C SER A 162 9.28 -10.97 -21.16
N VAL A 163 8.77 -10.83 -19.93
CA VAL A 163 9.55 -10.51 -18.74
C VAL A 163 10.40 -11.72 -18.35
N SER A 164 11.63 -11.47 -17.89
CA SER A 164 12.50 -12.48 -17.25
C SER A 164 12.91 -12.00 -15.85
N GLU A 165 13.60 -12.85 -15.07
CA GLU A 165 14.18 -12.45 -13.78
C GLU A 165 14.95 -11.15 -13.88
N GLU A 166 15.81 -11.01 -14.89
CA GLU A 166 16.58 -9.83 -15.14
C GLU A 166 15.67 -8.62 -15.33
N ASP A 167 14.78 -8.57 -16.31
CA ASP A 167 13.95 -7.39 -16.58
C ASP A 167 13.13 -6.98 -15.36
N LEU A 168 12.70 -7.96 -14.57
CA LEU A 168 11.99 -7.78 -13.32
C LEU A 168 12.87 -7.13 -12.23
N LYS A 169 13.91 -7.84 -11.79
CA LYS A 169 14.96 -7.44 -10.85
C LYS A 169 15.63 -6.12 -11.25
N VAL A 170 15.86 -5.89 -12.54
CA VAL A 170 16.31 -4.64 -13.13
C VAL A 170 15.36 -3.50 -12.78
N LEU A 171 14.03 -3.67 -12.86
CA LEU A 171 13.13 -2.64 -12.32
C LEU A 171 13.45 -2.32 -10.85
N PHE A 172 13.50 -3.35 -10.00
CA PHE A 172 13.78 -3.24 -8.57
C PHE A 172 15.22 -2.79 -8.23
N SER A 173 16.10 -2.69 -9.23
CA SER A 173 17.51 -2.31 -9.12
C SER A 173 17.82 -1.03 -9.91
N SER A 174 16.81 -0.45 -10.56
CA SER A 174 16.87 0.83 -11.27
C SER A 174 16.32 1.96 -10.40
N ASN A 175 15.46 1.58 -9.44
CA ASN A 175 14.97 2.39 -8.33
C ASN A 175 16.08 2.86 -7.38
N GLY A 176 17.15 2.08 -7.34
CA GLY A 176 18.35 2.30 -6.56
C GLY A 176 18.85 0.96 -6.01
N GLY A 177 17.89 0.16 -5.52
CA GLY A 177 17.99 -1.23 -5.12
C GLY A 177 19.00 -1.63 -4.04
N VAL A 178 18.83 -2.89 -3.68
CA VAL A 178 19.72 -3.72 -2.89
C VAL A 178 19.58 -5.21 -3.25
N VAL A 179 18.44 -5.63 -3.85
CA VAL A 179 18.15 -6.91 -4.52
C VAL A 179 19.01 -8.08 -4.02
N LYS A 180 18.71 -8.48 -2.79
CA LYS A 180 19.47 -9.39 -1.93
C LYS A 180 19.44 -10.80 -2.49
N GLY A 181 18.24 -11.24 -2.86
CA GLY A 181 17.97 -12.46 -3.62
C GLY A 181 16.84 -12.25 -4.61
N PHE A 182 16.64 -13.25 -5.46
CA PHE A 182 15.54 -13.36 -6.41
C PHE A 182 15.20 -14.85 -6.68
N LYS A 183 13.91 -15.16 -6.80
CA LYS A 183 13.30 -16.46 -7.05
C LYS A 183 12.04 -16.32 -7.91
N PHE A 184 11.52 -17.45 -8.39
CA PHE A 184 10.18 -17.53 -8.98
C PHE A 184 9.32 -18.41 -8.08
N PHE A 185 8.04 -18.03 -7.96
CA PHE A 185 7.08 -18.64 -7.06
C PHE A 185 6.78 -20.13 -7.31
N GLN A 186 7.18 -20.95 -6.33
CA GLN A 186 6.88 -22.37 -6.09
C GLN A 186 6.70 -23.31 -7.29
N LYS A 187 5.59 -23.18 -8.03
CA LYS A 187 5.18 -24.01 -9.17
C LYS A 187 4.60 -23.15 -10.29
N ASP A 188 3.61 -22.33 -9.94
CA ASP A 188 2.86 -21.43 -10.84
C ASP A 188 3.67 -20.17 -11.17
N ARG A 189 4.56 -20.32 -12.15
CA ARG A 189 5.45 -19.34 -12.82
C ARG A 189 4.75 -18.11 -13.45
N LYS A 190 3.67 -17.56 -12.88
CA LYS A 190 3.12 -16.24 -13.24
C LYS A 190 3.30 -15.26 -12.08
N MET A 191 3.83 -15.76 -10.96
CA MET A 191 4.34 -15.03 -9.81
C MET A 191 5.85 -15.20 -9.77
N ALA A 192 6.47 -14.20 -9.17
CA ALA A 192 7.90 -14.12 -8.97
C ALA A 192 8.15 -13.49 -7.60
N LEU A 193 9.41 -13.45 -7.19
CA LEU A 193 9.73 -13.15 -5.82
C LEU A 193 11.12 -12.55 -5.68
N ILE A 194 11.21 -11.41 -5.01
CA ILE A 194 12.42 -10.65 -4.81
C ILE A 194 12.58 -10.32 -3.33
N GLN A 195 13.82 -10.35 -2.84
CA GLN A 195 14.13 -9.87 -1.51
C GLN A 195 15.00 -8.65 -1.66
N MET A 196 14.47 -7.51 -1.24
CA MET A 196 15.24 -6.28 -1.09
C MET A 196 16.22 -6.39 0.09
N GLY A 197 17.02 -5.35 0.32
CA GLY A 197 17.97 -5.29 1.45
C GLY A 197 17.31 -4.85 2.77
N SER A 198 16.28 -4.02 2.69
CA SER A 198 15.39 -3.64 3.79
C SER A 198 14.02 -3.24 3.26
N VAL A 199 13.01 -3.04 4.14
CA VAL A 199 11.68 -2.61 3.66
C VAL A 199 11.75 -1.28 2.93
N GLU A 200 12.58 -0.36 3.40
CA GLU A 200 12.61 1.05 2.96
C GLU A 200 12.66 1.13 1.43
N GLU A 201 13.56 0.34 0.86
CA GLU A 201 13.71 0.15 -0.57
C GLU A 201 12.66 -0.82 -1.14
N ALA A 202 12.30 -1.91 -0.42
CA ALA A 202 11.24 -2.84 -0.86
C ALA A 202 9.92 -2.12 -1.16
N VAL A 203 9.37 -1.41 -0.17
CA VAL A 203 8.15 -0.62 -0.26
C VAL A 203 8.25 0.48 -1.30
N GLN A 204 9.32 1.26 -1.30
CA GLN A 204 9.54 2.25 -2.35
C GLN A 204 9.45 1.67 -3.77
N ALA A 205 10.09 0.53 -4.01
CA ALA A 205 10.12 -0.20 -5.27
C ALA A 205 8.76 -0.85 -5.59
N LEU A 206 8.00 -1.27 -4.58
CA LEU A 206 6.60 -1.66 -4.70
C LEU A 206 5.79 -0.46 -5.18
N ILE A 207 5.88 0.68 -4.49
CA ILE A 207 5.09 1.86 -4.83
C ILE A 207 5.46 2.39 -6.23
N ASP A 208 6.68 2.08 -6.68
CA ASP A 208 7.16 2.29 -8.02
C ASP A 208 6.51 1.35 -9.06
N LEU A 209 6.57 0.02 -8.82
CA LEU A 209 6.23 -1.00 -9.80
C LEU A 209 4.80 -1.56 -9.72
N HIS A 210 4.04 -1.31 -8.67
CA HIS A 210 2.62 -1.67 -8.65
C HIS A 210 1.84 -0.84 -9.67
N ASN A 211 1.26 -1.53 -10.65
CA ASN A 211 0.63 -0.96 -11.84
C ASN A 211 1.61 -0.11 -12.69
N HIS A 212 2.80 -0.66 -12.97
CA HIS A 212 3.80 -0.11 -13.90
C HIS A 212 3.31 0.04 -15.37
N ASP A 213 2.05 -0.32 -15.67
CA ASP A 213 1.37 -0.11 -16.96
C ASP A 213 2.14 -0.76 -18.14
N LEU A 214 2.34 -2.08 -18.06
CA LEU A 214 3.11 -2.86 -19.04
C LEU A 214 2.53 -2.74 -20.45
N GLY A 215 1.21 -2.87 -20.58
CA GLY A 215 0.63 -3.01 -21.91
C GLY A 215 -0.88 -2.96 -22.11
N GLU A 216 -1.42 -4.16 -22.28
CA GLU A 216 -2.75 -4.49 -22.76
C GLU A 216 -3.65 -5.03 -21.66
N ASN A 217 -3.30 -4.71 -20.42
CA ASN A 217 -3.83 -5.10 -19.10
C ASN A 217 -2.92 -6.12 -18.39
N HIS A 218 -1.82 -6.54 -19.03
CA HIS A 218 -0.70 -7.31 -18.45
C HIS A 218 0.07 -6.60 -17.31
N HIS A 219 -0.52 -5.57 -16.69
CA HIS A 219 0.12 -4.64 -15.77
C HIS A 219 0.55 -5.30 -14.45
N LEU A 220 1.69 -4.82 -13.93
CA LEU A 220 2.44 -5.40 -12.83
C LEU A 220 1.72 -5.38 -11.47
N ARG A 221 1.79 -6.49 -10.74
CA ARG A 221 1.21 -6.78 -9.41
C ARG A 221 2.37 -7.08 -8.46
N VAL A 222 2.21 -6.65 -7.21
CA VAL A 222 3.26 -6.63 -6.20
C VAL A 222 2.66 -6.57 -4.81
N SER A 223 3.36 -7.09 -3.81
CA SER A 223 3.03 -6.91 -2.39
C SER A 223 4.16 -7.39 -1.48
N PHE A 224 4.01 -7.26 -0.16
CA PHE A 224 4.92 -7.88 0.82
C PHE A 224 4.70 -9.39 0.87
N SER A 225 5.77 -10.16 1.14
CA SER A 225 5.73 -11.63 1.18
C SER A 225 6.17 -12.21 2.53
N LYS A 226 5.49 -13.27 2.96
CA LYS A 226 5.86 -14.13 4.09
C LYS A 226 7.10 -15.00 3.85
N SER A 227 7.48 -15.19 2.58
CA SER A 227 8.64 -15.99 2.17
C SER A 227 9.96 -15.21 2.27
N THR A 228 11.05 -15.88 1.94
CA THR A 228 12.43 -15.38 1.85
C THR A 228 13.25 -16.11 0.79
N ILE A 229 14.54 -15.76 0.67
CA ILE A 229 15.48 -16.17 -0.38
C ILE A 229 16.83 -16.62 0.21
N GLY A 22 -24.08 -8.39 3.67
CA GLY A 22 -24.22 -7.39 4.75
C GLY A 22 -23.00 -7.34 5.65
N ARG A 23 -22.87 -6.28 6.48
CA ARG A 23 -21.70 -6.00 7.34
C ARG A 23 -21.36 -7.04 8.41
N ILE A 24 -22.23 -8.03 8.66
CA ILE A 24 -22.07 -9.13 9.63
C ILE A 24 -20.82 -10.01 9.42
N ALA A 25 -20.12 -9.87 8.28
CA ALA A 25 -18.80 -10.46 8.04
C ALA A 25 -17.72 -9.92 9.03
N ILE A 26 -17.87 -8.67 9.48
CA ILE A 26 -17.10 -8.07 10.58
C ILE A 26 -17.57 -8.72 11.91
N PRO A 27 -16.68 -9.25 12.77
CA PRO A 27 -17.06 -10.09 13.91
C PRO A 27 -17.76 -9.37 15.07
N GLY A 28 -17.65 -8.04 15.16
CA GLY A 28 -18.20 -7.22 16.25
C GLY A 28 -17.26 -6.09 16.69
N LEU A 29 -17.52 -5.52 17.87
CA LEU A 29 -16.68 -4.51 18.53
C LEU A 29 -15.33 -5.10 18.99
N ALA A 30 -14.37 -5.22 18.07
CA ALA A 30 -13.01 -5.70 18.32
C ALA A 30 -12.12 -4.73 19.13
N GLY A 31 -12.53 -3.46 19.24
CA GLY A 31 -11.85 -2.39 19.97
C GLY A 31 -12.38 -1.01 19.57
N ALA A 32 -12.13 -0.63 18.31
CA ALA A 32 -12.72 0.54 17.65
C ALA A 32 -13.20 0.14 16.24
N GLY A 33 -12.41 0.45 15.21
CA GLY A 33 -12.63 0.06 13.82
C GLY A 33 -13.74 0.88 13.13
N ASN A 34 -13.34 1.88 12.36
CA ASN A 34 -14.23 2.91 11.81
C ASN A 34 -13.72 3.45 10.45
N SER A 35 -13.38 2.54 9.51
CA SER A 35 -12.90 2.81 8.15
C SER A 35 -11.77 3.84 8.00
N VAL A 36 -12.13 5.12 7.95
CA VAL A 36 -11.27 6.31 8.04
C VAL A 36 -10.00 6.12 8.89
N LEU A 37 -8.83 6.24 8.27
CA LEU A 37 -7.50 6.15 8.91
C LEU A 37 -6.66 7.42 8.69
N LEU A 38 -6.31 8.13 9.76
CA LEU A 38 -5.34 9.20 9.73
C LEU A 38 -3.93 8.66 9.44
N VAL A 39 -3.17 9.43 8.66
CA VAL A 39 -1.75 9.16 8.37
C VAL A 39 -0.97 10.43 8.70
N SER A 40 -0.61 10.56 9.97
CA SER A 40 0.31 11.62 10.39
C SER A 40 1.76 11.16 10.22
N ASN A 41 2.67 12.15 10.25
CA ASN A 41 4.13 12.02 10.24
C ASN A 41 4.72 11.94 8.81
N LEU A 42 4.24 12.77 7.89
CA LEU A 42 4.75 12.89 6.51
C LEU A 42 6.03 13.73 6.42
N ASN A 43 6.95 13.27 5.58
CA ASN A 43 8.08 14.04 5.07
C ASN A 43 7.52 14.89 3.90
N PRO A 44 7.41 16.23 4.00
CA PRO A 44 6.68 17.07 3.04
C PRO A 44 7.29 17.15 1.63
N GLU A 45 8.43 16.50 1.37
CA GLU A 45 9.12 16.43 0.08
C GLU A 45 9.16 15.00 -0.51
N ARG A 46 8.61 13.99 0.17
CA ARG A 46 8.82 12.58 -0.10
C ARG A 46 7.52 11.80 -0.16
N VAL A 47 6.57 12.08 0.74
CA VAL A 47 5.31 11.31 0.78
C VAL A 47 4.36 11.71 -0.34
N THR A 48 3.67 10.74 -0.92
CA THR A 48 2.72 10.96 -2.01
C THR A 48 1.40 10.19 -1.87
N PRO A 49 0.32 10.63 -2.58
CA PRO A 49 -0.93 9.88 -2.71
C PRO A 49 -0.73 8.40 -3.05
N GLN A 50 0.12 8.08 -4.04
CA GLN A 50 0.36 6.70 -4.48
C GLN A 50 1.16 5.85 -3.47
N SER A 51 2.04 6.48 -2.69
CA SER A 51 2.86 5.78 -1.69
C SER A 51 2.02 5.18 -0.57
N LEU A 52 1.25 6.03 0.14
CA LEU A 52 0.36 5.57 1.21
C LEU A 52 -0.88 4.84 0.65
N PHE A 53 -1.27 5.05 -0.62
CA PHE A 53 -2.28 4.26 -1.32
C PHE A 53 -1.87 2.80 -1.37
N ILE A 54 -0.67 2.54 -1.88
CA ILE A 54 -0.16 1.18 -2.02
C ILE A 54 -0.14 0.47 -0.68
N LEU A 55 0.43 1.05 0.38
CA LEU A 55 0.53 0.22 1.60
C LEU A 55 -0.86 -0.16 2.10
N PHE A 56 -1.72 0.84 2.29
CA PHE A 56 -3.09 0.64 2.73
C PHE A 56 -3.84 -0.29 1.78
N GLY A 57 -3.52 -0.26 0.49
CA GLY A 57 -4.19 -1.01 -0.57
C GLY A 57 -3.72 -2.46 -0.70
N VAL A 58 -2.67 -2.85 0.05
CA VAL A 58 -2.19 -4.24 0.19
C VAL A 58 -2.46 -4.79 1.61
N TYR A 59 -2.94 -3.92 2.50
CA TYR A 59 -3.41 -4.18 3.85
C TYR A 59 -4.94 -4.03 4.01
N GLY A 60 -5.64 -3.70 2.91
CA GLY A 60 -7.09 -3.71 2.76
C GLY A 60 -7.56 -3.03 1.46
N ASP A 61 -8.87 -2.94 1.24
CA ASP A 61 -9.48 -2.12 0.20
C ASP A 61 -9.46 -0.64 0.62
N VAL A 62 -8.72 0.20 -0.11
CA VAL A 62 -8.58 1.64 0.19
C VAL A 62 -9.66 2.45 -0.55
N GLN A 63 -10.73 2.83 0.17
CA GLN A 63 -11.88 3.58 -0.36
C GLN A 63 -11.42 4.85 -1.10
N ARG A 64 -10.80 5.77 -0.33
CA ARG A 64 -10.28 7.07 -0.79
C ARG A 64 -9.01 7.44 -0.04
N VAL A 65 -8.37 8.54 -0.44
CA VAL A 65 -7.16 9.09 0.14
C VAL A 65 -7.19 10.62 0.09
N LYS A 66 -6.55 11.30 1.05
CA LYS A 66 -6.18 12.72 1.09
C LYS A 66 -4.82 12.87 1.73
N ILE A 67 -4.23 13.99 1.37
CA ILE A 67 -3.03 14.63 1.88
C ILE A 67 -3.42 16.07 2.23
N LEU A 68 -2.82 16.72 3.22
CA LEU A 68 -3.11 18.13 3.56
C LEU A 68 -2.41 19.13 2.60
N PHE A 69 -2.60 18.96 1.30
CA PHE A 69 -2.14 19.78 0.14
C PHE A 69 -0.89 20.66 0.40
N ASN A 70 -1.10 21.90 0.82
CA ASN A 70 -0.05 22.89 1.11
C ASN A 70 0.83 22.49 2.31
N LYS A 71 0.21 22.16 3.45
CA LYS A 71 0.80 21.67 4.70
C LYS A 71 1.58 20.37 4.51
N LYS A 72 0.90 19.32 4.02
CA LYS A 72 1.40 17.96 3.69
C LYS A 72 2.39 17.32 4.69
N GLU A 73 2.22 17.61 5.98
CA GLU A 73 2.91 16.92 7.10
C GLU A 73 1.99 15.92 7.80
N ASN A 74 0.71 15.92 7.44
CA ASN A 74 -0.29 14.92 7.79
C ASN A 74 -1.13 14.60 6.54
N ALA A 75 -1.86 13.50 6.61
CA ALA A 75 -2.74 12.97 5.58
C ALA A 75 -3.93 12.23 6.24
N LEU A 76 -4.96 11.94 5.44
CA LEU A 76 -6.20 11.31 5.86
C LEU A 76 -6.60 10.30 4.79
N VAL A 77 -6.36 9.03 5.04
CA VAL A 77 -6.76 7.90 4.20
C VAL A 77 -8.12 7.37 4.65
N GLN A 78 -8.83 6.68 3.77
CA GLN A 78 -10.11 6.07 4.10
C GLN A 78 -10.09 4.60 3.72
N MET A 79 -10.01 3.70 4.71
CA MET A 79 -10.01 2.26 4.52
C MET A 79 -11.43 1.74 4.29
N ALA A 80 -11.60 0.48 3.91
CA ALA A 80 -12.90 -0.17 3.86
C ALA A 80 -13.63 -0.16 5.23
N ASP A 81 -13.08 -0.78 6.29
CA ASP A 81 -13.71 -0.83 7.63
C ASP A 81 -12.76 -1.39 8.70
N GLY A 82 -13.24 -1.56 9.94
CA GLY A 82 -12.59 -2.19 11.10
C GLY A 82 -11.40 -3.11 10.81
N ASN A 83 -11.62 -4.36 10.42
CA ASN A 83 -10.55 -5.34 10.18
C ASN A 83 -9.45 -4.81 9.23
N GLN A 84 -9.86 -4.14 8.15
CA GLN A 84 -9.02 -3.50 7.14
C GLN A 84 -8.17 -2.37 7.78
N ALA A 85 -8.85 -1.47 8.49
CA ALA A 85 -8.32 -0.30 9.17
C ALA A 85 -7.32 -0.69 10.28
N GLN A 86 -7.65 -1.71 11.06
CA GLN A 86 -6.81 -2.26 12.13
C GLN A 86 -5.52 -2.88 11.59
N LEU A 87 -5.57 -3.58 10.46
CA LEU A 87 -4.38 -4.13 9.81
C LEU A 87 -3.43 -3.05 9.38
N ALA A 88 -3.95 -2.14 8.56
CA ALA A 88 -3.13 -1.17 7.91
C ALA A 88 -2.31 -0.43 8.99
N MET A 89 -2.92 0.05 10.08
CA MET A 89 -2.12 0.55 11.22
C MET A 89 -1.19 -0.49 11.86
N SER A 90 -1.67 -1.73 12.11
CA SER A 90 -0.89 -2.85 12.64
C SER A 90 0.46 -3.03 11.93
N HIS A 91 0.50 -2.78 10.62
CA HIS A 91 1.65 -3.03 9.77
C HIS A 91 2.38 -1.75 9.34
N LEU A 92 1.68 -0.64 9.09
CA LEU A 92 2.25 0.66 8.76
C LEU A 92 3.01 1.27 9.93
N ASN A 93 2.57 1.00 11.17
CA ASN A 93 3.04 1.69 12.39
C ASN A 93 4.45 1.19 12.79
N GLY A 94 5.40 1.58 11.95
CA GLY A 94 6.84 1.35 11.98
C GLY A 94 7.39 0.78 10.67
N HIS A 95 6.68 1.03 9.54
CA HIS A 95 7.16 0.70 8.20
C HIS A 95 8.16 1.74 7.67
N LYS A 96 8.41 2.84 8.39
CA LYS A 96 9.34 3.94 8.03
C LYS A 96 9.42 4.14 6.50
N LEU A 97 8.24 4.40 5.94
CA LEU A 97 7.96 4.57 4.51
C LEU A 97 8.78 5.74 3.99
N HIS A 98 9.66 5.47 3.05
CA HIS A 98 10.71 6.36 2.53
C HIS A 98 11.78 6.62 3.62
N GLY A 99 11.35 6.82 4.88
CA GLY A 99 12.16 6.75 6.09
C GLY A 99 12.02 7.90 7.08
N LYS A 100 10.92 7.85 7.84
CA LYS A 100 10.66 8.68 9.02
C LYS A 100 9.81 7.90 10.05
N PRO A 101 9.95 8.15 11.37
CA PRO A 101 9.24 7.40 12.42
C PRO A 101 7.75 7.80 12.44
N ILE A 102 6.92 7.00 11.77
CA ILE A 102 5.50 7.23 11.42
C ILE A 102 4.50 7.50 12.57
N ARG A 103 3.25 7.90 12.23
CA ARG A 103 2.12 7.94 13.17
C ARG A 103 0.77 7.75 12.44
N ILE A 104 0.49 6.53 12.01
CA ILE A 104 -0.80 6.10 11.44
C ILE A 104 -1.72 5.72 12.60
N THR A 105 -2.95 6.23 12.64
CA THR A 105 -3.95 5.92 13.68
C THR A 105 -5.39 5.97 13.11
N LEU A 106 -6.39 5.48 13.86
CA LEU A 106 -7.82 5.66 13.53
C LEU A 106 -8.29 7.10 13.85
N SER A 107 -9.23 7.59 13.04
CA SER A 107 -9.97 8.85 13.24
C SER A 107 -11.42 8.69 12.81
N LYS A 108 -12.37 8.59 13.75
CA LYS A 108 -13.82 8.28 13.57
C LYS A 108 -14.66 9.27 12.72
N HIS A 109 -14.03 10.13 11.91
CA HIS A 109 -14.61 11.19 11.10
C HIS A 109 -15.46 10.69 9.89
N GLN A 110 -16.60 10.06 10.20
CA GLN A 110 -17.70 9.65 9.30
C GLN A 110 -17.23 9.03 7.96
N ASN A 111 -17.39 9.73 6.85
CA ASN A 111 -16.86 9.44 5.51
C ASN A 111 -16.79 10.75 4.69
N VAL A 112 -15.97 10.76 3.64
CA VAL A 112 -15.81 11.90 2.73
C VAL A 112 -16.44 11.66 1.36
N GLN A 113 -16.69 12.71 0.59
CA GLN A 113 -17.21 12.70 -0.78
C GLN A 113 -16.40 13.64 -1.71
N LEU A 114 -15.22 13.17 -2.13
CA LEU A 114 -14.33 13.71 -3.18
C LEU A 114 -14.17 15.26 -3.28
N PRO A 115 -13.62 15.94 -2.25
CA PRO A 115 -13.23 17.36 -2.33
C PRO A 115 -11.93 17.56 -3.13
N ARG A 116 -11.65 18.79 -3.60
CA ARG A 116 -10.46 19.13 -4.40
C ARG A 116 -9.79 20.46 -4.00
N GLU A 117 -8.51 20.50 -4.32
CA GLU A 117 -7.54 21.59 -4.08
C GLU A 117 -7.88 22.90 -4.80
N GLY A 118 -8.60 22.78 -5.92
CA GLY A 118 -8.99 23.85 -6.83
C GLY A 118 -10.39 24.38 -6.54
N GLN A 119 -11.00 23.88 -5.47
CA GLN A 119 -12.39 24.10 -5.10
C GLN A 119 -12.49 24.60 -3.65
N GLU A 120 -11.83 23.89 -2.72
CA GLU A 120 -11.96 24.06 -1.28
C GLU A 120 -10.63 24.29 -0.56
N ASP A 121 -9.48 24.03 -1.21
CA ASP A 121 -8.09 24.19 -0.72
C ASP A 121 -7.68 23.31 0.49
N GLN A 122 -8.65 22.64 1.13
CA GLN A 122 -8.48 21.85 2.36
C GLN A 122 -7.65 20.57 2.21
N GLY A 123 -7.46 20.02 1.00
CA GLY A 123 -6.76 18.76 0.81
C GLY A 123 -6.43 18.41 -0.64
N LEU A 124 -5.68 17.32 -0.76
CA LEU A 124 -5.06 16.75 -1.95
C LEU A 124 -5.35 15.25 -1.97
N THR A 125 -6.61 15.07 -2.20
CA THR A 125 -7.46 13.90 -2.38
C THR A 125 -7.15 13.01 -3.59
N LYS A 126 -7.61 11.76 -3.54
CA LYS A 126 -7.71 10.77 -4.62
C LYS A 126 -8.90 9.84 -4.34
N ASP A 127 -9.48 9.28 -5.41
CA ASP A 127 -10.63 8.37 -5.33
C ASP A 127 -10.34 7.03 -6.00
N TYR A 128 -9.50 6.25 -5.33
CA TYR A 128 -9.08 4.91 -5.75
C TYR A 128 -10.18 3.84 -5.74
N GLY A 129 -11.36 4.11 -5.15
CA GLY A 129 -12.44 3.15 -4.85
C GLY A 129 -13.10 2.35 -5.99
N ASN A 130 -12.59 2.45 -7.22
CA ASN A 130 -13.01 1.70 -8.42
C ASN A 130 -11.84 1.01 -9.16
N SER A 131 -10.60 1.11 -8.66
CA SER A 131 -9.39 0.67 -9.37
C SER A 131 -9.28 -0.85 -9.55
N PRO A 132 -8.69 -1.35 -10.65
CA PRO A 132 -8.46 -2.79 -10.90
C PRO A 132 -7.30 -3.39 -10.08
N LEU A 133 -6.60 -2.57 -9.28
CA LEU A 133 -5.49 -2.94 -8.41
C LEU A 133 -5.94 -3.58 -7.08
N HIS A 134 -7.21 -3.39 -6.70
CA HIS A 134 -7.72 -3.75 -5.38
C HIS A 134 -7.98 -5.25 -5.24
N ARG A 135 -6.97 -6.00 -4.75
CA ARG A 135 -7.03 -7.44 -4.48
C ARG A 135 -8.02 -7.83 -3.37
N PHE A 136 -8.43 -6.87 -2.54
CA PHE A 136 -9.35 -7.06 -1.42
C PHE A 136 -10.84 -7.03 -1.81
N LYS A 137 -11.45 -5.84 -1.85
CA LYS A 137 -12.89 -5.57 -1.90
C LYS A 137 -13.64 -6.03 -0.62
N LYS A 138 -13.47 -7.30 -0.21
CA LYS A 138 -13.97 -7.94 1.02
C LYS A 138 -13.56 -7.22 2.33
N PRO A 139 -14.49 -6.59 3.10
CA PRO A 139 -14.20 -6.04 4.43
C PRO A 139 -13.80 -7.12 5.46
N GLY A 140 -14.60 -8.18 5.57
CA GLY A 140 -14.32 -9.37 6.40
C GLY A 140 -13.41 -10.35 5.65
N SER A 141 -12.14 -9.96 5.47
CA SER A 141 -11.14 -10.59 4.60
C SER A 141 -10.56 -11.94 5.09
N LYS A 142 -11.42 -12.96 5.28
CA LYS A 142 -11.03 -14.33 5.71
C LYS A 142 -9.96 -14.99 4.83
N ASN A 143 -10.01 -14.75 3.51
CA ASN A 143 -9.02 -15.24 2.53
C ASN A 143 -7.61 -14.66 2.75
N PHE A 144 -7.52 -13.40 3.21
CA PHE A 144 -6.28 -12.73 3.61
C PHE A 144 -5.88 -13.14 5.03
N GLN A 145 -5.01 -14.15 5.10
CA GLN A 145 -4.38 -14.67 6.32
C GLN A 145 -2.85 -14.83 6.22
N ASN A 146 -2.25 -14.37 5.10
CA ASN A 146 -0.81 -14.20 4.89
C ASN A 146 -0.40 -12.74 5.16
N ILE A 147 -0.62 -11.85 4.18
CA ILE A 147 -0.52 -10.38 4.19
C ILE A 147 0.89 -9.86 4.54
N PHE A 148 1.26 -10.06 5.79
CA PHE A 148 2.57 -9.95 6.41
C PHE A 148 3.05 -8.50 6.64
N PRO A 149 3.52 -8.16 7.86
CA PRO A 149 4.04 -6.84 8.17
C PRO A 149 5.36 -6.56 7.42
N PRO A 150 5.87 -5.30 7.43
CA PRO A 150 7.00 -4.80 6.64
C PRO A 150 8.13 -5.81 6.33
N SER A 151 8.44 -6.02 5.03
CA SER A 151 9.54 -6.88 4.58
C SER A 151 10.39 -6.29 3.46
N ALA A 152 11.62 -6.79 3.42
CA ALA A 152 12.57 -6.63 2.32
C ALA A 152 12.14 -7.47 1.10
N THR A 153 11.59 -8.66 1.30
CA THR A 153 11.08 -9.53 0.22
C THR A 153 9.79 -8.99 -0.37
N LEU A 154 9.73 -8.91 -1.71
CA LEU A 154 8.53 -8.57 -2.47
C LEU A 154 8.19 -9.63 -3.53
N HIS A 155 6.89 -9.95 -3.57
CA HIS A 155 6.17 -10.87 -4.44
C HIS A 155 5.77 -10.12 -5.71
N LEU A 156 6.52 -10.28 -6.80
CA LEU A 156 6.21 -9.72 -8.11
C LEU A 156 5.20 -10.63 -8.84
N SER A 157 4.40 -10.12 -9.79
CA SER A 157 3.33 -10.88 -10.47
C SER A 157 2.83 -10.20 -11.76
N ASN A 158 1.97 -10.90 -12.52
CA ASN A 158 1.29 -10.49 -13.76
C ASN A 158 2.21 -10.31 -14.99
N ILE A 159 3.47 -10.72 -14.85
CA ILE A 159 4.54 -10.66 -15.85
C ILE A 159 4.15 -11.32 -17.20
N PRO A 160 4.34 -10.65 -18.34
CA PRO A 160 4.12 -11.26 -19.66
C PRO A 160 5.24 -12.26 -20.01
N PRO A 161 5.06 -13.11 -21.03
CA PRO A 161 6.11 -13.96 -21.62
C PRO A 161 7.08 -13.11 -22.48
N SER A 162 7.70 -12.11 -21.84
CA SER A 162 8.61 -11.11 -22.40
C SER A 162 9.54 -10.58 -21.30
N VAL A 163 9.04 -10.43 -20.06
CA VAL A 163 9.88 -10.17 -18.89
C VAL A 163 10.63 -11.47 -18.52
N SER A 164 11.89 -11.33 -18.10
CA SER A 164 12.70 -12.41 -17.51
C SER A 164 13.20 -11.99 -16.13
N GLU A 165 13.84 -12.91 -15.38
CA GLU A 165 14.45 -12.62 -14.07
C GLU A 165 15.32 -11.36 -14.12
N GLU A 166 16.18 -11.24 -15.13
CA GLU A 166 17.02 -10.07 -15.32
C GLU A 166 16.15 -8.83 -15.49
N ASP A 167 15.28 -8.72 -16.49
CA ASP A 167 14.51 -7.50 -16.75
C ASP A 167 13.71 -7.06 -15.52
N LEU A 168 13.22 -8.02 -14.75
CA LEU A 168 12.50 -7.84 -13.50
C LEU A 168 13.38 -7.25 -12.38
N LYS A 169 14.42 -8.00 -11.98
CA LYS A 169 15.50 -7.64 -11.06
C LYS A 169 16.13 -6.31 -11.43
N VAL A 170 16.41 -6.08 -12.70
CA VAL A 170 16.88 -4.84 -13.30
C VAL A 170 15.94 -3.69 -12.96
N LEU A 171 14.61 -3.82 -13.07
CA LEU A 171 13.71 -2.76 -12.59
C LEU A 171 13.99 -2.41 -11.12
N PHE A 172 14.02 -3.42 -10.24
CA PHE A 172 14.18 -3.26 -8.80
C PHE A 172 15.61 -2.82 -8.38
N SER A 173 16.60 -2.87 -9.28
CA SER A 173 18.00 -2.57 -9.02
C SER A 173 18.39 -1.23 -9.63
N SER A 174 17.74 -0.87 -10.74
CA SER A 174 17.90 0.41 -11.44
C SER A 174 17.26 1.54 -10.63
N ASN A 175 16.26 1.17 -9.84
CA ASN A 175 15.58 1.95 -8.81
C ASN A 175 16.45 2.49 -7.68
N GLY A 176 17.63 1.90 -7.52
CA GLY A 176 18.58 2.21 -6.46
C GLY A 176 18.85 1.02 -5.52
N GLY A 177 18.37 -0.16 -5.91
CA GLY A 177 18.28 -1.38 -5.13
C GLY A 177 19.57 -1.94 -4.53
N VAL A 178 19.34 -2.99 -3.75
CA VAL A 178 20.31 -3.79 -2.99
C VAL A 178 20.09 -5.29 -3.29
N VAL A 179 18.91 -5.66 -3.83
CA VAL A 179 18.52 -6.93 -4.46
C VAL A 179 19.38 -8.13 -4.03
N LYS A 180 19.11 -8.58 -2.81
CA LYS A 180 19.87 -9.54 -2.02
C LYS A 180 19.89 -10.91 -2.69
N GLY A 181 18.70 -11.32 -3.13
CA GLY A 181 18.49 -12.48 -4.00
C GLY A 181 17.30 -12.27 -4.94
N PHE A 182 17.09 -13.25 -5.80
CA PHE A 182 15.97 -13.36 -6.74
C PHE A 182 15.63 -14.85 -7.02
N LYS A 183 14.33 -15.15 -7.11
CA LYS A 183 13.69 -16.44 -7.40
C LYS A 183 12.40 -16.24 -8.21
N PHE A 184 11.80 -17.33 -8.67
CA PHE A 184 10.42 -17.34 -9.17
C PHE A 184 9.56 -18.08 -8.16
N PHE A 185 8.30 -17.67 -8.03
CA PHE A 185 7.27 -18.35 -7.27
C PHE A 185 6.98 -19.79 -7.76
N GLN A 186 6.04 -20.46 -7.08
CA GLN A 186 5.62 -21.85 -7.28
C GLN A 186 5.10 -22.18 -8.71
N LYS A 187 4.68 -23.43 -8.94
CA LYS A 187 4.36 -24.06 -10.25
C LYS A 187 3.48 -23.28 -11.25
N ASP A 188 2.72 -22.27 -10.80
CA ASP A 188 2.03 -21.29 -11.64
C ASP A 188 3.02 -20.52 -12.55
N ARG A 189 4.24 -20.28 -12.05
CA ARG A 189 5.41 -19.62 -12.69
C ARG A 189 5.07 -18.33 -13.46
N LYS A 190 4.08 -17.57 -12.98
CA LYS A 190 3.60 -16.28 -13.54
C LYS A 190 3.63 -15.17 -12.47
N MET A 191 4.30 -15.50 -11.36
CA MET A 191 4.72 -14.66 -10.27
C MET A 191 6.20 -14.90 -10.00
N ALA A 192 6.83 -13.95 -9.33
CA ALA A 192 8.26 -13.90 -9.13
C ALA A 192 8.55 -13.32 -7.76
N LEU A 193 9.81 -13.39 -7.35
CA LEU A 193 10.14 -13.12 -5.97
C LEU A 193 11.56 -12.56 -5.84
N ILE A 194 11.65 -11.39 -5.22
CA ILE A 194 12.88 -10.63 -5.03
C ILE A 194 13.04 -10.27 -3.58
N GLN A 195 14.23 -10.50 -3.02
CA GLN A 195 14.56 -10.08 -1.67
C GLN A 195 15.37 -8.81 -1.78
N MET A 196 14.79 -7.68 -1.40
CA MET A 196 15.53 -6.43 -1.20
C MET A 196 16.46 -6.57 0.04
N GLY A 197 17.24 -5.54 0.33
CA GLY A 197 18.17 -5.50 1.47
C GLY A 197 17.51 -5.02 2.77
N SER A 198 16.53 -4.12 2.64
CA SER A 198 15.62 -3.68 3.72
C SER A 198 14.26 -3.27 3.15
N VAL A 199 13.24 -3.09 4.00
CA VAL A 199 11.92 -2.67 3.49
C VAL A 199 11.98 -1.35 2.77
N GLU A 200 12.76 -0.40 3.29
CA GLU A 200 12.72 1.00 2.82
C GLU A 200 12.90 1.06 1.31
N GLU A 201 13.88 0.31 0.82
CA GLU A 201 14.14 0.14 -0.60
C GLU A 201 13.11 -0.82 -1.26
N ALA A 202 12.69 -1.89 -0.59
CA ALA A 202 11.63 -2.79 -1.06
C ALA A 202 10.34 -2.00 -1.37
N VAL A 203 9.67 -1.46 -0.35
CA VAL A 203 8.43 -0.70 -0.46
C VAL A 203 8.53 0.41 -1.48
N GLN A 204 9.62 1.18 -1.51
CA GLN A 204 9.83 2.13 -2.61
C GLN A 204 9.75 1.51 -4.01
N ALA A 205 10.50 0.44 -4.26
CA ALA A 205 10.60 -0.28 -5.53
C ALA A 205 9.26 -0.96 -5.88
N LEU A 206 8.46 -1.36 -4.89
CA LEU A 206 7.07 -1.76 -5.02
C LEU A 206 6.24 -0.56 -5.48
N ILE A 207 6.28 0.57 -4.77
CA ILE A 207 5.49 1.74 -5.14
C ILE A 207 5.91 2.30 -6.51
N ASP A 208 7.14 1.99 -6.93
CA ASP A 208 7.68 2.22 -8.26
C ASP A 208 7.07 1.30 -9.33
N LEU A 209 7.17 -0.02 -9.13
CA LEU A 209 6.87 -1.02 -10.13
C LEU A 209 5.44 -1.57 -10.09
N HIS A 210 4.69 -1.36 -9.02
CA HIS A 210 3.26 -1.67 -9.04
C HIS A 210 2.53 -0.79 -10.06
N ASN A 211 1.98 -1.46 -11.06
CA ASN A 211 1.22 -0.87 -12.18
C ASN A 211 2.12 -0.05 -13.13
N HIS A 212 3.36 -0.50 -13.36
CA HIS A 212 4.35 0.09 -14.28
C HIS A 212 3.96 0.11 -15.78
N ASP A 213 2.71 -0.28 -16.11
CA ASP A 213 2.02 -0.17 -17.40
C ASP A 213 2.87 -0.63 -18.60
N LEU A 214 3.18 -1.94 -18.62
CA LEU A 214 3.88 -2.59 -19.72
C LEU A 214 3.03 -2.56 -21.00
N GLY A 215 1.71 -2.80 -20.83
CA GLY A 215 0.71 -2.82 -21.89
C GLY A 215 -0.25 -3.98 -21.80
N GLU A 216 -1.31 -3.97 -22.62
CA GLU A 216 -2.29 -5.02 -22.84
C GLU A 216 -2.85 -5.70 -21.60
N ASN A 217 -2.84 -5.01 -20.45
CA ASN A 217 -3.22 -5.43 -19.10
C ASN A 217 -2.16 -6.27 -18.36
N HIS A 218 -1.02 -6.57 -18.99
CA HIS A 218 0.18 -7.12 -18.33
C HIS A 218 0.93 -6.09 -17.46
N HIS A 219 0.22 -5.06 -17.01
CA HIS A 219 0.68 -3.99 -16.14
C HIS A 219 1.08 -4.61 -14.79
N LEU A 220 2.35 -4.48 -14.44
CA LEU A 220 3.03 -5.17 -13.35
C LEU A 220 2.30 -5.14 -11.99
N ARG A 221 2.38 -6.24 -11.24
CA ARG A 221 1.79 -6.49 -9.92
C ARG A 221 2.92 -6.82 -8.97
N VAL A 222 2.70 -6.53 -7.70
CA VAL A 222 3.71 -6.58 -6.64
C VAL A 222 3.02 -6.52 -5.27
N SER A 223 3.61 -7.16 -4.27
CA SER A 223 3.25 -7.03 -2.86
C SER A 223 4.42 -7.42 -1.97
N PHE A 224 4.28 -7.33 -0.64
CA PHE A 224 5.24 -7.92 0.29
C PHE A 224 5.17 -9.44 0.28
N SER A 225 6.28 -10.10 0.62
CA SER A 225 6.31 -11.54 0.90
C SER A 225 6.95 -11.89 2.25
N LYS A 226 6.44 -12.97 2.87
CA LYS A 226 7.02 -13.65 4.04
C LYS A 226 8.15 -14.63 3.68
N SER A 227 8.26 -15.02 2.41
CA SER A 227 9.31 -15.90 1.89
C SER A 227 10.67 -15.19 1.86
N THR A 228 11.70 -15.95 1.53
CA THR A 228 13.12 -15.51 1.45
C THR A 228 13.90 -16.28 0.39
N ILE A 229 15.19 -15.93 0.24
CA ILE A 229 16.10 -16.35 -0.83
C ILE A 229 17.46 -16.81 -0.30
N GLY A 22 -39.47 7.11 34.10
CA GLY A 22 -39.49 6.32 35.33
C GLY A 22 -38.13 5.74 35.78
N ARG A 23 -37.82 4.54 35.26
CA ARG A 23 -36.88 3.51 35.60
C ARG A 23 -35.93 3.10 34.47
N ILE A 24 -34.62 3.12 34.58
CA ILE A 24 -33.59 3.15 33.49
C ILE A 24 -32.42 2.03 33.61
N ALA A 25 -31.77 1.94 32.42
CA ALA A 25 -30.34 1.47 32.21
C ALA A 25 -29.88 2.40 31.00
N ILE A 26 -29.04 1.89 30.09
CA ILE A 26 -28.46 2.53 28.92
C ILE A 26 -27.02 3.04 28.92
N PRO A 27 -26.04 2.17 29.24
CA PRO A 27 -24.58 2.46 29.01
C PRO A 27 -24.27 2.36 27.51
N GLY A 28 -23.20 2.99 27.04
CA GLY A 28 -22.88 2.54 25.61
C GLY A 28 -21.56 3.02 24.86
N LEU A 29 -21.35 2.40 23.71
CA LEU A 29 -20.20 2.39 22.89
C LEU A 29 -19.24 1.21 23.12
N ALA A 30 -18.82 0.63 22.00
CA ALA A 30 -17.97 -0.54 22.06
C ALA A 30 -16.77 -0.62 21.02
N GLY A 31 -17.14 0.04 19.97
CA GLY A 31 -16.36 -0.04 18.79
C GLY A 31 -17.05 -0.05 17.37
N ALA A 32 -16.73 0.98 16.60
CA ALA A 32 -17.37 0.98 15.35
C ALA A 32 -16.66 0.51 14.19
N GLY A 33 -15.35 0.47 14.07
CA GLY A 33 -14.40 0.41 13.04
C GLY A 33 -14.90 1.36 12.01
N ASN A 34 -14.66 2.65 12.33
CA ASN A 34 -15.25 3.92 11.74
C ASN A 34 -14.57 4.18 10.36
N SER A 35 -13.47 3.62 9.67
CA SER A 35 -12.81 3.79 8.25
C SER A 35 -11.75 4.89 8.16
N VAL A 36 -12.14 6.05 8.34
CA VAL A 36 -11.39 7.39 8.40
C VAL A 36 -10.20 7.39 9.25
N LEU A 37 -8.98 7.30 8.78
CA LEU A 37 -7.63 7.14 9.53
C LEU A 37 -6.78 8.39 9.42
N LEU A 38 -6.36 9.01 10.50
CA LEU A 38 -5.43 10.15 10.49
C LEU A 38 -3.97 9.69 10.58
N VAL A 39 -3.08 10.45 9.97
CA VAL A 39 -1.71 10.05 9.58
C VAL A 39 -0.69 11.17 9.89
N SER A 40 0.18 11.01 10.88
CA SER A 40 1.17 11.74 11.43
C SER A 40 2.42 11.28 11.12
N ASN A 41 3.32 12.20 11.45
CA ASN A 41 4.66 12.01 11.19
C ASN A 41 5.17 12.23 9.79
N LEU A 42 5.14 13.26 9.12
CA LEU A 42 5.69 13.46 7.84
C LEU A 42 7.12 14.10 7.81
N ASN A 43 7.88 14.19 6.62
CA ASN A 43 8.95 15.07 6.13
C ASN A 43 8.29 16.34 5.33
N PRO A 44 8.78 17.59 5.33
CA PRO A 44 8.25 18.68 4.63
C PRO A 44 8.12 18.63 3.08
N GLU A 45 8.37 17.59 2.15
CA GLU A 45 8.32 17.21 0.71
C GLU A 45 8.07 15.67 0.08
N ARG A 46 8.57 14.80 0.94
CA ARG A 46 8.97 13.40 0.73
C ARG A 46 7.82 12.36 1.06
N VAL A 47 6.54 12.83 1.22
CA VAL A 47 5.34 11.76 1.43
C VAL A 47 4.58 11.74 0.14
N THR A 48 3.74 10.72 -0.11
CA THR A 48 2.80 10.83 -1.29
C THR A 48 1.54 9.92 -1.15
N PRO A 49 0.52 10.38 -1.96
CA PRO A 49 -0.84 9.81 -2.48
C PRO A 49 -0.87 8.39 -2.56
N GLN A 50 -0.29 7.89 -3.64
CA GLN A 50 -0.20 6.39 -3.89
C GLN A 50 0.71 5.65 -2.88
N SER A 51 1.69 6.41 -2.21
CA SER A 51 2.46 5.51 -1.27
C SER A 51 1.71 5.07 0.06
N LEU A 52 0.77 5.93 0.39
CA LEU A 52 -0.34 5.75 1.22
C LEU A 52 -1.23 4.65 0.70
N PHE A 53 -1.74 4.95 -0.40
CA PHE A 53 -2.61 3.93 -1.21
C PHE A 53 -2.08 2.48 -1.15
N ILE A 54 -0.93 2.39 -1.70
CA ILE A 54 -0.29 1.11 -1.84
C ILE A 54 -0.04 0.63 -0.48
N LEU A 55 0.49 1.24 0.55
CA LEU A 55 0.61 0.73 2.02
C LEU A 55 -0.86 0.29 2.60
N PHE A 56 -1.61 1.21 2.72
CA PHE A 56 -2.92 1.11 3.18
C PHE A 56 -3.85 0.24 2.35
N GLY A 57 -3.44 0.03 1.06
CA GLY A 57 -4.10 -0.81 0.14
C GLY A 57 -3.56 -2.21 0.06
N VAL A 58 -2.33 -2.34 0.41
CA VAL A 58 -1.71 -3.70 0.51
C VAL A 58 -2.21 -4.11 2.04
N TYR A 59 -2.80 -3.21 2.75
CA TYR A 59 -3.45 -3.38 4.05
C TYR A 59 -5.10 -3.41 4.13
N GLY A 60 -5.66 -3.02 2.98
CA GLY A 60 -7.19 -3.23 2.87
C GLY A 60 -7.83 -2.58 1.70
N ASP A 61 -9.24 -2.34 1.41
CA ASP A 61 -9.93 -1.66 0.22
C ASP A 61 -9.92 -0.06 0.54
N VAL A 62 -8.75 0.52 0.77
CA VAL A 62 -8.46 2.09 0.98
C VAL A 62 -9.56 3.03 0.16
N GLN A 63 -10.79 3.41 0.74
CA GLN A 63 -11.88 4.14 0.32
C GLN A 63 -11.25 5.27 -0.51
N ARG A 64 -10.56 6.29 0.01
CA ARG A 64 -9.82 7.41 -0.52
C ARG A 64 -8.59 7.61 0.22
N VAL A 65 -7.81 8.44 -0.26
CA VAL A 65 -6.72 8.99 0.41
C VAL A 65 -6.32 10.50 0.27
N LYS A 66 -6.07 11.23 1.39
CA LYS A 66 -5.83 12.68 1.46
C LYS A 66 -4.57 13.13 2.18
N ILE A 67 -3.86 14.11 1.58
CA ILE A 67 -2.65 14.75 1.92
C ILE A 67 -2.80 16.26 2.28
N LEU A 68 -1.94 16.76 3.15
CA LEU A 68 -1.82 18.15 3.62
C LEU A 68 -1.13 19.24 2.70
N PHE A 69 -1.62 19.42 1.47
CA PHE A 69 -1.13 20.31 0.35
C PHE A 69 -1.12 21.88 0.81
N ASN A 70 0.26 22.23 0.91
CA ASN A 70 0.79 23.50 1.27
C ASN A 70 1.07 23.56 2.82
N LYS A 71 0.25 22.83 3.63
CA LYS A 71 0.45 22.48 5.12
C LYS A 71 1.60 21.50 5.25
N LYS A 72 1.90 20.60 6.20
CA LYS A 72 3.15 19.81 6.20
C LYS A 72 3.69 18.66 7.17
N GLU A 73 2.85 18.07 8.00
CA GLU A 73 3.22 16.93 8.77
C GLU A 73 2.12 15.74 8.57
N ASN A 74 0.98 15.98 7.94
CA ASN A 74 -0.08 15.00 8.08
C ASN A 74 -0.77 14.63 6.66
N ALA A 75 -1.63 13.58 6.84
CA ALA A 75 -2.55 13.15 5.95
C ALA A 75 -3.79 12.52 6.62
N LEU A 76 -4.68 12.23 5.73
CA LEU A 76 -5.97 11.49 5.80
C LEU A 76 -5.96 10.48 4.84
N VAL A 77 -6.41 9.29 5.27
CA VAL A 77 -6.59 8.16 4.51
C VAL A 77 -7.94 7.41 5.00
N GLN A 78 -8.77 6.77 4.12
CA GLN A 78 -10.11 6.31 4.43
C GLN A 78 -10.03 4.89 3.99
N MET A 79 -10.04 3.94 4.97
CA MET A 79 -9.85 2.44 5.11
C MET A 79 -11.17 1.78 5.02
N ALA A 80 -11.75 1.12 4.06
CA ALA A 80 -13.19 0.58 3.91
C ALA A 80 -13.96 0.32 5.24
N ASP A 81 -13.35 -0.23 6.36
CA ASP A 81 -13.83 -0.19 7.79
C ASP A 81 -12.83 -0.24 8.89
N GLY A 82 -12.66 -1.36 9.41
CA GLY A 82 -12.06 -1.55 10.69
C GLY A 82 -10.82 -2.48 10.35
N ASN A 83 -11.06 -3.85 10.09
CA ASN A 83 -10.17 -4.86 9.66
C ASN A 83 -9.05 -4.37 8.60
N GLN A 84 -9.59 -3.54 7.78
CA GLN A 84 -9.02 -2.63 6.80
C GLN A 84 -8.03 -1.66 7.45
N ALA A 85 -8.47 -0.63 8.03
CA ALA A 85 -7.96 0.57 8.74
C ALA A 85 -6.99 -0.04 9.75
N GLN A 86 -7.39 -0.91 10.67
CA GLN A 86 -6.73 -1.57 11.68
C GLN A 86 -5.43 -2.13 11.39
N LEU A 87 -5.16 -2.59 10.26
CA LEU A 87 -3.95 -3.29 9.96
C LEU A 87 -2.88 -2.44 9.36
N ALA A 88 -3.34 -1.56 8.60
CA ALA A 88 -2.46 -0.66 7.93
C ALA A 88 -1.73 0.03 9.18
N MET A 89 -2.64 0.63 10.09
CA MET A 89 -2.20 1.21 11.34
C MET A 89 -1.31 0.22 12.08
N SER A 90 -1.80 -1.03 12.16
CA SER A 90 -1.02 -2.08 12.78
C SER A 90 0.44 -2.08 12.12
N HIS A 91 0.62 -2.41 10.81
CA HIS A 91 1.69 -2.74 9.94
C HIS A 91 2.58 -1.60 9.77
N LEU A 92 2.07 -0.32 9.55
CA LEU A 92 2.81 0.96 9.42
C LEU A 92 3.59 1.45 10.78
N ASN A 93 3.04 1.15 11.89
CA ASN A 93 3.50 1.65 13.32
C ASN A 93 4.79 0.85 13.65
N GLY A 94 5.76 1.62 13.03
CA GLY A 94 7.16 1.39 12.99
C GLY A 94 7.58 0.60 11.76
N HIS A 95 7.22 1.18 10.57
CA HIS A 95 7.55 0.73 9.17
C HIS A 95 8.25 1.84 8.47
N LYS A 96 8.56 3.07 8.98
CA LYS A 96 9.34 4.27 8.57
C LYS A 96 9.51 4.68 7.05
N LEU A 97 8.34 4.40 6.52
CA LEU A 97 7.57 4.41 5.16
C LEU A 97 8.46 5.03 3.98
N HIS A 98 8.86 6.33 4.11
CA HIS A 98 9.82 7.01 3.12
C HIS A 98 11.37 7.22 3.82
N GLY A 99 11.41 7.32 5.14
CA GLY A 99 12.61 7.41 6.03
C GLY A 99 12.57 8.31 7.34
N LYS A 100 11.55 8.18 8.30
CA LYS A 100 11.08 8.81 9.44
C LYS A 100 10.10 7.94 10.12
N PRO A 101 10.62 7.51 11.36
CA PRO A 101 9.90 6.74 12.48
C PRO A 101 8.60 7.51 12.75
N ILE A 102 7.61 6.74 12.19
CA ILE A 102 6.09 7.11 11.97
C ILE A 102 5.18 7.48 13.24
N ARG A 103 3.78 7.66 13.12
CA ARG A 103 2.62 7.84 14.05
C ARG A 103 1.22 7.85 13.34
N ILE A 104 0.78 6.80 12.82
CA ILE A 104 -0.60 6.64 12.18
C ILE A 104 -1.61 6.50 13.28
N THR A 105 -2.74 7.24 13.44
CA THR A 105 -3.80 7.12 14.60
C THR A 105 -5.33 7.07 14.13
N LEU A 106 -6.16 7.08 15.18
CA LEU A 106 -7.53 7.35 14.89
C LEU A 106 -8.25 8.72 14.48
N SER A 107 -9.33 8.46 13.80
CA SER A 107 -10.35 9.62 13.82
C SER A 107 -11.74 9.10 13.66
N LYS A 108 -12.70 9.92 13.30
CA LYS A 108 -14.19 9.76 12.86
C LYS A 108 -14.60 11.12 12.14
N HIS A 109 -14.70 10.87 10.88
CA HIS A 109 -15.29 11.82 9.73
C HIS A 109 -16.49 11.13 8.99
N GLN A 110 -17.44 12.03 8.64
CA GLN A 110 -18.84 11.77 8.07
C GLN A 110 -18.82 11.35 6.52
N ASN A 111 -17.55 11.07 6.07
CA ASN A 111 -16.98 10.72 4.76
C ASN A 111 -16.54 12.00 4.00
N VAL A 112 -15.72 11.82 2.93
CA VAL A 112 -15.49 12.92 1.91
C VAL A 112 -15.61 12.49 0.57
N GLN A 113 -15.77 13.27 -0.48
CA GLN A 113 -16.13 13.15 -1.88
C GLN A 113 -15.85 14.40 -2.55
N LEU A 114 -14.55 14.74 -2.73
CA LEU A 114 -14.04 15.90 -3.47
C LEU A 114 -15.02 16.97 -4.18
N PRO A 115 -15.57 17.99 -3.30
CA PRO A 115 -16.53 19.01 -3.75
C PRO A 115 -15.99 20.33 -4.24
N ARG A 116 -14.83 20.86 -3.66
CA ARG A 116 -14.70 22.32 -4.06
C ARG A 116 -13.77 22.00 -5.23
N GLU A 117 -12.94 22.98 -5.30
CA GLU A 117 -11.88 23.31 -6.40
C GLU A 117 -10.46 23.39 -5.64
N GLY A 118 -10.38 24.25 -4.51
CA GLY A 118 -9.32 24.20 -3.43
C GLY A 118 -9.35 23.21 -2.23
N GLN A 119 -10.44 22.75 -1.97
CA GLN A 119 -11.13 21.91 -0.91
C GLN A 119 -11.16 22.29 0.55
N GLU A 120 -12.54 22.42 0.92
CA GLU A 120 -13.27 22.50 2.16
C GLU A 120 -12.26 21.72 3.16
N ASP A 121 -11.99 20.37 2.71
CA ASP A 121 -11.46 19.27 3.50
C ASP A 121 -10.22 18.91 2.83
N GLN A 122 -9.22 18.96 3.72
CA GLN A 122 -7.76 18.83 3.61
C GLN A 122 -6.98 19.75 2.59
N GLY A 123 -6.80 19.21 1.36
CA GLY A 123 -6.27 20.09 0.29
C GLY A 123 -6.00 19.50 -1.03
N LEU A 124 -5.07 18.49 -0.97
CA LEU A 124 -4.66 17.48 -1.93
C LEU A 124 -5.54 16.19 -1.43
N THR A 125 -6.46 15.78 -2.19
CA THR A 125 -7.45 14.70 -1.80
C THR A 125 -7.71 13.77 -2.94
N LYS A 126 -7.69 12.42 -2.72
CA LYS A 126 -7.83 11.37 -3.69
C LYS A 126 -8.86 10.38 -3.31
N ASP A 127 -9.35 9.95 -4.41
CA ASP A 127 -10.43 8.86 -4.77
C ASP A 127 -9.68 8.05 -5.78
N TYR A 128 -9.61 6.76 -5.32
CA TYR A 128 -9.30 5.57 -6.02
C TYR A 128 -10.46 4.69 -6.23
N GLY A 129 -11.48 4.56 -5.42
CA GLY A 129 -12.40 3.39 -5.49
C GLY A 129 -11.54 2.07 -5.43
N ASN A 130 -10.67 2.01 -4.48
CA ASN A 130 -9.53 1.06 -4.10
C ASN A 130 -8.51 0.90 -5.21
N SER A 131 -9.07 0.05 -6.18
CA SER A 131 -8.43 -0.02 -7.41
C SER A 131 -9.34 -0.51 -8.56
N PRO A 132 -8.76 -0.70 -9.86
CA PRO A 132 -9.10 -1.46 -11.09
C PRO A 132 -8.12 -2.67 -11.47
N LEU A 133 -6.82 -2.69 -10.90
CA LEU A 133 -5.77 -3.80 -10.98
C LEU A 133 -6.49 -5.13 -10.38
N HIS A 134 -7.59 -5.04 -9.71
CA HIS A 134 -8.66 -6.00 -9.10
C HIS A 134 -8.38 -7.15 -8.11
N ARG A 135 -7.21 -7.60 -7.73
CA ARG A 135 -6.91 -8.78 -6.81
C ARG A 135 -6.91 -8.40 -5.29
N PHE A 136 -8.01 -7.86 -4.72
CA PHE A 136 -8.10 -7.35 -3.28
C PHE A 136 -9.63 -7.48 -3.12
N LYS A 137 -10.39 -7.04 -4.11
CA LYS A 137 -11.89 -7.25 -4.47
C LYS A 137 -12.25 -8.82 -4.60
N LYS A 138 -11.37 -9.65 -4.09
CA LYS A 138 -11.28 -11.18 -4.51
C LYS A 138 -12.55 -12.09 -4.19
N PRO A 139 -12.87 -13.10 -5.08
CA PRO A 139 -14.18 -13.92 -4.96
C PRO A 139 -14.37 -14.74 -3.67
N GLY A 140 -13.37 -15.38 -3.06
CA GLY A 140 -13.52 -15.98 -1.64
C GLY A 140 -13.19 -15.03 -0.55
N SER A 141 -12.61 -13.81 -0.93
CA SER A 141 -12.48 -12.59 -0.23
C SER A 141 -11.35 -12.79 0.83
N LYS A 142 -10.83 -14.10 1.03
CA LYS A 142 -9.71 -14.68 2.04
C LYS A 142 -8.37 -15.05 1.33
N ASN A 143 -7.93 -14.08 0.55
CA ASN A 143 -6.62 -14.33 -0.07
C ASN A 143 -5.70 -13.36 0.66
N PHE A 144 -5.43 -13.45 2.02
CA PHE A 144 -4.50 -12.64 2.76
C PHE A 144 -2.91 -12.98 2.47
N GLN A 145 -2.54 -13.63 1.34
CA GLN A 145 -1.10 -14.07 0.95
C GLN A 145 -0.17 -13.01 0.66
N ASN A 146 -0.90 -11.85 0.47
CA ASN A 146 -0.63 -10.49 0.30
C ASN A 146 0.13 -9.71 1.33
N ILE A 147 0.32 -10.20 2.46
CA ILE A 147 0.79 -9.34 3.63
C ILE A 147 1.73 -10.02 4.53
N PHE A 148 2.39 -9.23 5.27
CA PHE A 148 3.19 -9.60 6.48
C PHE A 148 3.78 -8.28 7.06
N PRO A 149 3.81 -8.01 8.43
CA PRO A 149 4.56 -6.82 9.05
C PRO A 149 5.95 -6.62 8.48
N PRO A 150 6.24 -5.31 8.37
CA PRO A 150 7.10 -4.87 7.19
C PRO A 150 8.27 -5.75 6.84
N SER A 151 8.41 -5.86 5.48
CA SER A 151 9.56 -6.69 4.94
C SER A 151 10.35 -6.11 3.74
N ALA A 152 11.67 -6.50 3.50
CA ALA A 152 12.51 -6.27 2.23
C ALA A 152 12.04 -7.32 1.23
N THR A 153 11.34 -8.40 1.53
CA THR A 153 11.01 -9.56 0.74
C THR A 153 9.78 -9.13 0.05
N LEU A 154 9.85 -8.68 -1.12
CA LEU A 154 8.68 -8.26 -1.75
C LEU A 154 8.14 -9.49 -2.65
N HIS A 155 6.86 -9.69 -2.62
CA HIS A 155 6.23 -10.47 -3.60
C HIS A 155 6.19 -9.47 -4.97
N LEU A 156 6.11 -10.19 -6.01
CA LEU A 156 5.90 -9.71 -7.34
C LEU A 156 5.03 -10.54 -8.26
N SER A 157 4.24 -10.10 -9.22
CA SER A 157 3.33 -10.95 -10.03
C SER A 157 2.83 -10.38 -11.35
N ASN A 158 2.17 -11.30 -12.10
CA ASN A 158 1.51 -10.99 -13.52
C ASN A 158 2.63 -10.65 -14.59
N ILE A 159 3.05 -11.82 -15.22
CA ILE A 159 4.18 -12.16 -16.13
C ILE A 159 3.86 -13.04 -17.37
N PRO A 160 3.63 -12.51 -18.48
CA PRO A 160 3.37 -13.31 -19.82
C PRO A 160 4.36 -14.32 -20.27
N PRO A 161 4.23 -15.30 -21.11
CA PRO A 161 5.35 -16.52 -21.40
C PRO A 161 6.43 -15.94 -22.18
N SER A 162 6.89 -14.74 -22.08
CA SER A 162 8.14 -14.19 -22.90
C SER A 162 9.02 -13.47 -22.04
N VAL A 163 8.65 -13.11 -20.81
CA VAL A 163 9.49 -12.62 -19.69
C VAL A 163 10.25 -13.74 -18.74
N SER A 164 11.27 -13.30 -17.93
CA SER A 164 11.90 -14.11 -16.83
C SER A 164 12.26 -13.39 -15.48
N GLU A 165 13.13 -14.04 -14.78
CA GLU A 165 13.79 -13.32 -13.66
C GLU A 165 14.53 -11.99 -14.12
N GLU A 166 15.29 -11.88 -15.13
CA GLU A 166 16.25 -10.93 -15.61
C GLU A 166 15.70 -10.02 -16.72
N ASP A 167 14.43 -9.79 -16.50
CA ASP A 167 13.57 -8.74 -16.97
C ASP A 167 12.88 -8.12 -15.82
N LEU A 168 12.17 -9.01 -14.87
CA LEU A 168 11.42 -8.75 -13.58
C LEU A 168 12.62 -8.12 -12.61
N LYS A 169 13.60 -8.81 -11.90
CA LYS A 169 14.88 -8.36 -11.14
C LYS A 169 15.71 -7.27 -11.99
N VAL A 170 15.65 -7.25 -13.35
CA VAL A 170 16.28 -6.18 -14.09
C VAL A 170 15.60 -4.81 -13.95
N LEU A 171 14.27 -4.72 -13.49
CA LEU A 171 13.40 -3.71 -12.92
C LEU A 171 13.92 -3.12 -11.58
N PHE A 172 13.68 -3.79 -10.42
CA PHE A 172 13.92 -3.55 -9.05
C PHE A 172 15.33 -3.01 -9.00
N SER A 173 16.29 -3.56 -9.74
CA SER A 173 17.57 -3.14 -9.74
C SER A 173 17.94 -1.90 -10.54
N SER A 174 17.30 -1.69 -11.75
CA SER A 174 17.43 -0.41 -12.44
C SER A 174 17.18 0.93 -11.62
N ASN A 175 15.91 0.85 -11.21
CA ASN A 175 15.33 1.84 -10.53
C ASN A 175 16.28 2.56 -9.44
N GLY A 176 17.41 1.93 -9.01
CA GLY A 176 18.32 2.34 -7.89
C GLY A 176 18.27 1.47 -6.69
N GLY A 177 17.59 0.27 -7.11
CA GLY A 177 17.63 -0.63 -5.88
C GLY A 177 18.94 -1.14 -5.41
N VAL A 178 18.77 -1.92 -4.34
CA VAL A 178 19.72 -2.67 -3.41
C VAL A 178 19.83 -4.18 -3.46
N VAL A 179 18.68 -4.82 -3.98
CA VAL A 179 18.24 -6.07 -4.39
C VAL A 179 19.34 -7.17 -4.11
N LYS A 180 18.98 -8.10 -3.22
CA LYS A 180 19.88 -9.09 -2.60
C LYS A 180 19.92 -10.61 -3.18
N GLY A 181 18.62 -11.01 -3.49
CA GLY A 181 18.14 -12.17 -3.72
C GLY A 181 16.95 -11.81 -4.53
N PHE A 182 16.70 -12.94 -5.23
CA PHE A 182 15.54 -12.87 -6.23
C PHE A 182 15.35 -14.40 -6.53
N LYS A 183 14.09 -14.70 -6.85
CA LYS A 183 13.54 -16.15 -6.91
C LYS A 183 12.22 -16.07 -7.56
N PHE A 184 11.62 -17.23 -7.58
CA PHE A 184 10.16 -17.50 -7.86
C PHE A 184 9.32 -18.08 -6.71
N PHE A 185 7.92 -17.89 -6.88
CA PHE A 185 6.99 -18.43 -6.02
C PHE A 185 6.99 -19.97 -5.88
N GLN A 186 6.44 -20.81 -6.77
CA GLN A 186 6.08 -22.23 -6.58
C GLN A 186 5.28 -22.70 -7.81
N LYS A 187 4.90 -23.96 -7.68
CA LYS A 187 4.43 -24.85 -8.67
C LYS A 187 3.54 -24.43 -9.86
N ASP A 188 2.71 -23.41 -9.64
CA ASP A 188 1.87 -22.75 -10.61
C ASP A 188 2.74 -22.15 -11.73
N ARG A 189 3.90 -21.48 -11.21
CA ARG A 189 4.89 -20.63 -11.77
C ARG A 189 4.29 -19.42 -12.52
N LYS A 190 3.25 -18.84 -11.88
CA LYS A 190 2.67 -17.55 -12.28
C LYS A 190 3.62 -16.28 -11.93
N MET A 191 3.77 -16.26 -10.78
CA MET A 191 4.39 -15.49 -9.60
C MET A 191 5.85 -15.25 -9.34
N ALA A 192 6.39 -14.12 -8.87
CA ALA A 192 7.75 -14.06 -8.36
C ALA A 192 8.04 -13.26 -7.16
N LEU A 193 9.32 -13.27 -6.73
CA LEU A 193 9.76 -12.78 -5.55
C LEU A 193 11.15 -12.09 -5.41
N ILE A 194 11.54 -11.28 -4.59
CA ILE A 194 12.76 -10.53 -4.56
C ILE A 194 13.03 -10.11 -3.21
N GLN A 195 14.34 -10.19 -2.72
CA GLN A 195 14.83 -9.63 -1.43
C GLN A 195 15.60 -8.31 -1.80
N MET A 196 15.20 -7.05 -1.42
CA MET A 196 15.97 -5.70 -1.31
C MET A 196 16.79 -5.79 -0.04
N GLY A 197 17.26 -4.69 0.39
CA GLY A 197 18.28 -4.54 1.54
C GLY A 197 17.63 -3.85 2.77
N SER A 198 16.53 -3.16 2.57
CA SER A 198 15.81 -2.64 3.70
C SER A 198 14.35 -2.44 3.21
N VAL A 199 13.32 -2.32 4.07
CA VAL A 199 11.96 -2.05 3.58
C VAL A 199 11.90 -0.84 2.80
N GLU A 200 12.56 0.26 3.01
CA GLU A 200 12.18 1.51 2.44
C GLU A 200 12.29 1.68 0.90
N GLU A 201 13.42 1.04 0.43
CA GLU A 201 13.76 0.73 -0.99
C GLU A 201 12.80 -0.48 -1.46
N ALA A 202 12.65 -1.67 -0.71
CA ALA A 202 11.58 -2.59 -0.94
C ALA A 202 10.04 -2.06 -1.08
N VAL A 203 9.65 -1.07 -0.37
CA VAL A 203 8.31 -0.36 -0.56
C VAL A 203 8.57 0.73 -1.61
N GLN A 204 9.51 1.59 -1.80
CA GLN A 204 9.76 2.32 -3.06
C GLN A 204 9.92 1.63 -4.45
N ALA A 205 10.40 0.44 -4.56
CA ALA A 205 10.37 -0.59 -5.69
C ALA A 205 8.96 -1.10 -6.08
N LEU A 206 8.21 -1.00 -4.97
CA LEU A 206 6.72 -1.36 -5.05
C LEU A 206 5.98 -0.36 -5.55
N ILE A 207 6.10 0.74 -4.77
CA ILE A 207 5.51 2.04 -5.30
C ILE A 207 5.91 2.33 -6.68
N ASP A 208 7.18 1.91 -7.13
CA ASP A 208 7.59 1.85 -8.66
C ASP A 208 6.71 0.84 -9.44
N LEU A 209 7.03 -0.57 -9.41
CA LEU A 209 6.51 -1.75 -10.01
C LEU A 209 5.15 -2.23 -9.71
N HIS A 210 4.38 -1.90 -8.64
CA HIS A 210 2.93 -2.06 -8.69
C HIS A 210 2.14 -1.19 -9.73
N ASN A 211 1.70 -1.70 -10.84
CA ASN A 211 1.28 -0.84 -11.96
C ASN A 211 2.48 -0.17 -12.79
N HIS A 212 3.62 -0.74 -12.87
CA HIS A 212 4.70 -0.56 -13.78
C HIS A 212 4.26 -0.20 -15.22
N ASP A 213 3.58 -1.12 -15.94
CA ASP A 213 3.02 -1.08 -17.30
C ASP A 213 3.74 -2.10 -18.28
N LEU A 214 3.18 -3.31 -18.33
CA LEU A 214 3.89 -4.17 -19.50
C LEU A 214 2.89 -3.95 -20.64
N GLY A 215 1.59 -4.15 -20.52
CA GLY A 215 0.86 -4.21 -21.82
C GLY A 215 -0.36 -4.96 -21.66
N GLU A 216 -0.65 -5.41 -22.97
CA GLU A 216 -1.70 -6.42 -23.49
C GLU A 216 -3.03 -6.35 -22.91
N ASN A 217 -2.97 -6.34 -21.55
CA ASN A 217 -3.75 -6.28 -20.37
C ASN A 217 -3.32 -6.56 -18.87
N HIS A 218 -2.02 -7.02 -18.75
CA HIS A 218 -1.25 -7.54 -17.64
C HIS A 218 -0.27 -6.51 -17.32
N HIS A 219 -0.76 -5.39 -16.75
CA HIS A 219 0.10 -4.40 -16.17
C HIS A 219 0.69 -4.99 -14.76
N LEU A 220 1.65 -4.36 -13.94
CA LEU A 220 2.38 -5.09 -12.87
C LEU A 220 1.67 -5.04 -11.39
N ARG A 221 2.12 -6.14 -10.47
CA ARG A 221 1.68 -6.32 -9.05
C ARG A 221 2.77 -6.79 -8.08
N VAL A 222 3.18 -5.96 -7.14
CA VAL A 222 4.18 -6.12 -6.00
C VAL A 222 3.40 -5.81 -4.65
N SER A 223 4.13 -6.51 -3.62
CA SER A 223 3.81 -6.37 -2.22
C SER A 223 4.98 -6.87 -1.40
N PHE A 224 4.57 -6.91 -0.07
CA PHE A 224 5.36 -7.35 1.09
C PHE A 224 5.05 -8.96 1.07
N SER A 225 6.10 -9.61 1.17
CA SER A 225 6.02 -11.07 1.28
C SER A 225 6.45 -11.63 2.63
N LYS A 226 5.80 -12.87 2.83
CA LYS A 226 6.12 -13.79 3.75
C LYS A 226 7.24 -14.76 3.45
N SER A 227 7.80 -14.88 2.31
CA SER A 227 8.71 -15.70 1.63
C SER A 227 10.18 -15.40 1.72
N THR A 228 11.19 -16.32 1.62
CA THR A 228 12.62 -15.97 1.94
C THR A 228 13.64 -16.28 0.71
N ILE A 229 14.70 -15.51 0.67
CA ILE A 229 15.65 -15.80 -0.36
C ILE A 229 16.96 -16.48 0.30
N GLY A 22 -23.38 5.06 -2.51
CA GLY A 22 -22.21 4.35 -3.14
C GLY A 22 -21.03 4.52 -2.30
N ARG A 23 -20.83 5.68 -1.75
CA ARG A 23 -19.85 5.87 -0.71
C ARG A 23 -20.21 7.07 0.32
N ILE A 24 -20.30 6.76 1.74
CA ILE A 24 -20.67 7.47 2.97
C ILE A 24 -21.02 6.37 4.08
N ALA A 25 -19.99 5.72 4.67
CA ALA A 25 -19.84 4.54 5.51
C ALA A 25 -20.54 4.57 6.90
N ILE A 26 -19.84 4.82 8.04
CA ILE A 26 -20.41 4.61 9.38
C ILE A 26 -21.75 5.41 9.89
N PRO A 27 -22.47 4.77 10.73
CA PRO A 27 -23.38 5.51 11.62
C PRO A 27 -22.93 5.96 13.02
N GLY A 28 -22.73 7.23 13.18
CA GLY A 28 -22.16 8.02 14.29
C GLY A 28 -22.24 7.75 15.76
N LEU A 29 -23.22 7.01 16.33
CA LEU A 29 -23.21 6.78 17.68
C LEU A 29 -23.23 5.34 18.02
N ALA A 30 -22.83 4.44 17.15
CA ALA A 30 -22.44 3.01 17.63
C ALA A 30 -21.14 2.70 18.44
N GLY A 31 -20.17 3.62 18.25
CA GLY A 31 -18.75 3.41 18.59
C GLY A 31 -17.68 3.28 17.34
N ALA A 32 -16.30 3.21 17.62
CA ALA A 32 -15.32 2.78 16.64
C ALA A 32 -15.32 1.48 15.80
N GLY A 33 -14.39 1.49 14.73
CA GLY A 33 -14.34 0.60 13.66
C GLY A 33 -14.89 1.54 12.62
N ASN A 34 -14.07 2.46 12.04
CA ASN A 34 -14.59 3.58 11.28
C ASN A 34 -13.95 3.78 9.83
N SER A 35 -13.19 2.93 9.48
CA SER A 35 -12.70 3.15 8.01
C SER A 35 -11.63 4.30 7.91
N VAL A 36 -11.94 5.52 7.93
CA VAL A 36 -10.98 6.61 8.18
C VAL A 36 -9.80 6.51 9.19
N LEU A 37 -8.58 6.47 8.57
CA LEU A 37 -7.36 6.61 9.40
C LEU A 37 -6.61 7.93 9.28
N LEU A 38 -5.58 8.25 10.01
CA LEU A 38 -4.81 9.47 10.04
C LEU A 38 -3.35 9.14 9.71
N VAL A 39 -2.64 10.07 9.13
CA VAL A 39 -1.12 9.85 8.85
C VAL A 39 -0.45 11.20 9.23
N SER A 40 0.38 11.16 10.25
CA SER A 40 1.09 12.28 10.88
C SER A 40 2.43 11.49 11.02
N ASN A 41 3.49 12.31 10.70
CA ASN A 41 4.88 12.19 10.88
C ASN A 41 5.52 12.66 9.47
N LEU A 42 4.72 13.29 8.52
CA LEU A 42 5.17 13.55 7.12
C LEU A 42 6.64 13.99 6.81
N ASN A 43 7.06 13.81 5.60
CA ASN A 43 8.38 14.21 5.18
C ASN A 43 7.95 15.46 4.24
N PRO A 44 8.00 16.72 4.58
CA PRO A 44 7.51 17.73 3.63
C PRO A 44 8.10 18.21 2.11
N GLU A 45 8.63 17.18 1.49
CA GLU A 45 9.14 17.11 -0.05
C GLU A 45 8.84 15.59 -0.66
N ARG A 46 9.02 14.50 0.13
CA ARG A 46 9.11 13.07 -0.02
C ARG A 46 7.77 12.33 0.09
N VAL A 47 6.87 12.74 1.08
CA VAL A 47 5.43 12.17 0.99
C VAL A 47 4.53 12.78 -0.12
N THR A 48 3.64 11.85 -0.56
CA THR A 48 2.81 11.91 -1.83
C THR A 48 1.75 10.97 -1.81
N PRO A 49 0.57 11.20 -2.37
CA PRO A 49 -0.37 10.19 -2.65
C PRO A 49 0.29 8.83 -2.92
N GLN A 50 1.16 8.65 -3.91
CA GLN A 50 1.40 7.10 -4.24
C GLN A 50 2.02 6.47 -3.08
N SER A 51 2.99 7.07 -2.37
CA SER A 51 3.65 6.45 -1.30
C SER A 51 2.72 5.99 -0.31
N LEU A 52 1.80 6.92 0.35
CA LEU A 52 0.98 6.32 1.34
C LEU A 52 -0.28 5.54 0.78
N PHE A 53 -0.93 5.96 -0.32
CA PHE A 53 -1.78 5.08 -1.15
C PHE A 53 -1.42 3.55 -1.12
N ILE A 54 -0.29 3.27 -1.90
CA ILE A 54 0.45 2.08 -2.09
C ILE A 54 0.67 1.26 -0.81
N LEU A 55 1.12 1.82 0.41
CA LEU A 55 1.13 0.91 1.60
C LEU A 55 -0.26 0.43 1.95
N PHE A 56 -1.12 1.49 2.28
CA PHE A 56 -2.37 1.13 2.68
C PHE A 56 -3.27 0.48 1.71
N GLY A 57 -2.84 0.34 0.44
CA GLY A 57 -3.25 -0.29 -0.73
C GLY A 57 -2.84 -1.71 -1.09
N VAL A 58 -1.83 -2.15 -0.17
CA VAL A 58 -1.28 -3.54 -0.05
C VAL A 58 -1.89 -4.31 1.00
N TYR A 59 -2.03 -3.60 2.13
CA TYR A 59 -2.55 -3.88 3.49
C TYR A 59 -4.04 -3.80 3.75
N GLY A 60 -4.61 -2.90 3.01
CA GLY A 60 -6.13 -2.89 2.81
C GLY A 60 -6.50 -2.23 1.40
N ASP A 61 -7.80 -2.38 1.12
CA ASP A 61 -8.20 -1.70 -0.04
C ASP A 61 -8.39 -0.40 0.64
N VAL A 62 -8.03 0.60 -0.18
CA VAL A 62 -7.70 1.97 0.31
C VAL A 62 -8.76 2.90 -0.24
N GLN A 63 -10.04 3.01 0.40
CA GLN A 63 -11.07 3.64 -0.07
C GLN A 63 -10.71 5.02 -0.76
N ARG A 64 -10.23 5.96 -0.06
CA ARG A 64 -9.76 7.21 -0.81
C ARG A 64 -8.48 7.44 0.04
N VAL A 65 -7.61 8.33 -0.36
CA VAL A 65 -6.50 8.98 0.40
C VAL A 65 -6.15 10.51 0.17
N LYS A 66 -5.50 11.23 0.99
CA LYS A 66 -5.41 12.64 0.89
C LYS A 66 -4.50 13.14 1.93
N ILE A 67 -4.07 14.38 1.63
CA ILE A 67 -2.83 15.08 2.04
C ILE A 67 -3.18 16.47 2.47
N LEU A 68 -2.67 16.95 3.66
CA LEU A 68 -3.27 18.24 3.84
C LEU A 68 -2.87 19.33 3.07
N PHE A 69 -3.72 19.91 2.24
CA PHE A 69 -3.29 21.05 1.25
C PHE A 69 -2.38 22.05 2.03
N ASN A 70 -1.08 22.09 1.68
CA ASN A 70 0.08 23.09 1.80
C ASN A 70 0.53 23.38 3.30
N LYS A 71 0.07 22.66 4.33
CA LYS A 71 0.42 22.44 5.61
C LYS A 71 1.22 21.14 5.54
N LYS A 72 0.66 20.21 4.83
CA LYS A 72 1.25 18.98 4.32
C LYS A 72 2.34 18.33 5.45
N GLU A 73 2.13 18.23 6.79
CA GLU A 73 2.99 17.53 7.76
C GLU A 73 1.95 16.42 8.51
N ASN A 74 0.85 16.20 7.77
CA ASN A 74 -0.43 15.46 7.85
C ASN A 74 -1.10 15.07 6.62
N ALA A 75 -1.50 13.89 6.57
CA ALA A 75 -2.52 13.34 5.59
C ALA A 75 -3.75 12.91 6.48
N LEU A 76 -4.70 12.48 5.60
CA LEU A 76 -5.89 11.61 5.84
C LEU A 76 -6.19 10.60 4.72
N VAL A 77 -6.13 9.30 5.19
CA VAL A 77 -6.28 8.03 4.50
C VAL A 77 -7.61 7.30 4.88
N GLN A 78 -8.38 6.74 3.93
CA GLN A 78 -9.68 6.17 4.16
C GLN A 78 -9.51 4.74 3.69
N MET A 79 -9.75 3.83 4.70
CA MET A 79 -9.75 2.40 4.40
C MET A 79 -11.14 1.91 4.28
N ALA A 80 -11.32 0.66 3.90
CA ALA A 80 -12.64 -0.01 3.84
C ALA A 80 -13.48 -0.29 5.04
N ASP A 81 -12.80 -0.43 6.19
CA ASP A 81 -13.57 -0.38 7.47
C ASP A 81 -12.61 -1.08 8.45
N GLY A 82 -13.00 -1.40 9.70
CA GLY A 82 -12.22 -1.97 10.85
C GLY A 82 -11.12 -2.84 10.69
N ASN A 83 -11.43 -3.94 9.94
CA ASN A 83 -10.23 -4.78 9.75
C ASN A 83 -9.01 -4.11 9.04
N GLN A 84 -9.28 -3.33 8.00
CA GLN A 84 -8.45 -2.60 6.93
C GLN A 84 -7.65 -1.38 7.45
N ALA A 85 -8.38 -0.59 8.32
CA ALA A 85 -7.93 0.37 9.17
C ALA A 85 -6.91 -0.48 9.98
N GLN A 86 -7.29 -1.64 10.60
CA GLN A 86 -6.40 -2.49 11.50
C GLN A 86 -5.10 -2.99 10.84
N LEU A 87 -5.12 -3.60 9.77
CA LEU A 87 -3.90 -3.94 9.10
C LEU A 87 -2.95 -2.81 8.71
N ALA A 88 -3.40 -1.96 7.87
CA ALA A 88 -2.54 -0.91 7.54
C ALA A 88 -1.74 -0.26 8.76
N MET A 89 -2.55 0.09 9.74
CA MET A 89 -1.92 0.60 10.97
C MET A 89 -0.98 -0.29 11.56
N SER A 90 -1.43 -1.56 11.66
CA SER A 90 -0.74 -2.66 12.30
C SER A 90 0.64 -2.98 11.71
N HIS A 91 0.86 -2.78 10.45
CA HIS A 91 2.19 -3.14 9.86
C HIS A 91 2.97 -1.93 9.28
N LEU A 92 2.41 -0.78 8.95
CA LEU A 92 3.08 0.44 8.73
C LEU A 92 3.98 0.83 9.92
N ASN A 93 3.34 0.60 11.12
CA ASN A 93 3.91 1.18 12.36
C ASN A 93 5.27 0.52 12.44
N GLY A 94 6.08 1.38 11.91
CA GLY A 94 7.44 1.26 12.11
C GLY A 94 8.15 1.09 10.91
N HIS A 95 7.50 1.33 9.74
CA HIS A 95 7.87 1.11 8.35
C HIS A 95 8.90 2.23 7.74
N LYS A 96 9.18 3.42 8.22
CA LYS A 96 10.20 4.42 7.69
C LYS A 96 10.37 4.30 6.27
N LEU A 97 9.23 4.54 5.59
CA LEU A 97 8.99 4.42 4.22
C LEU A 97 9.91 4.93 3.17
N HIS A 98 10.02 6.22 3.52
CA HIS A 98 11.13 6.98 2.73
C HIS A 98 12.39 7.31 3.68
N GLY A 99 12.12 7.51 4.91
CA GLY A 99 13.16 7.74 5.90
C GLY A 99 12.86 8.74 6.91
N LYS A 100 11.77 8.55 7.80
CA LYS A 100 11.43 9.25 9.00
C LYS A 100 10.68 8.36 10.03
N PRO A 101 10.45 8.80 11.30
CA PRO A 101 9.85 7.79 12.29
C PRO A 101 8.22 7.93 12.31
N ILE A 102 7.38 7.22 11.41
CA ILE A 102 6.05 6.96 11.16
C ILE A 102 5.17 7.21 12.43
N ARG A 103 3.98 7.70 12.24
CA ARG A 103 2.82 7.63 13.28
C ARG A 103 1.42 7.75 12.56
N ILE A 104 1.04 6.60 12.07
CA ILE A 104 -0.26 6.43 11.64
C ILE A 104 -1.07 6.08 12.84
N THR A 105 -2.20 6.49 13.01
CA THR A 105 -3.14 6.16 13.95
C THR A 105 -4.47 6.35 13.36
N LEU A 106 -5.54 6.18 14.16
CA LEU A 106 -6.95 6.59 13.80
C LEU A 106 -7.22 8.21 13.72
N SER A 107 -8.48 8.67 13.56
CA SER A 107 -9.18 9.93 13.66
C SER A 107 -10.56 9.70 14.53
N LYS A 108 -11.33 8.63 14.13
CA LYS A 108 -12.58 8.10 14.69
C LYS A 108 -13.89 8.84 14.07
N HIS A 109 -13.61 9.91 13.28
CA HIS A 109 -14.69 10.34 12.38
C HIS A 109 -14.83 9.63 11.06
N GLN A 110 -16.02 9.85 10.55
CA GLN A 110 -16.49 9.09 9.36
C GLN A 110 -15.85 9.75 7.92
N ASN A 111 -16.19 9.13 6.85
CA ASN A 111 -15.98 9.37 5.44
C ASN A 111 -16.09 10.68 4.81
N VAL A 112 -15.66 10.79 3.54
CA VAL A 112 -15.40 12.15 2.85
C VAL A 112 -16.32 12.68 1.70
N GLN A 113 -16.61 11.70 0.91
CA GLN A 113 -17.03 11.60 -0.49
C GLN A 113 -16.85 12.98 -1.16
N LEU A 114 -15.72 13.12 -1.83
CA LEU A 114 -14.86 14.13 -2.46
C LEU A 114 -15.33 15.63 -2.59
N PRO A 115 -14.76 16.81 -2.39
CA PRO A 115 -15.61 17.97 -2.64
C PRO A 115 -15.85 17.80 -4.22
N ARG A 116 -16.59 18.74 -4.82
CA ARG A 116 -17.19 18.78 -6.10
C ARG A 116 -17.04 19.98 -6.79
N GLU A 117 -17.16 19.89 -8.05
CA GLU A 117 -16.48 20.99 -8.87
C GLU A 117 -17.15 22.33 -9.21
N GLY A 118 -18.16 22.44 -8.38
CA GLY A 118 -19.04 23.63 -8.36
C GLY A 118 -19.74 23.69 -7.03
N GLN A 119 -19.04 23.32 -5.87
CA GLN A 119 -19.28 23.31 -4.54
C GLN A 119 -18.08 23.85 -3.71
N GLU A 120 -16.96 23.01 -3.50
CA GLU A 120 -15.76 23.18 -2.69
C GLU A 120 -14.25 23.13 -3.29
N ASP A 121 -13.97 22.37 -4.36
CA ASP A 121 -12.69 21.81 -4.93
C ASP A 121 -11.35 21.80 -4.25
N GLN A 122 -11.27 22.47 -3.15
CA GLN A 122 -10.15 22.73 -2.35
C GLN A 122 -9.86 21.66 -1.32
N GLY A 123 -8.63 21.11 -1.55
CA GLY A 123 -8.20 19.90 -0.83
C GLY A 123 -7.23 19.18 -1.67
N LEU A 124 -6.66 18.18 -1.13
CA LEU A 124 -5.54 17.47 -1.83
C LEU A 124 -5.60 15.93 -1.96
N THR A 125 -6.72 15.54 -2.60
CA THR A 125 -7.30 14.25 -2.61
C THR A 125 -6.82 13.32 -3.88
N LYS A 126 -7.21 12.06 -3.82
CA LYS A 126 -7.24 10.86 -4.76
C LYS A 126 -8.22 9.88 -4.23
N ASP A 127 -8.92 9.48 -5.18
CA ASP A 127 -9.94 8.47 -4.97
C ASP A 127 -9.82 7.05 -5.57
N TYR A 128 -9.09 6.10 -4.73
CA TYR A 128 -8.87 4.74 -5.15
C TYR A 128 -10.16 3.88 -5.17
N GLY A 129 -11.14 4.50 -5.77
CA GLY A 129 -12.54 3.88 -5.98
C GLY A 129 -12.37 2.79 -6.95
N ASN A 130 -12.51 1.66 -6.35
CA ASN A 130 -12.61 0.44 -7.18
C ASN A 130 -11.38 0.15 -8.18
N SER A 131 -10.23 0.95 -7.95
CA SER A 131 -8.81 0.63 -8.49
C SER A 131 -8.60 -0.73 -9.12
N PRO A 132 -8.44 -0.86 -10.58
CA PRO A 132 -8.21 -2.26 -11.11
C PRO A 132 -6.73 -2.87 -10.59
N LEU A 133 -5.98 -2.23 -9.69
CA LEU A 133 -4.74 -2.62 -8.93
C LEU A 133 -5.28 -3.49 -7.83
N HIS A 134 -6.49 -3.33 -7.27
CA HIS A 134 -7.00 -4.36 -6.29
C HIS A 134 -7.98 -5.38 -6.85
N ARG A 135 -8.01 -6.52 -6.29
CA ARG A 135 -8.91 -7.73 -6.50
C ARG A 135 -8.86 -8.46 -5.15
N PHE A 136 -8.68 -7.66 -4.12
CA PHE A 136 -8.75 -7.87 -2.68
C PHE A 136 -9.92 -8.65 -2.27
N LYS A 137 -11.08 -7.96 -2.39
CA LYS A 137 -12.41 -8.51 -2.12
C LYS A 137 -12.66 -9.21 -0.77
N LYS A 138 -12.03 -8.64 0.20
CA LYS A 138 -12.40 -9.39 1.40
C LYS A 138 -13.94 -9.09 1.86
N PRO A 139 -14.62 -10.12 2.48
CA PRO A 139 -15.95 -9.96 3.02
C PRO A 139 -16.51 -9.50 4.34
N GLY A 140 -15.56 -9.53 5.17
CA GLY A 140 -15.38 -9.36 6.64
C GLY A 140 -14.01 -9.84 7.26
N SER A 141 -13.02 -10.03 6.38
CA SER A 141 -11.65 -10.51 6.46
C SER A 141 -11.46 -11.71 7.34
N LYS A 142 -11.70 -12.83 6.67
CA LYS A 142 -11.55 -14.13 7.49
C LYS A 142 -10.60 -15.11 6.94
N ASN A 143 -9.93 -14.60 5.87
CA ASN A 143 -9.02 -15.12 4.82
C ASN A 143 -7.52 -14.62 4.91
N PHE A 144 -7.22 -13.36 4.44
CA PHE A 144 -5.78 -12.78 4.54
C PHE A 144 -4.93 -13.99 4.51
N GLN A 145 -4.68 -14.53 3.34
CA GLN A 145 -3.71 -15.65 3.39
C GLN A 145 -2.37 -15.17 3.06
N ASN A 146 -2.07 -14.08 2.44
CA ASN A 146 -0.62 -13.55 2.12
C ASN A 146 0.08 -12.50 2.93
N ILE A 147 -0.36 -11.16 2.86
CA ILE A 147 0.25 -9.95 3.45
C ILE A 147 1.65 -10.25 3.90
N PHE A 148 1.46 -10.63 5.20
CA PHE A 148 2.39 -10.87 6.26
C PHE A 148 3.09 -9.51 6.60
N PRO A 149 3.40 -9.20 7.81
CA PRO A 149 4.16 -8.11 8.41
C PRO A 149 5.64 -7.88 7.66
N PRO A 150 6.51 -6.85 7.99
CA PRO A 150 7.56 -6.32 7.22
C PRO A 150 8.59 -7.41 6.90
N SER A 151 8.74 -7.65 5.64
CA SER A 151 9.87 -8.40 5.20
C SER A 151 10.61 -7.80 3.82
N ALA A 152 11.89 -8.34 3.61
CA ALA A 152 12.66 -8.11 2.45
C ALA A 152 12.12 -8.85 1.26
N THR A 153 11.03 -9.59 1.33
CA THR A 153 10.67 -10.46 0.13
C THR A 153 9.37 -10.13 -0.53
N LEU A 154 9.67 -9.49 -1.67
CA LEU A 154 8.43 -8.98 -2.33
C LEU A 154 7.93 -9.80 -3.62
N HIS A 155 6.61 -10.14 -3.57
CA HIS A 155 5.67 -10.65 -4.51
C HIS A 155 5.76 -9.74 -5.70
N LEU A 156 5.72 -10.21 -6.87
CA LEU A 156 5.54 -9.33 -8.11
C LEU A 156 4.49 -10.24 -9.06
N SER A 157 3.60 -9.56 -9.80
CA SER A 157 2.87 -10.40 -10.84
C SER A 157 2.80 -9.54 -12.04
N ASN A 158 2.11 -10.14 -13.01
CA ASN A 158 1.46 -9.65 -14.34
C ASN A 158 2.40 -9.84 -15.55
N ILE A 159 3.41 -10.51 -15.21
CA ILE A 159 4.43 -10.60 -16.11
C ILE A 159 3.90 -11.52 -17.28
N PRO A 160 4.08 -11.23 -18.61
CA PRO A 160 3.86 -11.93 -19.88
C PRO A 160 4.93 -13.16 -20.05
N PRO A 161 4.91 -14.00 -21.08
CA PRO A 161 6.01 -14.87 -21.45
C PRO A 161 7.29 -14.06 -22.10
N SER A 162 7.22 -12.69 -22.22
CA SER A 162 8.33 -11.67 -22.49
C SER A 162 9.29 -11.34 -21.36
N VAL A 163 8.77 -11.22 -20.14
CA VAL A 163 9.66 -11.01 -18.97
C VAL A 163 10.22 -12.32 -18.30
N SER A 164 11.35 -12.05 -17.78
CA SER A 164 12.36 -12.98 -17.26
C SER A 164 13.02 -12.40 -15.99
N GLU A 165 13.86 -13.19 -15.30
CA GLU A 165 14.54 -12.88 -14.06
C GLU A 165 15.32 -11.51 -14.19
N GLU A 166 16.10 -11.56 -15.21
CA GLU A 166 17.02 -10.50 -15.39
C GLU A 166 16.49 -9.13 -15.81
N ASP A 167 15.25 -8.98 -16.26
CA ASP A 167 14.59 -7.66 -16.49
C ASP A 167 14.13 -7.31 -15.17
N LEU A 168 13.65 -8.32 -14.41
CA LEU A 168 12.99 -7.97 -13.13
C LEU A 168 13.83 -7.45 -11.84
N LYS A 169 14.85 -8.48 -11.54
CA LYS A 169 16.05 -8.41 -10.82
C LYS A 169 16.64 -7.07 -11.15
N VAL A 170 16.83 -6.85 -12.59
CA VAL A 170 17.45 -5.56 -12.95
C VAL A 170 16.64 -4.29 -12.49
N LEU A 171 15.26 -4.25 -12.64
CA LEU A 171 14.35 -3.19 -12.10
C LEU A 171 14.41 -2.97 -10.70
N PHE A 172 14.71 -4.01 -9.91
CA PHE A 172 14.73 -3.88 -8.46
C PHE A 172 16.30 -3.54 -8.00
N SER A 173 17.35 -3.48 -8.92
CA SER A 173 18.82 -3.35 -8.68
C SER A 173 19.47 -2.12 -9.17
N SER A 174 18.91 -1.63 -10.38
CA SER A 174 19.21 -0.38 -11.15
C SER A 174 18.38 0.58 -10.26
N ASN A 175 17.44 0.27 -9.32
CA ASN A 175 16.65 1.14 -8.46
C ASN A 175 17.53 1.96 -7.49
N GLY A 176 18.51 1.24 -7.12
CA GLY A 176 19.37 1.38 -6.02
C GLY A 176 19.77 0.08 -5.30
N GLY A 177 18.89 -0.95 -5.53
CA GLY A 177 18.97 -2.30 -4.92
C GLY A 177 20.16 -2.92 -4.28
N VAL A 178 19.76 -3.98 -3.78
CA VAL A 178 20.52 -4.91 -3.09
C VAL A 178 20.33 -6.33 -3.62
N VAL A 179 19.08 -6.82 -3.94
CA VAL A 179 18.53 -7.87 -4.75
C VAL A 179 19.03 -9.25 -4.61
N LYS A 180 18.82 -9.67 -3.40
CA LYS A 180 19.32 -10.69 -2.53
C LYS A 180 19.22 -12.12 -3.13
N GLY A 181 17.95 -12.40 -3.33
CA GLY A 181 17.35 -13.58 -3.72
C GLY A 181 16.46 -13.48 -4.90
N PHE A 182 15.95 -14.34 -5.63
CA PHE A 182 15.13 -14.36 -6.79
C PHE A 182 14.61 -15.81 -7.03
N LYS A 183 13.32 -15.75 -7.41
CA LYS A 183 12.61 -16.89 -8.19
C LYS A 183 11.39 -16.41 -9.02
N PHE A 184 10.77 -17.54 -9.61
CA PHE A 184 9.45 -17.53 -10.19
C PHE A 184 8.28 -18.20 -9.32
N PHE A 185 7.00 -17.73 -9.25
CA PHE A 185 6.12 -18.35 -8.17
C PHE A 185 5.73 -19.79 -8.30
N GLN A 186 5.43 -20.18 -7.10
CA GLN A 186 5.32 -21.69 -6.69
C GLN A 186 4.62 -22.75 -7.37
N LYS A 187 3.43 -22.50 -7.71
CA LYS A 187 2.60 -23.15 -8.72
C LYS A 187 2.14 -22.18 -9.88
N ASP A 188 1.60 -21.04 -9.56
CA ASP A 188 0.87 -20.33 -10.65
C ASP A 188 1.93 -19.55 -11.70
N ARG A 189 3.18 -19.43 -11.43
CA ARG A 189 4.40 -18.99 -12.33
C ARG A 189 3.98 -18.13 -13.53
N LYS A 190 3.23 -17.10 -12.98
CA LYS A 190 2.92 -15.79 -13.58
C LYS A 190 3.08 -14.56 -12.71
N MET A 191 3.03 -14.91 -11.47
CA MET A 191 3.56 -14.16 -10.41
C MET A 191 5.09 -14.50 -10.54
N ALA A 192 5.95 -13.81 -9.79
CA ALA A 192 7.43 -13.76 -9.75
C ALA A 192 7.87 -13.31 -8.37
N LEU A 193 9.14 -13.56 -7.96
CA LEU A 193 9.40 -13.20 -6.52
C LEU A 193 10.90 -12.87 -6.26
N ILE A 194 11.23 -11.64 -5.64
CA ILE A 194 12.58 -11.08 -5.44
C ILE A 194 12.74 -10.91 -3.92
N GLN A 195 13.83 -10.97 -3.38
CA GLN A 195 14.19 -10.67 -1.98
C GLN A 195 15.10 -9.54 -1.99
N MET A 196 14.87 -8.51 -1.30
CA MET A 196 15.79 -7.34 -1.01
C MET A 196 16.79 -7.72 0.17
N GLY A 197 17.80 -6.96 0.37
CA GLY A 197 18.58 -6.90 1.61
C GLY A 197 17.54 -6.57 2.72
N SER A 198 16.63 -5.67 2.64
CA SER A 198 16.05 -5.18 4.04
C SER A 198 14.69 -4.67 3.75
N VAL A 199 13.64 -4.42 4.68
CA VAL A 199 12.34 -3.82 4.13
C VAL A 199 12.64 -2.52 3.35
N GLU A 200 13.61 -1.84 3.97
CA GLU A 200 13.84 -0.41 3.75
C GLU A 200 14.06 -0.11 2.26
N GLU A 201 14.53 -1.24 1.46
CA GLU A 201 14.64 -1.20 0.07
C GLU A 201 13.52 -1.97 -0.58
N ALA A 202 13.11 -3.08 0.05
CA ALA A 202 11.89 -3.96 -0.30
C ALA A 202 10.69 -3.10 -0.49
N VAL A 203 10.45 -2.07 0.27
CA VAL A 203 9.19 -1.27 0.31
C VAL A 203 9.40 -0.01 -0.59
N GLN A 204 10.72 0.53 -0.77
CA GLN A 204 11.10 1.72 -1.58
C GLN A 204 11.00 1.24 -3.06
N ALA A 205 11.58 0.03 -3.52
CA ALA A 205 11.40 -0.74 -4.81
C ALA A 205 9.98 -1.04 -5.09
N LEU A 206 9.06 -1.28 -4.18
CA LEU A 206 7.64 -1.66 -4.41
C LEU A 206 6.98 -0.33 -4.63
N ILE A 207 7.22 0.76 -3.94
CA ILE A 207 6.53 1.99 -4.44
C ILE A 207 7.14 2.27 -5.81
N ASP A 208 8.43 2.22 -5.97
CA ASP A 208 9.01 2.27 -7.27
C ASP A 208 8.54 1.43 -8.39
N LEU A 209 8.03 0.22 -8.29
CA LEU A 209 7.51 -0.59 -9.31
C LEU A 209 5.97 -1.15 -9.36
N HIS A 210 5.23 -1.04 -8.31
CA HIS A 210 3.80 -1.25 -8.64
C HIS A 210 3.17 -0.15 -9.58
N ASN A 211 2.65 -0.62 -10.63
CA ASN A 211 2.07 -0.11 -11.66
C ASN A 211 3.05 0.88 -12.32
N HIS A 212 4.20 0.41 -12.53
CA HIS A 212 5.28 1.13 -13.23
C HIS A 212 4.96 1.55 -14.64
N ASP A 213 3.86 1.24 -15.12
CA ASP A 213 3.18 1.71 -16.35
C ASP A 213 4.08 1.28 -17.59
N LEU A 214 4.30 -0.05 -17.54
CA LEU A 214 5.20 -0.70 -18.42
C LEU A 214 4.57 -0.84 -19.85
N GLY A 215 3.29 -1.15 -20.05
CA GLY A 215 2.82 -1.43 -21.41
C GLY A 215 1.55 -0.86 -21.56
N GLU A 216 0.80 -1.56 -22.42
CA GLU A 216 -0.46 -1.26 -22.90
C GLU A 216 -1.51 -1.23 -21.79
N ASN A 217 -1.30 -2.05 -20.82
CA ASN A 217 -2.16 -2.47 -19.68
C ASN A 217 -1.23 -3.47 -18.83
N HIS A 218 -0.14 -3.91 -19.45
CA HIS A 218 0.93 -4.57 -18.86
C HIS A 218 1.47 -4.00 -17.56
N HIS A 219 0.83 -3.12 -16.71
CA HIS A 219 1.51 -2.53 -15.51
C HIS A 219 1.69 -3.35 -14.42
N LEU A 220 2.92 -3.28 -13.90
CA LEU A 220 3.31 -4.33 -12.86
C LEU A 220 2.57 -4.40 -11.43
N ARG A 221 2.58 -5.60 -10.72
CA ARG A 221 1.84 -5.92 -9.50
C ARG A 221 2.97 -6.32 -8.51
N VAL A 222 2.92 -5.86 -7.26
CA VAL A 222 3.86 -6.04 -6.31
C VAL A 222 3.41 -6.09 -4.84
N SER A 223 3.95 -6.92 -3.93
CA SER A 223 3.53 -6.83 -2.51
C SER A 223 4.57 -7.69 -1.65
N PHE A 224 4.20 -7.94 -0.41
CA PHE A 224 4.91 -8.66 0.59
C PHE A 224 4.49 -10.12 0.50
N SER A 225 5.38 -10.94 0.33
CA SER A 225 5.42 -12.36 0.36
C SER A 225 6.16 -12.88 1.60
N LYS A 226 5.93 -14.16 1.79
CA LYS A 226 6.21 -15.07 2.98
C LYS A 226 6.96 -16.32 2.55
N SER A 227 6.63 -17.01 1.32
CA SER A 227 7.14 -18.27 1.00
C SER A 227 8.70 -18.48 1.12
N THR A 228 9.47 -17.37 0.96
CA THR A 228 10.91 -16.98 0.83
C THR A 228 11.78 -17.63 -0.34
N ILE A 229 13.10 -17.39 -0.34
CA ILE A 229 14.24 -17.90 -1.29
C ILE A 229 15.39 -18.50 -0.36
#